data_9CO8
#
_entry.id   9CO8
#
_cell.length_a   1.00
_cell.length_b   1.00
_cell.length_c   1.00
_cell.angle_alpha   90.00
_cell.angle_beta   90.00
_cell.angle_gamma   90.00
#
_symmetry.space_group_name_H-M   'P 1'
#
loop_
_entity.id
_entity.type
_entity.pdbx_description
1 polymer 'Spike glycoprotein'
2 polymer Nanosota-9
3 branched 2-acetamido-2-deoxy-beta-D-glucopyranose-(1-4)-2-acetamido-2-deoxy-beta-D-glucopyranose
#
loop_
_entity_poly.entity_id
_entity_poly.type
_entity_poly.pdbx_seq_one_letter_code
_entity_poly.pdbx_strand_id
1 'polypeptide(L)'
;MDAMKRGLCCVLLLCGAVFVSASQCVMPLFNLITTTQSYTNSFTRGVYYPDKVFRSSVLHLTQDLFLPFFSNVTWFHAIS
GTNGTKRFDNPVLPFNDGVYFASTEKSNIIRGWIFGTTLDSKTQSLLIVNNATNVFIKVCEFQFCNDPFLDVYHKNNKSW
MESESGVYSSANNCTFEYVSQPFLMDLEGKQGNFKNLREFVFKNIDGYFKIYSKHTPIIGRDFPQGFSALEPLVDLPIGI
NITRFQTLLALNRSYLTPGDSSSGWTAGAADYYVGYLQPRTFLLKYNENGTITDAVDCALDPLSETKCTLKSFTVEKGIY
QTSNFRVQPTESIVRFPNVTNLCPFHEVFNATRFASVYAWNRTRISNCVADYSVLYNFAPFFAFKCYGVSPTKLNDLCFT
NVYADSFVIKGNEVSQIAPGQTGNIADYNYKLPDDFTGCVIAWNSNKLDSKHSGNYDYWYRSFRKSKLKPFERDISTEIY
QAGNKPCKGKGPNCYFPLQSYGFRPTYGVGHQPYRVVVLSFELLHAPATVCGPKKSTNLVKNKCVNFNFNGLTGTGVLTK
SNKKFLPFQQFGRDIVDTTDAVRDPQTLEILDITPCSFGGVSVITPGTNTSNQVAVLYQGVNCTEVSVAIHADQLTPTWR
VYSTGSNVFQTRAGCLIGAEYVNNSYECDIPIGAGICASYQTQTKSRAGARSVASQSIIAYTMSLGAENSVAYSNNSIAI
PTNFTISVTTEILPVSMTKTSVDCTMYICGDSTECSNLLLQYGSFCTQLKRALTGIAVEQDKNTQEVFAQVKQIYKTPPI
KYFGGFNFSQILPDPSKPSKRSPIEDLLFNKVTLADAGFIKQYGDCLGDIAARDLICAQKFNGLTVLPPLLTDEMIAQYT
SALLAGTITSGWTFGAGPALQIPFPMQMAYRFNGIGVTQNVLYENQKLIANQFNSAIGKIQDSLFSTPSALGKLQDVVNH
NAQALNTLVKQLSSKFGAISSVLNDILSRLDPPEAEVQIDRLITGRLQSLQTYVTQQLIRAAEIRASANLAATKMSECVL
GQSKRVDFCGKGYHLMSFPQSAPHGVVFLHVTYVPAQEKNFTTAPAICHDGKAHFPREGVFVSNGTHWFVTQRNFYEPQI
ITTDNTFVSGNCDVVIGIVNNTVYDPLQLELDSFKEELDKYFKNHTSPDVDLGDISGINASVVNIQKEIDRLNEVAKNLN
ESLIDLQELGKYEQYIKGSGYIPEAPRDGQAYVRKDGEWVLLSTFLGHHHHHH
;
B,C,A
2 'polypeptide(L)'
;QVQLQESGGGLVQPGGSLRLSCTASGIALHTHATGWFRQAPGKEREGVSCISSGDGTTYYEDSVEGRFTISRDNAKNTVY
LQMNSLKLEDTAVYYCAADPGAVCHSGSYYYTDDDFYYRGQGTQVTVSSGGQHHHHHHGAYPYDVPDYAS
;
E,F,D
#
loop_
_chem_comp.id
_chem_comp.type
_chem_comp.name
_chem_comp.formula
NAG D-saccharide, beta linking 2-acetamido-2-deoxy-beta-D-glucopyranose 'C8 H15 N O6'
#
# COMPACT_ATOMS: atom_id res chain seq x y z
N THR A 36 -46.63 30.57 32.20
CA THR A 36 -47.07 30.88 30.84
C THR A 36 -46.23 30.15 29.81
N GLN A 37 -46.13 30.73 28.61
CA GLN A 37 -45.30 30.19 27.53
C GLN A 37 -44.57 31.30 26.78
N SER A 38 -44.23 32.38 27.46
CA SER A 38 -43.54 33.51 26.82
C SER A 38 -42.11 33.12 26.44
N TYR A 39 -41.64 33.69 25.34
CA TYR A 39 -40.35 33.34 24.75
C TYR A 39 -39.41 34.52 24.80
N THR A 40 -38.19 34.29 25.28
CA THR A 40 -37.10 35.24 25.13
C THR A 40 -35.88 34.55 24.49
N ASN A 41 -34.75 35.23 24.42
CA ASN A 41 -33.55 34.65 23.84
C ASN A 41 -32.48 34.39 24.90
N SER A 42 -31.60 33.44 24.60
CA SER A 42 -30.46 33.10 25.45
C SER A 42 -29.21 33.54 24.73
N PHE A 43 -28.63 34.67 25.14
CA PHE A 43 -27.56 35.33 24.41
C PHE A 43 -26.27 34.51 24.29
N THR A 44 -25.58 34.31 25.41
CA THR A 44 -24.32 33.57 25.43
C THR A 44 -24.25 32.66 26.65
N ARG A 45 -25.36 32.02 26.99
CA ARG A 45 -25.47 31.20 28.18
C ARG A 45 -25.61 29.73 27.80
N GLY A 46 -24.88 28.87 28.51
CA GLY A 46 -24.93 27.45 28.19
C GLY A 46 -23.64 26.90 27.59
N VAL A 47 -22.50 27.39 28.05
CA VAL A 47 -21.19 26.91 27.62
C VAL A 47 -20.54 26.24 28.82
N TYR A 48 -20.00 25.03 28.62
CA TYR A 48 -19.64 24.20 29.77
C TYR A 48 -18.20 23.75 29.64
N TYR A 49 -17.76 22.96 30.62
CA TYR A 49 -16.51 22.23 30.56
C TYR A 49 -16.81 20.83 30.07
N PRO A 50 -16.55 20.50 28.80
CA PRO A 50 -17.01 19.22 28.26
C PRO A 50 -16.22 18.02 28.77
N ASP A 51 -15.00 18.22 29.27
CA ASP A 51 -14.14 17.12 29.65
C ASP A 51 -13.40 17.46 30.94
N LYS A 52 -12.53 16.54 31.37
CA LYS A 52 -11.80 16.63 32.62
C LYS A 52 -10.44 17.30 32.45
N VAL A 53 -10.15 17.80 31.25
CA VAL A 53 -8.79 18.14 30.84
C VAL A 53 -8.54 19.62 31.08
N PHE A 54 -7.41 19.93 31.74
CA PHE A 54 -6.97 21.31 31.91
C PHE A 54 -6.33 21.79 30.62
N ARG A 55 -6.65 23.02 30.23
CA ARG A 55 -6.08 23.67 29.05
C ARG A 55 -5.87 25.14 29.35
N SER A 56 -4.75 25.69 28.88
CA SER A 56 -4.43 27.08 29.13
C SER A 56 -3.94 27.75 27.86
N SER A 57 -4.52 28.94 27.58
CA SER A 57 -4.17 29.81 26.44
C SER A 57 -4.30 29.08 25.10
N VAL A 58 -5.39 28.34 24.94
CA VAL A 58 -5.70 27.64 23.70
C VAL A 58 -7.09 28.04 23.22
N LEU A 59 -7.38 27.74 21.96
CA LEU A 59 -8.71 27.81 21.40
C LEU A 59 -9.06 26.42 20.90
N HIS A 60 -10.09 25.81 21.48
CA HIS A 60 -10.34 24.39 21.31
C HIS A 60 -11.71 24.15 20.70
N LEU A 61 -11.77 23.25 19.71
CA LEU A 61 -13.00 22.90 19.03
C LEU A 61 -13.59 21.64 19.66
N THR A 62 -14.82 21.74 20.15
CA THR A 62 -15.55 20.62 20.73
C THR A 62 -16.85 20.40 19.98
N GLN A 63 -17.32 19.15 19.98
CA GLN A 63 -18.59 18.78 19.37
C GLN A 63 -19.40 18.06 20.44
N ASP A 64 -20.44 18.71 20.94
CA ASP A 64 -21.12 18.22 22.14
C ASP A 64 -22.52 18.85 22.14
N LEU A 65 -23.39 18.31 22.98
CA LEU A 65 -24.74 18.84 23.16
C LEU A 65 -24.66 20.15 23.94
N PHE A 66 -24.74 21.27 23.23
CA PHE A 66 -24.71 22.61 23.82
C PHE A 66 -26.04 23.31 23.61
N LEU A 67 -26.21 24.43 24.33
CA LEU A 67 -27.32 25.32 24.09
C LEU A 67 -26.90 26.35 23.05
N PRO A 68 -27.55 26.42 21.88
CA PRO A 68 -27.10 27.32 20.82
C PRO A 68 -27.32 28.79 21.17
N PHE A 69 -26.48 29.63 20.57
CA PHE A 69 -26.50 31.06 20.87
C PHE A 69 -27.73 31.71 20.25
N PHE A 70 -28.33 32.65 21.00
CA PHE A 70 -29.49 33.44 20.60
C PHE A 70 -30.70 32.57 20.28
N SER A 71 -30.82 31.43 20.97
CA SER A 71 -31.96 30.54 20.81
C SER A 71 -33.10 30.97 21.72
N ASN A 72 -34.28 30.44 21.43
CA ASN A 72 -35.47 30.77 22.21
C ASN A 72 -35.55 29.93 23.48
N VAL A 73 -35.93 30.58 24.58
CA VAL A 73 -36.17 29.94 25.85
C VAL A 73 -37.55 30.34 26.34
N THR A 74 -38.14 29.47 27.15
CA THR A 74 -39.51 29.63 27.64
C THR A 74 -39.50 29.99 29.12
N TRP A 75 -40.68 30.44 29.57
CA TRP A 75 -40.89 30.88 30.95
C TRP A 75 -42.11 30.15 31.48
N PHE A 76 -42.15 29.90 32.79
CA PHE A 76 -43.37 29.42 33.41
C PHE A 76 -43.58 30.17 34.72
N HIS A 77 -44.80 30.63 34.95
CA HIS A 77 -45.16 31.40 36.13
C HIS A 77 -45.71 30.50 37.22
N ALA A 78 -45.95 31.10 38.40
CA ALA A 78 -46.49 30.36 39.53
C ALA A 78 -47.33 31.33 40.37
N ILE A 79 -48.65 31.32 40.16
CA ILE A 79 -49.58 32.11 40.95
C ILE A 79 -50.64 31.17 41.53
N SER A 80 -51.12 31.52 42.74
CA SER A 80 -52.36 31.16 43.46
C SER A 80 -52.18 31.36 44.95
N GLY A 81 -51.37 32.35 45.35
CA GLY A 81 -51.08 32.56 46.77
C GLY A 81 -52.28 32.95 47.60
N THR A 82 -53.22 33.69 47.01
CA THR A 82 -54.40 34.13 47.76
C THR A 82 -55.43 33.02 47.95
N ASN A 83 -55.50 32.07 47.02
CA ASN A 83 -56.50 31.00 47.06
C ASN A 83 -55.82 29.70 46.66
N GLY A 84 -55.45 28.88 47.65
CA GLY A 84 -54.66 27.69 47.39
C GLY A 84 -55.39 26.53 46.76
N THR A 85 -55.78 26.69 45.50
CA THR A 85 -56.39 25.63 44.71
C THR A 85 -55.35 25.02 43.78
N LYS A 86 -55.81 24.12 42.90
CA LYS A 86 -54.94 23.52 41.89
C LYS A 86 -54.46 24.58 40.92
N ARG A 87 -53.14 24.74 40.85
CA ARG A 87 -52.53 25.85 40.12
C ARG A 87 -52.29 25.55 38.66
N PHE A 88 -51.97 24.28 38.33
CA PHE A 88 -51.56 23.82 37.00
C PHE A 88 -50.32 24.55 36.48
N ASP A 89 -49.51 25.11 37.38
CA ASP A 89 -48.31 25.85 37.04
C ASP A 89 -47.06 24.97 37.03
N ASN A 90 -47.21 23.67 37.28
CA ASN A 90 -46.13 22.70 37.20
C ASN A 90 -46.49 21.69 36.13
N PRO A 91 -46.25 22.00 34.86
CA PRO A 91 -46.56 21.06 33.79
C PRO A 91 -45.41 20.07 33.62
N VAL A 92 -45.55 19.19 32.63
CA VAL A 92 -44.55 18.18 32.35
C VAL A 92 -43.94 18.48 30.98
N LEU A 93 -42.60 18.62 30.94
CA LEU A 93 -41.85 19.07 29.80
C LEU A 93 -41.24 17.89 29.05
N PRO A 94 -41.05 18.01 27.72
CA PRO A 94 -40.59 16.85 26.93
C PRO A 94 -39.20 16.30 27.24
N PHE A 95 -38.22 17.13 27.63
CA PHE A 95 -36.85 16.70 28.01
C PHE A 95 -36.21 15.87 26.89
N ASN A 96 -35.85 16.55 25.82
CA ASN A 96 -35.12 15.92 24.74
C ASN A 96 -33.65 16.34 24.72
N ASP A 97 -32.77 15.33 24.80
CA ASP A 97 -31.31 15.47 24.72
C ASP A 97 -30.74 16.41 25.79
N GLY A 98 -31.23 16.28 27.02
CA GLY A 98 -30.75 17.11 28.11
C GLY A 98 -31.34 18.50 28.12
N VAL A 99 -31.47 19.13 29.31
CA VAL A 99 -32.10 20.43 29.39
C VAL A 99 -31.26 21.38 30.23
N TYR A 100 -31.43 22.67 29.98
CA TYR A 100 -30.77 23.73 30.72
C TYR A 100 -31.81 24.46 31.56
N PHE A 101 -31.44 24.82 32.78
CA PHE A 101 -32.34 25.37 33.78
C PHE A 101 -31.72 26.63 34.33
N ALA A 102 -32.55 27.66 34.54
CA ALA A 102 -32.08 28.88 35.19
C ALA A 102 -33.18 29.41 36.11
N SER A 103 -32.75 30.09 37.18
CA SER A 103 -33.69 30.67 38.13
C SER A 103 -33.05 31.87 38.80
N THR A 104 -33.89 32.84 39.20
CA THR A 104 -33.39 34.06 39.83
C THR A 104 -34.46 34.54 40.84
N GLU A 105 -34.31 34.15 42.10
CA GLU A 105 -35.26 34.52 43.13
C GLU A 105 -34.55 34.64 44.47
N LYS A 106 -35.19 35.38 45.38
CA LYS A 106 -34.61 35.61 46.70
C LYS A 106 -34.93 34.48 47.66
N SER A 107 -36.13 33.93 47.58
CA SER A 107 -36.60 32.94 48.55
C SER A 107 -36.06 31.56 48.20
N ASN A 108 -36.58 30.54 48.88
CA ASN A 108 -36.17 29.16 48.65
C ASN A 108 -37.33 28.33 48.10
N ILE A 109 -37.99 28.84 47.06
CA ILE A 109 -39.27 28.28 46.66
C ILE A 109 -39.11 27.12 45.66
N ILE A 110 -38.09 27.12 44.82
CA ILE A 110 -38.01 26.16 43.70
C ILE A 110 -37.27 24.93 44.23
N ARG A 111 -38.02 24.08 44.93
CA ARG A 111 -37.47 22.89 45.57
C ARG A 111 -38.14 21.64 45.01
N GLY A 112 -37.35 20.73 44.45
CA GLY A 112 -37.88 19.45 44.01
C GLY A 112 -37.93 19.25 42.50
N TRP A 113 -37.03 18.41 41.98
CA TRP A 113 -36.95 18.09 40.55
C TRP A 113 -37.14 16.59 40.36
N ILE A 114 -38.11 16.22 39.53
CA ILE A 114 -38.47 14.81 39.30
C ILE A 114 -38.26 14.48 37.83
N PHE A 115 -37.69 13.31 37.57
CA PHE A 115 -37.43 12.82 36.22
C PHE A 115 -38.00 11.41 36.11
N GLY A 116 -38.53 11.06 34.94
CA GLY A 116 -39.07 9.72 34.79
C GLY A 116 -39.80 9.47 33.49
N THR A 117 -39.82 8.20 33.06
CA THR A 117 -40.50 7.85 31.81
C THR A 117 -42.01 7.95 31.95
N THR A 118 -42.56 7.35 33.01
CA THR A 118 -44.00 7.21 33.15
C THR A 118 -44.57 7.83 34.43
N LEU A 119 -43.77 7.89 35.51
CA LEU A 119 -44.16 8.45 36.81
C LEU A 119 -45.39 7.78 37.40
N ASP A 120 -45.32 6.45 37.51
CA ASP A 120 -46.41 5.66 38.09
C ASP A 120 -45.80 4.42 38.73
N SER A 121 -46.62 3.40 38.94
CA SER A 121 -46.21 2.13 39.52
C SER A 121 -45.51 1.19 38.54
N LYS A 122 -45.24 1.65 37.31
CA LYS A 122 -44.77 0.74 36.27
C LYS A 122 -43.24 0.69 36.23
N THR A 123 -42.60 1.84 36.04
CA THR A 123 -41.15 1.95 35.94
C THR A 123 -40.63 2.84 37.07
N GLN A 124 -39.31 3.01 37.10
CA GLN A 124 -38.67 3.78 38.16
C GLN A 124 -38.55 5.25 37.76
N SER A 125 -38.50 6.10 38.78
CA SER A 125 -38.30 7.54 38.61
C SER A 125 -37.17 8.01 39.50
N LEU A 126 -36.79 9.26 39.34
CA LEU A 126 -35.65 9.83 40.04
C LEU A 126 -36.08 11.18 40.59
N LEU A 127 -35.64 11.47 41.81
CA LEU A 127 -36.04 12.69 42.53
C LEU A 127 -34.82 13.36 43.12
N ILE A 128 -34.71 14.67 42.92
CA ILE A 128 -33.63 15.47 43.51
C ILE A 128 -34.24 16.66 44.25
N VAL A 129 -34.44 16.50 45.57
CA VAL A 129 -34.75 17.63 46.44
C VAL A 129 -33.45 18.16 47.05
N ASN A 130 -33.18 19.44 46.81
CA ASN A 130 -32.04 20.14 47.37
C ASN A 130 -32.51 20.86 48.63
N ASN A 131 -32.32 20.20 49.78
CA ASN A 131 -32.67 20.79 51.06
C ASN A 131 -31.70 21.95 51.33
N ALA A 132 -32.09 22.83 52.26
CA ALA A 132 -31.32 24.03 52.58
C ALA A 132 -29.92 23.71 53.07
N THR A 133 -29.73 22.54 53.70
CA THR A 133 -28.40 22.07 54.07
C THR A 133 -28.09 20.66 53.57
N ASN A 134 -28.93 20.06 52.71
CA ASN A 134 -28.76 18.67 52.30
C ASN A 134 -29.21 18.48 50.85
N VAL A 135 -28.84 17.33 50.28
CA VAL A 135 -29.37 16.82 49.01
C VAL A 135 -29.64 15.33 49.19
N PHE A 136 -30.78 14.87 48.67
CA PHE A 136 -31.16 13.45 48.68
C PHE A 136 -31.60 13.08 47.26
N ILE A 137 -30.64 12.57 46.47
CA ILE A 137 -30.96 12.08 45.13
C ILE A 137 -31.50 10.66 45.25
N LYS A 138 -32.81 10.51 45.23
CA LYS A 138 -33.43 9.22 45.43
C LYS A 138 -33.89 8.65 44.09
N VAL A 139 -33.94 7.31 44.02
CA VAL A 139 -34.46 6.60 42.87
C VAL A 139 -35.44 5.55 43.38
N CYS A 140 -36.74 5.87 43.32
CA CYS A 140 -37.78 4.98 43.82
C CYS A 140 -38.99 5.03 42.90
N GLU A 141 -39.76 3.94 42.92
CA GLU A 141 -41.02 3.89 42.19
C GLU A 141 -42.12 4.51 43.04
N PHE A 142 -42.71 5.59 42.56
CA PHE A 142 -43.78 6.27 43.28
C PHE A 142 -45.10 6.01 42.55
N GLN A 143 -46.03 5.33 43.21
CA GLN A 143 -47.25 4.88 42.55
C GLN A 143 -48.20 6.03 42.28
N PHE A 144 -48.44 6.88 43.28
CA PHE A 144 -49.40 7.96 43.18
C PHE A 144 -48.80 9.26 43.71
N CYS A 145 -48.80 10.29 42.87
CA CYS A 145 -48.37 11.64 43.26
C CYS A 145 -49.41 12.61 42.72
N ASN A 146 -50.44 12.87 43.53
CA ASN A 146 -51.58 13.68 43.10
C ASN A 146 -51.20 15.13 42.81
N ASP A 147 -50.87 15.87 43.88
CA ASP A 147 -50.62 17.31 43.88
C ASP A 147 -49.69 17.62 45.03
N PRO A 148 -48.90 18.69 44.93
CA PRO A 148 -48.22 19.22 46.12
C PRO A 148 -49.19 19.96 47.03
N PHE A 149 -48.77 20.16 48.27
CA PHE A 149 -49.65 20.75 49.28
C PHE A 149 -49.89 22.23 49.02
N LEU A 150 -51.10 22.68 49.37
CA LEU A 150 -51.61 23.98 48.99
C LEU A 150 -52.19 24.68 50.21
N ASP A 151 -51.88 25.97 50.37
CA ASP A 151 -52.37 26.77 51.48
C ASP A 151 -53.14 27.98 50.98
N VAL A 152 -54.16 28.38 51.73
CA VAL A 152 -55.06 29.45 51.30
C VAL A 152 -54.61 30.80 51.84
N TYR A 153 -54.15 30.86 53.09
CA TYR A 153 -53.88 32.12 53.77
C TYR A 153 -52.55 32.71 53.29
N HIS A 154 -52.07 33.75 53.97
CA HIS A 154 -51.17 34.73 53.38
C HIS A 154 -49.82 34.74 54.08
N LYS A 155 -48.75 34.95 53.30
CA LYS A 155 -47.41 35.12 53.85
C LYS A 155 -47.21 36.47 54.51
N ASN A 156 -48.10 37.45 54.27
CA ASN A 156 -47.96 38.77 54.88
C ASN A 156 -48.17 38.75 56.39
N ASN A 157 -48.83 37.71 56.92
CA ASN A 157 -48.99 37.51 58.35
C ASN A 157 -48.19 36.34 58.89
N LYS A 158 -48.16 35.21 58.17
CA LYS A 158 -47.48 34.00 58.63
C LYS A 158 -46.56 33.52 57.53
N SER A 159 -45.25 33.54 57.79
CA SER A 159 -44.25 33.16 56.80
C SER A 159 -43.48 31.90 57.24
N TRP A 160 -44.16 30.97 57.90
CA TRP A 160 -43.54 29.74 58.37
C TRP A 160 -44.22 28.54 57.72
N MET A 161 -43.43 27.70 57.06
CA MET A 161 -43.89 26.45 56.46
C MET A 161 -43.18 25.30 57.16
N GLU A 162 -43.92 24.57 58.00
CA GLU A 162 -43.35 23.52 58.82
C GLU A 162 -44.12 22.22 58.63
N SER A 163 -43.40 21.15 58.27
CA SER A 163 -43.92 19.78 58.14
C SER A 163 -45.10 19.68 57.18
N GLU A 164 -44.92 20.24 55.98
CA GLU A 164 -45.93 20.21 54.93
C GLU A 164 -45.31 19.78 53.60
N SER A 165 -44.50 18.73 53.64
CA SER A 165 -43.80 18.23 52.46
C SER A 165 -44.08 16.74 52.29
N GLY A 166 -44.85 16.40 51.27
CA GLY A 166 -45.07 15.02 50.90
C GLY A 166 -45.75 14.90 49.55
N VAL A 167 -45.17 14.12 48.64
CA VAL A 167 -45.69 14.00 47.28
C VAL A 167 -46.00 12.53 47.02
N TYR A 168 -45.25 11.64 47.64
CA TYR A 168 -45.31 10.22 47.37
C TYR A 168 -46.24 9.49 48.34
N SER A 169 -46.64 8.28 47.95
CA SER A 169 -47.48 7.43 48.77
C SER A 169 -46.76 6.18 49.24
N SER A 170 -46.21 5.39 48.31
CA SER A 170 -45.52 4.15 48.67
C SER A 170 -44.26 4.01 47.82
N ALA A 171 -43.24 3.39 48.40
CA ALA A 171 -41.98 3.12 47.73
C ALA A 171 -41.83 1.61 47.58
N ASN A 172 -41.70 1.16 46.33
CA ASN A 172 -41.56 -0.26 46.03
C ASN A 172 -40.09 -0.66 46.12
N ASN A 173 -39.77 -1.83 45.59
CA ASN A 173 -38.42 -2.40 45.66
C ASN A 173 -37.48 -1.59 44.78
N CYS A 174 -36.75 -0.67 45.39
CA CYS A 174 -35.81 0.19 44.67
C CYS A 174 -34.61 0.46 45.57
N THR A 175 -33.49 0.80 44.92
CA THR A 175 -32.23 1.05 45.61
C THR A 175 -31.61 2.35 45.11
N PHE A 176 -30.33 2.57 45.44
CA PHE A 176 -29.51 3.71 45.02
C PHE A 176 -30.14 5.04 45.50
N GLU A 177 -30.11 5.19 46.82
CA GLU A 177 -30.59 6.39 47.50
C GLU A 177 -29.37 7.22 47.89
N TYR A 178 -28.93 8.06 46.96
CA TYR A 178 -27.66 8.77 47.10
C TYR A 178 -27.84 10.03 47.94
N VAL A 179 -26.88 10.24 48.87
CA VAL A 179 -26.86 11.40 49.76
C VAL A 179 -25.49 12.06 49.64
N SER A 180 -25.47 13.39 49.53
CA SER A 180 -24.21 14.13 49.45
C SER A 180 -24.42 15.55 49.96
N GLN A 181 -23.45 16.41 49.64
CA GLN A 181 -23.44 17.81 50.08
C GLN A 181 -24.56 18.59 49.37
N PRO A 182 -25.03 19.71 49.94
CA PRO A 182 -26.04 20.51 49.25
C PRO A 182 -25.51 21.20 48.00
N PHE A 183 -26.31 21.14 46.92
CA PHE A 183 -25.98 21.85 45.69
C PHE A 183 -26.05 23.36 45.83
N LEU A 184 -26.90 23.84 46.73
CA LEU A 184 -27.28 25.25 46.77
C LEU A 184 -26.68 25.87 48.02
N MET A 185 -25.84 26.89 47.83
CA MET A 185 -25.32 27.67 48.93
C MET A 185 -26.25 28.87 49.10
N ASP A 186 -26.81 29.02 50.30
CA ASP A 186 -27.78 30.06 50.57
C ASP A 186 -27.05 31.40 50.68
N LEU A 187 -26.72 31.96 49.52
CA LEU A 187 -26.09 33.27 49.45
C LEU A 187 -27.13 34.32 49.76
N GLU A 188 -26.96 35.01 50.89
CA GLU A 188 -27.97 35.95 51.35
C GLU A 188 -27.94 37.22 50.52
N GLY A 189 -29.08 37.56 49.91
CA GLY A 189 -29.18 38.78 49.14
C GLY A 189 -29.66 39.94 50.01
N LYS A 190 -28.86 41.00 50.07
CA LYS A 190 -29.13 42.11 50.95
C LYS A 190 -29.14 43.41 50.16
N GLN A 191 -29.67 44.46 50.79
CA GLN A 191 -29.74 45.85 50.34
C GLN A 191 -30.61 46.07 49.10
N GLY A 192 -31.31 45.05 48.61
CA GLY A 192 -32.11 45.18 47.42
C GLY A 192 -31.30 45.14 46.14
N ASN A 193 -31.99 44.77 45.05
CA ASN A 193 -31.47 44.76 43.67
C ASN A 193 -30.28 43.83 43.48
N PHE A 194 -30.13 42.83 44.35
CA PHE A 194 -29.07 41.82 44.22
C PHE A 194 -29.72 40.46 44.45
N LYS A 195 -29.98 39.73 43.36
CA LYS A 195 -30.64 38.44 43.42
C LYS A 195 -29.69 37.34 42.95
N ASN A 196 -29.74 36.21 43.64
CA ASN A 196 -28.96 35.04 43.26
C ASN A 196 -29.51 34.45 41.96
N LEU A 197 -28.59 34.06 41.07
CA LEU A 197 -28.96 33.46 39.79
C LEU A 197 -28.31 32.09 39.70
N ARG A 198 -29.15 31.07 39.49
CA ARG A 198 -28.75 29.68 39.45
C ARG A 198 -28.87 29.15 38.03
N GLU A 199 -27.83 28.48 37.54
CA GLU A 199 -27.84 27.83 36.24
C GLU A 199 -27.43 26.37 36.39
N PHE A 200 -28.15 25.50 35.67
CA PHE A 200 -27.97 24.05 35.71
C PHE A 200 -28.07 23.51 34.29
N VAL A 201 -27.43 22.36 34.05
CA VAL A 201 -27.76 21.57 32.86
C VAL A 201 -27.77 20.11 33.28
N PHE A 202 -28.68 19.37 32.64
CA PHE A 202 -29.07 18.01 32.99
C PHE A 202 -28.82 17.16 31.75
N LYS A 203 -27.96 16.16 31.87
CA LYS A 203 -27.64 15.29 30.76
C LYS A 203 -27.78 13.83 31.17
N ASN A 204 -28.18 12.99 30.22
CA ASN A 204 -28.31 11.56 30.45
C ASN A 204 -27.74 10.85 29.22
N ILE A 205 -26.49 10.40 29.32
CA ILE A 205 -25.79 9.76 28.20
C ILE A 205 -25.14 8.48 28.70
N ASP A 206 -25.43 7.37 28.00
CA ASP A 206 -24.81 6.05 28.22
C ASP A 206 -25.02 5.55 29.65
N GLY A 207 -26.21 5.82 30.19
CA GLY A 207 -26.51 5.43 31.56
C GLY A 207 -25.90 6.32 32.62
N TYR A 208 -25.30 7.43 32.24
CA TYR A 208 -24.70 8.37 33.18
C TYR A 208 -25.51 9.65 33.21
N PHE A 209 -25.91 10.07 34.41
CA PHE A 209 -26.63 11.32 34.61
C PHE A 209 -25.68 12.37 35.15
N LYS A 210 -25.58 13.49 34.43
CA LYS A 210 -24.61 14.54 34.71
C LYS A 210 -25.34 15.84 35.03
N ILE A 211 -24.99 16.44 36.16
CA ILE A 211 -25.48 17.75 36.56
C ILE A 211 -24.28 18.69 36.57
N TYR A 212 -24.35 19.74 35.74
CA TYR A 212 -23.40 20.84 35.76
C TYR A 212 -24.11 22.09 36.27
N SER A 213 -23.40 22.91 37.05
CA SER A 213 -24.07 23.96 37.80
C SER A 213 -23.15 25.16 38.01
N LYS A 214 -23.77 26.34 38.19
CA LYS A 214 -23.07 27.51 38.73
C LYS A 214 -24.09 28.48 39.31
N HIS A 215 -23.76 29.03 40.48
CA HIS A 215 -24.63 29.94 41.21
C HIS A 215 -23.89 31.26 41.39
N THR A 216 -24.43 32.34 40.81
CA THR A 216 -23.82 33.66 40.99
C THR A 216 -24.87 34.77 41.12
N PRO A 217 -24.70 35.69 42.09
CA PRO A 217 -25.59 36.86 42.16
C PRO A 217 -25.12 37.98 41.24
N ILE A 218 -26.03 38.53 40.44
CA ILE A 218 -25.68 39.44 39.35
C ILE A 218 -26.82 40.47 39.29
N ILE A 219 -26.70 41.45 38.38
CA ILE A 219 -27.53 42.66 38.33
C ILE A 219 -28.98 42.37 37.98
N GLY A 220 -29.81 43.41 38.08
CA GLY A 220 -31.26 43.31 38.09
C GLY A 220 -31.91 42.77 36.82
N ARG A 221 -31.17 42.73 35.71
CA ARG A 221 -31.71 42.11 34.50
C ARG A 221 -31.93 40.62 34.71
N ASP A 222 -33.05 40.11 34.16
CA ASP A 222 -33.36 38.69 34.27
C ASP A 222 -32.34 37.85 33.52
N PHE A 223 -32.06 38.21 32.27
CA PHE A 223 -30.86 37.75 31.58
C PHE A 223 -29.91 38.92 31.42
N PRO A 224 -28.89 39.04 32.25
CA PRO A 224 -27.87 40.07 32.04
C PRO A 224 -26.87 39.65 30.99
N GLN A 225 -26.33 40.64 30.29
CA GLN A 225 -25.35 40.37 29.24
C GLN A 225 -24.02 40.02 29.87
N GLY A 226 -23.51 38.84 29.54
CA GLY A 226 -22.28 38.36 30.12
C GLY A 226 -22.08 36.91 29.79
N PHE A 227 -20.90 36.40 30.15
CA PHE A 227 -20.52 35.04 29.85
C PHE A 227 -20.03 34.38 31.12
N SER A 228 -20.44 33.13 31.32
CA SER A 228 -20.00 32.35 32.48
C SER A 228 -20.08 30.88 32.15
N ALA A 229 -18.97 30.17 32.29
CA ALA A 229 -18.94 28.73 32.12
C ALA A 229 -19.24 28.06 33.45
N LEU A 230 -19.92 26.91 33.37
CA LEU A 230 -20.43 26.23 34.56
C LEU A 230 -19.56 25.02 34.87
N GLU A 231 -19.09 24.96 36.11
CA GLU A 231 -18.22 23.86 36.54
C GLU A 231 -19.06 22.63 36.89
N PRO A 232 -18.61 21.44 36.49
CA PRO A 232 -19.40 20.22 36.76
C PRO A 232 -19.42 19.87 38.24
N LEU A 233 -20.61 19.51 38.74
CA LEU A 233 -20.71 18.94 40.07
C LEU A 233 -20.77 17.41 40.04
N VAL A 234 -21.82 16.82 39.46
CA VAL A 234 -22.14 15.42 39.74
C VAL A 234 -22.22 14.63 38.44
N ASP A 235 -21.59 13.45 38.44
CA ASP A 235 -21.78 12.40 37.43
C ASP A 235 -22.17 11.12 38.18
N LEU A 236 -23.48 10.85 38.27
CA LEU A 236 -23.93 9.65 38.95
C LEU A 236 -24.53 8.66 37.96
N PRO A 237 -24.23 7.36 38.08
CA PRO A 237 -24.75 6.39 37.11
C PRO A 237 -26.09 5.80 37.51
N ILE A 238 -27.08 5.87 36.61
CA ILE A 238 -28.41 5.35 36.88
C ILE A 238 -28.79 4.23 35.91
N GLY A 239 -28.40 4.33 34.64
CA GLY A 239 -28.80 3.36 33.63
C GLY A 239 -30.29 3.32 33.36
N ILE A 240 -30.97 4.46 33.47
CA ILE A 240 -32.42 4.54 33.36
C ILE A 240 -32.77 5.52 32.26
N ASN A 241 -33.64 5.11 31.33
CA ASN A 241 -34.14 6.00 30.31
C ASN A 241 -35.02 7.09 30.94
N ILE A 242 -35.03 8.27 30.31
CA ILE A 242 -35.82 9.39 30.76
C ILE A 242 -36.60 9.95 29.58
N THR A 243 -37.93 10.04 29.73
CA THR A 243 -38.81 10.48 28.67
C THR A 243 -39.43 11.85 28.94
N ARG A 244 -39.61 12.24 30.20
CA ARG A 244 -40.13 13.56 30.54
C ARG A 244 -39.68 13.92 31.96
N PHE A 245 -39.83 15.20 32.32
CA PHE A 245 -39.49 15.61 33.67
C PHE A 245 -40.45 16.68 34.16
N GLN A 246 -40.42 16.91 35.47
CA GLN A 246 -41.35 17.81 36.16
C GLN A 246 -40.66 18.36 37.40
N THR A 247 -40.95 19.62 37.72
CA THR A 247 -40.35 20.30 38.86
C THR A 247 -41.39 20.59 39.91
N LEU A 248 -40.99 20.47 41.18
CA LEU A 248 -41.86 20.75 42.31
C LEU A 248 -41.59 22.15 42.85
N LEU A 249 -42.61 22.73 43.48
CA LEU A 249 -42.48 23.97 44.23
C LEU A 249 -43.14 23.78 45.58
N ALA A 250 -42.75 24.60 46.55
CA ALA A 250 -43.42 24.64 47.85
C ALA A 250 -44.69 25.48 47.68
N LEU A 251 -45.70 24.85 47.06
CA LEU A 251 -46.84 25.55 46.49
C LEU A 251 -47.90 25.93 47.51
N ASN A 252 -47.55 26.01 48.80
CA ASN A 252 -48.45 26.56 49.79
C ASN A 252 -48.79 28.02 49.48
N ARG A 253 -47.77 28.85 49.27
CA ARG A 253 -47.96 30.27 49.03
C ARG A 253 -46.87 30.76 48.08
N SER A 254 -47.26 31.55 47.08
CA SER A 254 -46.32 32.15 46.14
C SER A 254 -46.70 33.60 45.89
N TYR A 255 -45.69 34.48 45.90
CA TYR A 255 -45.90 35.91 45.70
C TYR A 255 -44.82 36.45 44.76
N LEU A 256 -44.91 37.76 44.51
CA LEU A 256 -44.04 38.50 43.58
C LEU A 256 -44.07 37.90 42.17
N THR A 257 -45.25 37.44 41.77
CA THR A 257 -45.46 36.77 40.48
C THR A 257 -46.63 37.41 39.75
N PRO A 258 -46.40 38.16 38.67
CA PRO A 258 -47.50 38.68 37.87
C PRO A 258 -48.08 37.61 36.96
N GLY A 259 -49.34 37.79 36.61
CA GLY A 259 -50.06 36.81 35.80
C GLY A 259 -50.75 37.44 34.62
N ASP A 260 -50.76 36.71 33.51
CA ASP A 260 -51.44 37.14 32.29
C ASP A 260 -52.03 35.92 31.60
N SER A 261 -53.10 36.15 30.84
CA SER A 261 -53.75 35.08 30.10
C SER A 261 -53.25 34.96 28.66
N SER A 262 -52.29 35.80 28.26
CA SER A 262 -51.75 35.75 26.92
C SER A 262 -50.82 34.56 26.74
N SER A 263 -50.85 33.95 25.57
CA SER A 263 -50.04 32.79 25.26
C SER A 263 -49.33 33.01 23.93
N GLY A 264 -48.11 32.49 23.83
CA GLY A 264 -47.32 32.63 22.62
C GLY A 264 -46.11 33.53 22.80
N TRP A 265 -45.85 34.39 21.82
CA TRP A 265 -44.70 35.30 21.84
C TRP A 265 -45.12 36.57 22.58
N THR A 266 -45.04 36.52 23.91
CA THR A 266 -45.33 37.67 24.75
C THR A 266 -44.20 37.91 25.74
N ALA A 267 -44.41 38.80 26.70
CA ALA A 267 -43.39 39.14 27.69
C ALA A 267 -43.96 38.99 29.10
N GLY A 268 -43.08 38.65 30.03
CA GLY A 268 -43.49 38.48 31.41
C GLY A 268 -42.29 38.27 32.30
N ALA A 269 -42.56 38.22 33.61
CA ALA A 269 -41.53 38.02 34.64
C ALA A 269 -41.90 36.80 35.47
N ALA A 270 -41.11 35.74 35.34
CA ALA A 270 -41.44 34.46 35.96
C ALA A 270 -40.30 33.82 36.74
N ASP A 271 -39.03 34.16 36.46
CA ASP A 271 -37.84 33.71 37.17
C ASP A 271 -37.69 32.18 37.15
N TYR A 272 -37.94 31.59 35.98
CA TYR A 272 -37.99 30.15 35.82
C TYR A 272 -37.76 29.86 34.34
N TYR A 273 -36.58 29.34 33.99
CA TYR A 273 -36.15 29.32 32.60
C TYR A 273 -35.73 27.91 32.19
N VAL A 274 -36.25 27.44 31.07
CA VAL A 274 -35.97 26.11 30.55
C VAL A 274 -35.53 26.23 29.09
N GLY A 275 -34.36 25.66 28.76
CA GLY A 275 -33.89 25.58 27.40
C GLY A 275 -33.49 24.17 27.06
N TYR A 276 -33.36 23.90 25.76
CA TYR A 276 -33.10 22.55 25.27
C TYR A 276 -31.78 22.50 24.51
N LEU A 277 -31.01 21.44 24.76
CA LEU A 277 -29.71 21.29 24.11
C LEU A 277 -29.83 20.69 22.72
N GLN A 278 -28.84 20.98 21.89
CA GLN A 278 -28.69 20.49 20.54
C GLN A 278 -27.24 20.11 20.30
N PRO A 279 -26.95 19.08 19.48
CA PRO A 279 -25.55 18.68 19.28
C PRO A 279 -24.77 19.62 18.37
N ARG A 280 -24.15 20.65 18.96
CA ARG A 280 -23.48 21.69 18.19
C ARG A 280 -21.97 21.59 18.32
N THR A 281 -21.28 22.34 17.46
CA THR A 281 -19.83 22.47 17.47
C THR A 281 -19.46 23.86 17.96
N PHE A 282 -18.57 23.92 18.95
CA PHE A 282 -18.20 25.17 19.60
C PHE A 282 -16.69 25.35 19.57
N LEU A 283 -16.25 26.60 19.58
CA LEU A 283 -14.86 26.99 19.71
C LEU A 283 -14.74 27.73 21.04
N LEU A 284 -13.98 27.17 21.97
CA LEU A 284 -13.88 27.64 23.34
C LEU A 284 -12.52 28.29 23.56
N LYS A 285 -12.51 29.43 24.23
CA LYS A 285 -11.28 30.15 24.53
C LYS A 285 -10.91 29.91 25.98
N TYR A 286 -9.70 29.42 26.21
CA TYR A 286 -9.22 29.12 27.55
C TYR A 286 -8.24 30.20 28.00
N ASN A 287 -8.44 30.69 29.22
CA ASN A 287 -7.54 31.66 29.82
C ASN A 287 -6.24 30.97 30.22
N GLU A 288 -5.21 31.76 30.53
CA GLU A 288 -3.95 31.24 31.03
C GLU A 288 -4.08 30.57 32.39
N ASN A 289 -5.14 30.87 33.14
CA ASN A 289 -5.40 30.21 34.41
C ASN A 289 -6.26 28.96 34.25
N GLY A 290 -6.69 28.64 33.03
CA GLY A 290 -7.42 27.43 32.76
C GLY A 290 -8.93 27.54 32.70
N THR A 291 -9.47 28.75 32.66
CA THR A 291 -10.92 28.97 32.68
C THR A 291 -11.41 29.42 31.31
N ILE A 292 -12.60 28.96 30.94
CA ILE A 292 -13.22 29.38 29.69
C ILE A 292 -13.74 30.81 29.84
N THR A 293 -13.31 31.70 28.93
CA THR A 293 -13.71 33.09 28.99
C THR A 293 -14.62 33.53 27.84
N ASP A 294 -14.65 32.79 26.73
CA ASP A 294 -15.51 33.15 25.60
C ASP A 294 -15.69 31.90 24.76
N ALA A 295 -16.75 31.90 23.94
CA ALA A 295 -17.02 30.78 23.04
C ALA A 295 -17.74 31.29 21.80
N VAL A 296 -17.62 30.52 20.72
CA VAL A 296 -18.24 30.83 19.43
C VAL A 296 -18.86 29.55 18.88
N ASP A 297 -20.15 29.57 18.55
CA ASP A 297 -20.75 28.42 17.90
C ASP A 297 -20.52 28.49 16.40
N CYS A 298 -20.31 27.32 15.79
CA CYS A 298 -19.84 27.25 14.41
C CYS A 298 -20.99 27.14 13.40
N ALA A 299 -22.20 27.56 13.78
CA ALA A 299 -23.33 27.43 12.87
C ALA A 299 -24.28 28.62 12.93
N LEU A 300 -23.95 29.67 13.67
CA LEU A 300 -24.85 30.80 13.81
C LEU A 300 -24.75 31.76 12.63
N ASP A 301 -23.53 32.14 12.26
CA ASP A 301 -23.25 33.16 11.26
C ASP A 301 -22.21 32.62 10.28
N PRO A 302 -22.11 33.21 9.09
CA PRO A 302 -20.93 32.96 8.25
C PRO A 302 -19.64 33.44 8.89
N LEU A 303 -19.69 34.55 9.63
CA LEU A 303 -18.51 35.07 10.31
C LEU A 303 -18.06 34.13 11.41
N SER A 304 -19.02 33.49 12.09
CA SER A 304 -18.69 32.48 13.08
C SER A 304 -18.03 31.26 12.47
N GLU A 305 -18.42 30.86 11.25
CA GLU A 305 -17.73 29.77 10.59
C GLU A 305 -16.34 30.17 10.11
N THR A 306 -16.13 31.44 9.73
CA THR A 306 -14.78 31.87 9.42
C THR A 306 -13.91 31.87 10.66
N LYS A 307 -14.48 32.23 11.81
CA LYS A 307 -13.75 32.16 13.07
C LYS A 307 -13.45 30.71 13.46
N CYS A 308 -14.37 29.79 13.14
CA CYS A 308 -14.17 28.38 13.48
C CYS A 308 -13.15 27.70 12.59
N THR A 309 -13.17 27.97 11.27
CA THR A 309 -12.24 27.31 10.37
C THR A 309 -10.82 27.84 10.53
N LEU A 310 -10.68 29.14 10.78
CA LEU A 310 -9.37 29.72 11.07
C LEU A 310 -8.90 29.43 12.49
N LYS A 311 -9.80 28.93 13.35
CA LYS A 311 -9.53 28.65 14.77
C LYS A 311 -8.98 29.86 15.50
N SER A 312 -9.58 31.02 15.25
CA SER A 312 -9.19 32.26 15.89
C SER A 312 -10.43 33.12 16.07
N PHE A 313 -10.40 33.98 17.08
CA PHE A 313 -11.54 34.85 17.35
C PHE A 313 -11.49 36.16 16.58
N THR A 314 -10.40 36.41 15.84
CA THR A 314 -10.27 37.57 14.99
C THR A 314 -9.93 37.12 13.58
N VAL A 315 -10.48 37.81 12.58
CA VAL A 315 -10.19 37.51 11.19
C VAL A 315 -9.63 38.77 10.53
N GLU A 316 -8.80 38.56 9.52
CA GLU A 316 -8.23 39.64 8.73
C GLU A 316 -9.09 39.90 7.50
N LYS A 317 -8.74 40.93 6.74
CA LYS A 317 -9.45 41.24 5.51
C LYS A 317 -9.12 40.21 4.43
N GLY A 318 -10.14 39.70 3.75
CA GLY A 318 -9.92 38.78 2.66
C GLY A 318 -11.15 37.93 2.41
N ILE A 319 -10.97 36.95 1.52
CA ILE A 319 -11.99 35.96 1.18
C ILE A 319 -11.53 34.60 1.71
N TYR A 320 -12.46 33.86 2.29
CA TYR A 320 -12.16 32.59 2.94
C TYR A 320 -13.15 31.52 2.49
N GLN A 321 -12.62 30.37 2.07
CA GLN A 321 -13.43 29.22 1.69
C GLN A 321 -13.71 28.41 2.95
N THR A 322 -14.97 28.33 3.35
CA THR A 322 -15.34 27.72 4.63
C THR A 322 -15.99 26.36 4.46
N SER A 323 -17.06 26.24 3.69
CA SER A 323 -17.81 25.01 3.62
C SER A 323 -18.42 24.86 2.23
N ASN A 324 -19.39 23.96 2.12
CA ASN A 324 -20.03 23.65 0.86
C ASN A 324 -21.54 23.70 1.03
N PHE A 325 -22.21 24.16 -0.02
CA PHE A 325 -23.67 24.16 -0.07
C PHE A 325 -24.14 23.07 -1.02
N ARG A 326 -25.22 22.39 -0.61
CA ARG A 326 -25.86 21.34 -1.40
C ARG A 326 -27.37 21.57 -1.33
N VAL A 327 -28.07 21.19 -2.39
CA VAL A 327 -29.52 21.27 -2.42
C VAL A 327 -30.09 19.91 -2.05
N GLN A 328 -30.83 19.86 -0.94
CA GLN A 328 -31.34 18.62 -0.37
C GLN A 328 -32.60 18.17 -1.10
N PRO A 329 -32.85 16.85 -1.16
CA PRO A 329 -34.05 16.36 -1.85
C PRO A 329 -35.34 16.70 -1.11
N THR A 330 -36.40 16.88 -1.90
CA THR A 330 -37.71 17.23 -1.35
C THR A 330 -38.52 16.01 -0.95
N GLU A 331 -38.47 14.95 -1.75
CA GLU A 331 -39.26 13.75 -1.51
C GLU A 331 -38.59 12.57 -2.22
N SER A 332 -39.15 11.39 -2.04
CA SER A 332 -38.58 10.16 -2.57
C SER A 332 -39.62 9.41 -3.40
N ILE A 333 -39.20 8.88 -4.55
CA ILE A 333 -40.08 8.14 -5.43
C ILE A 333 -39.49 6.75 -5.68
N VAL A 334 -40.37 5.80 -6.00
CA VAL A 334 -40.00 4.43 -6.33
C VAL A 334 -40.78 4.05 -7.58
N ARG A 335 -40.08 3.51 -8.59
CA ARG A 335 -40.73 3.08 -9.84
C ARG A 335 -40.29 1.64 -10.14
N PHE A 336 -41.10 0.68 -9.70
CA PHE A 336 -40.99 -0.76 -9.86
C PHE A 336 -41.88 -1.24 -11.00
N PRO A 337 -41.69 -2.46 -11.53
CA PRO A 337 -42.44 -2.90 -12.72
C PRO A 337 -43.95 -3.01 -12.49
N ASN A 338 -44.65 -3.17 -13.61
CA ASN A 338 -46.09 -2.99 -13.67
C ASN A 338 -46.81 -4.18 -13.03
N VAL A 339 -46.61 -5.38 -13.56
CA VAL A 339 -47.38 -6.54 -13.14
C VAL A 339 -46.91 -7.02 -11.77
N THR A 340 -47.87 -7.39 -10.93
CA THR A 340 -47.62 -7.82 -9.56
C THR A 340 -48.14 -9.24 -9.33
N ASN A 341 -47.92 -10.12 -10.30
CA ASN A 341 -48.21 -11.54 -10.09
C ASN A 341 -47.22 -12.11 -9.08
N LEU A 342 -47.70 -12.98 -8.21
CA LEU A 342 -46.90 -13.51 -7.12
C LEU A 342 -46.41 -14.91 -7.48
N CYS A 343 -45.10 -15.08 -7.54
CA CYS A 343 -44.54 -16.41 -7.72
C CYS A 343 -44.67 -17.21 -6.43
N PRO A 344 -45.26 -18.40 -6.47
CA PRO A 344 -45.38 -19.20 -5.25
C PRO A 344 -44.06 -19.87 -4.91
N PHE A 345 -43.39 -19.36 -3.87
CA PHE A 345 -42.19 -20.02 -3.37
C PHE A 345 -42.53 -21.28 -2.58
N HIS A 346 -43.77 -21.42 -2.11
CA HIS A 346 -44.11 -22.57 -1.27
C HIS A 346 -44.14 -23.86 -2.08
N GLU A 347 -44.69 -23.82 -3.30
CA GLU A 347 -44.78 -25.03 -4.12
C GLU A 347 -43.41 -25.50 -4.58
N VAL A 348 -42.43 -24.61 -4.66
CA VAL A 348 -41.04 -25.05 -4.75
C VAL A 348 -40.57 -25.63 -3.41
N PHE A 349 -40.95 -24.98 -2.30
CA PHE A 349 -40.42 -25.40 -1.00
C PHE A 349 -41.07 -26.68 -0.49
N ASN A 350 -42.38 -26.84 -0.62
CA ASN A 350 -42.99 -28.11 -0.26
C ASN A 350 -43.53 -28.82 -1.50
N ALA A 351 -43.35 -30.13 -1.51
CA ALA A 351 -43.78 -30.98 -2.61
C ALA A 351 -43.88 -32.40 -2.08
N THR A 352 -44.46 -33.28 -2.91
CA THR A 352 -44.52 -34.69 -2.55
C THR A 352 -43.13 -35.32 -2.56
N ARG A 353 -42.37 -35.10 -3.63
CA ARG A 353 -41.03 -35.65 -3.79
C ARG A 353 -40.12 -34.60 -4.41
N PHE A 354 -38.92 -34.47 -3.85
CA PHE A 354 -37.85 -33.77 -4.55
C PHE A 354 -37.04 -34.76 -5.37
N ALA A 355 -35.96 -34.29 -5.97
CA ALA A 355 -35.14 -35.09 -6.86
C ALA A 355 -33.89 -35.58 -6.14
N SER A 356 -32.99 -36.20 -6.88
CA SER A 356 -31.75 -36.75 -6.34
C SER A 356 -30.71 -35.64 -6.18
N VAL A 357 -29.45 -36.02 -6.00
CA VAL A 357 -28.35 -35.06 -5.90
C VAL A 357 -27.51 -35.05 -7.17
N TYR A 358 -27.33 -36.21 -7.81
CA TYR A 358 -26.68 -36.22 -9.12
C TYR A 358 -27.54 -35.52 -10.16
N ALA A 359 -28.87 -35.65 -10.04
CA ALA A 359 -29.83 -34.87 -10.84
C ALA A 359 -30.77 -34.19 -9.84
N TRP A 360 -30.32 -33.04 -9.34
CA TRP A 360 -31.10 -32.13 -8.50
C TRP A 360 -32.00 -31.23 -9.33
N ASN A 361 -33.03 -30.71 -8.66
CA ASN A 361 -34.09 -29.98 -9.36
C ASN A 361 -33.79 -28.49 -9.39
N ARG A 362 -33.94 -27.88 -10.56
CA ARG A 362 -33.68 -26.46 -10.76
C ARG A 362 -34.98 -25.76 -11.12
N THR A 363 -35.35 -24.75 -10.34
CA THR A 363 -36.52 -23.93 -10.59
C THR A 363 -36.06 -22.49 -10.79
N ARG A 364 -36.32 -21.93 -11.97
CA ARG A 364 -35.86 -20.61 -12.33
C ARG A 364 -37.03 -19.63 -12.28
N ILE A 365 -36.82 -18.49 -11.63
CA ILE A 365 -37.90 -17.57 -11.32
C ILE A 365 -37.63 -16.24 -12.01
N SER A 366 -38.65 -15.70 -12.68
CA SER A 366 -38.52 -14.41 -13.37
C SER A 366 -39.90 -13.78 -13.53
N ASN A 367 -39.88 -12.46 -13.72
CA ASN A 367 -41.04 -11.65 -14.16
C ASN A 367 -42.21 -11.71 -13.18
N CYS A 368 -41.91 -11.47 -11.90
CA CYS A 368 -42.92 -11.46 -10.85
C CYS A 368 -42.34 -10.69 -9.65
N VAL A 369 -43.01 -10.81 -8.50
CA VAL A 369 -42.55 -10.22 -7.25
C VAL A 369 -42.05 -11.35 -6.35
N ALA A 370 -41.00 -11.07 -5.58
CA ALA A 370 -40.36 -12.06 -4.73
C ALA A 370 -40.63 -11.71 -3.27
N ASP A 371 -41.71 -12.25 -2.73
CA ASP A 371 -42.06 -12.05 -1.33
C ASP A 371 -41.38 -13.13 -0.50
N TYR A 372 -40.52 -12.70 0.43
CA TYR A 372 -39.74 -13.62 1.25
C TYR A 372 -40.36 -13.86 2.63
N SER A 373 -41.54 -13.32 2.87
CA SER A 373 -42.20 -13.53 4.16
C SER A 373 -42.72 -14.96 4.31
N VAL A 374 -43.04 -15.62 3.21
CA VAL A 374 -43.55 -16.99 3.27
C VAL A 374 -42.44 -17.99 3.57
N LEU A 375 -41.18 -17.62 3.36
CA LEU A 375 -40.08 -18.56 3.55
C LEU A 375 -39.81 -18.81 5.03
N TYR A 376 -40.08 -17.82 5.89
CA TYR A 376 -39.61 -17.88 7.27
C TYR A 376 -40.45 -18.85 8.12
N ASN A 377 -41.76 -18.88 7.89
CA ASN A 377 -42.67 -19.56 8.80
C ASN A 377 -42.80 -21.05 8.56
N PHE A 378 -42.11 -21.61 7.56
CA PHE A 378 -42.29 -23.03 7.24
C PHE A 378 -41.60 -23.93 8.25
N ALA A 379 -40.38 -23.59 8.64
CA ALA A 379 -39.60 -24.46 9.51
C ALA A 379 -38.72 -23.64 10.44
N PRO A 380 -38.36 -24.19 11.60
CA PRO A 380 -37.26 -23.61 12.39
C PRO A 380 -35.92 -23.97 11.79
N PHE A 381 -35.44 -23.18 10.84
CA PHE A 381 -34.29 -23.54 10.03
C PHE A 381 -33.02 -23.47 10.88
N PHE A 382 -32.17 -24.49 10.77
CA PHE A 382 -31.04 -24.58 11.68
C PHE A 382 -29.78 -23.88 11.16
N ALA A 383 -29.66 -23.64 9.85
CA ALA A 383 -28.50 -22.95 9.32
C ALA A 383 -28.84 -21.56 8.81
N PHE A 384 -29.67 -21.47 7.76
CA PHE A 384 -30.19 -20.23 7.13
C PHE A 384 -29.07 -19.20 6.91
N LYS A 385 -28.16 -19.56 6.01
CA LYS A 385 -26.93 -18.80 5.82
C LYS A 385 -26.93 -18.16 4.43
N CYS A 386 -26.87 -16.83 4.39
CA CYS A 386 -26.71 -16.08 3.16
C CYS A 386 -25.29 -15.53 3.08
N TYR A 387 -24.76 -15.40 1.86
CA TYR A 387 -23.35 -15.09 1.66
C TYR A 387 -23.13 -13.67 1.15
N GLY A 388 -23.75 -13.31 0.02
CA GLY A 388 -23.51 -12.00 -0.56
C GLY A 388 -24.44 -10.92 -0.04
N VAL A 389 -25.57 -11.33 0.54
CA VAL A 389 -26.59 -10.42 1.03
C VAL A 389 -26.81 -10.71 2.52
N SER A 390 -27.15 -9.68 3.28
CA SER A 390 -27.66 -9.91 4.62
C SER A 390 -29.04 -10.55 4.54
N PRO A 391 -29.34 -11.52 5.42
CA PRO A 391 -30.68 -12.16 5.39
C PRO A 391 -31.83 -11.21 5.72
N THR A 392 -31.59 -10.20 6.56
CA THR A 392 -32.65 -9.27 6.91
C THR A 392 -32.95 -8.29 5.77
N LYS A 393 -31.94 -7.93 4.99
CA LYS A 393 -32.11 -7.00 3.87
C LYS A 393 -32.32 -7.75 2.57
N LEU A 394 -33.34 -8.61 2.55
CA LEU A 394 -33.66 -9.43 1.40
C LEU A 394 -34.99 -9.08 0.75
N ASN A 395 -35.94 -8.54 1.51
CA ASN A 395 -37.27 -8.23 1.01
C ASN A 395 -37.35 -6.82 0.42
N ASP A 396 -36.22 -6.12 0.32
CA ASP A 396 -36.19 -4.75 -0.18
C ASP A 396 -35.19 -4.55 -1.32
N LEU A 397 -34.75 -5.63 -1.96
CA LEU A 397 -33.87 -5.57 -3.11
C LEU A 397 -34.59 -6.08 -4.35
N CYS A 398 -34.06 -5.72 -5.51
CA CYS A 398 -34.60 -6.15 -6.79
C CYS A 398 -33.50 -6.92 -7.52
N PHE A 399 -33.80 -8.14 -7.94
CA PHE A 399 -32.81 -9.07 -8.46
C PHE A 399 -33.00 -9.30 -9.96
N THR A 400 -31.92 -9.72 -10.62
CA THR A 400 -31.99 -9.98 -12.06
C THR A 400 -32.34 -11.43 -12.34
N ASN A 401 -31.51 -12.37 -11.88
CA ASN A 401 -31.69 -13.79 -12.15
C ASN A 401 -31.71 -14.54 -10.83
N VAL A 402 -32.85 -15.14 -10.49
CA VAL A 402 -32.97 -15.94 -9.27
C VAL A 402 -33.26 -17.40 -9.64
N TYR A 403 -32.40 -18.29 -9.15
CA TYR A 403 -32.49 -19.72 -9.39
C TYR A 403 -32.59 -20.44 -8.05
N ALA A 404 -33.31 -21.55 -8.02
CA ALA A 404 -33.46 -22.35 -6.82
C ALA A 404 -33.13 -23.80 -7.13
N ASP A 405 -32.35 -24.42 -6.25
CA ASP A 405 -31.84 -25.78 -6.44
C ASP A 405 -32.30 -26.60 -5.24
N SER A 406 -33.09 -27.64 -5.49
CA SER A 406 -33.63 -28.47 -4.43
C SER A 406 -33.11 -29.89 -4.55
N PHE A 407 -32.67 -30.45 -3.42
CA PHE A 407 -32.21 -31.83 -3.33
C PHE A 407 -32.25 -32.28 -1.87
N VAL A 408 -31.83 -33.52 -1.63
CA VAL A 408 -31.85 -34.14 -0.30
C VAL A 408 -30.50 -34.78 -0.04
N ILE A 409 -29.84 -34.38 1.05
CA ILE A 409 -28.51 -34.86 1.41
C ILE A 409 -28.54 -35.41 2.83
N LYS A 410 -27.38 -35.76 3.38
CA LYS A 410 -27.28 -36.20 4.76
C LYS A 410 -26.68 -35.10 5.63
N GLY A 411 -26.72 -35.32 6.95
CA GLY A 411 -26.39 -34.27 7.90
C GLY A 411 -24.91 -33.95 8.02
N ASN A 412 -24.04 -34.94 7.82
CA ASN A 412 -22.61 -34.66 7.75
C ASN A 412 -22.22 -33.85 6.52
N GLU A 413 -23.07 -33.83 5.49
CA GLU A 413 -22.76 -33.14 4.26
C GLU A 413 -23.48 -31.79 4.17
N VAL A 414 -24.19 -31.39 5.23
CA VAL A 414 -24.77 -30.06 5.29
C VAL A 414 -23.69 -29.00 5.42
N SER A 415 -22.62 -29.30 6.17
CA SER A 415 -21.47 -28.41 6.22
C SER A 415 -20.67 -28.41 4.92
N GLN A 416 -20.89 -29.38 4.03
CA GLN A 416 -20.17 -29.41 2.77
C GLN A 416 -20.69 -28.35 1.79
N ILE A 417 -21.99 -28.10 1.79
CA ILE A 417 -22.56 -27.16 0.82
C ILE A 417 -22.23 -25.72 1.23
N ALA A 418 -21.21 -25.16 0.57
CA ALA A 418 -20.58 -23.89 0.86
C ALA A 418 -19.63 -23.59 -0.28
N PRO A 419 -19.29 -22.31 -0.56
CA PRO A 419 -18.28 -22.03 -1.58
C PRO A 419 -16.90 -22.52 -1.17
N GLY A 420 -16.14 -22.99 -2.17
CA GLY A 420 -14.79 -23.45 -1.97
C GLY A 420 -14.63 -24.69 -1.11
N GLN A 421 -15.45 -25.72 -1.37
CA GLN A 421 -15.43 -26.94 -0.59
C GLN A 421 -15.21 -28.15 -1.50
N THR A 422 -14.71 -29.22 -0.91
CA THR A 422 -14.47 -30.49 -1.59
C THR A 422 -15.33 -31.58 -0.97
N GLY A 423 -15.18 -32.79 -1.49
CA GLY A 423 -16.00 -33.91 -1.06
C GLY A 423 -16.77 -34.51 -2.22
N ASN A 424 -17.17 -35.78 -2.09
CA ASN A 424 -17.81 -36.50 -3.19
C ASN A 424 -19.19 -35.96 -3.55
N ILE A 425 -19.84 -35.24 -2.64
CA ILE A 425 -21.07 -34.53 -2.99
C ILE A 425 -20.76 -33.11 -3.48
N ALA A 426 -19.56 -32.61 -3.22
CA ALA A 426 -19.18 -31.30 -3.75
C ALA A 426 -18.59 -31.41 -5.15
N ASP A 427 -17.44 -32.08 -5.28
CA ASP A 427 -16.75 -32.09 -6.56
C ASP A 427 -17.38 -33.02 -7.58
N TYR A 428 -18.01 -34.10 -7.14
CA TYR A 428 -18.64 -35.06 -8.05
C TYR A 428 -20.14 -34.91 -8.17
N ASN A 429 -20.80 -34.14 -7.30
CA ASN A 429 -22.25 -34.01 -7.43
C ASN A 429 -22.71 -32.58 -7.63
N TYR A 430 -22.33 -31.66 -6.74
CA TYR A 430 -22.84 -30.29 -6.79
C TYR A 430 -21.90 -29.38 -6.02
N LYS A 431 -21.24 -28.45 -6.72
CA LYS A 431 -20.27 -27.55 -6.12
C LYS A 431 -20.70 -26.12 -6.33
N LEU A 432 -20.66 -25.32 -5.25
CA LEU A 432 -20.90 -23.89 -5.35
C LEU A 432 -19.61 -23.16 -5.70
N PRO A 433 -19.68 -22.20 -6.62
CA PRO A 433 -18.49 -21.40 -6.94
C PRO A 433 -18.10 -20.49 -5.78
N ASP A 434 -16.84 -20.07 -5.78
CA ASP A 434 -16.35 -19.23 -4.69
C ASP A 434 -16.49 -17.75 -5.05
N ASP A 435 -17.69 -17.41 -5.54
CA ASP A 435 -18.19 -16.05 -5.67
C ASP A 435 -19.69 -16.00 -5.41
N PHE A 436 -20.17 -16.94 -4.60
CA PHE A 436 -21.60 -17.26 -4.53
C PHE A 436 -22.37 -16.19 -3.77
N THR A 437 -23.33 -15.57 -4.45
CA THR A 437 -24.24 -14.59 -3.85
C THR A 437 -25.60 -15.28 -3.77
N GLY A 438 -25.97 -15.71 -2.57
CA GLY A 438 -27.22 -16.42 -2.39
C GLY A 438 -27.32 -16.95 -0.97
N CYS A 439 -28.33 -17.78 -0.75
CA CYS A 439 -28.57 -18.36 0.56
C CYS A 439 -28.74 -19.87 0.47
N VAL A 440 -28.38 -20.54 1.57
CA VAL A 440 -28.49 -21.97 1.74
C VAL A 440 -29.52 -22.24 2.82
N ILE A 441 -30.52 -23.06 2.52
CA ILE A 441 -31.60 -23.36 3.44
C ILE A 441 -31.69 -24.87 3.59
N ALA A 442 -31.71 -25.35 4.83
CA ALA A 442 -31.71 -26.78 5.10
C ALA A 442 -32.60 -27.07 6.30
N TRP A 443 -33.30 -28.20 6.26
CA TRP A 443 -34.07 -28.61 7.42
C TRP A 443 -34.20 -30.13 7.44
N ASN A 444 -34.42 -30.67 8.65
CA ASN A 444 -34.44 -32.11 8.82
C ASN A 444 -35.73 -32.72 8.27
N SER A 445 -35.58 -33.77 7.47
CA SER A 445 -36.71 -34.51 6.89
C SER A 445 -36.47 -35.99 7.16
N ASN A 446 -36.88 -36.44 8.35
CA ASN A 446 -36.83 -37.84 8.72
C ASN A 446 -38.17 -38.53 8.55
N LYS A 447 -39.19 -37.80 8.11
CA LYS A 447 -40.58 -38.23 8.26
C LYS A 447 -41.31 -38.42 6.94
N LEU A 448 -40.79 -37.85 5.85
CA LEU A 448 -41.31 -38.11 4.52
C LEU A 448 -40.28 -38.76 3.60
N ASP A 449 -39.03 -38.92 4.06
CA ASP A 449 -37.95 -39.45 3.23
C ASP A 449 -37.28 -40.67 3.87
N SER A 450 -37.94 -41.33 4.81
CA SER A 450 -37.33 -42.45 5.51
C SER A 450 -38.41 -43.41 5.98
N LYS A 451 -38.19 -44.69 5.75
CA LYS A 451 -39.09 -45.75 6.21
C LYS A 451 -38.24 -46.89 6.77
N HIS A 452 -38.93 -47.91 7.31
CA HIS A 452 -38.26 -48.97 8.05
C HIS A 452 -37.40 -49.84 7.14
N SER A 453 -37.88 -50.13 5.92
CA SER A 453 -37.08 -50.88 4.97
C SER A 453 -36.03 -50.03 4.27
N GLY A 454 -36.08 -48.71 4.41
CA GLY A 454 -35.12 -47.83 3.80
C GLY A 454 -35.61 -47.19 2.52
N ASN A 455 -35.62 -45.86 2.47
CA ASN A 455 -36.04 -45.13 1.27
C ASN A 455 -34.84 -45.10 0.33
N TYR A 456 -34.98 -45.75 -0.83
CA TYR A 456 -33.90 -45.89 -1.79
C TYR A 456 -34.17 -45.13 -3.08
N ASP A 457 -34.93 -44.04 -3.00
CA ASP A 457 -35.21 -43.20 -4.15
C ASP A 457 -34.22 -42.07 -4.33
N TYR A 458 -33.19 -41.99 -3.47
CA TYR A 458 -32.20 -40.93 -3.52
C TYR A 458 -30.84 -41.55 -3.78
N TRP A 459 -30.26 -41.28 -4.95
CA TRP A 459 -29.02 -41.89 -5.40
C TRP A 459 -27.91 -40.86 -5.37
N TYR A 460 -26.78 -41.21 -4.74
CA TYR A 460 -25.67 -40.29 -4.51
C TYR A 460 -24.47 -40.86 -5.25
N ARG A 461 -24.12 -40.28 -6.40
CA ARG A 461 -23.05 -40.82 -7.23
C ARG A 461 -21.68 -40.55 -6.59
N SER A 462 -20.85 -41.59 -6.53
CA SER A 462 -19.54 -41.52 -5.90
C SER A 462 -18.37 -41.78 -6.83
N PHE A 463 -18.62 -42.08 -8.10
CA PHE A 463 -17.56 -42.34 -9.07
C PHE A 463 -17.71 -41.39 -10.25
N ARG A 464 -16.61 -40.74 -10.63
CA ARG A 464 -16.61 -39.81 -11.75
C ARG A 464 -15.18 -39.68 -12.26
N LYS A 465 -15.04 -39.49 -13.57
CA LYS A 465 -13.73 -39.38 -14.20
C LYS A 465 -12.97 -38.14 -13.73
N SER A 466 -13.63 -37.00 -13.65
CA SER A 466 -12.97 -35.75 -13.27
C SER A 466 -13.97 -34.85 -12.55
N LYS A 467 -13.42 -33.90 -11.79
CA LYS A 467 -14.25 -33.01 -10.97
C LYS A 467 -15.14 -32.12 -11.84
N LEU A 468 -16.35 -31.88 -11.35
CA LEU A 468 -17.33 -31.12 -12.12
C LEU A 468 -16.97 -29.65 -12.23
N LYS A 469 -17.43 -29.04 -13.31
CA LYS A 469 -17.46 -27.60 -13.44
C LYS A 469 -18.49 -27.03 -12.46
N PRO A 470 -18.35 -25.76 -12.07
CA PRO A 470 -19.38 -25.14 -11.22
C PRO A 470 -20.74 -25.08 -11.91
N PHE A 471 -21.77 -25.47 -11.15
CA PHE A 471 -23.18 -25.53 -11.57
C PHE A 471 -23.35 -26.45 -12.79
N GLU A 472 -23.06 -27.74 -12.57
CA GLU A 472 -23.04 -28.71 -13.67
C GLU A 472 -23.45 -30.07 -13.15
N ARG A 473 -24.16 -30.83 -14.00
CA ARG A 473 -24.63 -32.17 -13.66
C ARG A 473 -24.19 -33.18 -14.72
N ASP A 474 -23.98 -34.41 -14.27
CA ASP A 474 -23.84 -35.58 -15.14
C ASP A 474 -24.85 -36.63 -14.72
N ILE A 475 -25.52 -37.24 -15.70
CA ILE A 475 -26.68 -38.08 -15.44
C ILE A 475 -26.38 -39.50 -15.96
N SER A 476 -25.49 -39.58 -16.96
CA SER A 476 -25.29 -40.80 -17.73
C SER A 476 -24.74 -41.95 -16.89
N THR A 477 -25.27 -43.15 -17.13
CA THR A 477 -24.98 -44.33 -16.33
C THR A 477 -24.05 -45.24 -17.11
N GLU A 478 -22.75 -45.12 -16.85
CA GLU A 478 -21.75 -45.96 -17.49
C GLU A 478 -20.80 -46.51 -16.43
N ILE A 479 -20.25 -47.69 -16.72
CA ILE A 479 -19.52 -48.45 -15.69
C ILE A 479 -18.17 -47.81 -15.42
N TYR A 480 -17.83 -47.69 -14.14
CA TYR A 480 -16.60 -47.03 -13.70
C TYR A 480 -15.64 -48.10 -13.19
N GLN A 481 -14.55 -48.32 -13.91
CA GLN A 481 -13.56 -49.31 -13.54
C GLN A 481 -12.40 -48.66 -12.80
N ALA A 482 -12.09 -49.19 -11.62
CA ALA A 482 -10.97 -48.74 -10.82
C ALA A 482 -9.76 -49.66 -11.00
N GLY A 483 -9.34 -49.79 -12.25
CA GLY A 483 -8.22 -50.66 -12.57
C GLY A 483 -7.90 -50.61 -14.04
N ASN A 484 -6.77 -51.23 -14.39
CA ASN A 484 -6.34 -51.25 -15.79
C ASN A 484 -7.15 -52.21 -16.65
N LYS A 485 -7.74 -53.24 -16.06
CA LYS A 485 -8.50 -54.21 -16.83
C LYS A 485 -9.84 -53.62 -17.29
N PRO A 486 -10.27 -53.90 -18.52
CA PRO A 486 -11.57 -53.40 -19.02
C PRO A 486 -12.76 -54.24 -18.56
N CYS A 487 -13.23 -53.97 -17.35
CA CYS A 487 -14.31 -54.74 -16.74
C CYS A 487 -15.64 -54.30 -17.38
N LYS A 488 -16.05 -55.02 -18.42
CA LYS A 488 -17.31 -54.78 -19.09
C LYS A 488 -18.38 -55.64 -18.43
N GLY A 489 -19.34 -55.00 -17.77
CA GLY A 489 -20.32 -55.72 -16.99
C GLY A 489 -19.91 -55.78 -15.53
N LYS A 490 -20.86 -55.50 -14.63
CA LYS A 490 -20.58 -55.25 -13.22
C LYS A 490 -19.94 -56.45 -12.52
N GLY A 491 -18.81 -56.21 -11.86
CA GLY A 491 -18.05 -57.27 -11.24
C GLY A 491 -16.82 -56.77 -10.50
N PRO A 492 -15.69 -57.45 -10.65
CA PRO A 492 -14.47 -57.04 -9.94
C PRO A 492 -13.85 -55.80 -10.55
N ASN A 493 -13.56 -54.82 -9.69
CA ASN A 493 -12.87 -53.55 -9.94
C ASN A 493 -13.65 -52.57 -10.81
N CYS A 494 -14.83 -52.94 -11.32
CA CYS A 494 -15.67 -52.04 -12.09
C CYS A 494 -16.96 -51.80 -11.31
N TYR A 495 -17.29 -50.53 -11.08
CA TYR A 495 -18.31 -50.17 -10.10
C TYR A 495 -19.37 -49.28 -10.73
N PHE A 496 -20.61 -49.46 -10.28
CA PHE A 496 -21.71 -48.60 -10.69
C PHE A 496 -21.48 -47.19 -10.14
N PRO A 497 -21.74 -46.15 -10.94
CA PRO A 497 -21.59 -44.78 -10.43
C PRO A 497 -22.59 -44.41 -9.33
N LEU A 498 -23.87 -44.67 -9.55
CA LEU A 498 -24.90 -44.34 -8.57
C LEU A 498 -24.81 -45.24 -7.35
N GLN A 499 -25.18 -44.67 -6.20
CA GLN A 499 -25.09 -45.39 -4.93
C GLN A 499 -26.06 -44.74 -3.96
N SER A 500 -27.07 -45.49 -3.53
CA SER A 500 -28.11 -44.99 -2.65
C SER A 500 -27.87 -45.49 -1.23
N TYR A 501 -27.97 -44.59 -0.25
CA TYR A 501 -27.81 -44.98 1.14
C TYR A 501 -29.14 -45.38 1.77
N GLY A 502 -29.05 -45.95 2.97
CA GLY A 502 -30.23 -46.38 3.70
C GLY A 502 -30.83 -45.22 4.49
N PHE A 503 -32.13 -45.02 4.32
CA PHE A 503 -32.84 -43.86 4.88
C PHE A 503 -33.91 -44.40 5.83
N ARG A 504 -33.65 -44.33 7.13
CA ARG A 504 -34.52 -44.90 8.15
C ARG A 504 -34.87 -43.86 9.19
N PRO A 505 -36.08 -43.93 9.78
CA PRO A 505 -36.46 -42.93 10.78
C PRO A 505 -35.68 -43.00 12.07
N THR A 506 -35.27 -44.20 12.50
CA THR A 506 -34.49 -44.38 13.72
C THR A 506 -33.01 -44.56 13.43
N TYR A 507 -32.54 -44.11 12.27
CA TYR A 507 -31.16 -44.31 11.87
C TYR A 507 -30.29 -43.28 12.58
N GLY A 508 -28.97 -43.45 12.48
CA GLY A 508 -28.04 -42.74 13.36
C GLY A 508 -28.01 -41.24 13.12
N VAL A 509 -27.82 -40.50 14.22
CA VAL A 509 -27.83 -39.04 14.19
C VAL A 509 -26.55 -38.53 13.55
N GLY A 510 -26.71 -37.61 12.60
CA GLY A 510 -25.59 -37.13 11.81
C GLY A 510 -25.65 -37.68 10.41
N HIS A 511 -25.96 -38.96 10.28
CA HIS A 511 -26.21 -39.58 9.00
C HIS A 511 -27.68 -39.51 8.59
N GLN A 512 -28.48 -38.73 9.31
CA GLN A 512 -29.90 -38.60 9.06
C GLN A 512 -30.15 -37.83 7.76
N PRO A 513 -31.27 -38.11 7.09
CA PRO A 513 -31.65 -37.30 5.91
C PRO A 513 -31.98 -35.86 6.27
N TYR A 514 -31.65 -34.96 5.33
CA TYR A 514 -31.86 -33.54 5.44
C TYR A 514 -32.23 -33.02 4.06
N ARG A 515 -33.10 -32.02 4.02
CA ARG A 515 -33.68 -31.52 2.78
C ARG A 515 -33.19 -30.09 2.57
N VAL A 516 -32.60 -29.82 1.39
CA VAL A 516 -31.82 -28.62 1.16
C VAL A 516 -32.33 -27.91 -0.09
N VAL A 517 -32.63 -26.61 0.06
CA VAL A 517 -32.87 -25.71 -1.06
C VAL A 517 -31.83 -24.60 -0.98
N VAL A 518 -31.04 -24.46 -2.05
CA VAL A 518 -30.07 -23.38 -2.17
C VAL A 518 -30.51 -22.45 -3.30
N LEU A 519 -30.56 -21.16 -3.01
CA LEU A 519 -31.11 -20.19 -3.95
C LEU A 519 -30.08 -19.10 -4.23
N SER A 520 -29.85 -18.84 -5.52
CA SER A 520 -28.76 -18.04 -6.00
C SER A 520 -29.29 -16.84 -6.80
N PHE A 521 -28.57 -15.73 -6.66
CA PHE A 521 -28.96 -14.43 -7.17
C PHE A 521 -27.98 -13.97 -8.24
N GLU A 522 -28.22 -12.76 -8.74
CA GLU A 522 -27.23 -12.01 -9.52
C GLU A 522 -27.52 -10.52 -9.29
N LEU A 523 -26.80 -9.91 -8.35
CA LEU A 523 -27.03 -8.52 -7.98
C LEU A 523 -26.08 -7.60 -8.75
N LEU A 524 -26.65 -6.66 -9.49
CA LEU A 524 -25.91 -5.65 -10.22
C LEU A 524 -26.62 -4.32 -10.08
N HIS A 525 -25.93 -3.24 -10.44
CA HIS A 525 -26.46 -1.90 -10.30
C HIS A 525 -27.41 -1.53 -11.43
N ALA A 526 -27.42 -2.32 -12.51
CA ALA A 526 -28.33 -2.12 -13.63
C ALA A 526 -29.78 -2.41 -13.22
N PRO A 527 -30.75 -1.89 -13.98
CA PRO A 527 -32.16 -2.30 -13.77
C PRO A 527 -32.36 -3.79 -13.96
N ALA A 528 -33.24 -4.34 -13.14
CA ALA A 528 -33.39 -5.78 -12.95
C ALA A 528 -34.78 -6.26 -13.38
N THR A 529 -35.06 -7.52 -13.09
CA THR A 529 -36.30 -8.17 -13.53
C THR A 529 -37.25 -8.46 -12.38
N VAL A 530 -36.82 -9.19 -11.36
CA VAL A 530 -37.67 -9.55 -10.22
C VAL A 530 -37.34 -8.64 -9.04
N CYS A 531 -38.35 -7.93 -8.56
CA CYS A 531 -38.21 -6.96 -7.49
C CYS A 531 -38.99 -7.44 -6.26
N GLY A 532 -38.89 -6.67 -5.18
CA GLY A 532 -39.66 -6.91 -3.99
C GLY A 532 -40.99 -6.18 -4.01
N PRO A 533 -41.85 -6.43 -3.02
CA PRO A 533 -43.13 -5.73 -2.97
C PRO A 533 -43.07 -4.33 -2.39
N LYS A 534 -43.14 -3.32 -3.27
CA LYS A 534 -43.19 -1.93 -2.87
C LYS A 534 -44.12 -1.18 -3.81
N LYS A 535 -44.58 -0.01 -3.37
CA LYS A 535 -45.50 0.80 -4.15
C LYS A 535 -44.76 1.48 -5.31
N SER A 536 -45.53 2.08 -6.21
CA SER A 536 -44.99 2.63 -7.44
C SER A 536 -45.08 4.16 -7.53
N THR A 537 -45.60 4.82 -6.48
CA THR A 537 -45.68 6.28 -6.29
C THR A 537 -46.14 7.05 -7.54
N ASN A 538 -45.43 8.13 -7.87
CA ASN A 538 -45.68 8.91 -9.06
C ASN A 538 -44.35 9.42 -9.60
N LEU A 539 -44.35 9.84 -10.85
CA LEU A 539 -43.14 10.40 -11.48
C LEU A 539 -43.17 11.91 -11.35
N VAL A 540 -42.18 12.46 -10.65
CA VAL A 540 -42.06 13.90 -10.41
C VAL A 540 -40.83 14.40 -11.15
N LYS A 541 -41.02 15.42 -11.97
CA LYS A 541 -39.97 15.96 -12.81
C LYS A 541 -39.57 17.36 -12.35
N ASN A 542 -38.36 17.77 -12.78
CA ASN A 542 -37.79 19.10 -12.54
C ASN A 542 -37.66 19.44 -11.05
N LYS A 543 -37.44 18.43 -10.22
CA LYS A 543 -37.26 18.62 -8.78
C LYS A 543 -36.17 17.70 -8.28
N CYS A 544 -35.50 18.13 -7.21
CA CYS A 544 -34.46 17.33 -6.57
C CYS A 544 -35.15 16.26 -5.73
N VAL A 545 -35.13 15.02 -6.21
CA VAL A 545 -35.78 13.90 -5.52
C VAL A 545 -34.83 12.72 -5.47
N ASN A 546 -35.12 11.79 -4.56
CA ASN A 546 -34.49 10.49 -4.55
C ASN A 546 -35.32 9.54 -5.41
N PHE A 547 -34.66 8.81 -6.30
CA PHE A 547 -35.34 7.98 -7.28
C PHE A 547 -34.87 6.54 -7.19
N ASN A 548 -35.74 5.63 -7.61
CA ASN A 548 -35.48 4.19 -7.54
C ASN A 548 -36.20 3.54 -8.72
N PHE A 549 -35.47 3.32 -9.81
CA PHE A 549 -35.99 2.65 -11.00
C PHE A 549 -35.41 1.25 -11.06
N ASN A 550 -36.24 0.24 -10.77
CA ASN A 550 -35.91 -1.19 -10.88
C ASN A 550 -34.72 -1.58 -10.00
N GLY A 551 -34.61 -0.97 -8.82
CA GLY A 551 -33.48 -1.19 -7.96
C GLY A 551 -32.31 -0.28 -8.23
N LEU A 552 -32.30 0.41 -9.37
CA LEU A 552 -31.31 1.43 -9.69
C LEU A 552 -31.69 2.68 -8.91
N THR A 553 -30.97 2.94 -7.82
CA THR A 553 -31.31 4.03 -6.93
C THR A 553 -30.35 5.21 -7.13
N GLY A 554 -30.80 6.38 -6.71
CA GLY A 554 -29.97 7.56 -6.84
C GLY A 554 -30.70 8.79 -6.33
N THR A 555 -30.05 9.93 -6.51
CA THR A 555 -30.58 11.23 -6.10
C THR A 555 -30.31 12.25 -7.18
N GLY A 556 -31.33 12.98 -7.60
CA GLY A 556 -31.13 13.99 -8.62
C GLY A 556 -32.44 14.53 -9.16
N VAL A 557 -32.33 15.17 -10.32
CA VAL A 557 -33.42 15.84 -11.00
C VAL A 557 -33.68 15.08 -12.31
N LEU A 558 -34.93 14.67 -12.51
CA LEU A 558 -35.34 13.92 -13.69
C LEU A 558 -36.05 14.85 -14.66
N THR A 559 -35.57 14.90 -15.89
CA THR A 559 -36.19 15.66 -16.96
C THR A 559 -36.51 14.73 -18.12
N LYS A 560 -37.02 15.30 -19.21
CA LYS A 560 -37.29 14.56 -20.43
C LYS A 560 -36.21 14.89 -21.47
N SER A 561 -35.63 13.86 -22.06
CA SER A 561 -34.54 14.03 -23.02
C SER A 561 -34.89 13.35 -24.33
N ASN A 562 -34.33 13.87 -25.41
CA ASN A 562 -34.55 13.35 -26.76
C ASN A 562 -33.43 12.40 -27.19
N LYS A 563 -33.23 11.36 -26.37
CA LYS A 563 -32.25 10.32 -26.67
C LYS A 563 -32.96 9.13 -27.30
N LYS A 564 -32.42 8.67 -28.44
CA LYS A 564 -33.06 7.62 -29.23
C LYS A 564 -32.61 6.27 -28.69
N PHE A 565 -33.30 5.79 -27.66
CA PHE A 565 -33.04 4.46 -27.12
C PHE A 565 -33.64 3.40 -28.02
N LEU A 566 -32.85 2.38 -28.33
CA LEU A 566 -33.37 1.21 -29.01
C LEU A 566 -34.29 0.43 -28.06
N PRO A 567 -35.26 -0.33 -28.59
CA PRO A 567 -36.26 -0.97 -27.70
C PRO A 567 -35.71 -1.99 -26.71
N PHE A 568 -34.51 -2.52 -26.92
CA PHE A 568 -33.90 -3.35 -25.88
C PHE A 568 -33.14 -2.51 -24.87
N GLN A 569 -32.61 -1.36 -25.29
CA GLN A 569 -31.75 -0.54 -24.43
C GLN A 569 -32.56 0.09 -23.31
N GLN A 570 -32.21 -0.25 -22.06
CA GLN A 570 -32.98 0.19 -20.91
C GLN A 570 -32.45 1.51 -20.34
N PHE A 571 -31.18 1.54 -19.93
CA PHE A 571 -30.64 2.72 -19.27
C PHE A 571 -29.38 3.17 -20.00
N GLY A 572 -29.20 4.49 -20.06
CA GLY A 572 -28.03 5.07 -20.70
C GLY A 572 -26.91 5.32 -19.71
N ARG A 573 -25.72 5.55 -20.26
CA ARG A 573 -24.53 5.78 -19.46
C ARG A 573 -23.51 6.52 -20.31
N ASP A 574 -23.03 7.64 -19.81
CA ASP A 574 -22.13 8.52 -20.55
C ASP A 574 -20.67 8.07 -20.35
N ILE A 575 -19.72 8.96 -20.65
CA ILE A 575 -18.30 8.69 -20.47
C ILE A 575 -18.02 8.52 -18.97
N VAL A 576 -16.94 7.77 -18.65
CA VAL A 576 -16.41 7.42 -17.33
C VAL A 576 -17.45 6.83 -16.38
N ASP A 577 -18.45 6.16 -16.95
CA ASP A 577 -19.36 5.24 -16.27
C ASP A 577 -20.19 5.91 -15.17
N THR A 578 -20.99 6.87 -15.59
CA THR A 578 -22.01 7.47 -14.74
C THR A 578 -23.36 7.33 -15.41
N THR A 579 -24.39 7.00 -14.62
CA THR A 579 -25.73 6.80 -15.17
C THR A 579 -26.33 8.14 -15.59
N ASP A 580 -26.77 8.22 -16.84
CA ASP A 580 -27.24 9.47 -17.41
C ASP A 580 -28.72 9.46 -17.75
N ALA A 581 -29.29 8.33 -18.16
CA ALA A 581 -30.69 8.28 -18.54
C ALA A 581 -31.27 6.93 -18.16
N VAL A 582 -32.59 6.92 -17.90
CA VAL A 582 -33.35 5.72 -17.57
C VAL A 582 -34.64 5.69 -18.38
N ARG A 583 -35.37 4.59 -18.22
CA ARG A 583 -36.71 4.43 -18.77
C ARG A 583 -37.64 4.01 -17.66
N ASP A 584 -38.79 4.66 -17.56
CA ASP A 584 -39.76 4.36 -16.52
C ASP A 584 -40.38 2.99 -16.78
N PRO A 585 -40.42 2.10 -15.78
CA PRO A 585 -41.07 0.79 -15.99
C PRO A 585 -42.58 0.85 -16.23
N GLN A 586 -43.26 1.92 -15.81
CA GLN A 586 -44.71 1.98 -16.02
C GLN A 586 -45.04 2.36 -17.46
N THR A 587 -44.64 3.55 -17.89
CA THR A 587 -44.76 3.97 -19.29
C THR A 587 -43.37 4.20 -19.85
N LEU A 588 -43.17 3.85 -21.11
CA LEU A 588 -41.80 3.77 -21.64
C LEU A 588 -41.39 5.18 -22.09
N GLU A 589 -40.78 5.93 -21.17
CA GLU A 589 -40.40 7.31 -21.39
C GLU A 589 -38.93 7.51 -21.06
N ILE A 590 -38.24 8.29 -21.87
CA ILE A 590 -36.81 8.52 -21.73
C ILE A 590 -36.62 9.63 -20.70
N LEU A 591 -36.01 9.30 -19.56
CA LEU A 591 -35.80 10.26 -18.48
C LEU A 591 -34.32 10.56 -18.33
N ASP A 592 -33.98 11.84 -18.27
CA ASP A 592 -32.61 12.28 -18.08
C ASP A 592 -32.37 12.57 -16.61
N ILE A 593 -31.20 12.16 -16.12
CA ILE A 593 -30.81 12.34 -14.72
C ILE A 593 -29.70 13.37 -14.65
N THR A 594 -29.91 14.41 -13.86
CA THR A 594 -28.80 15.29 -13.53
C THR A 594 -28.69 15.41 -12.01
N PRO A 595 -27.49 15.45 -11.45
CA PRO A 595 -27.37 15.53 -9.99
C PRO A 595 -27.69 16.92 -9.48
N CYS A 596 -28.09 16.96 -8.21
CA CYS A 596 -28.56 18.20 -7.61
C CYS A 596 -27.38 19.13 -7.35
N SER A 597 -27.65 20.44 -7.42
CA SER A 597 -26.58 21.43 -7.49
C SER A 597 -25.83 21.55 -6.16
N PHE A 598 -24.53 21.83 -6.26
CA PHE A 598 -23.65 21.89 -5.11
C PHE A 598 -22.55 22.90 -5.42
N GLY A 599 -21.75 23.20 -4.40
CA GLY A 599 -20.59 24.02 -4.63
C GLY A 599 -20.00 24.51 -3.33
N GLY A 600 -19.03 25.42 -3.45
CA GLY A 600 -18.41 26.00 -2.29
C GLY A 600 -19.06 27.28 -1.82
N VAL A 601 -18.82 27.64 -0.57
CA VAL A 601 -19.35 28.86 0.02
C VAL A 601 -18.17 29.66 0.54
N SER A 602 -17.94 30.83 -0.04
CA SER A 602 -16.87 31.72 0.37
C SER A 602 -17.45 32.91 1.12
N VAL A 603 -16.76 33.36 2.15
CA VAL A 603 -17.23 34.46 2.99
C VAL A 603 -16.25 35.61 2.86
N ILE A 604 -16.77 36.75 2.41
CA ILE A 604 -15.98 37.96 2.19
C ILE A 604 -16.20 38.90 3.35
N THR A 605 -15.10 39.31 3.98
CA THR A 605 -15.17 40.20 5.13
C THR A 605 -14.05 41.21 5.06
N PRO A 606 -14.24 42.39 5.64
CA PRO A 606 -13.09 43.23 6.02
C PRO A 606 -12.47 42.73 7.30
N GLY A 607 -11.57 43.51 7.90
CA GLY A 607 -11.07 43.16 9.21
C GLY A 607 -12.18 43.16 10.24
N THR A 608 -12.08 42.26 11.21
CA THR A 608 -13.11 42.19 12.24
C THR A 608 -13.01 43.34 13.23
N ASN A 609 -11.88 44.05 13.26
CA ASN A 609 -11.79 45.32 13.98
C ASN A 609 -12.42 46.46 13.22
N THR A 610 -12.59 46.33 11.90
CA THR A 610 -13.27 47.36 11.13
C THR A 610 -14.78 47.23 11.23
N SER A 611 -15.32 46.05 10.95
CA SER A 611 -16.76 45.83 10.95
C SER A 611 -17.03 44.35 11.14
N ASN A 612 -18.31 44.02 11.28
CA ASN A 612 -18.75 42.64 11.41
C ASN A 612 -19.66 42.18 10.27
N GLN A 613 -19.90 43.02 9.27
CA GLN A 613 -20.71 42.63 8.12
C GLN A 613 -19.90 41.74 7.19
N VAL A 614 -20.55 40.71 6.66
CA VAL A 614 -19.93 39.78 5.72
C VAL A 614 -20.82 39.65 4.50
N ALA A 615 -20.22 39.22 3.39
CA ALA A 615 -20.93 38.85 2.17
C ALA A 615 -20.65 37.39 1.88
N VAL A 616 -21.58 36.72 1.21
CA VAL A 616 -21.51 35.29 0.98
C VAL A 616 -21.55 35.05 -0.53
N LEU A 617 -20.58 34.29 -1.03
CA LEU A 617 -20.51 33.90 -2.43
C LEU A 617 -20.75 32.41 -2.54
N TYR A 618 -21.84 32.03 -3.21
CA TYR A 618 -22.12 30.63 -3.54
C TYR A 618 -21.50 30.36 -4.90
N GLN A 619 -20.45 29.53 -4.94
CA GLN A 619 -19.61 29.44 -6.11
C GLN A 619 -20.21 28.53 -7.18
N GLY A 620 -20.17 29.00 -8.42
CA GLY A 620 -20.56 28.21 -9.57
C GLY A 620 -22.02 27.83 -9.65
N VAL A 621 -22.90 28.74 -9.27
CA VAL A 621 -24.34 28.45 -9.29
C VAL A 621 -25.07 29.68 -9.81
N ASN A 622 -26.13 29.44 -10.59
CA ASN A 622 -27.06 30.47 -10.98
C ASN A 622 -28.05 30.63 -9.84
N CYS A 623 -28.11 31.82 -9.24
CA CYS A 623 -28.92 32.00 -8.03
C CYS A 623 -30.36 32.34 -8.31
N THR A 624 -30.87 32.03 -9.50
CA THR A 624 -32.31 31.87 -9.66
C THR A 624 -32.80 30.68 -8.84
N GLU A 625 -32.03 29.59 -8.83
CA GLU A 625 -32.40 28.39 -8.09
C GLU A 625 -31.88 28.38 -6.65
N VAL A 626 -30.99 29.30 -6.28
CA VAL A 626 -30.58 29.39 -4.88
C VAL A 626 -31.71 29.97 -4.04
N SER A 627 -32.42 30.96 -4.57
CA SER A 627 -33.50 31.62 -3.83
C SER A 627 -34.68 30.68 -3.60
N VAL A 628 -34.97 29.80 -4.56
CA VAL A 628 -36.08 28.86 -4.35
C VAL A 628 -35.63 27.63 -3.57
N ALA A 629 -34.32 27.41 -3.42
CA ALA A 629 -33.83 26.30 -2.62
C ALA A 629 -33.88 26.59 -1.13
N ILE A 630 -34.13 27.83 -0.74
CA ILE A 630 -34.22 28.18 0.68
C ILE A 630 -35.56 27.66 1.19
N HIS A 631 -35.51 26.63 2.04
CA HIS A 631 -36.69 25.95 2.57
C HIS A 631 -36.64 25.99 4.08
N ALA A 632 -37.57 25.27 4.72
CA ALA A 632 -37.70 25.28 6.17
C ALA A 632 -36.78 24.22 6.77
N ASP A 633 -35.54 24.65 7.10
CA ASP A 633 -34.53 23.85 7.80
C ASP A 633 -34.17 22.57 7.04
N GLN A 634 -33.78 22.73 5.78
CA GLN A 634 -33.42 21.59 4.95
C GLN A 634 -31.95 21.58 4.53
N LEU A 635 -31.42 22.71 4.04
CA LEU A 635 -30.17 22.74 3.29
C LEU A 635 -28.97 22.44 4.19
N THR A 636 -27.84 22.17 3.53
CA THR A 636 -26.60 21.87 4.25
C THR A 636 -26.04 23.03 5.11
N PRO A 637 -25.97 24.29 4.68
CA PRO A 637 -25.59 25.31 5.67
C PRO A 637 -26.80 25.70 6.50
N THR A 638 -26.67 25.55 7.83
CA THR A 638 -27.79 25.74 8.73
C THR A 638 -28.24 27.19 8.77
N TRP A 639 -27.29 28.13 8.73
CA TRP A 639 -27.64 29.54 8.56
C TRP A 639 -28.20 29.75 7.16
N ARG A 640 -29.38 30.36 7.09
CA ARG A 640 -30.00 30.68 5.82
C ARG A 640 -30.64 32.07 5.77
N VAL A 641 -30.97 32.67 6.91
CA VAL A 641 -31.56 34.00 6.89
C VAL A 641 -30.44 35.03 6.82
N TYR A 642 -30.60 35.98 5.90
CA TYR A 642 -29.64 37.04 5.66
C TYR A 642 -30.37 38.08 4.84
N SER A 643 -29.91 39.34 4.92
CA SER A 643 -30.59 40.44 4.25
C SER A 643 -30.55 40.29 2.73
N THR A 644 -31.71 40.01 2.12
CA THR A 644 -31.75 39.80 0.69
C THR A 644 -31.74 41.13 -0.06
N GLY A 645 -32.82 41.93 0.09
CA GLY A 645 -32.97 43.27 -0.47
C GLY A 645 -32.62 43.45 -1.94
N SER A 646 -31.62 44.28 -2.19
CA SER A 646 -31.00 44.41 -3.50
C SER A 646 -29.55 43.94 -3.49
N ASN A 647 -29.18 43.12 -2.50
CA ASN A 647 -27.80 42.66 -2.34
C ASN A 647 -27.47 41.46 -3.21
N VAL A 648 -28.45 40.83 -3.84
CA VAL A 648 -28.20 39.65 -4.66
C VAL A 648 -27.71 40.11 -6.04
N PHE A 649 -26.55 39.60 -6.45
CA PHE A 649 -25.93 39.96 -7.71
C PHE A 649 -25.35 38.70 -8.34
N GLN A 650 -25.56 38.54 -9.65
CA GLN A 650 -25.12 37.35 -10.36
C GLN A 650 -23.76 37.61 -11.00
N THR A 651 -22.76 36.85 -10.58
CA THR A 651 -21.39 36.97 -11.02
C THR A 651 -21.07 35.76 -11.90
N ARG A 652 -20.02 35.86 -12.72
CA ARG A 652 -19.55 34.68 -13.43
C ARG A 652 -18.84 33.69 -12.51
N ALA A 653 -18.44 34.13 -11.31
CA ALA A 653 -17.86 33.23 -10.32
C ALA A 653 -18.90 32.51 -9.48
N GLY A 654 -20.14 32.98 -9.48
CA GLY A 654 -21.19 32.39 -8.67
C GLY A 654 -22.28 33.39 -8.37
N CYS A 655 -22.87 33.34 -7.17
CA CYS A 655 -23.81 34.37 -6.77
C CYS A 655 -23.33 35.05 -5.49
N LEU A 656 -23.40 36.37 -5.50
CA LEU A 656 -22.94 37.20 -4.40
C LEU A 656 -24.14 37.77 -3.66
N ILE A 657 -24.21 37.54 -2.35
CA ILE A 657 -25.30 38.02 -1.52
C ILE A 657 -24.69 38.80 -0.36
N GLY A 658 -25.02 40.08 -0.26
CA GLY A 658 -24.49 40.93 0.79
C GLY A 658 -23.67 42.10 0.31
N ALA A 659 -23.48 42.27 -0.99
CA ALA A 659 -22.73 43.39 -1.54
C ALA A 659 -23.55 44.06 -2.63
N GLU A 660 -23.41 45.38 -2.72
CA GLU A 660 -24.14 46.18 -3.69
C GLU A 660 -23.24 46.52 -4.87
N TYR A 661 -23.70 46.24 -6.08
CA TYR A 661 -22.93 46.53 -7.28
C TYR A 661 -23.09 48.00 -7.65
N VAL A 662 -21.96 48.62 -8.02
CA VAL A 662 -21.92 50.04 -8.37
C VAL A 662 -21.29 50.19 -9.74
N ASN A 663 -21.61 51.30 -10.40
CA ASN A 663 -21.01 51.63 -11.70
C ASN A 663 -19.75 52.46 -11.56
N ASN A 664 -18.84 52.01 -10.69
CA ASN A 664 -17.56 52.66 -10.49
C ASN A 664 -16.47 51.59 -10.60
N SER A 665 -15.24 52.05 -10.81
CA SER A 665 -14.10 51.16 -10.93
C SER A 665 -13.00 51.64 -10.00
N TYR A 666 -12.51 50.74 -9.15
CA TYR A 666 -11.42 51.03 -8.23
C TYR A 666 -10.34 49.97 -8.41
N GLU A 667 -9.25 50.13 -7.68
CA GLU A 667 -8.25 49.09 -7.56
C GLU A 667 -8.84 47.93 -6.76
N CYS A 668 -8.44 46.70 -7.11
CA CYS A 668 -8.97 45.52 -6.45
C CYS A 668 -8.52 45.46 -4.99
N ASP A 669 -9.50 45.30 -4.09
CA ASP A 669 -9.24 45.16 -2.66
C ASP A 669 -9.35 43.70 -2.24
N ILE A 670 -10.50 43.08 -2.46
CA ILE A 670 -10.73 41.66 -2.18
C ILE A 670 -11.14 41.00 -3.48
N PRO A 671 -10.35 40.08 -4.02
CA PRO A 671 -10.65 39.51 -5.35
C PRO A 671 -11.74 38.44 -5.27
N ILE A 672 -12.83 38.66 -5.98
CA ILE A 672 -13.89 37.65 -6.08
C ILE A 672 -13.68 36.76 -7.31
N GLY A 673 -13.52 37.36 -8.47
CA GLY A 673 -13.23 36.61 -9.68
C GLY A 673 -13.91 37.21 -10.90
N ALA A 674 -13.45 36.78 -12.07
CA ALA A 674 -13.94 37.20 -13.39
C ALA A 674 -13.89 38.72 -13.59
N GLY A 675 -12.87 39.36 -13.03
CA GLY A 675 -12.76 40.80 -13.12
C GLY A 675 -13.56 41.57 -12.10
N ILE A 676 -14.14 40.90 -11.11
CA ILE A 676 -15.01 41.54 -10.12
C ILE A 676 -14.37 41.40 -8.76
N CYS A 677 -14.25 42.51 -8.04
CA CYS A 677 -13.71 42.58 -6.68
C CYS A 677 -14.73 43.21 -5.75
N ALA A 678 -14.41 43.23 -4.46
CA ALA A 678 -15.26 43.80 -3.44
C ALA A 678 -14.42 44.61 -2.47
N SER A 679 -15.07 45.56 -1.80
CA SER A 679 -14.41 46.41 -0.82
C SER A 679 -15.43 46.89 0.19
N TYR A 680 -14.93 47.54 1.25
CA TYR A 680 -15.77 48.06 2.34
C TYR A 680 -15.59 49.57 2.38
N GLN A 681 -16.55 50.30 1.81
CA GLN A 681 -16.40 51.74 1.64
C GLN A 681 -17.70 52.45 2.01
N THR A 682 -17.61 53.77 2.08
CA THR A 682 -18.76 54.62 2.33
C THR A 682 -19.55 54.85 1.05
N GLN A 683 -20.79 55.30 1.22
CA GLN A 683 -21.64 55.64 0.09
C GLN A 683 -22.31 56.98 0.32
N SER A 695 -24.15 54.22 5.84
CA SER A 695 -23.00 54.87 5.23
C SER A 695 -21.96 53.85 4.79
N GLN A 696 -21.30 53.23 5.76
CA GLN A 696 -20.26 52.24 5.47
C GLN A 696 -20.92 50.90 5.13
N SER A 697 -20.54 50.34 3.98
CA SER A 697 -21.09 49.06 3.56
C SER A 697 -20.12 48.38 2.60
N ILE A 698 -20.43 47.14 2.27
CA ILE A 698 -19.61 46.34 1.36
C ILE A 698 -20.17 46.50 -0.04
N ILE A 699 -19.30 46.94 -0.97
CA ILE A 699 -19.68 47.11 -2.37
C ILE A 699 -18.88 46.14 -3.22
N ALA A 700 -19.39 45.90 -4.42
CA ALA A 700 -18.74 45.07 -5.42
C ALA A 700 -18.61 45.86 -6.71
N TYR A 701 -17.46 45.72 -7.37
CA TYR A 701 -17.17 46.52 -8.56
C TYR A 701 -16.33 45.70 -9.52
N THR A 702 -16.02 46.29 -10.67
CA THR A 702 -15.07 45.74 -11.62
C THR A 702 -13.70 46.39 -11.43
N MET A 703 -12.67 45.66 -11.86
CA MET A 703 -11.29 46.14 -11.71
C MET A 703 -11.03 47.33 -12.62
N SER A 704 -10.31 48.31 -12.09
CA SER A 704 -9.73 49.37 -12.91
C SER A 704 -8.26 49.04 -13.12
N LEU A 705 -7.86 48.94 -14.38
CA LEU A 705 -6.49 48.54 -14.68
C LEU A 705 -5.50 49.68 -14.47
N GLY A 706 -5.95 50.92 -14.59
CA GLY A 706 -5.09 52.05 -14.34
C GLY A 706 -5.68 53.32 -14.93
N ALA A 707 -4.94 54.41 -14.73
CA ALA A 707 -5.36 55.69 -15.26
C ALA A 707 -5.18 55.74 -16.76
N GLU A 708 -6.09 56.42 -17.45
CA GLU A 708 -6.03 56.51 -18.90
C GLU A 708 -5.05 57.59 -19.31
N ASN A 709 -4.16 57.27 -20.24
CA ASN A 709 -3.14 58.19 -20.71
C ASN A 709 -3.12 58.15 -22.23
N SER A 710 -2.78 59.29 -22.82
CA SER A 710 -2.57 59.41 -24.27
C SER A 710 -1.28 60.17 -24.50
N VAL A 711 -0.31 59.52 -25.14
CA VAL A 711 0.95 60.17 -25.45
C VAL A 711 0.79 60.97 -26.73
N ALA A 712 1.24 62.23 -26.71
CA ALA A 712 1.06 63.14 -27.83
C ALA A 712 2.10 62.83 -28.91
N TYR A 713 1.85 61.74 -29.63
CA TYR A 713 2.76 61.35 -30.70
C TYR A 713 2.55 62.26 -31.91
N SER A 714 3.65 62.73 -32.49
CA SER A 714 3.61 63.59 -33.66
C SER A 714 4.76 63.20 -34.58
N ASN A 715 4.77 63.81 -35.77
CA ASN A 715 5.81 63.53 -36.76
C ASN A 715 7.17 64.01 -36.28
N ASN A 716 7.20 65.18 -35.65
CA ASN A 716 8.43 65.89 -35.34
C ASN A 716 8.37 66.53 -33.97
N SER A 717 7.86 65.81 -32.97
CA SER A 717 7.80 66.32 -31.61
C SER A 717 8.48 65.36 -30.66
N ILE A 718 9.24 65.91 -29.71
CA ILE A 718 9.94 65.11 -28.72
C ILE A 718 9.71 65.74 -27.35
N ALA A 719 9.85 64.91 -26.31
CA ALA A 719 9.79 65.36 -24.93
C ALA A 719 11.11 65.02 -24.25
N ILE A 720 11.73 66.01 -23.62
CA ILE A 720 13.05 65.79 -23.01
C ILE A 720 13.03 66.25 -21.56
N PRO A 721 13.53 65.45 -20.62
CA PRO A 721 13.50 65.84 -19.21
C PRO A 721 14.53 66.89 -18.86
N THR A 722 14.12 67.85 -18.03
CA THR A 722 14.97 68.94 -17.59
C THR A 722 15.41 68.80 -16.14
N ASN A 723 15.11 67.67 -15.51
CA ASN A 723 15.44 67.43 -14.11
C ASN A 723 15.49 65.92 -13.89
N PHE A 724 15.66 65.50 -12.64
CA PHE A 724 15.79 64.08 -12.31
C PHE A 724 15.43 63.86 -10.85
N THR A 725 15.48 62.60 -10.44
CA THR A 725 15.13 62.16 -9.10
C THR A 725 15.94 60.91 -8.79
N ILE A 726 16.47 60.80 -7.58
CA ILE A 726 17.10 59.58 -7.08
C ILE A 726 16.11 58.87 -6.19
N SER A 727 15.79 57.61 -6.52
CA SER A 727 14.80 56.85 -5.79
C SER A 727 15.40 55.56 -5.27
N VAL A 728 15.05 55.21 -4.03
CA VAL A 728 15.53 53.99 -3.39
C VAL A 728 14.33 53.09 -3.15
N THR A 729 14.40 51.86 -3.65
CA THR A 729 13.34 50.88 -3.49
C THR A 729 13.89 49.63 -2.80
N THR A 730 12.99 48.81 -2.27
CA THR A 730 13.36 47.64 -1.50
C THR A 730 12.91 46.38 -2.22
N GLU A 731 13.66 45.29 -2.01
CA GLU A 731 13.24 44.00 -2.54
C GLU A 731 13.69 42.89 -1.59
N ILE A 732 12.74 42.05 -1.19
CA ILE A 732 12.94 41.05 -0.15
C ILE A 732 12.91 39.67 -0.80
N LEU A 733 13.94 38.86 -0.53
CA LEU A 733 14.03 37.52 -1.09
C LEU A 733 14.38 36.51 0.01
N PRO A 734 13.63 35.42 0.14
CA PRO A 734 14.02 34.37 1.08
C PRO A 734 15.18 33.53 0.52
N VAL A 735 16.05 33.10 1.43
CA VAL A 735 17.27 32.40 1.07
C VAL A 735 17.27 30.95 1.56
N SER A 736 16.89 30.72 2.81
CA SER A 736 16.95 29.40 3.41
C SER A 736 15.73 29.19 4.28
N MET A 737 15.51 27.94 4.69
CA MET A 737 14.42 27.62 5.60
C MET A 737 14.95 26.78 6.77
N THR A 738 14.04 26.29 7.60
CA THR A 738 14.40 25.57 8.81
C THR A 738 14.86 24.15 8.47
N LYS A 739 15.95 23.72 9.13
CA LYS A 739 16.50 22.39 8.94
C LYS A 739 15.93 21.46 10.00
N THR A 740 15.28 20.39 9.57
CA THR A 740 14.64 19.45 10.48
C THR A 740 15.23 18.05 10.29
N SER A 741 15.31 17.31 11.38
CA SER A 741 15.74 15.91 11.36
C SER A 741 14.68 15.09 12.08
N VAL A 742 14.27 13.98 11.48
CA VAL A 742 13.19 13.16 12.00
C VAL A 742 13.72 11.76 12.27
N ASP A 743 13.53 11.28 13.50
CA ASP A 743 13.76 9.87 13.82
C ASP A 743 12.50 9.11 13.43
N CYS A 744 12.63 8.24 12.42
CA CYS A 744 11.47 7.53 11.89
C CYS A 744 10.91 6.52 12.90
N THR A 745 11.80 5.77 13.55
CA THR A 745 11.38 4.70 14.44
C THR A 745 10.66 5.24 15.67
N MET A 746 11.26 6.21 16.35
CA MET A 746 10.66 6.70 17.59
C MET A 746 9.42 7.55 17.33
N TYR A 747 9.30 8.16 16.15
CA TYR A 747 8.03 8.77 15.76
C TYR A 747 6.94 7.72 15.58
N ILE A 748 7.24 6.65 14.83
CA ILE A 748 6.22 5.64 14.60
C ILE A 748 6.01 4.77 15.83
N CYS A 749 7.08 4.37 16.50
CA CYS A 749 7.02 3.39 17.58
C CYS A 749 7.19 4.12 18.90
N GLY A 750 6.22 3.99 19.79
CA GLY A 750 6.36 4.57 21.11
C GLY A 750 7.21 3.69 22.00
N ASP A 751 8.53 3.74 21.76
CA ASP A 751 9.67 3.02 22.38
C ASP A 751 9.35 1.58 22.77
N SER A 752 8.65 0.87 21.89
CA SER A 752 8.28 -0.52 22.10
C SER A 752 9.03 -1.41 21.12
N THR A 753 9.38 -2.61 21.59
CA THR A 753 10.16 -3.53 20.76
C THR A 753 9.32 -4.19 19.68
N GLU A 754 8.07 -4.54 20.00
CA GLU A 754 7.23 -5.32 19.09
C GLU A 754 6.84 -4.52 17.86
N CYS A 755 6.49 -3.24 18.04
CA CYS A 755 6.11 -2.41 16.91
C CYS A 755 7.31 -2.10 16.03
N SER A 756 8.51 -2.00 16.61
CA SER A 756 9.71 -1.84 15.81
C SER A 756 10.02 -3.11 15.01
N ASN A 757 9.80 -4.28 15.62
CA ASN A 757 9.99 -5.54 14.91
C ASN A 757 9.00 -5.69 13.77
N LEU A 758 7.78 -5.15 13.93
CA LEU A 758 6.85 -5.12 12.81
C LEU A 758 7.25 -4.07 11.78
N LEU A 759 7.90 -2.99 12.21
CA LEU A 759 8.33 -1.97 11.26
C LEU A 759 9.51 -2.42 10.41
N LEU A 760 10.34 -3.33 10.94
CA LEU A 760 11.49 -3.83 10.18
C LEU A 760 11.10 -4.60 8.91
N GLN A 761 9.89 -5.16 8.86
CA GLN A 761 9.48 -5.92 7.69
C GLN A 761 8.86 -5.05 6.60
N TYR A 762 8.83 -3.74 6.79
CA TYR A 762 8.25 -2.82 5.82
C TYR A 762 9.30 -2.26 4.86
N GLY A 763 10.50 -2.84 4.85
CA GLY A 763 11.50 -2.44 3.88
C GLY A 763 12.43 -1.36 4.38
N SER A 764 12.92 -0.52 3.47
CA SER A 764 13.85 0.55 3.78
C SER A 764 13.19 1.91 3.64
N PHE A 765 11.95 2.04 4.11
CA PHE A 765 11.22 3.31 4.03
C PHE A 765 11.78 4.39 4.96
N CYS A 766 12.63 4.05 5.92
CA CYS A 766 13.14 5.04 6.86
C CYS A 766 14.42 5.72 6.38
N THR A 767 15.31 4.95 5.75
CA THR A 767 16.59 5.49 5.29
C THR A 767 16.41 6.47 4.14
N GLN A 768 15.37 6.29 3.31
CA GLN A 768 15.09 7.24 2.24
C GLN A 768 14.67 8.60 2.79
N LEU A 769 13.81 8.62 3.82
CA LEU A 769 13.41 9.88 4.45
C LEU A 769 14.58 10.53 5.18
N LYS A 770 15.41 9.72 5.83
CA LYS A 770 16.59 10.27 6.50
C LYS A 770 17.57 10.89 5.51
N ARG A 771 17.80 10.22 4.37
CA ARG A 771 18.67 10.74 3.33
C ARG A 771 18.11 12.00 2.70
N ALA A 772 16.79 12.04 2.47
CA ALA A 772 16.14 13.21 1.87
C ALA A 772 16.23 14.42 2.80
N LEU A 773 15.99 14.23 4.10
CA LEU A 773 16.06 15.36 5.02
C LEU A 773 17.49 15.84 5.23
N THR A 774 18.46 14.92 5.19
CA THR A 774 19.87 15.30 5.27
C THR A 774 20.29 16.13 4.06
N GLY A 775 19.85 15.72 2.87
CA GLY A 775 20.15 16.49 1.67
C GLY A 775 19.50 17.86 1.66
N ILE A 776 18.28 17.95 2.21
CA ILE A 776 17.60 19.24 2.34
C ILE A 776 18.38 20.16 3.27
N ALA A 777 18.86 19.64 4.41
CA ALA A 777 19.61 20.45 5.37
C ALA A 777 20.94 20.95 4.80
N VAL A 778 21.67 20.09 4.09
CA VAL A 778 22.92 20.50 3.45
C VAL A 778 22.66 21.55 2.37
N GLU A 779 21.55 21.40 1.64
CA GLU A 779 21.18 22.40 0.65
C GLU A 779 20.85 23.75 1.28
N GLN A 780 20.21 23.74 2.45
CA GLN A 780 19.88 25.00 3.12
C GLN A 780 21.12 25.71 3.64
N ASP A 781 22.14 24.97 4.06
CA ASP A 781 23.41 25.62 4.39
C ASP A 781 24.10 26.17 3.14
N LYS A 782 24.03 25.42 2.04
CA LYS A 782 24.68 25.81 0.79
C LYS A 782 24.07 27.08 0.21
N ASN A 783 22.75 27.26 0.33
CA ASN A 783 22.06 28.44 -0.19
C ASN A 783 22.57 29.72 0.45
N THR A 784 22.64 29.73 1.78
CA THR A 784 23.18 30.87 2.52
C THR A 784 24.66 31.08 2.21
N GLN A 785 25.41 30.00 1.99
CA GLN A 785 26.82 30.14 1.61
C GLN A 785 26.98 30.82 0.25
N GLU A 786 26.16 30.45 -0.75
CA GLU A 786 26.32 31.08 -2.07
C GLU A 786 25.77 32.50 -2.12
N VAL A 787 24.77 32.86 -1.32
CA VAL A 787 24.24 34.22 -1.41
C VAL A 787 25.22 35.22 -0.80
N PHE A 788 25.70 34.96 0.41
CA PHE A 788 26.42 35.97 1.18
C PHE A 788 27.94 35.88 1.06
N ALA A 789 28.51 34.69 1.09
CA ALA A 789 29.97 34.53 1.03
C ALA A 789 30.41 34.69 -0.42
N GLN A 790 30.64 35.93 -0.83
CA GLN A 790 31.13 36.23 -2.18
C GLN A 790 32.34 37.14 -2.21
N VAL A 791 32.82 37.61 -1.06
CA VAL A 791 34.01 38.44 -1.00
C VAL A 791 35.17 37.61 -0.47
N LYS A 792 36.36 37.85 -1.01
CA LYS A 792 37.55 37.14 -0.55
C LYS A 792 37.96 37.63 0.83
N GLN A 793 37.84 38.93 1.08
CA GLN A 793 38.39 39.59 2.24
C GLN A 793 37.31 40.40 2.93
N ILE A 794 37.60 40.79 4.18
CA ILE A 794 36.68 41.57 5.00
C ILE A 794 37.13 43.02 4.91
N TYR A 795 36.30 43.87 4.31
CA TYR A 795 36.64 45.27 4.11
C TYR A 795 35.99 46.13 5.19
N LYS A 796 36.67 47.22 5.55
CA LYS A 796 36.16 48.17 6.52
C LYS A 796 36.15 49.58 5.94
N THR A 797 35.17 50.35 6.39
CA THR A 797 35.11 51.77 6.09
C THR A 797 36.21 52.51 6.88
N PRO A 798 36.69 53.66 6.37
CA PRO A 798 37.66 54.43 7.14
C PRO A 798 37.03 55.02 8.38
N PRO A 799 37.83 55.28 9.43
CA PRO A 799 37.23 55.75 10.71
C PRO A 799 36.60 57.13 10.63
N ILE A 800 37.06 57.99 9.72
CA ILE A 800 36.32 59.21 9.39
C ILE A 800 35.42 58.92 8.19
N LYS A 801 34.13 59.21 8.36
CA LYS A 801 33.12 58.77 7.39
C LYS A 801 32.48 60.00 6.76
N TYR A 802 33.12 60.51 5.70
CA TYR A 802 32.57 61.60 4.90
C TYR A 802 32.76 61.21 3.45
N PHE A 803 31.68 60.78 2.80
CA PHE A 803 31.75 60.31 1.42
C PHE A 803 30.99 61.30 0.54
N GLY A 804 31.65 62.42 0.22
CA GLY A 804 31.13 63.40 -0.70
C GLY A 804 29.83 64.07 -0.32
N GLY A 805 29.46 64.05 0.96
CA GLY A 805 28.17 64.54 1.39
C GLY A 805 27.07 63.49 1.45
N PHE A 806 27.34 62.27 0.99
CA PHE A 806 26.39 61.17 1.14
C PHE A 806 26.50 60.57 2.53
N ASN A 807 25.36 60.15 3.06
CA ASN A 807 25.25 59.73 4.45
C ASN A 807 24.73 58.29 4.45
N PHE A 808 25.60 57.35 4.82
CA PHE A 808 25.31 55.92 4.90
C PHE A 808 25.14 55.43 6.32
N SER A 809 24.70 56.30 7.23
CA SER A 809 24.66 55.94 8.66
C SER A 809 23.57 54.93 8.97
N GLN A 810 22.51 54.87 8.17
CA GLN A 810 21.42 53.91 8.41
C GLN A 810 21.67 52.55 7.79
N ILE A 811 22.77 52.37 7.07
CA ILE A 811 23.11 51.07 6.50
C ILE A 811 24.44 50.52 7.00
N LEU A 812 25.36 51.36 7.46
CA LEU A 812 26.59 50.90 8.09
C LEU A 812 26.30 50.45 9.52
N PRO A 813 27.02 49.44 10.03
CA PRO A 813 26.77 48.99 11.40
C PRO A 813 27.27 49.99 12.44
N ASP A 814 26.56 50.02 13.56
CA ASP A 814 26.94 50.86 14.69
C ASP A 814 27.57 50.03 15.81
N PRO A 815 28.57 50.59 16.52
CA PRO A 815 29.27 49.80 17.54
C PRO A 815 28.73 49.92 18.95
N SER A 816 27.76 50.80 19.19
CA SER A 816 27.19 50.93 20.53
C SER A 816 26.37 49.71 20.92
N LYS A 817 25.65 49.13 19.95
CA LYS A 817 24.85 47.95 20.21
C LYS A 817 25.74 46.72 20.35
N PRO A 818 25.33 45.72 21.14
CA PRO A 818 26.14 44.49 21.27
C PRO A 818 26.23 43.70 19.98
N SER A 819 25.22 43.75 19.13
CA SER A 819 25.27 43.15 17.80
C SER A 819 25.55 44.27 16.80
N LYS A 820 26.62 44.11 16.01
CA LYS A 820 27.04 45.14 15.06
C LYS A 820 26.14 45.07 13.84
N ARG A 821 24.95 45.65 13.97
CA ARG A 821 23.95 45.65 12.92
C ARG A 821 23.49 47.06 12.65
N SER A 822 23.15 47.32 11.39
CA SER A 822 22.61 48.61 11.00
C SER A 822 21.22 48.80 11.60
N PRO A 823 20.75 50.05 11.74
CA PRO A 823 19.37 50.27 12.22
C PRO A 823 18.31 49.62 11.35
N ILE A 824 18.48 49.62 10.03
CA ILE A 824 17.54 48.96 9.13
C ILE A 824 17.53 47.45 9.39
N GLU A 825 18.71 46.85 9.58
CA GLU A 825 18.78 45.43 9.94
C GLU A 825 18.18 45.16 11.31
N ASP A 826 18.21 46.14 12.22
CA ASP A 826 17.57 45.99 13.52
C ASP A 826 16.06 45.92 13.40
N LEU A 827 15.46 46.80 12.58
CA LEU A 827 14.02 46.66 12.30
C LEU A 827 13.70 45.35 11.58
N LEU A 828 14.52 44.96 10.60
CA LEU A 828 14.26 43.70 9.89
C LEU A 828 14.39 42.48 10.80
N PHE A 829 15.23 42.56 11.83
CA PHE A 829 15.32 41.49 12.81
C PHE A 829 14.13 41.51 13.77
N ASN A 830 13.67 42.69 14.16
CA ASN A 830 12.60 42.77 15.16
C ASN A 830 11.22 42.43 14.58
N LYS A 831 10.99 42.72 13.29
CA LYS A 831 9.64 42.56 12.74
C LYS A 831 9.28 41.10 12.47
N VAL A 832 10.25 40.28 12.04
CA VAL A 832 9.97 38.87 11.77
C VAL A 832 9.94 38.14 13.11
N THR A 833 8.75 37.72 13.52
CA THR A 833 8.56 37.02 14.80
C THR A 833 8.65 35.52 14.55
N LEU A 834 9.74 34.91 15.00
CA LEU A 834 9.98 33.49 14.78
C LEU A 834 9.11 32.63 15.70
N LEU A 855 6.03 26.92 24.58
CA LEU A 855 5.41 25.62 24.76
C LEU A 855 5.39 24.83 23.45
N ILE A 856 5.46 25.55 22.32
CA ILE A 856 5.44 24.92 21.01
C ILE A 856 6.73 24.14 20.78
N CYS A 857 7.86 24.68 21.23
CA CYS A 857 9.15 24.01 21.10
C CYS A 857 9.29 22.79 22.02
N ALA A 858 8.37 22.58 22.96
CA ALA A 858 8.36 21.37 23.75
C ALA A 858 7.49 20.27 23.15
N GLN A 859 6.79 20.56 22.05
CA GLN A 859 5.92 19.61 21.38
C GLN A 859 6.62 18.82 20.28
N LYS A 860 7.89 19.14 20.02
CA LYS A 860 8.69 18.42 19.04
C LYS A 860 9.32 17.16 19.60
N PHE A 861 8.93 16.74 20.82
CA PHE A 861 9.58 15.65 21.53
C PHE A 861 9.09 14.27 21.11
N ASN A 862 8.49 14.15 19.92
CA ASN A 862 8.01 12.88 19.38
C ASN A 862 8.90 12.39 18.24
N GLY A 863 10.19 12.62 18.34
CA GLY A 863 11.14 12.17 17.34
C GLY A 863 11.60 13.20 16.34
N LEU A 864 11.36 14.48 16.59
CA LEU A 864 11.73 15.54 15.67
C LEU A 864 12.73 16.47 16.33
N THR A 865 13.68 16.99 15.54
CA THR A 865 14.65 17.96 16.03
C THR A 865 14.84 19.05 14.98
N VAL A 866 15.22 20.23 15.45
CA VAL A 866 15.55 21.37 14.59
C VAL A 866 17.05 21.61 14.70
N LEU A 867 17.74 21.56 13.57
CA LEU A 867 19.19 21.72 13.52
C LEU A 867 19.55 23.20 13.37
N PRO A 868 20.62 23.66 14.02
CA PRO A 868 21.01 25.06 13.90
C PRO A 868 21.80 25.31 12.63
N PRO A 869 21.67 26.50 12.03
CA PRO A 869 22.42 26.79 10.81
C PRO A 869 23.90 27.01 11.08
N LEU A 870 24.69 26.83 10.03
CA LEU A 870 26.14 26.89 10.14
C LEU A 870 26.63 28.32 10.39
N LEU A 871 26.05 29.28 9.69
CA LEU A 871 26.41 30.69 9.86
C LEU A 871 25.42 31.33 10.82
N THR A 872 25.94 31.93 11.89
CA THR A 872 25.09 32.69 12.80
C THR A 872 24.73 34.02 12.17
N ASP A 873 23.84 34.76 12.83
CA ASP A 873 23.39 36.05 12.32
C ASP A 873 24.51 37.09 12.35
N GLU A 874 25.42 36.97 13.32
CA GLU A 874 26.56 37.88 13.40
C GLU A 874 27.50 37.70 12.22
N MET A 875 27.74 36.45 11.80
CA MET A 875 28.63 36.20 10.66
C MET A 875 28.05 36.72 9.36
N ILE A 876 26.73 36.56 9.18
CA ILE A 876 26.05 37.08 8.00
C ILE A 876 26.05 38.60 8.00
N ALA A 877 25.94 39.21 9.19
CA ALA A 877 26.05 40.66 9.30
C ALA A 877 27.45 41.16 8.97
N GLN A 878 28.50 40.42 9.37
CA GLN A 878 29.86 40.78 8.97
C GLN A 878 30.07 40.66 7.47
N TYR A 879 29.48 39.63 6.85
CA TYR A 879 29.54 39.50 5.39
C TYR A 879 28.86 40.68 4.69
N THR A 880 27.70 41.08 5.21
CA THR A 880 26.97 42.22 4.65
C THR A 880 27.76 43.53 4.81
N SER A 881 28.39 43.72 5.97
CA SER A 881 29.18 44.93 6.19
C SER A 881 30.44 44.95 5.33
N ALA A 882 31.03 43.78 5.08
CA ALA A 882 32.18 43.70 4.16
C ALA A 882 31.77 44.05 2.75
N LEU A 883 30.61 43.57 2.30
CA LEU A 883 30.08 43.94 0.99
C LEU A 883 29.81 45.43 0.88
N LEU A 884 29.22 46.03 1.93
CA LEU A 884 28.91 47.46 1.92
C LEU A 884 30.17 48.32 1.91
N ALA A 885 31.16 47.97 2.75
CA ALA A 885 32.40 48.73 2.78
C ALA A 885 33.17 48.61 1.47
N GLY A 886 33.16 47.41 0.86
CA GLY A 886 33.80 47.25 -0.43
C GLY A 886 33.12 48.04 -1.53
N THR A 887 31.78 48.10 -1.52
CA THR A 887 31.11 48.81 -2.60
C THR A 887 31.04 50.32 -2.39
N ILE A 888 31.29 50.82 -1.17
CA ILE A 888 31.35 52.28 -0.98
C ILE A 888 32.76 52.81 -0.83
N THR A 889 33.78 51.94 -0.83
CA THR A 889 35.16 52.42 -0.88
C THR A 889 35.89 52.08 -2.16
N SER A 890 35.35 51.20 -3.01
CA SER A 890 36.05 50.82 -4.23
C SER A 890 35.19 50.69 -5.47
N GLY A 891 33.86 50.81 -5.38
CA GLY A 891 33.04 50.67 -6.57
C GLY A 891 32.87 49.23 -6.99
N TRP A 892 32.87 49.00 -8.29
CA TRP A 892 32.78 47.65 -8.82
C TRP A 892 34.13 46.95 -8.93
N THR A 893 35.21 47.60 -8.51
CA THR A 893 36.55 47.10 -8.79
C THR A 893 36.93 45.91 -7.91
N PHE A 894 36.26 45.72 -6.77
CA PHE A 894 36.60 44.62 -5.88
C PHE A 894 35.88 43.33 -6.23
N GLY A 895 34.93 43.35 -7.17
CA GLY A 895 34.27 42.15 -7.62
C GLY A 895 34.89 41.48 -8.81
N ALA A 896 35.92 42.08 -9.39
CA ALA A 896 36.64 41.53 -10.54
C ALA A 896 38.07 41.13 -10.19
N GLY A 897 38.81 42.01 -9.55
CA GLY A 897 40.16 41.71 -9.12
C GLY A 897 40.45 42.27 -7.73
N PRO A 898 41.55 42.99 -7.59
CA PRO A 898 41.83 43.66 -6.33
C PRO A 898 40.99 44.92 -6.16
N ALA A 899 40.78 45.30 -4.91
CA ALA A 899 40.00 46.49 -4.61
C ALA A 899 40.80 47.75 -4.92
N LEU A 900 40.22 48.61 -5.77
CA LEU A 900 40.88 49.82 -6.23
C LEU A 900 40.13 51.02 -5.67
N GLN A 901 40.83 51.86 -4.93
CA GLN A 901 40.23 53.00 -4.25
C GLN A 901 39.83 54.11 -5.23
N ILE A 902 38.73 54.79 -4.90
CA ILE A 902 38.22 55.91 -5.69
C ILE A 902 37.38 56.77 -4.75
N PRO A 903 37.37 58.10 -4.91
CA PRO A 903 36.41 58.92 -4.17
C PRO A 903 34.98 58.68 -4.64
N PHE A 904 34.04 58.83 -3.70
CA PHE A 904 32.64 58.52 -3.98
C PHE A 904 31.96 59.40 -5.03
N PRO A 905 32.16 60.74 -5.11
CA PRO A 905 31.63 61.45 -6.29
C PRO A 905 32.21 61.00 -7.62
N MET A 906 33.48 60.55 -7.66
CA MET A 906 34.01 60.03 -8.92
C MET A 906 33.37 58.69 -9.28
N GLN A 907 33.06 57.87 -8.29
CA GLN A 907 32.32 56.63 -8.51
C GLN A 907 30.89 56.90 -8.99
N MET A 908 30.23 57.91 -8.42
CA MET A 908 28.90 58.29 -8.91
C MET A 908 28.95 58.89 -10.30
N ALA A 909 30.04 59.57 -10.65
CA ALA A 909 30.19 60.06 -12.02
C ALA A 909 30.40 58.92 -13.00
N TYR A 910 31.11 57.88 -12.57
CA TYR A 910 31.22 56.65 -13.35
C TYR A 910 29.83 56.03 -13.57
N ARG A 911 29.02 56.00 -12.50
CA ARG A 911 27.66 55.47 -12.57
C ARG A 911 26.80 56.27 -13.55
N PHE A 912 26.91 57.61 -13.48
CA PHE A 912 26.14 58.50 -14.34
C PHE A 912 26.54 58.35 -15.79
N ASN A 913 27.84 58.20 -16.06
CA ASN A 913 28.29 57.88 -17.41
C ASN A 913 27.82 56.51 -17.86
N GLY A 914 27.63 55.59 -16.92
CA GLY A 914 27.05 54.30 -17.25
C GLY A 914 25.61 54.39 -17.71
N ILE A 915 24.81 55.25 -17.08
CA ILE A 915 23.40 55.32 -17.45
C ILE A 915 23.14 56.27 -18.62
N GLY A 916 24.21 56.80 -19.22
CA GLY A 916 24.06 57.63 -20.40
C GLY A 916 23.96 59.11 -20.17
N VAL A 917 24.45 59.61 -19.04
CA VAL A 917 24.41 61.02 -18.69
C VAL A 917 25.85 61.48 -18.48
N THR A 918 26.19 62.66 -18.98
CA THR A 918 27.55 63.17 -18.83
C THR A 918 27.87 63.43 -17.35
N GLN A 919 29.15 63.30 -17.00
CA GLN A 919 29.57 63.34 -15.61
C GLN A 919 29.46 64.73 -15.01
N ASN A 920 29.50 65.76 -15.86
CA ASN A 920 29.35 67.14 -15.42
C ASN A 920 27.99 67.46 -14.83
N VAL A 921 26.98 66.65 -15.15
CA VAL A 921 25.66 66.78 -14.55
C VAL A 921 25.73 66.46 -13.06
N LEU A 922 26.58 65.50 -12.68
CA LEU A 922 26.78 65.20 -11.27
C LEU A 922 27.46 66.34 -10.53
N TYR A 923 28.60 66.81 -11.04
CA TYR A 923 29.45 67.72 -10.28
C TYR A 923 28.83 69.10 -10.13
N GLU A 924 28.02 69.52 -11.10
CA GLU A 924 27.29 70.78 -10.98
C GLU A 924 26.03 70.64 -10.14
N ASN A 925 25.64 69.41 -9.80
CA ASN A 925 24.43 69.14 -9.02
C ASN A 925 24.73 68.15 -7.91
N GLN A 926 25.89 68.29 -7.26
CA GLN A 926 26.33 67.28 -6.29
C GLN A 926 25.47 67.31 -5.03
N LYS A 927 25.40 68.48 -4.38
CA LYS A 927 24.79 68.62 -3.06
C LYS A 927 23.32 68.23 -3.08
N LEU A 928 22.58 68.72 -4.08
CA LEU A 928 21.18 68.36 -4.29
C LEU A 928 21.01 66.86 -4.42
N ILE A 929 21.88 66.22 -5.21
CA ILE A 929 21.82 64.77 -5.40
C ILE A 929 22.06 64.06 -4.08
N ALA A 930 23.00 64.57 -3.29
CA ALA A 930 23.27 64.01 -1.97
C ALA A 930 22.05 64.14 -1.07
N ASN A 931 21.38 65.30 -1.12
CA ASN A 931 20.14 65.47 -0.37
C ASN A 931 19.08 64.50 -0.86
N GLN A 932 18.97 64.35 -2.18
CA GLN A 932 17.98 63.45 -2.74
C GLN A 932 18.33 62.00 -2.48
N PHE A 933 19.57 61.71 -2.11
CA PHE A 933 19.85 60.37 -1.61
C PHE A 933 19.35 60.22 -0.19
N ASN A 934 19.74 61.15 0.70
CA ASN A 934 19.69 60.91 2.15
C ASN A 934 18.27 60.77 2.64
N SER A 935 17.40 61.71 2.25
CA SER A 935 16.00 61.68 2.63
C SER A 935 15.31 60.43 2.10
N ALA A 936 15.72 59.96 0.91
CA ALA A 936 15.17 58.74 0.35
C ALA A 936 15.46 57.55 1.25
N ILE A 937 16.68 57.47 1.78
CA ILE A 937 17.05 56.41 2.71
C ILE A 937 16.21 56.52 3.97
N GLY A 938 15.94 57.75 4.42
CA GLY A 938 15.10 57.95 5.58
C GLY A 938 13.69 57.44 5.38
N LYS A 939 13.16 57.61 4.17
CA LYS A 939 11.81 57.14 3.88
C LYS A 939 11.74 55.63 3.88
N ILE A 940 12.87 54.95 3.61
CA ILE A 940 12.92 53.48 3.70
C ILE A 940 12.59 53.03 5.11
N GLN A 941 13.16 53.73 6.11
CA GLN A 941 12.90 53.36 7.49
C GLN A 941 11.46 53.64 7.90
N ASP A 942 10.76 54.51 7.16
CA ASP A 942 9.34 54.67 7.39
C ASP A 942 8.50 53.72 6.54
N SER A 943 8.98 53.36 5.35
CA SER A 943 8.13 52.62 4.42
C SER A 943 7.91 51.19 4.87
N LEU A 944 8.90 50.61 5.53
CA LEU A 944 8.72 49.33 6.20
C LEU A 944 8.01 49.48 7.54
N PHE A 945 8.00 50.67 8.14
CA PHE A 945 7.50 50.81 9.50
C PHE A 945 5.98 50.99 9.53
N SER A 946 5.45 51.79 8.60
CA SER A 946 4.01 51.99 8.54
C SER A 946 3.30 50.75 7.99
N THR A 947 3.92 50.08 7.03
CA THR A 947 3.32 48.88 6.44
C THR A 947 3.74 47.66 7.22
N PRO A 948 2.81 46.92 7.83
CA PRO A 948 3.19 45.74 8.61
C PRO A 948 3.28 44.44 7.82
N SER A 949 2.87 44.43 6.55
CA SER A 949 2.90 43.24 5.71
C SER A 949 3.97 43.32 4.62
N ALA A 950 5.00 44.14 4.82
CA ALA A 950 6.05 44.28 3.82
C ALA A 950 6.95 43.05 3.79
N LEU A 951 7.28 42.52 4.96
CA LEU A 951 8.15 41.34 5.06
C LEU A 951 7.30 40.06 5.14
N GLY A 952 6.48 39.88 4.11
CA GLY A 952 5.52 38.78 4.14
C GLY A 952 6.11 37.44 3.76
N LYS A 953 7.15 37.41 2.93
CA LYS A 953 7.67 36.15 2.40
C LYS A 953 8.40 35.36 3.46
N LEU A 954 9.22 36.04 4.27
CA LEU A 954 9.95 35.37 5.35
C LEU A 954 9.00 34.86 6.42
N GLN A 955 7.96 35.65 6.73
CA GLN A 955 6.94 35.21 7.67
C GLN A 955 6.16 34.03 7.14
N ASP A 956 5.91 33.99 5.82
CA ASP A 956 5.26 32.82 5.23
C ASP A 956 6.14 31.59 5.31
N VAL A 957 7.46 31.76 5.17
CA VAL A 957 8.40 30.63 5.32
C VAL A 957 8.32 30.05 6.74
N VAL A 958 8.37 30.94 7.74
CA VAL A 958 8.30 30.51 9.15
C VAL A 958 6.96 29.85 9.46
N ASN A 959 5.86 30.43 8.97
CA ASN A 959 4.53 29.90 9.23
C ASN A 959 4.32 28.55 8.55
N HIS A 960 4.83 28.38 7.32
CA HIS A 960 4.70 27.10 6.64
C HIS A 960 5.46 26.00 7.36
N ASN A 961 6.69 26.29 7.82
CA ASN A 961 7.46 25.27 8.54
C ASN A 961 6.80 24.89 9.85
N ALA A 962 6.33 25.89 10.62
CA ALA A 962 5.68 25.61 11.90
C ALA A 962 4.37 24.87 11.71
N GLN A 963 3.60 25.22 10.68
CA GLN A 963 2.33 24.57 10.43
C GLN A 963 2.50 23.12 9.99
N ALA A 964 3.52 22.85 9.16
CA ALA A 964 3.81 21.48 8.75
C ALA A 964 4.24 20.62 9.94
N LEU A 965 5.10 21.17 10.81
CA LEU A 965 5.51 20.41 11.99
C LEU A 965 4.35 20.17 12.96
N ASN A 966 3.49 21.17 13.15
CA ASN A 966 2.33 21.02 14.03
C ASN A 966 1.35 19.98 13.50
N THR A 967 1.13 19.97 12.18
CA THR A 967 0.28 18.96 11.56
C THR A 967 0.86 17.56 11.72
N LEU A 968 2.19 17.43 11.57
CA LEU A 968 2.84 16.14 11.71
C LEU A 968 2.74 15.60 13.14
N VAL A 969 2.87 16.47 14.15
CA VAL A 969 2.70 16.02 15.53
C VAL A 969 1.24 15.70 15.83
N LYS A 970 0.32 16.53 15.32
CA LYS A 970 -1.11 16.36 15.61
C LYS A 970 -1.67 15.09 14.97
N GLN A 971 -1.08 14.64 13.86
CA GLN A 971 -1.53 13.41 13.21
C GLN A 971 -1.21 12.15 14.00
N LEU A 972 -0.35 12.25 15.02
CA LEU A 972 0.05 11.09 15.82
C LEU A 972 -1.03 10.65 16.80
N SER A 973 -2.08 11.45 16.99
CA SER A 973 -3.15 11.13 17.93
C SER A 973 -4.38 10.52 17.27
N SER A 974 -4.33 10.28 15.96
CA SER A 974 -5.46 9.67 15.27
C SER A 974 -5.38 8.14 15.35
N LYS A 975 -6.50 7.50 15.06
CA LYS A 975 -6.70 6.08 15.36
C LYS A 975 -6.42 5.16 14.20
N PHE A 976 -6.77 5.57 12.97
CA PHE A 976 -6.64 4.78 11.74
C PHE A 976 -7.35 3.43 11.84
N GLY A 977 -8.54 3.43 12.45
CA GLY A 977 -9.32 2.21 12.56
C GLY A 977 -8.81 1.17 13.53
N ALA A 978 -8.31 1.60 14.69
CA ALA A 978 -7.91 0.72 15.77
C ALA A 978 -8.73 1.07 17.01
N ILE A 979 -8.43 0.41 18.13
CA ILE A 979 -9.10 0.72 19.39
C ILE A 979 -8.65 2.08 19.89
N SER A 980 -7.34 2.32 19.90
CA SER A 980 -6.81 3.56 20.43
C SER A 980 -5.55 3.95 19.68
N SER A 981 -5.21 5.23 19.77
CA SER A 981 -3.96 5.74 19.25
C SER A 981 -2.78 5.47 20.17
N VAL A 982 -3.04 5.14 21.43
CA VAL A 982 -1.98 4.88 22.40
C VAL A 982 -1.47 3.46 22.18
N LEU A 983 -0.17 3.33 21.94
CA LEU A 983 0.42 2.04 21.62
C LEU A 983 0.56 1.16 22.85
N ASN A 984 0.85 1.77 24.01
CA ASN A 984 1.01 1.02 25.24
C ASN A 984 -0.30 0.43 25.74
N ASP A 985 -1.42 1.08 25.45
CA ASP A 985 -2.73 0.52 25.81
C ASP A 985 -3.02 -0.75 25.01
N ILE A 986 -2.70 -0.74 23.73
CA ILE A 986 -2.87 -1.94 22.89
C ILE A 986 -1.91 -3.03 23.35
N LEU A 987 -0.70 -2.66 23.76
CA LEU A 987 0.25 -3.64 24.26
C LEU A 987 -0.20 -4.28 25.57
N SER A 988 -0.73 -3.49 26.50
CA SER A 988 -1.10 -3.98 27.81
C SER A 988 -2.55 -4.46 27.88
N ARG A 989 -3.29 -4.39 26.78
CA ARG A 989 -4.69 -4.78 26.78
C ARG A 989 -4.95 -6.09 26.03
N LEU A 990 -4.14 -6.43 25.02
CA LEU A 990 -4.42 -7.57 24.15
C LEU A 990 -3.22 -8.51 24.08
N ASP A 991 -3.51 -9.75 23.70
CA ASP A 991 -2.46 -10.72 23.36
C ASP A 991 -1.77 -10.33 22.05
N PRO A 992 -0.51 -10.75 21.87
CA PRO A 992 0.25 -10.43 20.64
C PRO A 992 -0.40 -10.84 19.32
N PRO A 993 -1.09 -12.00 19.18
CA PRO A 993 -1.67 -12.31 17.85
C PRO A 993 -2.72 -11.34 17.33
N GLU A 994 -3.48 -10.67 18.20
CA GLU A 994 -4.32 -9.57 17.73
C GLU A 994 -3.68 -8.20 17.95
N ALA A 995 -2.68 -8.11 18.83
CA ALA A 995 -1.95 -6.85 18.97
C ALA A 995 -1.20 -6.49 17.70
N GLU A 996 -0.65 -7.49 17.00
CA GLU A 996 0.07 -7.20 15.75
C GLU A 996 -0.85 -6.64 14.67
N VAL A 997 -2.07 -7.19 14.55
CA VAL A 997 -2.99 -6.72 13.53
C VAL A 997 -3.63 -5.39 13.94
N GLN A 998 -3.64 -5.07 15.24
CA GLN A 998 -4.07 -3.71 15.62
C GLN A 998 -2.95 -2.69 15.47
N ILE A 999 -1.69 -3.11 15.56
CA ILE A 999 -0.55 -2.21 15.42
C ILE A 999 -0.22 -1.92 13.95
N ASP A 1000 -0.54 -2.84 13.04
CA ASP A 1000 -0.21 -2.69 11.62
C ASP A 1000 -0.88 -1.47 10.99
N ARG A 1001 -2.13 -1.18 11.39
CA ARG A 1001 -2.83 -0.03 10.83
C ARG A 1001 -2.24 1.30 11.31
N LEU A 1002 -1.81 1.36 12.58
CA LEU A 1002 -1.10 2.53 13.08
C LEU A 1002 0.23 2.72 12.35
N ILE A 1003 0.93 1.62 12.06
CA ILE A 1003 2.20 1.69 11.34
C ILE A 1003 1.99 2.25 9.93
N THR A 1004 0.95 1.77 9.23
CA THR A 1004 0.65 2.26 7.88
C THR A 1004 0.26 3.74 7.88
N GLY A 1005 -0.56 4.15 8.85
CA GLY A 1005 -0.95 5.56 8.92
C GLY A 1005 0.21 6.49 9.22
N ARG A 1006 1.10 6.09 10.13
CA ARG A 1006 2.24 6.95 10.46
C ARG A 1006 3.29 6.98 9.34
N LEU A 1007 3.49 5.86 8.62
CA LEU A 1007 4.33 5.90 7.42
C LEU A 1007 3.75 6.82 6.35
N GLN A 1008 2.43 6.81 6.16
CA GLN A 1008 1.80 7.67 5.17
C GLN A 1008 1.96 9.14 5.52
N SER A 1009 1.78 9.48 6.80
CA SER A 1009 1.94 10.88 7.23
C SER A 1009 3.38 11.35 7.09
N LEU A 1010 4.35 10.50 7.45
CA LEU A 1010 5.76 10.86 7.28
C LEU A 1010 6.13 11.05 5.82
N GLN A 1011 5.62 10.18 4.92
CA GLN A 1011 5.93 10.30 3.51
C GLN A 1011 5.36 11.57 2.90
N THR A 1012 4.12 11.94 3.28
CA THR A 1012 3.55 13.20 2.79
C THR A 1012 4.33 14.41 3.30
N TYR A 1013 4.79 14.35 4.56
CA TYR A 1013 5.59 15.45 5.09
C TYR A 1013 6.90 15.61 4.35
N VAL A 1014 7.59 14.50 4.08
CA VAL A 1014 8.90 14.57 3.41
C VAL A 1014 8.75 15.04 1.96
N THR A 1015 7.68 14.61 1.27
CA THR A 1015 7.44 15.06 -0.09
C THR A 1015 7.16 16.57 -0.15
N GLN A 1016 6.35 17.08 0.79
CA GLN A 1016 6.07 18.51 0.84
C GLN A 1016 7.33 19.33 1.16
N GLN A 1017 8.19 18.82 2.06
CA GLN A 1017 9.45 19.50 2.33
C GLN A 1017 10.39 19.49 1.13
N LEU A 1018 10.36 18.42 0.32
CA LEU A 1018 11.19 18.39 -0.88
C LEU A 1018 10.74 19.44 -1.91
N ILE A 1019 9.43 19.58 -2.11
CA ILE A 1019 8.90 20.57 -3.05
C ILE A 1019 9.20 21.99 -2.56
N ARG A 1020 9.02 22.25 -1.26
CA ARG A 1020 9.34 23.56 -0.70
C ARG A 1020 10.84 23.86 -0.75
N ALA A 1021 11.70 22.85 -0.58
CA ALA A 1021 13.13 23.04 -0.69
C ALA A 1021 13.54 23.40 -2.10
N ALA A 1022 12.89 22.82 -3.11
CA ALA A 1022 13.14 23.21 -4.49
C ALA A 1022 12.77 24.67 -4.74
N GLU A 1023 11.64 25.11 -4.18
CA GLU A 1023 11.22 26.51 -4.34
C GLU A 1023 12.18 27.48 -3.66
N ILE A 1024 12.63 27.15 -2.44
CA ILE A 1024 13.61 27.98 -1.73
C ILE A 1024 14.95 27.99 -2.44
N ARG A 1025 15.35 26.87 -3.06
CA ARG A 1025 16.59 26.84 -3.84
C ARG A 1025 16.52 27.75 -5.05
N ALA A 1026 15.38 27.78 -5.74
CA ALA A 1026 15.20 28.71 -6.86
C ALA A 1026 15.29 30.16 -6.42
N SER A 1027 14.65 30.48 -5.28
CA SER A 1027 14.70 31.85 -4.75
C SER A 1027 16.11 32.24 -4.32
N ALA A 1028 16.86 31.30 -3.75
CA ALA A 1028 18.23 31.56 -3.31
C ALA A 1028 19.17 31.75 -4.50
N ASN A 1029 18.96 31.00 -5.58
CA ASN A 1029 19.72 31.21 -6.81
C ASN A 1029 19.46 32.59 -7.40
N LEU A 1030 18.19 33.02 -7.38
CA LEU A 1030 17.85 34.37 -7.84
C LEU A 1030 18.52 35.44 -6.97
N ALA A 1031 18.51 35.26 -5.64
CA ALA A 1031 19.11 36.23 -4.74
C ALA A 1031 20.63 36.30 -4.89
N ALA A 1032 21.28 35.16 -5.14
CA ALA A 1032 22.71 35.15 -5.39
C ALA A 1032 23.06 35.85 -6.70
N THR A 1033 22.25 35.64 -7.75
CA THR A 1033 22.46 36.35 -9.01
C THR A 1033 22.27 37.85 -8.86
N LYS A 1034 21.26 38.26 -8.09
CA LYS A 1034 21.01 39.69 -7.89
C LYS A 1034 22.08 40.33 -7.01
N MET A 1035 22.68 39.57 -6.09
CA MET A 1035 23.78 40.13 -5.31
C MET A 1035 25.05 40.23 -6.14
N SER A 1036 25.28 39.28 -7.06
CA SER A 1036 26.43 39.38 -7.95
C SER A 1036 26.28 40.50 -8.97
N GLU A 1037 25.06 40.78 -9.43
CA GLU A 1037 24.86 41.65 -10.58
C GLU A 1037 24.43 43.07 -10.21
N CYS A 1038 23.69 43.26 -9.13
CA CYS A 1038 23.26 44.60 -8.73
C CYS A 1038 24.21 45.24 -7.73
N VAL A 1039 24.82 44.45 -6.85
CA VAL A 1039 25.69 44.99 -5.80
C VAL A 1039 27.15 45.05 -6.25
N LEU A 1040 27.65 44.00 -6.91
CA LEU A 1040 29.04 43.98 -7.34
C LEU A 1040 29.25 44.66 -8.69
N GLY A 1041 28.21 45.20 -9.30
CA GLY A 1041 28.35 45.92 -10.56
C GLY A 1041 27.10 46.71 -10.84
N GLN A 1042 27.14 47.46 -11.94
CA GLN A 1042 26.00 48.25 -12.40
C GLN A 1042 25.34 47.52 -13.58
N SER A 1043 24.04 47.31 -13.47
CA SER A 1043 23.32 46.42 -14.37
C SER A 1043 22.58 47.20 -15.45
N LYS A 1044 22.41 46.56 -16.61
CA LYS A 1044 21.71 47.15 -17.73
C LYS A 1044 20.37 46.50 -18.01
N ARG A 1045 20.08 45.38 -17.37
CA ARG A 1045 18.82 44.67 -17.58
C ARG A 1045 17.67 45.45 -16.96
N VAL A 1046 16.59 45.60 -17.72
CA VAL A 1046 15.49 46.48 -17.37
C VAL A 1046 14.66 45.82 -16.27
N ASP A 1047 14.37 46.60 -15.21
CA ASP A 1047 13.56 46.21 -14.04
C ASP A 1047 14.14 45.02 -13.28
N PHE A 1048 15.44 44.78 -13.41
CA PHE A 1048 16.09 43.73 -12.64
C PHE A 1048 16.47 44.26 -11.26
N CYS A 1049 17.23 45.34 -11.22
CA CYS A 1049 17.60 45.99 -9.96
C CYS A 1049 16.75 47.24 -9.74
N GLY A 1050 15.44 47.04 -9.61
CA GLY A 1050 14.53 48.12 -9.31
C GLY A 1050 13.99 48.84 -10.55
N LYS A 1051 13.16 49.85 -10.28
CA LYS A 1051 12.49 50.62 -11.32
C LYS A 1051 13.26 51.90 -11.62
N GLY A 1052 13.55 52.14 -12.89
CA GLY A 1052 14.32 53.29 -13.30
C GLY A 1052 15.61 52.89 -13.97
N TYR A 1053 16.57 53.80 -14.06
CA TYR A 1053 17.90 53.49 -14.54
C TYR A 1053 18.79 53.20 -13.34
N HIS A 1054 19.35 51.99 -13.29
CA HIS A 1054 20.04 51.50 -12.11
C HIS A 1054 21.33 52.27 -11.85
N LEU A 1055 21.52 52.69 -10.60
CA LEU A 1055 22.79 53.25 -10.17
C LEU A 1055 23.52 52.32 -9.21
N MET A 1056 22.95 52.02 -8.05
CA MET A 1056 23.65 51.21 -7.05
C MET A 1056 22.67 50.26 -6.37
N SER A 1057 23.20 49.40 -5.51
CA SER A 1057 22.37 48.53 -4.69
C SER A 1057 23.13 48.20 -3.41
N PHE A 1058 22.38 48.03 -2.32
CA PHE A 1058 22.96 47.77 -1.02
C PHE A 1058 22.30 46.54 -0.40
N PRO A 1059 23.08 45.61 0.15
CA PRO A 1059 22.49 44.44 0.81
C PRO A 1059 22.26 44.64 2.30
N GLN A 1060 21.18 44.04 2.79
CA GLN A 1060 20.91 43.93 4.21
C GLN A 1060 20.44 42.50 4.49
N SER A 1061 20.71 42.04 5.70
CA SER A 1061 20.37 40.68 6.10
C SER A 1061 19.09 40.66 6.92
N ALA A 1062 18.23 39.70 6.65
CA ALA A 1062 16.95 39.54 7.32
C ALA A 1062 16.86 38.09 7.76
N PRO A 1063 16.03 37.79 8.77
CA PRO A 1063 15.82 36.38 9.17
C PRO A 1063 15.30 35.53 8.02
N HIS A 1064 16.09 34.52 7.67
CA HIS A 1064 15.91 33.63 6.52
C HIS A 1064 15.87 34.39 5.18
N GLY A 1065 16.59 35.49 5.05
CA GLY A 1065 16.53 36.16 3.75
C GLY A 1065 17.44 37.36 3.63
N VAL A 1066 17.30 38.04 2.49
CA VAL A 1066 18.11 39.19 2.14
C VAL A 1066 17.19 40.28 1.62
N VAL A 1067 17.60 41.54 1.82
CA VAL A 1067 16.86 42.72 1.39
C VAL A 1067 17.82 43.58 0.56
N PHE A 1068 17.43 43.90 -0.66
CA PHE A 1068 18.23 44.74 -1.53
C PHE A 1068 17.61 46.13 -1.60
N LEU A 1069 18.43 47.15 -1.37
CA LEU A 1069 18.04 48.54 -1.52
C LEU A 1069 18.60 49.04 -2.84
N HIS A 1070 17.73 49.17 -3.84
CA HIS A 1070 18.13 49.58 -5.18
C HIS A 1070 18.02 51.09 -5.30
N VAL A 1071 19.15 51.73 -5.64
CA VAL A 1071 19.21 53.16 -5.89
C VAL A 1071 19.19 53.35 -7.40
N THR A 1072 18.16 54.03 -7.90
CA THR A 1072 17.94 54.21 -9.33
C THR A 1072 17.71 55.68 -9.65
N TYR A 1073 17.93 56.00 -10.93
CA TYR A 1073 17.78 57.34 -11.46
C TYR A 1073 16.46 57.39 -12.23
N VAL A 1074 15.61 58.36 -11.93
CA VAL A 1074 14.31 58.52 -12.54
C VAL A 1074 14.28 59.89 -13.20
N PRO A 1075 13.88 60.01 -14.47
CA PRO A 1075 13.73 61.33 -15.06
C PRO A 1075 12.54 62.08 -14.49
N ALA A 1076 12.48 63.36 -14.81
CA ALA A 1076 11.58 64.30 -14.17
C ALA A 1076 11.15 65.32 -15.22
N GLN A 1077 10.77 66.51 -14.75
CA GLN A 1077 10.07 67.59 -15.43
C GLN A 1077 10.55 67.82 -16.86
N GLU A 1078 9.68 67.56 -17.83
CA GLU A 1078 10.06 67.43 -19.22
C GLU A 1078 9.36 68.48 -20.07
N LYS A 1079 9.93 68.73 -21.25
CA LYS A 1079 9.47 69.82 -22.10
C LYS A 1079 9.28 69.35 -23.54
N ASN A 1080 8.35 70.03 -24.21
CA ASN A 1080 8.13 69.92 -25.65
C ASN A 1080 9.31 70.50 -26.41
N PHE A 1081 9.77 69.79 -27.44
CA PHE A 1081 10.64 70.37 -28.46
C PHE A 1081 10.26 69.76 -29.81
N THR A 1082 10.79 70.37 -30.87
CA THR A 1082 10.62 69.86 -32.22
C THR A 1082 11.97 69.34 -32.73
N THR A 1083 11.93 68.25 -33.48
CA THR A 1083 13.13 67.56 -33.91
C THR A 1083 13.23 67.48 -35.43
N ALA A 1084 14.46 67.26 -35.87
CA ALA A 1084 14.82 66.93 -37.24
C ALA A 1084 15.80 65.78 -37.21
N PRO A 1085 15.77 64.90 -38.21
CA PRO A 1085 16.77 63.82 -38.26
C PRO A 1085 18.14 64.28 -38.75
N ALA A 1086 18.19 65.33 -39.56
CA ALA A 1086 19.45 65.81 -40.11
C ALA A 1086 19.34 67.30 -40.41
N ILE A 1087 20.46 67.88 -40.82
CA ILE A 1087 20.59 69.31 -41.11
C ILE A 1087 21.13 69.50 -42.52
N CYS A 1088 20.43 70.32 -43.32
CA CYS A 1088 20.90 70.77 -44.62
C CYS A 1088 21.76 72.01 -44.44
N HIS A 1089 23.06 71.90 -44.75
CA HIS A 1089 23.95 73.05 -44.64
C HIS A 1089 24.50 73.52 -45.98
N ASP A 1090 25.21 72.67 -46.70
CA ASP A 1090 25.81 73.05 -47.98
C ASP A 1090 25.59 71.94 -49.00
N GLY A 1091 24.38 71.39 -49.05
CA GLY A 1091 24.16 70.21 -49.85
C GLY A 1091 24.74 68.96 -49.26
N LYS A 1092 25.03 68.96 -47.95
CA LYS A 1092 25.53 67.80 -47.25
C LYS A 1092 24.87 67.69 -45.89
N ALA A 1093 24.52 66.47 -45.50
CA ALA A 1093 23.65 66.23 -44.35
C ALA A 1093 24.46 65.96 -43.10
N HIS A 1094 24.02 66.54 -41.99
CA HIS A 1094 24.71 66.45 -40.71
C HIS A 1094 23.87 65.66 -39.72
N PHE A 1095 24.47 64.61 -39.14
CA PHE A 1095 23.82 63.76 -38.16
C PHE A 1095 24.52 63.92 -36.82
N PRO A 1096 23.80 63.90 -35.68
CA PRO A 1096 24.48 64.11 -34.40
C PRO A 1096 25.28 62.89 -33.97
N ARG A 1097 26.49 63.15 -33.47
CA ARG A 1097 27.37 62.09 -32.97
C ARG A 1097 26.76 61.44 -31.73
N GLU A 1098 26.35 62.25 -30.77
CA GLU A 1098 25.57 61.78 -29.64
C GLU A 1098 24.62 62.90 -29.22
N GLY A 1099 23.35 62.58 -29.14
CA GLY A 1099 22.33 63.56 -28.84
C GLY A 1099 21.34 63.70 -29.97
N VAL A 1100 20.42 64.65 -29.82
CA VAL A 1100 19.40 64.96 -30.81
C VAL A 1100 19.40 66.45 -31.10
N PHE A 1101 18.84 66.77 -32.27
CA PHE A 1101 18.58 68.16 -32.66
C PHE A 1101 17.24 68.59 -32.09
N VAL A 1102 17.22 69.67 -31.33
CA VAL A 1102 15.98 70.20 -30.76
C VAL A 1102 15.83 71.67 -31.11
N SER A 1103 14.59 72.13 -31.22
CA SER A 1103 14.28 73.52 -31.48
C SER A 1103 13.20 73.99 -30.51
N ASN A 1104 13.41 75.13 -29.88
CA ASN A 1104 12.32 75.69 -29.08
C ASN A 1104 11.23 76.34 -29.92
N GLY A 1105 11.49 76.58 -31.20
CA GLY A 1105 10.60 77.33 -32.05
C GLY A 1105 11.34 78.28 -32.97
N THR A 1106 12.52 78.73 -32.54
CA THR A 1106 13.31 79.67 -33.35
C THR A 1106 14.70 79.16 -33.68
N HIS A 1107 15.42 78.59 -32.72
CA HIS A 1107 16.82 78.21 -32.91
C HIS A 1107 17.02 76.73 -32.66
N TRP A 1108 18.02 76.16 -33.34
CA TRP A 1108 18.29 74.72 -33.29
C TRP A 1108 19.54 74.46 -32.46
N PHE A 1109 19.48 73.42 -31.64
CA PHE A 1109 20.57 73.03 -30.76
C PHE A 1109 20.75 71.52 -30.78
N VAL A 1110 21.89 71.07 -30.26
CA VAL A 1110 22.16 69.66 -30.02
C VAL A 1110 22.13 69.45 -28.51
N THR A 1111 21.33 68.48 -28.06
CA THR A 1111 21.29 68.14 -26.65
C THR A 1111 21.54 66.64 -26.48
N GLN A 1112 21.97 66.27 -25.27
CA GLN A 1112 22.03 64.86 -24.94
C GLN A 1112 20.62 64.33 -24.66
N ARG A 1113 20.49 63.01 -24.72
CA ARG A 1113 19.16 62.40 -24.80
C ARG A 1113 18.42 62.43 -23.48
N ASN A 1114 19.10 62.14 -22.37
CA ASN A 1114 18.44 61.95 -21.08
C ASN A 1114 18.45 63.18 -20.19
N PHE A 1115 18.96 64.32 -20.67
CA PHE A 1115 19.02 65.54 -19.89
C PHE A 1115 19.04 66.72 -20.86
N TYR A 1116 18.33 67.79 -20.51
CA TYR A 1116 18.27 68.95 -21.38
C TYR A 1116 19.51 69.81 -21.16
N GLU A 1117 20.38 69.84 -22.17
CA GLU A 1117 21.60 70.65 -22.12
C GLU A 1117 21.90 71.07 -23.54
N PRO A 1118 21.36 72.21 -23.98
CA PRO A 1118 21.49 72.60 -25.39
C PRO A 1118 22.85 73.21 -25.70
N GLN A 1119 23.35 72.91 -26.90
CA GLN A 1119 24.64 73.42 -27.35
C GLN A 1119 24.53 73.85 -28.81
N ILE A 1120 25.46 74.71 -29.22
CA ILE A 1120 25.48 75.22 -30.58
C ILE A 1120 25.95 74.12 -31.53
N ILE A 1121 25.23 73.96 -32.64
CA ILE A 1121 25.57 72.95 -33.64
C ILE A 1121 26.83 73.37 -34.37
N THR A 1122 27.89 72.59 -34.22
CA THR A 1122 29.17 72.84 -34.88
C THR A 1122 29.59 71.59 -35.64
N THR A 1123 30.77 71.65 -36.25
CA THR A 1123 31.29 70.51 -37.02
C THR A 1123 31.86 69.42 -36.13
N ASP A 1124 32.11 69.70 -34.85
CA ASP A 1124 32.59 68.67 -33.92
C ASP A 1124 31.48 68.04 -33.09
N ASN A 1125 30.23 68.47 -33.26
CA ASN A 1125 29.08 67.79 -32.69
C ASN A 1125 28.44 66.80 -33.64
N THR A 1126 28.59 67.03 -34.95
CA THR A 1126 27.89 66.28 -35.98
C THR A 1126 28.89 65.64 -36.93
N PHE A 1127 28.40 64.65 -37.69
CA PHE A 1127 29.18 64.04 -38.76
C PHE A 1127 28.40 64.12 -40.07
N VAL A 1128 29.14 64.15 -41.17
CA VAL A 1128 28.58 64.37 -42.50
C VAL A 1128 28.45 63.02 -43.21
N SER A 1129 27.30 62.80 -43.85
CA SER A 1129 27.09 61.57 -44.59
C SER A 1129 26.11 61.84 -45.73
N GLY A 1130 26.65 62.03 -46.93
CA GLY A 1130 25.85 62.16 -48.12
C GLY A 1130 25.22 63.54 -48.29
N ASN A 1131 24.38 63.63 -49.32
CA ASN A 1131 23.68 64.86 -49.65
C ASN A 1131 22.30 64.89 -48.96
N CYS A 1132 21.44 65.81 -49.39
CA CYS A 1132 20.21 66.14 -48.67
C CYS A 1132 18.95 65.92 -49.50
N ASP A 1133 18.92 64.85 -50.31
CA ASP A 1133 17.70 64.49 -51.01
C ASP A 1133 17.32 63.04 -50.78
N VAL A 1134 17.86 62.43 -49.72
CA VAL A 1134 17.55 61.04 -49.40
C VAL A 1134 16.95 60.89 -47.99
N VAL A 1135 17.11 61.87 -47.10
CA VAL A 1135 16.59 61.81 -45.74
C VAL A 1135 15.27 62.53 -45.68
N ILE A 1136 14.24 61.85 -45.18
CA ILE A 1136 12.88 62.40 -45.09
C ILE A 1136 12.76 63.18 -43.78
N GLY A 1137 12.64 64.50 -43.89
CA GLY A 1137 12.50 65.35 -42.72
C GLY A 1137 13.65 66.31 -42.48
N ILE A 1138 14.63 66.38 -43.38
CA ILE A 1138 15.80 67.23 -43.18
C ILE A 1138 15.42 68.70 -43.29
N VAL A 1139 16.08 69.55 -42.50
CA VAL A 1139 15.73 70.96 -42.42
C VAL A 1139 16.95 71.82 -42.76
N ASN A 1140 16.67 73.06 -43.19
CA ASN A 1140 17.71 74.07 -43.33
C ASN A 1140 18.19 74.52 -41.96
N ASN A 1141 19.51 74.57 -41.78
CA ASN A 1141 20.16 75.28 -40.67
C ASN A 1141 21.62 75.45 -41.02
N THR A 1142 22.28 76.36 -40.32
CA THR A 1142 23.71 76.56 -40.49
C THR A 1142 24.49 75.77 -39.44
N VAL A 1143 25.67 75.31 -39.83
CA VAL A 1143 26.58 74.55 -38.98
C VAL A 1143 27.89 75.31 -38.92
N TYR A 1144 28.26 75.78 -37.74
CA TYR A 1144 29.39 76.68 -37.60
C TYR A 1144 30.71 75.91 -37.55
N ASP A 1145 31.61 76.25 -38.45
CA ASP A 1145 32.98 75.76 -38.37
C ASP A 1145 33.76 76.62 -37.40
N PRO A 1146 34.28 76.07 -36.30
CA PRO A 1146 34.95 76.92 -35.30
C PRO A 1146 36.43 77.17 -35.62
N LEU A 1147 36.84 76.92 -36.85
CA LEU A 1147 38.23 77.06 -37.23
C LEU A 1147 38.44 78.02 -38.40
N GLN A 1148 37.44 78.21 -39.26
CA GLN A 1148 37.56 79.20 -40.34
C GLN A 1148 37.55 80.62 -39.78
N LEU A 1149 36.77 80.85 -38.72
CA LEU A 1149 36.67 82.18 -38.12
C LEU A 1149 38.00 82.60 -37.50
N GLU A 1150 38.71 81.68 -36.86
CA GLU A 1150 40.00 81.98 -36.28
C GLU A 1150 41.04 82.28 -37.37
N LEU A 1151 41.00 81.54 -38.47
CA LEU A 1151 41.91 81.80 -39.59
C LEU A 1151 41.65 83.17 -40.20
N ASP A 1152 40.37 83.52 -40.39
CA ASP A 1152 40.03 84.82 -40.96
C ASP A 1152 40.36 85.97 -40.01
N SER A 1153 40.26 85.73 -38.69
CA SER A 1153 40.60 86.78 -37.73
C SER A 1153 42.11 86.98 -37.65
N PHE A 1154 42.88 85.89 -37.56
CA PHE A 1154 44.31 86.03 -37.31
C PHE A 1154 45.13 86.32 -38.56
N LYS A 1155 44.69 85.86 -39.74
CA LYS A 1155 45.47 86.12 -40.94
C LYS A 1155 45.34 87.56 -41.43
N GLU A 1156 44.31 88.28 -41.02
CA GLU A 1156 44.14 89.67 -41.42
C GLU A 1156 44.13 90.59 -40.21
N THR B 36 44.30 -20.07 38.28
CA THR B 36 44.45 -20.60 36.93
C THR B 36 43.28 -20.19 36.04
N GLN B 37 42.84 -18.94 36.19
CA GLN B 37 41.72 -18.37 35.43
C GLN B 37 42.09 -16.99 34.89
N SER B 38 43.27 -16.89 34.27
CA SER B 38 43.71 -15.63 33.71
C SER B 38 42.90 -15.26 32.48
N TYR B 39 42.71 -13.96 32.29
CA TYR B 39 41.89 -13.43 31.19
C TYR B 39 42.79 -12.73 30.18
N THR B 40 42.52 -12.96 28.90
CA THR B 40 43.23 -12.26 27.83
C THR B 40 42.23 -11.76 26.80
N ASN B 41 42.58 -10.69 26.09
CA ASN B 41 41.69 -10.17 25.06
C ASN B 41 41.93 -10.86 23.72
N SER B 42 40.86 -11.07 22.97
CA SER B 42 40.92 -11.74 21.67
C SER B 42 40.82 -10.69 20.56
N PHE B 43 41.81 -10.68 19.67
CA PHE B 43 41.98 -9.54 18.77
C PHE B 43 40.96 -9.56 17.63
N THR B 44 41.10 -10.52 16.71
CA THR B 44 40.23 -10.63 15.54
C THR B 44 39.86 -12.08 15.29
N ARG B 45 39.52 -12.80 16.34
CA ARG B 45 39.32 -14.24 16.28
C ARG B 45 37.86 -14.59 16.48
N GLY B 46 37.33 -15.43 15.60
CA GLY B 46 35.96 -15.92 15.73
C GLY B 46 35.01 -15.45 14.65
N VAL B 47 35.51 -15.20 13.45
CA VAL B 47 34.70 -14.74 12.32
C VAL B 47 34.50 -15.93 11.38
N TYR B 48 33.26 -16.17 10.98
CA TYR B 48 32.88 -17.43 10.38
C TYR B 48 32.12 -17.20 9.08
N TYR B 49 31.73 -18.31 8.45
CA TYR B 49 30.84 -18.28 7.31
C TYR B 49 29.43 -18.58 7.81
N PRO B 50 28.52 -17.60 7.84
CA PRO B 50 27.19 -17.85 8.40
C PRO B 50 26.30 -18.71 7.53
N ASP B 51 26.55 -18.81 6.23
CA ASP B 51 25.62 -19.48 5.33
C ASP B 51 26.36 -20.08 4.14
N LYS B 52 25.58 -20.68 3.23
CA LYS B 52 26.05 -21.47 2.10
C LYS B 52 26.45 -20.65 0.88
N VAL B 53 26.02 -19.40 0.80
CA VAL B 53 26.02 -18.70 -0.48
C VAL B 53 27.40 -18.14 -0.81
N PHE B 54 27.67 -18.05 -2.11
CA PHE B 54 28.91 -17.49 -2.65
C PHE B 54 28.73 -16.00 -2.89
N ARG B 55 29.67 -15.20 -2.40
CA ARG B 55 29.70 -13.78 -2.68
C ARG B 55 31.11 -13.36 -3.05
N SER B 56 31.21 -12.29 -3.82
CA SER B 56 32.50 -11.79 -4.30
C SER B 56 32.45 -10.27 -4.42
N SER B 57 33.46 -9.61 -3.84
CA SER B 57 33.66 -8.15 -3.89
C SER B 57 32.45 -7.40 -3.32
N VAL B 58 31.88 -7.91 -2.22
CA VAL B 58 30.76 -7.27 -1.57
C VAL B 58 31.14 -7.01 -0.12
N LEU B 59 30.28 -6.23 0.55
CA LEU B 59 30.44 -5.90 1.97
C LEU B 59 29.09 -6.16 2.63
N HIS B 60 29.01 -7.22 3.43
CA HIS B 60 27.72 -7.76 3.87
C HIS B 60 27.54 -7.62 5.38
N LEU B 61 26.33 -7.22 5.79
CA LEU B 61 25.97 -7.10 7.20
C LEU B 61 25.24 -8.36 7.64
N THR B 62 25.76 -9.01 8.69
CA THR B 62 25.17 -10.22 9.23
C THR B 62 24.90 -10.05 10.72
N GLN B 63 23.66 -10.30 11.14
CA GLN B 63 23.26 -10.37 12.53
C GLN B 63 23.28 -11.83 12.97
N ASP B 64 24.28 -12.21 13.77
CA ASP B 64 24.49 -13.62 14.07
C ASP B 64 25.28 -13.73 15.37
N LEU B 65 25.39 -14.95 15.88
CA LEU B 65 26.15 -15.22 17.09
C LEU B 65 27.64 -15.26 16.73
N PHE B 66 28.35 -14.19 17.07
CA PHE B 66 29.77 -14.05 16.81
C PHE B 66 30.51 -13.78 18.11
N LEU B 67 31.82 -14.02 18.09
CA LEU B 67 32.67 -13.60 19.20
C LEU B 67 33.05 -12.13 19.00
N PRO B 68 32.73 -11.26 19.95
CA PRO B 68 32.98 -9.82 19.73
C PRO B 68 34.46 -9.48 19.77
N PHE B 69 34.81 -8.41 19.05
CA PHE B 69 36.19 -7.95 18.99
C PHE B 69 36.62 -7.38 20.33
N PHE B 70 37.86 -7.72 20.72
CA PHE B 70 38.53 -7.24 21.94
C PHE B 70 37.71 -7.58 23.19
N SER B 71 37.34 -8.84 23.31
CA SER B 71 36.64 -9.36 24.47
C SER B 71 37.56 -10.31 25.23
N ASN B 72 37.31 -10.44 26.53
CA ASN B 72 38.13 -11.30 27.38
C ASN B 72 37.74 -12.77 27.24
N VAL B 73 38.76 -13.62 27.25
CA VAL B 73 38.62 -15.06 27.17
C VAL B 73 39.42 -15.67 28.32
N THR B 74 39.02 -16.87 28.73
CA THR B 74 39.50 -17.51 29.93
C THR B 74 40.53 -18.57 29.59
N TRP B 75 41.66 -18.55 30.31
CA TRP B 75 42.71 -19.55 30.18
C TRP B 75 42.52 -20.54 31.33
N PHE B 76 42.28 -21.82 31.02
CA PHE B 76 42.24 -22.83 32.06
C PHE B 76 43.45 -23.74 31.91
N HIS B 77 44.19 -23.92 33.02
CA HIS B 77 45.45 -24.63 33.04
C HIS B 77 45.25 -26.10 33.43
N ALA B 78 46.30 -26.89 33.25
CA ALA B 78 46.28 -28.31 33.65
C ALA B 78 47.66 -28.70 34.17
N ILE B 79 47.87 -28.58 35.49
CA ILE B 79 49.13 -28.98 36.14
C ILE B 79 48.74 -29.74 37.41
N SER B 80 48.55 -31.06 37.29
CA SER B 80 48.70 -31.97 38.44
C SER B 80 49.14 -33.36 37.95
N GLY B 81 50.18 -33.41 37.11
CA GLY B 81 50.47 -34.63 36.35
C GLY B 81 50.88 -35.83 37.19
N THR B 82 51.73 -35.62 38.20
CA THR B 82 52.23 -36.76 38.97
C THR B 82 51.28 -37.17 40.08
N ASN B 83 50.41 -36.26 40.54
CA ASN B 83 49.58 -36.53 41.71
C ASN B 83 48.45 -37.51 41.37
N GLY B 84 48.21 -38.45 42.28
CA GLY B 84 47.18 -39.46 42.07
C GLY B 84 45.76 -38.95 42.26
N THR B 85 45.59 -37.83 42.95
CA THR B 85 44.28 -37.23 43.09
C THR B 85 43.84 -36.60 41.77
N LYS B 86 42.53 -36.34 41.67
CA LYS B 86 41.98 -35.66 40.50
C LYS B 86 42.53 -34.23 40.44
N ARG B 87 42.86 -33.79 39.22
CA ARG B 87 43.55 -32.52 39.06
C ARG B 87 42.65 -31.32 39.28
N PHE B 88 41.32 -31.48 39.15
CA PHE B 88 40.32 -30.42 39.12
C PHE B 88 40.58 -29.39 38.02
N ASP B 89 41.31 -29.79 36.98
CA ASP B 89 41.74 -28.91 35.90
C ASP B 89 40.78 -28.93 34.72
N ASN B 90 39.67 -29.67 34.84
CA ASN B 90 38.59 -29.70 33.86
C ASN B 90 37.32 -29.24 34.57
N PRO B 91 37.05 -27.94 34.63
CA PRO B 91 35.87 -27.44 35.34
C PRO B 91 34.60 -27.63 34.50
N VAL B 92 33.50 -27.12 35.04
CA VAL B 92 32.20 -27.15 34.38
C VAL B 92 31.83 -25.73 33.98
N LEU B 93 31.57 -25.53 32.68
CA LEU B 93 31.33 -24.23 32.11
C LEU B 93 29.91 -24.15 31.55
N PRO B 94 29.22 -23.01 31.69
CA PRO B 94 27.76 -22.99 31.55
C PRO B 94 27.20 -22.82 30.14
N PHE B 95 28.03 -22.86 29.08
CA PHE B 95 27.70 -23.03 27.64
C PHE B 95 26.46 -22.25 27.21
N ASN B 96 26.52 -20.92 27.21
CA ASN B 96 25.37 -20.14 26.77
C ASN B 96 25.64 -19.49 25.41
N ASP B 97 24.84 -19.91 24.41
CA ASP B 97 24.82 -19.38 23.05
C ASP B 97 26.17 -19.55 22.35
N GLY B 98 26.63 -20.80 22.27
CA GLY B 98 27.82 -21.13 21.51
C GLY B 98 29.13 -20.89 22.23
N VAL B 99 30.15 -21.69 21.93
CA VAL B 99 31.45 -21.59 22.59
C VAL B 99 32.55 -21.63 21.54
N TYR B 100 33.51 -20.70 21.65
CA TYR B 100 34.73 -20.68 20.86
C TYR B 100 35.85 -21.34 21.64
N PHE B 101 36.63 -22.18 20.97
CA PHE B 101 37.71 -22.93 21.59
C PHE B 101 38.95 -22.82 20.69
N ALA B 102 40.12 -22.73 21.31
CA ALA B 102 41.36 -22.68 20.55
C ALA B 102 42.47 -23.37 21.32
N SER B 103 43.45 -23.88 20.59
CA SER B 103 44.54 -24.63 21.21
C SER B 103 45.83 -24.46 20.41
N THR B 104 46.95 -24.44 21.14
CA THR B 104 48.29 -24.45 20.56
C THR B 104 49.06 -25.60 21.20
N GLU B 105 48.96 -26.80 20.63
CA GLU B 105 49.70 -27.95 21.11
C GLU B 105 50.21 -28.77 19.93
N LYS B 106 51.51 -29.10 19.96
CA LYS B 106 52.07 -30.00 18.96
C LYS B 106 51.55 -31.41 19.12
N SER B 107 51.40 -31.87 20.37
CA SER B 107 50.95 -33.22 20.66
C SER B 107 49.42 -33.29 20.59
N ASN B 108 48.87 -34.44 20.96
CA ASN B 108 47.43 -34.66 20.88
C ASN B 108 46.85 -34.95 22.25
N ILE B 109 47.22 -34.14 23.25
CA ILE B 109 46.66 -34.27 24.60
C ILE B 109 45.17 -33.94 24.58
N ILE B 110 44.79 -32.88 23.86
CA ILE B 110 43.38 -32.50 23.73
C ILE B 110 42.69 -33.47 22.76
N ARG B 111 41.75 -34.26 23.30
CA ARG B 111 41.01 -35.25 22.53
C ARG B 111 39.61 -35.36 23.13
N GLY B 112 38.64 -34.67 22.53
CA GLY B 112 37.25 -34.90 22.84
C GLY B 112 36.63 -33.82 23.71
N TRP B 113 35.30 -33.87 23.80
CA TRP B 113 34.51 -32.88 24.50
C TRP B 113 33.22 -33.54 24.95
N ILE B 114 32.78 -33.24 26.17
CA ILE B 114 31.54 -33.76 26.75
C ILE B 114 30.53 -32.61 26.79
N PHE B 115 29.33 -32.85 26.28
CA PHE B 115 28.23 -31.90 26.37
C PHE B 115 27.03 -32.58 27.00
N GLY B 116 26.22 -31.81 27.71
CA GLY B 116 25.01 -32.33 28.32
C GLY B 116 24.62 -31.52 29.55
N THR B 117 23.31 -31.53 29.85
CA THR B 117 22.79 -30.70 30.93
C THR B 117 23.19 -31.23 32.30
N THR B 118 23.01 -32.52 32.54
CA THR B 118 23.21 -33.10 33.87
C THR B 118 24.36 -34.07 33.96
N LEU B 119 24.73 -34.71 32.83
CA LEU B 119 25.76 -35.74 32.74
C LEU B 119 25.48 -36.92 33.69
N ASP B 120 24.19 -37.27 33.82
CA ASP B 120 23.76 -38.36 34.68
C ASP B 120 22.97 -39.37 33.87
N SER B 121 22.35 -40.34 34.56
CA SER B 121 21.54 -41.35 33.89
C SER B 121 20.18 -40.83 33.45
N LYS B 122 19.80 -39.63 33.85
CA LYS B 122 18.48 -39.09 33.51
C LYS B 122 18.42 -38.68 32.04
N THR B 123 19.47 -38.03 31.53
CA THR B 123 19.49 -37.50 30.18
C THR B 123 20.73 -37.99 29.44
N GLN B 124 20.67 -37.92 28.11
CA GLN B 124 21.78 -38.33 27.27
C GLN B 124 22.85 -37.24 27.23
N SER B 125 24.05 -37.64 26.83
CA SER B 125 25.19 -36.73 26.73
C SER B 125 25.92 -36.95 25.42
N LEU B 126 26.55 -35.89 24.92
CA LEU B 126 27.21 -35.90 23.62
C LEU B 126 28.72 -35.93 23.80
N LEU B 127 29.39 -36.75 23.01
CA LEU B 127 30.84 -36.89 23.04
C LEU B 127 31.40 -36.64 21.64
N ILE B 128 32.53 -35.95 21.58
CA ILE B 128 33.17 -35.60 20.31
C ILE B 128 34.57 -36.21 20.42
N VAL B 129 34.65 -37.41 21.03
CA VAL B 129 35.94 -38.04 21.28
C VAL B 129 36.64 -38.40 19.97
N ASN B 130 37.95 -38.20 19.94
CA ASN B 130 38.78 -38.47 18.76
C ASN B 130 39.79 -39.54 19.11
N ASN B 131 39.87 -40.57 18.28
CA ASN B 131 40.98 -41.51 18.32
C ASN B 131 42.06 -41.02 17.35
N ALA B 132 42.99 -41.91 17.00
CA ALA B 132 44.12 -41.53 16.15
C ALA B 132 43.67 -41.14 14.73
N THR B 133 42.77 -41.92 14.13
CA THR B 133 42.38 -41.69 12.74
C THR B 133 40.86 -41.70 12.52
N ASN B 134 40.06 -41.66 13.58
CA ASN B 134 38.61 -41.63 13.41
C ASN B 134 37.94 -40.96 14.61
N VAL B 135 36.69 -40.54 14.41
CA VAL B 135 35.87 -39.87 15.41
C VAL B 135 34.59 -40.67 15.60
N PHE B 136 34.29 -41.00 16.85
CA PHE B 136 32.99 -41.53 17.24
C PHE B 136 32.24 -40.44 18.00
N ILE B 137 31.07 -40.06 17.50
CA ILE B 137 30.17 -39.14 18.17
C ILE B 137 28.98 -39.95 18.64
N LYS B 138 28.81 -40.06 19.95
CA LYS B 138 27.76 -40.87 20.54
C LYS B 138 26.89 -40.00 21.44
N VAL B 139 25.59 -40.10 21.28
CA VAL B 139 24.63 -39.40 22.13
C VAL B 139 23.99 -40.47 23.02
N CYS B 140 24.52 -40.64 24.22
CA CYS B 140 24.19 -41.78 25.06
C CYS B 140 23.99 -41.34 26.50
N GLU B 141 23.20 -42.13 27.23
CA GLU B 141 23.07 -41.93 28.67
C GLU B 141 24.22 -42.62 29.41
N PHE B 142 24.77 -41.92 30.41
CA PHE B 142 25.87 -42.45 31.19
C PHE B 142 25.62 -42.18 32.66
N GLN B 143 25.63 -43.24 33.48
CA GLN B 143 25.24 -43.11 34.88
C GLN B 143 26.30 -42.38 35.69
N PHE B 144 27.56 -42.73 35.51
CA PHE B 144 28.63 -42.19 36.34
C PHE B 144 29.76 -41.63 35.49
N CYS B 145 30.28 -40.47 35.90
CA CYS B 145 31.49 -39.89 35.34
C CYS B 145 32.39 -39.60 36.53
N ASN B 146 33.13 -40.61 36.98
CA ASN B 146 33.91 -40.53 38.21
C ASN B 146 35.06 -39.54 38.10
N ASP B 147 36.07 -39.89 37.28
CA ASP B 147 37.38 -39.28 37.03
C ASP B 147 37.98 -39.92 35.79
N PRO B 148 38.79 -39.20 35.03
CA PRO B 148 39.62 -39.85 34.01
C PRO B 148 40.80 -40.57 34.66
N PHE B 149 41.48 -41.37 33.84
CA PHE B 149 42.66 -42.10 34.32
C PHE B 149 43.81 -41.15 34.63
N LEU B 150 44.52 -41.45 35.71
CA LEU B 150 45.61 -40.62 36.22
C LEU B 150 46.83 -41.49 36.47
N ASP B 151 47.96 -41.13 35.88
CA ASP B 151 49.20 -41.81 36.16
C ASP B 151 49.98 -41.08 37.26
N VAL B 152 51.05 -41.72 37.73
CA VAL B 152 51.86 -41.19 38.82
C VAL B 152 53.24 -40.84 38.27
N TYR B 153 53.66 -41.55 37.22
CA TYR B 153 55.02 -41.51 36.71
C TYR B 153 55.18 -40.35 35.72
N HIS B 154 56.29 -40.37 34.99
CA HIS B 154 56.70 -39.25 34.15
C HIS B 154 56.49 -39.59 32.67
N LYS B 155 56.11 -38.58 31.88
CA LYS B 155 55.89 -38.81 30.45
C LYS B 155 57.21 -38.96 29.70
N ASN B 156 58.27 -38.29 30.16
CA ASN B 156 59.57 -38.42 29.50
C ASN B 156 60.18 -39.79 29.72
N ASN B 157 59.85 -40.45 30.84
CA ASN B 157 60.31 -41.81 31.08
C ASN B 157 59.61 -42.80 30.16
N LYS B 158 58.27 -42.71 30.08
CA LYS B 158 57.45 -43.62 29.27
C LYS B 158 56.58 -42.75 28.35
N SER B 159 57.06 -42.53 27.13
CA SER B 159 56.34 -41.71 26.16
C SER B 159 55.42 -42.53 25.28
N TRP B 160 54.52 -43.32 25.90
CA TRP B 160 53.59 -44.16 25.17
C TRP B 160 52.26 -44.19 25.90
N MET B 161 51.18 -44.14 25.11
CA MET B 161 49.81 -44.16 25.65
C MET B 161 49.09 -45.33 24.99
N GLU B 162 48.89 -46.41 25.74
CA GLU B 162 48.35 -47.66 25.19
C GLU B 162 47.16 -48.13 26.01
N SER B 163 45.95 -47.79 25.53
CA SER B 163 44.66 -48.30 26.01
C SER B 163 44.45 -48.03 27.51
N GLU B 164 44.44 -46.74 27.84
CA GLU B 164 44.18 -46.29 29.20
C GLU B 164 43.17 -45.14 29.19
N SER B 165 42.11 -45.28 28.41
CA SER B 165 41.06 -44.27 28.29
C SER B 165 39.72 -44.96 28.56
N GLY B 166 39.36 -45.05 29.84
CA GLY B 166 38.07 -45.59 30.23
C GLY B 166 37.31 -44.65 31.11
N VAL B 167 36.19 -44.13 30.61
CA VAL B 167 35.41 -43.15 31.35
C VAL B 167 34.07 -43.72 31.83
N TYR B 168 33.42 -44.56 31.04
CA TYR B 168 32.11 -45.10 31.37
C TYR B 168 32.15 -46.62 31.45
N SER B 169 31.11 -47.17 32.08
CA SER B 169 30.94 -48.62 32.20
C SER B 169 29.58 -49.10 31.74
N SER B 170 28.54 -48.26 31.80
CA SER B 170 27.18 -48.66 31.46
C SER B 170 26.65 -47.78 30.34
N ALA B 171 25.96 -48.41 29.38
CA ALA B 171 25.32 -47.71 28.28
C ALA B 171 23.83 -48.04 28.31
N ASN B 172 23.00 -47.01 28.39
CA ASN B 172 21.55 -47.18 28.44
C ASN B 172 20.97 -47.13 27.03
N ASN B 173 19.65 -46.96 26.94
CA ASN B 173 18.97 -46.90 25.66
C ASN B 173 19.40 -45.66 24.88
N CYS B 174 20.00 -45.88 23.72
CA CYS B 174 20.69 -44.81 23.00
C CYS B 174 20.77 -45.16 21.52
N THR B 175 20.80 -44.11 20.69
CA THR B 175 21.02 -44.25 19.25
C THR B 175 22.06 -43.24 18.78
N PHE B 176 22.23 -43.16 17.45
CA PHE B 176 23.05 -42.16 16.75
C PHE B 176 24.52 -42.25 17.18
N GLU B 177 25.13 -43.37 16.81
CA GLU B 177 26.56 -43.59 17.05
C GLU B 177 27.33 -43.32 15.76
N TYR B 178 27.49 -42.03 15.48
CA TYR B 178 28.06 -41.59 14.22
C TYR B 178 29.58 -41.73 14.22
N VAL B 179 30.15 -42.08 13.06
CA VAL B 179 31.58 -42.35 12.91
C VAL B 179 32.07 -41.62 11.67
N SER B 180 33.17 -40.88 11.78
CA SER B 180 33.69 -40.16 10.61
C SER B 180 35.20 -39.92 10.76
N GLN B 181 35.71 -39.06 9.88
CA GLN B 181 37.11 -38.70 9.75
C GLN B 181 37.56 -37.85 10.95
N PRO B 182 38.87 -37.82 11.26
CA PRO B 182 39.31 -37.07 12.45
C PRO B 182 39.23 -35.56 12.26
N PHE B 183 38.72 -34.88 13.30
CA PHE B 183 38.70 -33.42 13.32
C PHE B 183 40.10 -32.86 13.39
N LEU B 184 40.93 -33.40 14.28
CA LEU B 184 42.27 -32.89 14.55
C LEU B 184 43.24 -33.54 13.57
N MET B 185 43.46 -32.88 12.45
CA MET B 185 44.47 -33.33 11.51
C MET B 185 45.87 -33.12 12.08
N ASP B 186 46.64 -34.19 12.15
CA ASP B 186 47.96 -34.16 12.78
C ASP B 186 48.96 -33.52 11.82
N LEU B 187 48.93 -32.19 11.78
CA LEU B 187 49.90 -31.42 11.00
C LEU B 187 51.21 -31.37 11.78
N GLU B 188 52.29 -31.85 11.18
CA GLU B 188 53.55 -31.99 11.89
C GLU B 188 54.23 -30.63 12.08
N GLY B 189 54.75 -30.42 13.28
CA GLY B 189 55.49 -29.21 13.58
C GLY B 189 56.92 -29.51 14.00
N LYS B 190 57.89 -28.98 13.25
CA LYS B 190 59.30 -29.26 13.46
C LYS B 190 60.08 -27.95 13.50
N GLN B 191 61.40 -28.09 13.70
CA GLN B 191 62.43 -27.04 13.64
C GLN B 191 62.29 -25.94 14.68
N GLY B 192 61.38 -26.09 15.65
CA GLY B 192 61.19 -25.07 16.67
C GLY B 192 60.41 -23.86 16.21
N ASN B 193 59.63 -23.27 17.12
CA ASN B 193 58.81 -22.08 16.92
C ASN B 193 57.76 -22.23 15.82
N PHE B 194 57.40 -23.47 15.47
CA PHE B 194 56.33 -23.76 14.50
C PHE B 194 55.35 -24.69 15.19
N LYS B 195 54.41 -24.10 15.93
CA LYS B 195 53.37 -24.84 16.62
C LYS B 195 52.03 -24.48 15.99
N ASN B 196 51.15 -25.47 15.87
CA ASN B 196 49.92 -25.28 15.13
C ASN B 196 48.80 -24.79 16.04
N LEU B 197 47.83 -24.11 15.42
CA LEU B 197 46.69 -23.51 16.09
C LEU B 197 45.40 -24.18 15.62
N ARG B 198 44.62 -24.65 16.59
CA ARG B 198 43.33 -25.32 16.28
C ARG B 198 42.18 -24.45 16.77
N GLU B 199 41.49 -23.77 15.85
CA GLU B 199 40.36 -22.88 16.24
C GLU B 199 39.04 -23.60 16.01
N PHE B 200 38.09 -23.48 16.94
CA PHE B 200 36.81 -24.23 16.84
C PHE B 200 35.68 -23.48 17.49
N VAL B 201 34.47 -23.57 16.94
CA VAL B 201 33.28 -22.98 17.63
C VAL B 201 32.19 -24.06 17.63
N PHE B 202 31.40 -24.13 18.69
CA PHE B 202 30.34 -25.15 18.81
C PHE B 202 29.02 -24.42 18.95
N LYS B 203 27.99 -24.81 18.19
CA LYS B 203 26.74 -24.01 18.24
C LYS B 203 25.48 -24.91 18.22
N ASN B 204 24.59 -24.71 19.19
CA ASN B 204 23.31 -25.41 19.25
C ASN B 204 22.20 -24.45 18.84
N ILE B 205 21.63 -24.69 17.66
CA ILE B 205 20.45 -23.96 17.20
C ILE B 205 19.39 -24.98 16.85
N ASP B 206 18.18 -24.79 17.41
CA ASP B 206 16.92 -25.56 17.35
C ASP B 206 17.13 -27.08 17.20
N GLY B 207 17.85 -27.66 18.16
CA GLY B 207 18.16 -29.08 18.14
C GLY B 207 19.09 -29.48 17.03
N TYR B 208 20.17 -28.71 16.85
CA TYR B 208 21.00 -28.85 15.66
C TYR B 208 22.38 -28.33 16.01
N PHE B 209 23.38 -29.21 15.96
CA PHE B 209 24.71 -28.98 16.53
C PHE B 209 25.72 -28.81 15.40
N LYS B 210 26.43 -27.68 15.42
CA LYS B 210 27.32 -27.28 14.34
C LYS B 210 28.74 -27.10 14.86
N ILE B 211 29.69 -27.78 14.21
CA ILE B 211 31.11 -27.65 14.52
C ILE B 211 31.80 -26.95 13.37
N TYR B 212 32.41 -25.82 13.69
CA TYR B 212 33.13 -24.95 12.76
C TYR B 212 34.60 -24.97 13.17
N SER B 213 35.50 -25.26 12.23
CA SER B 213 36.88 -25.45 12.64
C SER B 213 37.87 -25.21 11.51
N LYS B 214 39.07 -24.76 11.89
CA LYS B 214 40.19 -24.70 10.97
C LYS B 214 41.51 -24.79 11.74
N HIS B 215 42.52 -25.35 11.06
CA HIS B 215 43.84 -25.62 11.59
C HIS B 215 44.82 -24.71 10.84
N THR B 216 45.48 -23.79 11.55
CA THR B 216 46.43 -22.90 10.90
C THR B 216 47.76 -22.87 11.63
N PRO B 217 48.89 -22.94 10.92
CA PRO B 217 50.19 -22.86 11.60
C PRO B 217 50.56 -21.43 11.95
N ILE B 218 51.03 -21.23 13.17
CA ILE B 218 51.31 -19.91 13.71
C ILE B 218 52.71 -19.84 14.31
N ILE B 219 53.00 -18.74 14.99
CA ILE B 219 54.29 -18.47 15.62
C ILE B 219 54.06 -18.33 17.11
N GLY B 220 55.10 -17.97 17.86
CA GLY B 220 55.10 -17.96 19.33
C GLY B 220 54.14 -16.98 19.98
N ARG B 221 53.45 -16.15 19.21
CA ARG B 221 52.32 -15.38 19.72
C ARG B 221 51.24 -16.32 20.27
N ASP B 222 50.73 -15.99 21.47
CA ASP B 222 49.62 -16.77 22.02
C ASP B 222 48.34 -16.53 21.23
N PHE B 223 47.99 -15.28 21.00
CA PHE B 223 46.91 -14.89 20.09
C PHE B 223 47.57 -14.12 18.95
N PRO B 224 47.87 -14.78 17.83
CA PRO B 224 48.49 -14.07 16.70
C PRO B 224 47.57 -13.00 16.12
N GLN B 225 48.08 -11.77 16.09
CA GLN B 225 47.34 -10.66 15.51
C GLN B 225 47.27 -10.84 13.99
N GLY B 226 46.05 -11.03 13.50
CA GLY B 226 45.84 -11.38 12.11
C GLY B 226 44.43 -11.91 11.94
N PHE B 227 44.10 -12.21 10.70
CA PHE B 227 42.74 -12.61 10.37
C PHE B 227 42.77 -13.92 9.58
N SER B 228 41.75 -14.74 9.81
CA SER B 228 41.63 -16.00 9.09
C SER B 228 40.14 -16.31 8.91
N ALA B 229 39.71 -16.40 7.65
CA ALA B 229 38.37 -16.89 7.35
C ALA B 229 38.27 -18.34 7.78
N LEU B 230 37.39 -18.62 8.73
CA LEU B 230 37.52 -19.80 9.58
C LEU B 230 36.38 -20.74 9.25
N GLU B 231 36.71 -21.85 8.60
CA GLU B 231 35.80 -22.70 7.84
C GLU B 231 34.97 -23.62 8.74
N PRO B 232 33.86 -24.16 8.24
CA PRO B 232 33.18 -25.23 8.96
C PRO B 232 33.68 -26.63 8.62
N LEU B 233 33.36 -27.56 9.51
CA LEU B 233 33.50 -28.98 9.18
C LEU B 233 32.16 -29.71 9.14
N VAL B 234 31.43 -29.79 10.26
CA VAL B 234 30.32 -30.74 10.35
C VAL B 234 29.06 -30.12 10.94
N ASP B 235 27.93 -30.75 10.60
CA ASP B 235 26.60 -30.42 11.09
C ASP B 235 25.90 -31.72 11.50
N LEU B 236 25.21 -31.70 12.64
CA LEU B 236 24.54 -32.88 13.17
C LEU B 236 23.13 -32.56 13.66
N PRO B 237 22.18 -33.47 13.45
CA PRO B 237 20.89 -33.36 14.14
C PRO B 237 20.90 -34.06 15.49
N ILE B 238 20.67 -33.32 16.58
CA ILE B 238 20.73 -33.91 17.91
C ILE B 238 19.36 -33.86 18.58
N GLY B 239 18.82 -32.66 18.76
CA GLY B 239 17.53 -32.49 19.39
C GLY B 239 17.54 -32.44 20.90
N ILE B 240 18.71 -32.27 21.52
CA ILE B 240 18.85 -32.24 22.98
C ILE B 240 19.49 -30.92 23.36
N ASN B 241 18.83 -30.18 24.26
CA ASN B 241 19.39 -28.95 24.79
C ASN B 241 20.62 -29.22 25.63
N ILE B 242 21.58 -28.30 25.57
CA ILE B 242 22.86 -28.43 26.27
C ILE B 242 23.02 -27.25 27.21
N THR B 243 23.28 -27.53 28.49
CA THR B 243 23.51 -26.51 29.49
C THR B 243 24.96 -26.47 29.96
N ARG B 244 25.60 -27.61 30.19
CA ARG B 244 26.97 -27.66 30.68
C ARG B 244 27.85 -28.37 29.67
N PHE B 245 29.14 -28.05 29.68
CA PHE B 245 30.07 -28.84 28.89
C PHE B 245 31.40 -28.93 29.63
N GLN B 246 32.29 -29.76 29.09
CA GLN B 246 33.48 -30.20 29.80
C GLN B 246 34.47 -30.73 28.75
N THR B 247 35.76 -30.65 29.07
CA THR B 247 36.80 -31.02 28.12
C THR B 247 37.58 -32.24 28.60
N LEU B 248 38.11 -32.99 27.63
CA LEU B 248 38.82 -34.23 27.89
C LEU B 248 40.29 -34.10 27.51
N LEU B 249 41.16 -34.53 28.41
CA LEU B 249 42.59 -34.50 28.21
C LEU B 249 43.15 -35.89 28.52
N ALA B 250 44.34 -36.17 27.98
CA ALA B 250 45.11 -37.33 28.41
C ALA B 250 45.78 -36.97 29.73
N LEU B 251 44.99 -37.03 30.81
CA LEU B 251 45.37 -36.46 32.09
C LEU B 251 46.26 -37.37 32.91
N ASN B 252 46.83 -38.42 32.31
CA ASN B 252 47.83 -39.23 32.98
C ASN B 252 49.08 -38.41 33.29
N ARG B 253 49.64 -37.76 32.27
CA ARG B 253 50.91 -37.05 32.38
C ARG B 253 50.86 -35.83 31.46
N SER B 254 51.38 -34.70 31.95
CA SER B 254 51.40 -33.46 31.17
C SER B 254 52.71 -32.73 31.40
N TYR B 255 53.28 -32.19 30.32
CA TYR B 255 54.54 -31.47 30.39
C TYR B 255 54.45 -30.17 29.59
N LEU B 256 55.46 -29.31 29.82
CA LEU B 256 55.52 -27.94 29.31
C LEU B 256 54.28 -27.13 29.69
N THR B 257 53.82 -27.34 30.92
CA THR B 257 52.64 -26.67 31.45
C THR B 257 53.02 -25.87 32.70
N PRO B 258 53.09 -24.55 32.62
CA PRO B 258 53.25 -23.73 33.82
C PRO B 258 51.92 -23.18 34.33
N GLY B 259 51.91 -22.88 35.64
CA GLY B 259 50.71 -22.36 36.26
C GLY B 259 51.03 -21.60 37.53
N ASP B 260 50.01 -20.92 38.04
CA ASP B 260 50.11 -20.12 39.26
C ASP B 260 48.86 -20.30 40.09
N SER B 261 48.99 -20.04 41.40
CA SER B 261 47.87 -20.15 42.32
C SER B 261 46.98 -18.92 42.33
N SER B 262 47.42 -17.82 41.69
CA SER B 262 46.62 -16.61 41.66
C SER B 262 45.43 -16.73 40.73
N SER B 263 44.36 -16.04 41.07
CA SER B 263 43.12 -16.08 40.29
C SER B 263 42.64 -14.67 40.00
N GLY B 264 41.99 -14.51 38.85
CA GLY B 264 41.47 -13.21 38.44
C GLY B 264 42.22 -12.63 37.27
N TRP B 265 42.53 -11.33 37.34
CA TRP B 265 43.22 -10.62 36.26
C TRP B 265 44.72 -10.85 36.43
N THR B 266 45.20 -11.98 35.91
CA THR B 266 46.61 -12.36 35.97
C THR B 266 47.02 -12.84 34.58
N ALA B 267 48.19 -13.49 34.51
CA ALA B 267 48.69 -14.06 33.28
C ALA B 267 49.17 -15.48 33.52
N GLY B 268 49.07 -16.32 32.49
CA GLY B 268 49.49 -17.71 32.60
C GLY B 268 49.67 -18.31 31.22
N ALA B 269 50.17 -19.55 31.22
CA ALA B 269 50.42 -20.30 30.00
C ALA B 269 49.70 -21.64 30.09
N ALA B 270 48.61 -21.77 29.36
CA ALA B 270 47.72 -22.92 29.40
C ALA B 270 47.57 -23.64 28.07
N ASP B 271 47.52 -22.86 26.97
CA ASP B 271 47.24 -23.33 25.61
C ASP B 271 45.85 -23.97 25.47
N TYR B 272 44.87 -23.46 26.23
CA TYR B 272 43.46 -23.79 25.98
C TYR B 272 42.66 -22.51 26.13
N TYR B 273 41.99 -22.08 25.07
CA TYR B 273 41.39 -20.76 24.96
C TYR B 273 39.90 -20.94 24.81
N VAL B 274 39.11 -20.31 25.69
CA VAL B 274 37.65 -20.44 25.67
C VAL B 274 37.01 -19.06 25.65
N GLY B 275 36.22 -18.79 24.60
CA GLY B 275 35.46 -17.57 24.52
C GLY B 275 33.99 -17.87 24.31
N TYR B 276 33.16 -16.87 24.58
CA TYR B 276 31.71 -17.03 24.59
C TYR B 276 31.07 -16.10 23.57
N LEU B 277 30.25 -16.65 22.68
CA LEU B 277 29.65 -15.89 21.59
C LEU B 277 28.48 -15.04 22.08
N GLN B 278 28.18 -13.99 21.32
CA GLN B 278 27.13 -13.03 21.60
C GLN B 278 26.42 -12.69 20.28
N PRO B 279 25.12 -12.33 20.33
CA PRO B 279 24.42 -11.99 19.09
C PRO B 279 24.75 -10.60 18.57
N ARG B 280 25.82 -10.49 17.79
CA ARG B 280 26.31 -9.21 17.29
C ARG B 280 26.04 -9.06 15.79
N THR B 281 26.14 -7.84 15.32
CA THR B 281 26.08 -7.56 13.89
C THR B 281 27.47 -7.18 13.38
N PHE B 282 27.86 -7.80 12.28
CA PHE B 282 29.19 -7.67 11.70
C PHE B 282 29.09 -7.21 10.25
N LEU B 283 30.12 -6.51 9.78
CA LEU B 283 30.29 -6.19 8.38
C LEU B 283 31.48 -7.00 7.87
N LEU B 284 31.21 -7.92 6.93
CA LEU B 284 32.19 -8.86 6.41
C LEU B 284 32.58 -8.48 4.99
N LYS B 285 33.86 -8.67 4.68
CA LYS B 285 34.43 -8.33 3.38
C LYS B 285 34.71 -9.61 2.61
N TYR B 286 34.01 -9.81 1.50
CA TYR B 286 34.17 -10.99 0.66
C TYR B 286 35.10 -10.64 -0.49
N ASN B 287 36.13 -11.46 -0.68
CA ASN B 287 37.09 -11.24 -1.74
C ASN B 287 36.50 -11.71 -3.08
N GLU B 288 37.02 -11.14 -4.17
CA GLU B 288 36.64 -11.59 -5.51
C GLU B 288 37.03 -13.03 -5.77
N ASN B 289 38.07 -13.51 -5.10
CA ASN B 289 38.47 -14.92 -5.18
C ASN B 289 37.44 -15.80 -4.48
N GLY B 290 36.71 -15.25 -3.51
CA GLY B 290 35.58 -15.93 -2.93
C GLY B 290 35.61 -16.13 -1.42
N THR B 291 36.59 -15.54 -0.75
CA THR B 291 36.82 -15.78 0.66
C THR B 291 36.62 -14.50 1.47
N ILE B 292 36.49 -14.67 2.78
CA ILE B 292 36.37 -13.54 3.69
C ILE B 292 37.76 -13.06 4.06
N THR B 293 38.01 -11.76 3.89
CA THR B 293 39.34 -11.21 4.14
C THR B 293 39.41 -10.22 5.29
N ASP B 294 38.28 -9.66 5.74
CA ASP B 294 38.27 -8.74 6.88
C ASP B 294 36.84 -8.66 7.41
N ALA B 295 36.71 -8.16 8.64
CA ALA B 295 35.41 -7.95 9.26
C ALA B 295 35.53 -6.86 10.31
N VAL B 296 34.45 -6.09 10.47
CA VAL B 296 34.39 -5.08 11.53
C VAL B 296 33.11 -5.25 12.34
N ASP B 297 33.18 -4.82 13.59
CA ASP B 297 32.02 -4.70 14.47
C ASP B 297 31.19 -3.49 14.08
N CYS B 298 29.96 -3.44 14.60
CA CYS B 298 29.14 -2.26 14.52
C CYS B 298 28.74 -1.74 15.90
N ALA B 299 29.39 -2.22 16.96
CA ALA B 299 29.07 -1.78 18.31
C ALA B 299 30.31 -1.62 19.19
N LEU B 300 31.51 -1.73 18.62
CA LEU B 300 32.75 -1.62 19.38
C LEU B 300 33.21 -0.19 19.52
N ASP B 301 33.17 0.57 18.43
CA ASP B 301 33.71 1.91 18.31
C ASP B 301 32.70 2.79 17.62
N PRO B 302 32.79 4.12 17.77
CA PRO B 302 31.93 4.98 16.93
C PRO B 302 32.29 4.95 15.46
N LEU B 303 33.59 4.88 15.11
CA LEU B 303 33.93 4.80 13.68
C LEU B 303 33.59 3.45 13.09
N SER B 304 33.50 2.41 13.92
CA SER B 304 32.94 1.13 13.48
C SER B 304 31.48 1.30 13.08
N GLU B 305 30.72 2.11 13.83
CA GLU B 305 29.35 2.43 13.43
C GLU B 305 29.30 3.25 12.14
N THR B 306 30.24 4.18 11.96
CA THR B 306 30.28 4.94 10.70
C THR B 306 30.54 4.04 9.51
N LYS B 307 31.52 3.13 9.63
CA LYS B 307 31.80 2.26 8.50
C LYS B 307 30.80 1.11 8.37
N CYS B 308 29.96 0.87 9.38
CA CYS B 308 28.83 -0.03 9.19
C CYS B 308 27.66 0.65 8.50
N THR B 309 27.43 1.94 8.79
CA THR B 309 26.35 2.66 8.10
C THR B 309 26.72 3.03 6.67
N LEU B 310 28.00 3.28 6.39
CA LEU B 310 28.42 3.66 5.05
C LEU B 310 28.67 2.47 4.14
N LYS B 311 28.59 1.24 4.67
CA LYS B 311 28.85 -0.02 3.94
C LYS B 311 30.24 -0.01 3.29
N SER B 312 31.25 0.36 4.07
CA SER B 312 32.60 0.50 3.53
C SER B 312 33.61 0.22 4.61
N PHE B 313 34.88 0.10 4.20
CA PHE B 313 36.01 -0.01 5.11
C PHE B 313 36.88 1.24 5.14
N THR B 314 36.75 2.12 4.16
CA THR B 314 37.44 3.40 4.14
C THR B 314 36.41 4.50 4.28
N VAL B 315 36.63 5.39 5.25
CA VAL B 315 35.69 6.46 5.57
C VAL B 315 36.36 7.78 5.23
N GLU B 316 35.71 8.58 4.40
CA GLU B 316 36.24 9.87 4.00
C GLU B 316 36.08 10.89 5.12
N LYS B 317 36.75 12.02 4.95
CA LYS B 317 36.71 13.11 5.93
C LYS B 317 35.35 13.80 5.91
N GLY B 318 34.78 14.02 7.09
CA GLY B 318 33.52 14.71 7.21
C GLY B 318 32.82 14.34 8.49
N ILE B 319 31.55 14.73 8.57
CA ILE B 319 30.67 14.41 9.69
C ILE B 319 29.56 13.49 9.20
N TYR B 320 29.28 12.44 9.99
CA TYR B 320 28.31 11.43 9.63
C TYR B 320 27.41 11.17 10.82
N GLN B 321 26.11 11.16 10.59
CA GLN B 321 25.14 10.83 11.63
C GLN B 321 24.87 9.33 11.59
N THR B 322 25.15 8.65 12.70
CA THR B 322 25.10 7.20 12.74
C THR B 322 23.85 6.66 13.42
N SER B 323 23.55 7.11 14.62
CA SER B 323 22.44 6.56 15.38
C SER B 323 21.81 7.65 16.23
N ASN B 324 21.00 7.23 17.19
CA ASN B 324 20.31 8.14 18.09
C ASN B 324 20.59 7.72 19.52
N PHE B 325 20.66 8.71 20.41
CA PHE B 325 20.77 8.47 21.84
C PHE B 325 19.46 8.86 22.53
N ARG B 326 19.17 8.16 23.61
CA ARG B 326 18.07 8.49 24.51
C ARG B 326 18.39 7.92 25.88
N VAL B 327 17.90 8.59 26.92
CA VAL B 327 18.21 8.22 28.29
C VAL B 327 17.19 7.21 28.79
N GLN B 328 17.68 6.04 29.21
CA GLN B 328 16.81 4.99 29.72
C GLN B 328 16.32 5.36 31.12
N PRO B 329 15.11 4.92 31.50
CA PRO B 329 14.63 5.19 32.86
C PRO B 329 15.36 4.34 33.88
N THR B 330 15.67 4.95 35.03
CA THR B 330 16.40 4.25 36.09
C THR B 330 15.53 3.18 36.74
N GLU B 331 14.29 3.51 37.04
CA GLU B 331 13.36 2.60 37.70
C GLU B 331 11.95 3.03 37.36
N SER B 332 10.98 2.22 37.79
CA SER B 332 9.58 2.43 37.47
C SER B 332 8.75 2.50 38.74
N ILE B 333 7.82 3.45 38.78
CA ILE B 333 6.92 3.60 39.92
C ILE B 333 5.49 3.29 39.48
N VAL B 334 4.70 2.83 40.45
CA VAL B 334 3.27 2.56 40.27
C VAL B 334 2.55 3.31 41.39
N ARG B 335 1.53 4.09 41.03
CA ARG B 335 0.80 4.90 41.99
C ARG B 335 -0.69 4.80 41.70
N PHE B 336 -1.42 4.13 42.59
CA PHE B 336 -2.86 3.93 42.55
C PHE B 336 -3.52 4.66 43.73
N PRO B 337 -4.80 5.10 43.60
CA PRO B 337 -5.43 5.91 44.67
C PRO B 337 -5.73 5.14 45.94
N ASN B 338 -6.41 5.81 46.88
CA ASN B 338 -6.70 5.26 48.21
C ASN B 338 -7.83 4.25 48.10
N VAL B 339 -7.50 3.07 47.58
CA VAL B 339 -8.49 2.02 47.37
C VAL B 339 -8.68 1.28 48.70
N THR B 340 -9.83 1.50 49.33
CA THR B 340 -10.18 0.83 50.57
C THR B 340 -10.92 -0.47 50.24
N ASN B 341 -11.30 -1.19 51.32
CA ASN B 341 -12.02 -2.45 51.44
C ASN B 341 -11.89 -3.46 50.29
N LEU B 342 -12.93 -4.28 50.09
CA LEU B 342 -12.92 -5.32 49.07
C LEU B 342 -14.36 -5.71 48.80
N CYS B 343 -14.81 -5.51 47.56
CA CYS B 343 -16.15 -5.96 47.17
C CYS B 343 -16.16 -7.49 47.09
N PRO B 344 -17.05 -8.17 47.82
CA PRO B 344 -17.11 -9.64 47.75
C PRO B 344 -17.85 -10.08 46.50
N PHE B 345 -17.12 -10.72 45.58
CA PHE B 345 -17.72 -11.09 44.30
C PHE B 345 -18.54 -12.36 44.40
N HIS B 346 -18.19 -13.26 45.33
CA HIS B 346 -18.87 -14.56 45.43
C HIS B 346 -20.33 -14.41 45.89
N GLU B 347 -20.63 -13.41 46.71
CA GLU B 347 -22.02 -13.17 47.09
C GLU B 347 -22.82 -12.60 45.93
N VAL B 348 -22.16 -11.87 45.02
CA VAL B 348 -22.80 -11.43 43.80
C VAL B 348 -23.05 -12.60 42.85
N PHE B 349 -22.08 -13.54 42.78
CA PHE B 349 -22.17 -14.65 41.83
C PHE B 349 -23.32 -15.61 42.18
N ASN B 350 -23.53 -15.87 43.46
CA ASN B 350 -24.49 -16.87 43.90
C ASN B 350 -25.76 -16.20 44.43
N ALA B 351 -26.91 -16.70 43.95
CA ALA B 351 -28.22 -16.25 44.42
C ALA B 351 -29.08 -17.47 44.71
N THR B 352 -30.08 -17.26 45.57
CA THR B 352 -30.96 -18.36 45.97
C THR B 352 -31.82 -18.82 44.80
N ARG B 353 -32.51 -17.89 44.13
CA ARG B 353 -33.29 -18.20 42.94
C ARG B 353 -33.05 -17.12 41.91
N PHE B 354 -32.59 -17.54 40.73
CA PHE B 354 -32.42 -16.61 39.63
C PHE B 354 -33.77 -16.20 39.05
N ALA B 355 -33.83 -14.95 38.58
CA ALA B 355 -35.07 -14.35 38.09
C ALA B 355 -35.36 -14.80 36.66
N SER B 356 -36.25 -14.08 35.98
CA SER B 356 -36.59 -14.36 34.60
C SER B 356 -35.85 -13.41 33.66
N VAL B 357 -36.10 -13.57 32.36
CA VAL B 357 -35.53 -12.69 31.34
C VAL B 357 -36.13 -11.30 31.45
N TYR B 358 -37.40 -11.22 31.87
CA TYR B 358 -38.15 -9.97 31.89
C TYR B 358 -37.55 -8.94 32.84
N ALA B 359 -37.14 -9.37 34.03
CA ALA B 359 -36.48 -8.50 35.00
C ALA B 359 -35.35 -9.29 35.66
N TRP B 360 -34.17 -9.23 35.06
CA TRP B 360 -32.99 -9.84 35.66
C TRP B 360 -32.41 -8.91 36.72
N ASN B 361 -31.32 -9.36 37.35
CA ASN B 361 -30.64 -8.57 38.37
C ASN B 361 -29.29 -8.15 37.81
N ARG B 362 -29.07 -6.83 37.74
CA ARG B 362 -27.81 -6.25 37.30
C ARG B 362 -27.10 -5.63 38.48
N THR B 363 -25.83 -5.98 38.67
CA THR B 363 -25.04 -5.39 39.74
C THR B 363 -23.90 -4.57 39.13
N ARG B 364 -23.52 -3.50 39.82
CA ARG B 364 -22.38 -2.69 39.44
C ARG B 364 -21.39 -2.63 40.61
N ILE B 365 -20.10 -2.60 40.28
CA ILE B 365 -19.09 -2.53 41.33
C ILE B 365 -18.21 -1.31 41.12
N SER B 366 -17.73 -0.75 42.23
CA SER B 366 -16.85 0.40 42.23
C SER B 366 -16.15 0.49 43.58
N ASN B 367 -15.03 1.22 43.60
CA ASN B 367 -14.26 1.56 44.80
C ASN B 367 -13.78 0.31 45.57
N CYS B 368 -13.33 -0.70 44.83
CA CYS B 368 -12.83 -1.92 45.44
C CYS B 368 -11.62 -2.44 44.66
N VAL B 369 -10.85 -3.31 45.33
CA VAL B 369 -9.78 -4.03 44.66
C VAL B 369 -10.37 -5.12 43.79
N ALA B 370 -9.97 -5.16 42.52
CA ALA B 370 -10.48 -6.12 41.57
C ALA B 370 -9.64 -7.39 41.61
N ASP B 371 -10.25 -8.50 42.03
CA ASP B 371 -9.57 -9.78 42.11
C ASP B 371 -10.27 -10.76 41.18
N TYR B 372 -9.48 -11.40 40.31
CA TYR B 372 -10.02 -12.34 39.33
C TYR B 372 -9.42 -13.74 39.44
N SER B 373 -8.25 -13.89 40.05
CA SER B 373 -7.69 -15.20 40.31
C SER B 373 -8.39 -15.91 41.46
N VAL B 374 -9.21 -15.21 42.23
CA VAL B 374 -9.99 -15.81 43.30
C VAL B 374 -11.40 -16.17 42.86
N LEU B 375 -11.72 -15.99 41.58
CA LEU B 375 -13.01 -16.41 41.06
C LEU B 375 -12.96 -17.80 40.43
N TYR B 376 -11.76 -18.36 40.24
CA TYR B 376 -11.67 -19.72 39.73
C TYR B 376 -12.10 -20.75 40.78
N ASN B 377 -11.82 -20.49 42.05
CA ASN B 377 -12.18 -21.45 43.10
C ASN B 377 -13.59 -21.25 43.65
N PHE B 378 -14.22 -20.10 43.41
CA PHE B 378 -15.63 -19.95 43.73
C PHE B 378 -16.48 -20.88 42.88
N ALA B 379 -16.20 -20.91 41.57
CA ALA B 379 -16.85 -21.81 40.63
C ALA B 379 -15.96 -22.00 39.41
N PRO B 380 -15.46 -23.22 39.17
CA PRO B 380 -14.75 -23.49 37.92
C PRO B 380 -15.73 -23.74 36.77
N PHE B 381 -15.77 -22.81 35.82
CA PHE B 381 -16.65 -22.89 34.68
C PHE B 381 -15.98 -23.68 33.56
N PHE B 382 -16.58 -23.68 32.36
CA PHE B 382 -16.02 -24.37 31.20
C PHE B 382 -15.87 -23.46 29.99
N ALA B 383 -16.01 -22.14 30.16
CA ALA B 383 -15.82 -21.23 29.04
C ALA B 383 -14.62 -20.32 29.23
N PHE B 384 -14.63 -19.47 30.27
CA PHE B 384 -13.61 -18.44 30.53
C PHE B 384 -13.25 -17.63 29.27
N LYS B 385 -14.28 -17.17 28.57
CA LYS B 385 -14.11 -16.48 27.29
C LYS B 385 -14.14 -14.99 27.54
N CYS B 386 -12.96 -14.42 27.80
CA CYS B 386 -12.82 -12.97 27.93
C CYS B 386 -12.53 -12.38 26.55
N TYR B 387 -13.47 -11.59 26.03
CA TYR B 387 -13.37 -11.07 24.67
C TYR B 387 -12.68 -9.72 24.58
N GLY B 388 -12.20 -9.17 25.70
CA GLY B 388 -11.46 -7.92 25.59
C GLY B 388 -10.05 -7.90 26.16
N VAL B 389 -9.78 -8.68 27.21
CA VAL B 389 -8.51 -8.65 27.93
C VAL B 389 -8.08 -10.09 28.17
N SER B 390 -6.79 -10.35 28.01
CA SER B 390 -6.22 -11.63 28.43
C SER B 390 -6.35 -11.80 29.94
N PRO B 391 -6.67 -13.01 30.43
CA PRO B 391 -7.04 -13.15 31.85
C PRO B 391 -5.91 -12.93 32.84
N THR B 392 -4.64 -12.94 32.42
CA THR B 392 -3.55 -12.68 33.33
C THR B 392 -3.22 -11.21 33.48
N LYS B 393 -3.79 -10.35 32.64
CA LYS B 393 -3.51 -8.91 32.69
C LYS B 393 -4.58 -8.11 33.41
N LEU B 394 -5.58 -8.78 33.99
CA LEU B 394 -6.63 -8.08 34.74
C LEU B 394 -6.11 -7.48 36.04
N ASN B 395 -5.11 -8.10 36.66
CA ASN B 395 -4.66 -7.64 37.97
C ASN B 395 -3.82 -6.38 37.89
N ASP B 396 -3.29 -6.02 36.72
CA ASP B 396 -2.46 -4.84 36.55
C ASP B 396 -3.13 -3.74 35.73
N LEU B 397 -4.45 -3.81 35.56
CA LEU B 397 -5.18 -2.87 34.72
C LEU B 397 -6.31 -2.25 35.55
N CYS B 398 -6.60 -0.98 35.29
CA CYS B 398 -7.58 -0.22 36.04
C CYS B 398 -8.81 0.06 35.19
N PHE B 399 -9.98 0.00 35.83
CA PHE B 399 -11.28 0.14 35.17
C PHE B 399 -12.01 1.36 35.71
N THR B 400 -12.96 1.85 34.92
CA THR B 400 -13.83 2.92 35.38
C THR B 400 -15.11 2.36 36.01
N ASN B 401 -15.78 1.43 35.32
CA ASN B 401 -16.99 0.84 35.86
C ASN B 401 -17.16 -0.56 35.29
N VAL B 402 -17.61 -1.48 36.14
CA VAL B 402 -17.76 -2.89 35.83
C VAL B 402 -19.16 -3.32 36.26
N TYR B 403 -19.87 -3.98 35.34
CA TYR B 403 -21.18 -4.56 35.59
C TYR B 403 -21.11 -6.09 35.59
N ALA B 404 -21.94 -6.71 36.41
CA ALA B 404 -22.05 -8.16 36.53
C ALA B 404 -23.49 -8.58 36.39
N ASP B 405 -23.71 -9.63 35.58
CA ASP B 405 -25.02 -10.22 35.33
C ASP B 405 -24.95 -11.72 35.51
N SER B 406 -26.04 -12.32 35.99
CA SER B 406 -26.15 -13.76 36.19
C SER B 406 -27.46 -14.24 35.57
N PHE B 407 -27.37 -14.97 34.46
CA PHE B 407 -28.51 -15.41 33.66
C PHE B 407 -28.61 -16.93 33.69
N VAL B 408 -29.80 -17.45 33.38
CA VAL B 408 -30.02 -18.88 33.18
C VAL B 408 -30.70 -19.06 31.83
N ILE B 409 -30.01 -19.73 30.89
CA ILE B 409 -30.45 -19.85 29.50
C ILE B 409 -30.32 -21.31 29.06
N LYS B 410 -31.23 -21.76 28.19
CA LYS B 410 -31.10 -23.05 27.54
C LYS B 410 -29.79 -23.15 26.75
N GLY B 411 -29.30 -24.39 26.63
CA GLY B 411 -28.01 -24.65 26.05
C GLY B 411 -27.94 -24.67 24.54
N ASN B 412 -29.07 -24.49 23.85
CA ASN B 412 -29.04 -24.45 22.39
C ASN B 412 -28.48 -23.13 21.86
N GLU B 413 -28.46 -22.09 22.67
CA GLU B 413 -28.05 -20.75 22.26
C GLU B 413 -27.06 -20.14 23.24
N VAL B 414 -26.12 -20.95 23.73
CA VAL B 414 -25.03 -20.42 24.55
C VAL B 414 -24.11 -19.55 23.70
N SER B 415 -23.83 -20.00 22.47
CA SER B 415 -23.03 -19.24 21.52
C SER B 415 -23.71 -17.96 21.04
N GLN B 416 -25.02 -17.81 21.29
CA GLN B 416 -25.73 -16.57 20.95
C GLN B 416 -25.38 -15.41 21.87
N ILE B 417 -24.68 -15.65 22.97
CA ILE B 417 -24.23 -14.55 23.86
C ILE B 417 -22.88 -14.11 23.33
N ALA B 418 -22.92 -13.28 22.28
CA ALA B 418 -21.80 -12.75 21.52
C ALA B 418 -22.36 -11.73 20.54
N PRO B 419 -21.63 -10.69 20.16
CA PRO B 419 -22.16 -9.72 19.21
C PRO B 419 -22.28 -10.28 17.80
N GLY B 420 -23.22 -9.72 17.04
CA GLY B 420 -23.41 -10.10 15.65
C GLY B 420 -24.32 -11.28 15.42
N GLN B 421 -25.18 -11.63 16.38
CA GLN B 421 -26.05 -12.79 16.27
C GLN B 421 -27.49 -12.41 16.56
N THR B 422 -28.40 -12.96 15.77
CA THR B 422 -29.82 -12.64 15.84
C THR B 422 -30.63 -13.89 16.16
N GLY B 423 -31.93 -13.69 16.35
CA GLY B 423 -32.85 -14.74 16.70
C GLY B 423 -33.97 -14.20 17.56
N ASN B 424 -35.07 -14.96 17.62
CA ASN B 424 -36.22 -14.56 18.43
C ASN B 424 -35.91 -14.62 19.92
N ILE B 425 -35.05 -15.55 20.33
CA ILE B 425 -34.55 -15.58 21.71
C ILE B 425 -33.38 -14.64 21.89
N ALA B 426 -32.80 -14.13 20.79
CA ALA B 426 -31.68 -13.20 20.86
C ALA B 426 -32.10 -11.75 20.73
N ASP B 427 -32.85 -11.41 19.68
CA ASP B 427 -33.24 -10.01 19.47
C ASP B 427 -34.27 -9.56 20.49
N TYR B 428 -35.22 -10.43 20.84
CA TYR B 428 -36.33 -10.05 21.68
C TYR B 428 -36.09 -10.33 23.16
N ASN B 429 -34.88 -10.74 23.55
CA ASN B 429 -34.55 -10.85 24.96
C ASN B 429 -33.38 -9.95 25.34
N TYR B 430 -32.22 -10.11 24.73
CA TYR B 430 -31.01 -9.40 25.15
C TYR B 430 -30.07 -9.32 23.97
N LYS B 431 -29.73 -8.11 23.54
CA LYS B 431 -28.82 -7.87 22.43
C LYS B 431 -27.49 -7.39 22.99
N LEU B 432 -26.40 -8.04 22.58
CA LEU B 432 -25.10 -7.51 22.94
C LEU B 432 -24.60 -6.56 21.85
N PRO B 433 -24.02 -5.42 22.22
CA PRO B 433 -23.52 -4.49 21.21
C PRO B 433 -22.24 -5.01 20.55
N ASP B 434 -21.95 -4.46 19.37
CA ASP B 434 -20.82 -4.90 18.57
C ASP B 434 -19.47 -4.51 19.17
N ASP B 435 -19.45 -3.62 20.14
CA ASP B 435 -18.21 -3.20 20.82
C ASP B 435 -18.19 -3.68 22.26
N PHE B 436 -18.61 -4.93 22.48
CA PHE B 436 -18.62 -5.49 23.83
C PHE B 436 -17.20 -5.86 24.24
N THR B 437 -16.74 -5.29 25.36
CA THR B 437 -15.45 -5.61 25.96
C THR B 437 -15.75 -6.22 27.33
N GLY B 438 -15.71 -7.54 27.42
CA GLY B 438 -16.02 -8.19 28.68
C GLY B 438 -15.70 -9.66 28.64
N CYS B 439 -16.26 -10.38 29.63
CA CYS B 439 -16.00 -11.80 29.85
C CYS B 439 -17.32 -12.51 30.07
N VAL B 440 -17.46 -13.70 29.48
CA VAL B 440 -18.65 -14.54 29.61
C VAL B 440 -18.19 -15.91 30.13
N ILE B 441 -18.62 -16.26 31.35
CA ILE B 441 -18.22 -17.50 32.01
C ILE B 441 -19.47 -18.29 32.41
N ALA B 442 -19.54 -19.56 32.00
CA ALA B 442 -20.79 -20.31 32.11
C ALA B 442 -20.54 -21.77 32.50
N TRP B 443 -21.57 -22.39 33.09
CA TRP B 443 -21.46 -23.76 33.60
C TRP B 443 -22.76 -24.53 33.34
N ASN B 444 -22.60 -25.85 33.18
CA ASN B 444 -23.68 -26.81 32.94
C ASN B 444 -24.52 -26.94 34.22
N SER B 445 -25.65 -26.25 34.28
CA SER B 445 -26.50 -26.28 35.46
C SER B 445 -27.55 -27.37 35.28
N ASN B 446 -27.16 -28.60 35.62
CA ASN B 446 -28.05 -29.74 35.56
C ASN B 446 -28.36 -30.35 36.92
N LYS B 447 -27.56 -30.03 37.94
CA LYS B 447 -27.75 -30.60 39.27
C LYS B 447 -28.71 -29.77 40.12
N LEU B 448 -28.60 -28.45 40.06
CA LEU B 448 -29.40 -27.56 40.89
C LEU B 448 -30.62 -27.00 40.18
N ASP B 449 -30.94 -27.51 38.98
CA ASP B 449 -32.09 -27.04 38.23
C ASP B 449 -33.01 -28.20 37.82
N SER B 450 -32.99 -29.30 38.56
CA SER B 450 -33.87 -30.44 38.31
C SER B 450 -34.70 -30.72 39.56
N LYS B 451 -35.94 -31.14 39.36
CA LYS B 451 -36.87 -31.37 40.46
C LYS B 451 -37.66 -32.64 40.15
N HIS B 452 -38.79 -32.81 40.84
CA HIS B 452 -39.55 -34.07 40.78
C HIS B 452 -40.18 -34.29 39.40
N SER B 453 -40.81 -33.25 38.84
CA SER B 453 -41.52 -33.38 37.58
C SER B 453 -41.25 -32.24 36.61
N GLY B 454 -40.30 -31.36 36.93
CA GLY B 454 -39.96 -30.26 36.06
C GLY B 454 -40.07 -28.91 36.77
N ASN B 455 -39.56 -27.89 36.09
CA ASN B 455 -39.53 -26.54 36.60
C ASN B 455 -40.32 -25.62 35.66
N TYR B 456 -40.84 -24.53 36.22
CA TYR B 456 -41.56 -23.54 35.43
C TYR B 456 -41.25 -22.11 35.87
N ASP B 457 -40.10 -21.90 36.52
CA ASP B 457 -39.78 -20.60 37.11
C ASP B 457 -39.11 -19.65 36.12
N TYR B 458 -38.77 -20.10 34.91
CA TYR B 458 -38.15 -19.26 33.91
C TYR B 458 -39.15 -18.97 32.80
N TRP B 459 -39.27 -17.70 32.42
CA TRP B 459 -40.23 -17.27 31.41
C TRP B 459 -39.54 -16.40 30.36
N TYR B 460 -39.90 -16.63 29.10
CA TYR B 460 -39.27 -15.98 27.96
C TYR B 460 -40.34 -15.38 27.06
N ARG B 461 -39.92 -14.48 26.17
CA ARG B 461 -40.77 -13.94 25.12
C ARG B 461 -40.41 -14.53 23.76
N SER B 462 -41.42 -14.74 22.93
CA SER B 462 -41.25 -15.08 21.53
C SER B 462 -41.99 -14.15 20.59
N PHE B 463 -42.85 -13.26 21.10
CA PHE B 463 -43.59 -12.31 20.28
C PHE B 463 -43.41 -10.91 20.83
N ARG B 464 -43.09 -9.97 19.95
CA ARG B 464 -43.00 -8.55 20.31
C ARG B 464 -43.39 -7.72 19.09
N LYS B 465 -43.57 -6.42 19.33
CA LYS B 465 -43.88 -5.49 18.24
C LYS B 465 -42.69 -5.32 17.31
N SER B 466 -41.50 -5.12 17.87
CA SER B 466 -40.29 -4.91 17.08
C SER B 466 -39.08 -5.28 17.94
N LYS B 467 -37.91 -5.21 17.33
CA LYS B 467 -36.66 -5.41 18.05
C LYS B 467 -36.41 -4.24 18.99
N LEU B 468 -35.78 -4.53 20.13
CA LEU B 468 -35.45 -3.50 21.09
C LEU B 468 -33.96 -3.16 21.04
N LYS B 469 -33.62 -2.06 21.68
CA LYS B 469 -32.25 -1.60 21.79
C LYS B 469 -31.46 -2.54 22.71
N PRO B 470 -30.12 -2.61 22.55
CA PRO B 470 -29.31 -3.43 23.45
C PRO B 470 -29.36 -2.95 24.90
N PHE B 471 -29.27 -3.93 25.81
CA PHE B 471 -29.34 -3.73 27.27
C PHE B 471 -30.64 -3.06 27.70
N GLU B 472 -31.76 -3.52 27.13
CA GLU B 472 -33.08 -3.03 27.49
C GLU B 472 -33.95 -4.18 27.98
N ARG B 473 -34.72 -3.92 29.03
CA ARG B 473 -35.52 -4.92 29.71
C ARG B 473 -36.97 -4.44 29.79
N ASP B 474 -37.90 -5.36 29.54
CA ASP B 474 -39.34 -5.07 29.62
C ASP B 474 -40.03 -6.02 30.58
N ILE B 475 -41.01 -5.49 31.31
CA ILE B 475 -41.76 -6.24 32.30
C ILE B 475 -43.25 -6.30 31.98
N SER B 476 -43.74 -5.46 31.07
CA SER B 476 -45.17 -5.36 30.80
C SER B 476 -45.68 -6.60 30.06
N THR B 477 -46.74 -7.22 30.60
CA THR B 477 -47.33 -8.43 30.04
C THR B 477 -48.65 -8.06 29.39
N GLU B 478 -48.63 -7.88 28.07
CA GLU B 478 -49.83 -7.60 27.30
C GLU B 478 -49.88 -8.51 26.09
N ILE B 479 -51.08 -8.92 25.71
CA ILE B 479 -51.28 -9.81 24.57
C ILE B 479 -51.10 -9.00 23.28
N TYR B 480 -50.18 -9.44 22.43
CA TYR B 480 -49.91 -8.75 21.18
C TYR B 480 -50.95 -9.14 20.12
N GLN B 481 -51.14 -8.26 19.15
CA GLN B 481 -52.08 -8.49 18.06
C GLN B 481 -51.35 -9.21 16.93
N ALA B 482 -51.48 -10.54 16.90
CA ALA B 482 -50.84 -11.37 15.89
C ALA B 482 -51.78 -11.71 14.74
N GLY B 483 -52.71 -10.83 14.43
CA GLY B 483 -53.65 -11.08 13.34
C GLY B 483 -54.53 -9.88 13.12
N ASN B 484 -55.48 -10.04 12.20
CA ASN B 484 -56.44 -8.98 11.91
C ASN B 484 -57.47 -8.82 13.02
N LYS B 485 -57.69 -9.86 13.83
CA LYS B 485 -58.62 -9.77 14.94
C LYS B 485 -58.07 -8.87 16.04
N PRO B 486 -58.91 -8.07 16.69
CA PRO B 486 -58.42 -7.24 17.81
C PRO B 486 -58.31 -8.06 19.08
N CYS B 487 -57.12 -8.02 19.70
CA CYS B 487 -56.82 -8.86 20.84
C CYS B 487 -57.30 -8.18 22.12
N LYS B 488 -58.35 -8.74 22.72
CA LYS B 488 -58.88 -8.27 24.00
C LYS B 488 -58.89 -9.36 25.05
N GLY B 489 -58.29 -10.52 24.76
CA GLY B 489 -58.29 -11.62 25.70
C GLY B 489 -57.75 -12.88 25.03
N LYS B 490 -58.06 -14.02 25.63
CA LYS B 490 -57.64 -15.30 25.06
C LYS B 490 -58.47 -15.65 23.83
N GLY B 491 -57.89 -16.48 22.97
CA GLY B 491 -58.55 -16.92 21.77
C GLY B 491 -57.63 -16.99 20.57
N PRO B 492 -58.21 -17.12 19.38
CA PRO B 492 -57.38 -17.21 18.17
C PRO B 492 -56.78 -15.87 17.79
N ASN B 493 -55.63 -15.94 17.10
CA ASN B 493 -54.82 -14.80 16.65
C ASN B 493 -54.37 -13.90 17.79
N CYS B 494 -54.32 -14.41 19.03
CA CYS B 494 -53.92 -13.65 20.21
C CYS B 494 -53.04 -14.56 21.05
N TYR B 495 -51.73 -14.50 20.81
CA TYR B 495 -50.77 -15.37 21.46
C TYR B 495 -50.16 -14.66 22.65
N PHE B 496 -50.10 -15.35 23.79
CA PHE B 496 -49.45 -14.79 24.96
C PHE B 496 -47.94 -14.68 24.72
N PRO B 497 -47.30 -13.61 25.21
CA PRO B 497 -45.85 -13.53 25.08
C PRO B 497 -45.09 -14.32 26.13
N LEU B 498 -45.73 -14.70 27.24
CA LEU B 498 -45.05 -15.43 28.30
C LEU B 498 -45.01 -16.91 27.95
N GLN B 499 -43.80 -17.45 27.78
CA GLN B 499 -43.62 -18.88 27.52
C GLN B 499 -42.66 -19.44 28.55
N SER B 500 -43.09 -20.49 29.26
CA SER B 500 -42.27 -21.03 30.32
C SER B 500 -41.32 -22.10 29.76
N TYR B 501 -40.31 -22.43 30.56
CA TYR B 501 -39.24 -23.33 30.18
C TYR B 501 -39.25 -24.55 31.10
N GLY B 502 -39.25 -25.74 30.51
CA GLY B 502 -39.26 -26.98 31.27
C GLY B 502 -37.98 -27.76 31.05
N PHE B 503 -37.48 -28.37 32.11
CA PHE B 503 -36.21 -29.09 32.08
C PHE B 503 -36.37 -30.44 32.76
N ARG B 504 -35.91 -31.50 32.09
CA ARG B 504 -36.09 -32.87 32.53
C ARG B 504 -34.83 -33.66 32.23
N PRO B 505 -34.61 -34.77 32.96
CA PRO B 505 -33.46 -35.64 32.62
C PRO B 505 -33.57 -36.33 31.26
N THR B 506 -34.77 -36.41 30.67
CA THR B 506 -34.91 -37.05 29.36
C THR B 506 -34.25 -36.23 28.25
N TYR B 507 -34.12 -34.92 28.44
CA TYR B 507 -33.50 -34.07 27.43
C TYR B 507 -31.99 -34.30 27.40
N GLY B 508 -31.42 -34.13 26.21
CA GLY B 508 -30.00 -34.27 25.98
C GLY B 508 -29.27 -32.94 26.00
N VAL B 509 -28.18 -32.87 25.24
CA VAL B 509 -27.36 -31.66 25.20
C VAL B 509 -28.08 -30.59 24.38
N GLY B 510 -28.13 -29.38 24.92
CA GLY B 510 -28.77 -28.26 24.24
C GLY B 510 -30.07 -27.84 24.87
N HIS B 511 -30.85 -28.80 25.37
CA HIS B 511 -32.07 -28.48 26.10
C HIS B 511 -31.87 -28.37 27.60
N GLN B 512 -30.67 -28.70 28.08
CA GLN B 512 -30.35 -28.56 29.49
C GLN B 512 -30.20 -27.08 29.86
N PRO B 513 -30.50 -26.70 31.11
CA PRO B 513 -30.25 -25.31 31.51
C PRO B 513 -28.78 -25.07 31.78
N TYR B 514 -28.34 -23.84 31.48
CA TYR B 514 -26.97 -23.40 31.64
C TYR B 514 -26.98 -22.09 32.44
N ARG B 515 -25.99 -21.92 33.31
CA ARG B 515 -25.89 -20.70 34.10
C ARG B 515 -24.71 -19.86 33.60
N VAL B 516 -24.99 -18.59 33.28
CA VAL B 516 -24.07 -17.70 32.58
C VAL B 516 -23.81 -16.50 33.47
N VAL B 517 -22.56 -16.07 33.57
CA VAL B 517 -22.17 -14.86 34.27
C VAL B 517 -21.44 -13.97 33.27
N VAL B 518 -21.90 -12.72 33.15
CA VAL B 518 -21.34 -11.75 32.21
C VAL B 518 -20.73 -10.61 33.01
N LEU B 519 -19.45 -10.33 32.77
CA LEU B 519 -18.75 -9.19 33.37
C LEU B 519 -18.40 -8.21 32.25
N SER B 520 -19.01 -7.04 32.27
CA SER B 520 -18.75 -6.00 31.27
C SER B 520 -17.94 -4.89 31.90
N PHE B 521 -16.92 -4.42 31.19
CA PHE B 521 -15.98 -3.44 31.69
C PHE B 521 -16.00 -2.20 30.81
N GLU B 522 -15.60 -1.06 31.37
CA GLU B 522 -15.37 0.14 30.58
C GLU B 522 -13.92 0.59 30.73
N LEU B 523 -13.24 0.81 29.59
CA LEU B 523 -11.80 1.07 29.58
C LEU B 523 -11.52 2.29 28.71
N LEU B 524 -11.10 3.39 29.33
CA LEU B 524 -10.57 4.57 28.64
C LEU B 524 -9.80 5.41 29.65
N HIS B 525 -9.12 6.44 29.14
CA HIS B 525 -8.27 7.30 29.96
C HIS B 525 -9.15 8.32 30.67
N ALA B 526 -9.36 8.12 31.97
CA ALA B 526 -10.26 8.90 32.81
C ALA B 526 -9.90 8.67 34.27
N PRO B 527 -10.54 9.35 35.22
CA PRO B 527 -10.55 8.83 36.60
C PRO B 527 -11.06 7.41 36.66
N ALA B 528 -10.35 6.55 37.38
CA ALA B 528 -10.67 5.14 37.48
C ALA B 528 -11.08 4.79 38.91
N THR B 529 -11.97 3.81 39.04
CA THR B 529 -12.47 3.37 40.32
C THR B 529 -12.13 1.94 40.66
N VAL B 530 -12.02 1.05 39.67
CA VAL B 530 -11.83 -0.37 39.88
C VAL B 530 -10.41 -0.72 39.42
N CYS B 531 -9.55 -1.11 40.35
CA CYS B 531 -8.16 -1.42 40.06
C CYS B 531 -7.77 -2.74 40.72
N GLY B 532 -6.63 -3.28 40.28
CA GLY B 532 -6.15 -4.53 40.79
C GLY B 532 -5.37 -4.38 42.08
N PRO B 533 -4.81 -5.50 42.57
CA PRO B 533 -4.08 -5.50 43.84
C PRO B 533 -2.59 -5.19 43.68
N LYS B 534 -2.29 -3.92 43.41
CA LYS B 534 -0.91 -3.47 43.24
C LYS B 534 -0.60 -2.36 44.23
N LYS B 535 0.57 -2.45 44.85
CA LYS B 535 0.97 -1.49 45.87
C LYS B 535 1.31 -0.14 45.24
N SER B 536 1.25 0.90 46.06
CA SER B 536 1.40 2.28 45.60
C SER B 536 2.84 2.76 45.62
N THR B 537 3.79 1.90 46.01
CA THR B 537 5.27 2.08 45.92
C THR B 537 5.68 3.40 46.60
N ASN B 538 6.44 4.26 45.94
CA ASN B 538 6.82 5.56 46.46
C ASN B 538 7.03 6.47 45.27
N LEU B 539 6.94 7.78 45.51
CA LEU B 539 7.06 8.76 44.44
C LEU B 539 8.44 9.40 44.46
N VAL B 540 8.99 9.66 43.28
CA VAL B 540 10.29 10.27 43.11
C VAL B 540 10.19 11.38 42.06
N LYS B 541 10.83 12.51 42.32
CA LYS B 541 10.80 13.66 41.45
C LYS B 541 12.17 13.88 40.81
N ASN B 542 12.17 14.68 39.74
CA ASN B 542 13.37 15.18 39.05
C ASN B 542 14.24 14.06 38.50
N LYS B 543 13.64 12.92 38.15
CA LYS B 543 14.38 11.78 37.62
C LYS B 543 13.62 11.19 36.44
N CYS B 544 14.36 10.55 35.55
CA CYS B 544 13.77 9.83 34.42
C CYS B 544 13.19 8.54 34.94
N VAL B 545 11.86 8.41 34.87
CA VAL B 545 11.16 7.33 35.57
C VAL B 545 9.94 6.94 34.74
N ASN B 546 9.63 5.64 34.70
CA ASN B 546 8.35 5.18 34.19
C ASN B 546 7.29 5.42 35.26
N PHE B 547 6.21 6.09 34.88
CA PHE B 547 5.14 6.43 35.81
C PHE B 547 3.84 5.77 35.38
N ASN B 548 3.00 5.48 36.37
CA ASN B 548 1.67 4.90 36.18
C ASN B 548 0.78 5.54 37.22
N PHE B 549 0.07 6.60 36.84
CA PHE B 549 -0.83 7.32 37.74
C PHE B 549 -2.27 7.02 37.35
N ASN B 550 -2.89 6.09 38.10
CA ASN B 550 -4.32 5.79 38.04
C ASN B 550 -4.77 5.36 36.64
N GLY B 551 -3.93 4.59 35.97
CA GLY B 551 -4.19 4.15 34.61
C GLY B 551 -3.50 4.96 33.54
N LEU B 552 -2.94 6.12 33.87
CA LEU B 552 -2.16 6.91 32.92
C LEU B 552 -0.72 6.45 33.01
N THR B 553 -0.26 5.70 32.02
CA THR B 553 1.09 5.16 32.02
C THR B 553 1.98 5.93 31.04
N GLY B 554 3.28 5.87 31.29
CA GLY B 554 4.22 6.53 30.43
C GLY B 554 5.61 6.54 31.03
N THR B 555 6.50 7.29 30.39
CA THR B 555 7.88 7.45 30.84
C THR B 555 8.26 8.92 30.72
N GLY B 556 8.82 9.48 31.79
CA GLY B 556 9.19 10.89 31.73
C GLY B 556 9.81 11.35 33.04
N VAL B 557 9.93 12.67 33.16
CA VAL B 557 10.52 13.33 34.31
C VAL B 557 9.42 14.13 35.00
N LEU B 558 9.21 13.85 36.28
CA LEU B 558 8.12 14.46 37.05
C LEU B 558 8.68 15.58 37.92
N THR B 559 8.16 16.80 37.71
CA THR B 559 8.55 17.97 38.49
C THR B 559 7.29 18.63 39.02
N LYS B 560 7.44 19.37 40.12
CA LYS B 560 6.31 20.06 40.73
C LYS B 560 5.91 21.25 39.86
N SER B 561 4.60 21.42 39.68
CA SER B 561 4.05 22.37 38.73
C SER B 561 3.30 23.49 39.43
N ASN B 562 3.50 24.71 38.93
CA ASN B 562 2.74 25.87 39.40
C ASN B 562 1.57 26.15 38.45
N LYS B 563 0.70 25.15 38.30
CA LYS B 563 -0.49 25.25 37.47
C LYS B 563 -1.73 25.22 38.36
N LYS B 564 -2.65 26.14 38.11
CA LYS B 564 -3.87 26.26 38.91
C LYS B 564 -4.93 25.36 38.31
N PHE B 565 -4.89 24.10 38.69
CA PHE B 565 -5.94 23.17 38.28
C PHE B 565 -7.22 23.48 39.05
N LEU B 566 -8.34 23.54 38.33
CA LEU B 566 -9.63 23.59 38.99
C LEU B 566 -9.92 22.23 39.63
N PRO B 567 -10.67 22.19 40.74
CA PRO B 567 -10.80 20.94 41.52
C PRO B 567 -11.41 19.76 40.79
N PHE B 568 -12.26 20.01 39.79
CA PHE B 568 -12.76 18.89 39.00
C PHE B 568 -11.73 18.38 37.99
N GLN B 569 -10.80 19.23 37.58
CA GLN B 569 -9.82 18.83 36.56
C GLN B 569 -8.77 17.90 37.15
N GLN B 570 -8.46 16.83 36.43
CA GLN B 570 -7.54 15.80 36.91
C GLN B 570 -6.18 15.86 36.23
N PHE B 571 -6.14 15.93 34.91
CA PHE B 571 -4.87 15.98 34.19
C PHE B 571 -4.93 17.06 33.12
N GLY B 572 -3.76 17.57 32.76
CA GLY B 572 -3.65 18.70 31.86
C GLY B 572 -2.99 18.30 30.54
N ARG B 573 -3.49 18.87 29.45
CA ARG B 573 -3.04 18.55 28.11
C ARG B 573 -2.96 19.82 27.30
N ASP B 574 -1.85 20.01 26.59
CA ASP B 574 -1.56 21.25 25.89
C ASP B 574 -2.08 21.19 24.45
N ILE B 575 -1.59 22.11 23.60
CA ILE B 575 -1.84 22.07 22.17
C ILE B 575 -1.30 20.73 21.62
N VAL B 576 -1.95 20.21 20.57
CA VAL B 576 -1.71 18.95 19.83
C VAL B 576 -1.68 17.73 20.75
N ASP B 577 -2.41 17.80 21.87
CA ASP B 577 -2.87 16.67 22.67
C ASP B 577 -1.71 15.83 23.24
N THR B 578 -0.90 16.48 24.07
CA THR B 578 0.15 15.81 24.82
C THR B 578 -0.05 16.15 26.29
N THR B 579 -0.07 15.12 27.15
CA THR B 579 -0.27 15.33 28.57
C THR B 579 0.98 15.97 29.18
N ASP B 580 0.78 17.02 29.97
CA ASP B 580 1.89 17.73 30.59
C ASP B 580 1.81 17.85 32.10
N ALA B 581 0.63 17.78 32.70
CA ALA B 581 0.49 17.92 34.14
C ALA B 581 -0.59 16.98 34.63
N VAL B 582 -0.31 16.24 35.70
CA VAL B 582 -1.25 15.29 36.28
C VAL B 582 -1.30 15.46 37.79
N ARG B 583 -2.42 15.03 38.37
CA ARG B 583 -2.55 14.94 39.82
C ARG B 583 -2.10 13.58 40.33
N ASP B 584 -1.48 13.59 41.49
CA ASP B 584 -1.34 12.39 42.30
C ASP B 584 -2.74 11.88 42.66
N PRO B 585 -3.04 10.59 42.50
CA PRO B 585 -4.36 10.11 42.93
C PRO B 585 -4.47 9.72 44.40
N GLN B 586 -3.38 9.75 45.18
CA GLN B 586 -3.47 9.55 46.62
C GLN B 586 -3.53 10.87 47.36
N THR B 587 -2.54 11.73 47.18
CA THR B 587 -2.55 13.08 47.75
C THR B 587 -3.03 14.06 46.70
N LEU B 588 -3.59 15.18 47.15
CA LEU B 588 -4.12 16.18 46.22
C LEU B 588 -2.99 17.15 45.83
N GLU B 589 -2.05 16.63 45.06
CA GLU B 589 -0.87 17.37 44.62
C GLU B 589 -0.75 17.30 43.11
N ILE B 590 -0.18 18.34 42.52
CA ILE B 590 -0.10 18.50 41.08
C ILE B 590 1.36 18.44 40.66
N LEU B 591 1.63 17.84 39.48
CA LEU B 591 3.02 17.68 39.05
C LEU B 591 3.10 17.64 37.53
N ASP B 592 4.18 18.23 37.01
CA ASP B 592 4.45 18.31 35.58
C ASP B 592 4.97 16.98 35.04
N ILE B 593 4.93 16.86 33.71
CA ILE B 593 5.53 15.74 32.99
C ILE B 593 6.43 16.29 31.90
N THR B 594 7.70 15.87 31.90
CA THR B 594 8.67 16.23 30.88
C THR B 594 9.24 14.92 30.35
N PRO B 595 9.21 14.68 29.05
CA PRO B 595 9.67 13.38 28.53
C PRO B 595 11.19 13.31 28.46
N CYS B 596 11.68 12.17 27.97
CA CYS B 596 13.09 11.83 28.02
C CYS B 596 13.90 12.73 27.07
N SER B 597 15.16 12.95 27.43
CA SER B 597 16.06 13.68 26.55
C SER B 597 16.66 12.72 25.53
N PHE B 598 16.54 13.08 24.26
CA PHE B 598 16.96 12.24 23.16
C PHE B 598 17.66 13.10 22.12
N GLY B 599 18.12 12.47 21.06
CA GLY B 599 18.67 13.20 19.94
C GLY B 599 19.52 12.30 19.06
N GLY B 600 20.19 12.94 18.12
CA GLY B 600 21.07 12.21 17.22
C GLY B 600 22.50 12.20 17.70
N VAL B 601 23.27 11.26 17.16
CA VAL B 601 24.69 11.13 17.44
C VAL B 601 25.44 11.23 16.12
N SER B 602 26.31 12.24 16.00
CA SER B 602 27.13 12.44 14.81
C SER B 602 28.58 12.14 15.15
N VAL B 603 29.31 11.57 14.20
CA VAL B 603 30.70 11.20 14.42
C VAL B 603 31.56 11.99 13.45
N ILE B 604 32.53 12.73 13.99
CA ILE B 604 33.41 13.60 13.23
C ILE B 604 34.75 12.90 13.09
N THR B 605 35.18 12.70 11.85
CA THR B 605 36.41 11.99 11.59
C THR B 605 37.17 12.69 10.48
N PRO B 606 38.50 12.58 10.46
CA PRO B 606 39.24 12.78 9.21
C PRO B 606 39.21 11.48 8.42
N GLY B 607 39.99 11.41 7.34
CA GLY B 607 40.07 10.17 6.59
C GLY B 607 40.69 9.05 7.40
N THR B 608 40.30 7.81 7.08
CA THR B 608 40.88 6.66 7.74
C THR B 608 42.32 6.41 7.30
N ASN B 609 42.74 6.99 6.17
CA ASN B 609 44.13 6.95 5.77
C ASN B 609 44.99 7.97 6.50
N THR B 610 44.39 8.88 7.28
CA THR B 610 45.13 9.84 8.09
C THR B 610 45.23 9.39 9.54
N SER B 611 44.09 9.17 10.19
CA SER B 611 44.08 8.74 11.59
C SER B 611 42.77 8.01 11.87
N ASN B 612 42.75 7.31 12.99
CA ASN B 612 41.56 6.61 13.47
C ASN B 612 40.90 7.31 14.65
N GLN B 613 41.29 8.54 14.94
CA GLN B 613 40.67 9.30 16.02
C GLN B 613 39.36 9.92 15.55
N VAL B 614 38.34 9.87 16.41
CA VAL B 614 37.03 10.45 16.11
C VAL B 614 36.61 11.34 17.27
N ALA B 615 35.68 12.24 16.96
CA ALA B 615 34.96 13.02 17.96
C ALA B 615 33.47 12.69 17.83
N VAL B 616 32.74 12.83 18.93
CA VAL B 616 31.33 12.47 18.98
C VAL B 616 30.53 13.70 19.38
N LEU B 617 29.52 14.04 18.58
CA LEU B 617 28.61 15.14 18.87
C LEU B 617 27.24 14.56 19.22
N TYR B 618 26.78 14.84 20.43
CA TYR B 618 25.42 14.52 20.84
C TYR B 618 24.55 15.75 20.57
N GLN B 619 23.61 15.63 19.65
CA GLN B 619 22.95 16.80 19.11
C GLN B 619 21.81 17.27 20.01
N GLY B 620 21.78 18.58 20.27
CA GLY B 620 20.68 19.22 20.96
C GLY B 620 20.46 18.82 22.39
N VAL B 621 21.52 18.77 23.19
CA VAL B 621 21.41 18.36 24.58
C VAL B 621 22.45 19.12 25.41
N ASN B 622 22.04 19.54 26.60
CA ASN B 622 23.00 19.95 27.61
C ASN B 622 23.69 18.70 28.15
N CYS B 623 25.02 18.70 28.14
CA CYS B 623 25.74 17.46 28.38
C CYS B 623 26.24 17.31 29.81
N THR B 624 25.81 18.17 30.72
CA THR B 624 25.88 17.82 32.13
C THR B 624 25.01 16.60 32.42
N GLU B 625 23.79 16.59 31.87
CA GLU B 625 22.91 15.43 31.99
C GLU B 625 23.45 14.23 31.23
N VAL B 626 24.12 14.46 30.09
CA VAL B 626 24.73 13.36 29.35
C VAL B 626 25.86 12.73 30.17
N SER B 627 26.74 13.55 30.74
CA SER B 627 27.85 13.03 31.54
C SER B 627 27.36 12.33 32.81
N VAL B 628 26.27 12.84 33.39
CA VAL B 628 25.59 12.12 34.49
C VAL B 628 25.09 10.77 33.99
N ALA B 629 24.59 10.71 32.76
CA ALA B 629 24.04 9.46 32.25
C ALA B 629 25.14 8.45 31.87
N ILE B 630 26.35 8.90 31.50
CA ILE B 630 27.48 7.96 31.52
C ILE B 630 27.78 7.51 32.96
N HIS B 631 27.81 8.46 33.91
CA HIS B 631 28.06 8.08 35.30
C HIS B 631 26.92 7.27 35.92
N ALA B 632 25.73 7.28 35.34
CA ALA B 632 24.63 6.42 35.77
C ALA B 632 24.36 5.27 34.82
N ASP B 633 25.16 5.14 33.75
CA ASP B 633 25.05 4.08 32.72
C ASP B 633 23.66 4.07 32.08
N GLN B 634 23.35 5.16 31.38
CA GLN B 634 22.00 5.37 30.86
C GLN B 634 21.91 5.65 29.37
N LEU B 635 23.02 5.79 28.65
CA LEU B 635 22.94 6.03 27.21
C LEU B 635 22.55 4.75 26.48
N THR B 636 21.70 4.91 25.46
CA THR B 636 21.40 3.79 24.57
C THR B 636 22.61 3.31 23.76
N PRO B 637 23.49 4.18 23.13
CA PRO B 637 24.72 3.62 22.58
C PRO B 637 25.66 3.13 23.66
N THR B 638 25.87 1.81 23.71
CA THR B 638 26.64 1.17 24.77
C THR B 638 28.15 1.22 24.55
N TRP B 639 28.62 2.03 23.61
CA TRP B 639 30.05 2.27 23.43
C TRP B 639 30.54 3.49 24.19
N ARG B 640 29.97 3.76 25.38
CA ARG B 640 30.31 4.95 26.16
C ARG B 640 31.63 4.79 26.93
N VAL B 641 32.66 4.32 26.24
CA VAL B 641 33.97 4.08 26.84
C VAL B 641 35.01 5.07 26.34
N TYR B 642 34.63 5.97 25.43
CA TYR B 642 35.54 6.99 24.96
C TYR B 642 35.75 8.02 26.07
N SER B 643 36.99 8.14 26.53
CA SER B 643 37.29 8.95 27.71
C SER B 643 37.11 10.42 27.44
N THR B 644 36.58 11.14 28.43
CA THR B 644 36.41 12.59 28.35
C THR B 644 37.78 13.27 28.29
N GLY B 645 38.54 13.18 29.37
CA GLY B 645 39.88 13.75 29.42
C GLY B 645 39.91 15.26 29.29
N SER B 646 38.93 15.94 29.89
CA SER B 646 38.73 17.40 29.80
C SER B 646 38.60 17.86 28.35
N ASN B 647 37.92 17.05 27.53
CA ASN B 647 37.64 17.38 26.14
C ASN B 647 36.14 17.43 25.87
N VAL B 648 35.36 17.72 26.91
CA VAL B 648 33.91 17.86 26.79
C VAL B 648 33.59 19.34 26.65
N PHE B 649 33.01 19.73 25.52
CA PHE B 649 32.79 21.14 25.19
C PHE B 649 31.35 21.32 24.77
N GLN B 650 30.67 22.29 25.37
CA GLN B 650 29.25 22.53 25.10
C GLN B 650 29.10 23.55 23.99
N THR B 651 28.51 23.14 22.88
CA THR B 651 28.23 24.01 21.75
C THR B 651 26.74 24.35 21.74
N ARG B 652 26.34 25.20 20.78
CA ARG B 652 24.93 25.46 20.58
C ARG B 652 24.24 24.36 19.80
N ALA B 653 25.00 23.54 19.07
CA ALA B 653 24.46 22.44 18.28
C ALA B 653 24.35 21.14 19.06
N GLY B 654 24.87 21.09 20.27
CA GLY B 654 24.90 19.89 21.08
C GLY B 654 26.10 19.93 22.01
N CYS B 655 26.57 18.75 22.39
CA CYS B 655 27.79 18.62 23.16
C CYS B 655 28.81 17.79 22.41
N LEU B 656 30.07 18.23 22.45
CA LEU B 656 31.13 17.65 21.65
C LEU B 656 32.16 17.01 22.57
N ILE B 657 32.46 15.74 22.34
CA ILE B 657 33.40 14.97 23.15
C ILE B 657 34.49 14.48 22.24
N GLY B 658 35.73 14.85 22.54
CA GLY B 658 36.88 14.40 21.77
C GLY B 658 37.65 15.48 21.05
N ALA B 659 37.20 16.73 21.08
CA ALA B 659 37.90 17.81 20.40
C ALA B 659 38.15 18.95 21.39
N GLU B 660 39.34 19.52 21.33
CA GLU B 660 39.73 20.60 22.22
C GLU B 660 39.44 21.95 21.57
N TYR B 661 38.72 22.80 22.28
CA TYR B 661 38.42 24.14 21.77
C TYR B 661 39.65 25.04 21.92
N VAL B 662 40.00 25.72 20.83
CA VAL B 662 41.13 26.64 20.82
C VAL B 662 40.62 28.04 20.47
N ASN B 663 41.34 29.06 20.90
CA ASN B 663 41.00 30.45 20.63
C ASN B 663 41.69 30.93 19.35
N ASN B 664 41.40 30.24 18.25
CA ASN B 664 41.95 30.56 16.95
C ASN B 664 40.80 30.59 15.94
N SER B 665 41.14 30.85 14.69
CA SER B 665 40.14 30.86 13.63
C SER B 665 40.81 30.48 12.32
N TYR B 666 40.20 29.55 11.58
CA TYR B 666 40.70 29.11 10.29
C TYR B 666 39.52 28.96 9.33
N GLU B 667 39.84 28.88 8.05
CA GLU B 667 38.86 28.46 7.05
C GLU B 667 38.49 27.01 7.35
N CYS B 668 37.29 26.78 7.87
CA CYS B 668 37.09 25.55 8.61
C CYS B 668 36.86 24.38 7.67
N ASP B 669 37.09 23.19 8.22
CA ASP B 669 37.17 21.97 7.42
C ASP B 669 35.88 21.15 7.54
N ILE B 670 35.53 20.74 8.75
CA ILE B 670 34.35 19.91 9.01
C ILE B 670 33.34 20.76 9.76
N PRO B 671 32.15 21.01 9.20
CA PRO B 671 31.20 21.93 9.83
C PRO B 671 30.37 21.22 10.90
N ILE B 672 30.50 21.68 12.15
CA ILE B 672 29.67 21.18 13.23
C ILE B 672 28.36 21.93 13.33
N GLY B 673 28.42 23.25 13.37
CA GLY B 673 27.23 24.07 13.38
C GLY B 673 27.35 25.25 14.32
N ALA B 674 26.46 26.23 14.12
CA ALA B 674 26.37 27.47 14.90
C ALA B 674 27.69 28.24 14.92
N GLY B 675 28.40 28.23 13.79
CA GLY B 675 29.69 28.87 13.69
C GLY B 675 30.86 28.04 14.17
N ILE B 676 30.62 26.81 14.64
CA ILE B 676 31.67 25.97 15.19
C ILE B 676 32.05 24.94 14.13
N CYS B 677 33.35 24.79 13.89
CA CYS B 677 33.89 23.82 12.97
C CYS B 677 35.01 23.03 13.66
N ALA B 678 35.45 21.94 13.03
CA ALA B 678 36.48 21.10 13.59
C ALA B 678 37.49 20.70 12.51
N SER B 679 38.72 20.45 12.94
CA SER B 679 39.77 20.04 12.01
C SER B 679 40.84 19.26 12.75
N TYR B 680 41.57 18.45 12.00
CA TYR B 680 42.59 17.54 12.52
C TYR B 680 43.96 18.06 12.12
N GLN B 681 44.73 18.57 13.09
CA GLN B 681 46.02 19.17 12.79
C GLN B 681 46.89 19.17 14.05
N THR B 682 48.01 19.90 13.98
CA THR B 682 48.99 19.96 15.05
C THR B 682 48.58 20.95 16.13
N GLN B 683 49.37 21.01 17.19
CA GLN B 683 49.26 22.05 18.21
C GLN B 683 50.63 22.57 18.59
N SER B 695 50.82 15.45 19.55
CA SER B 695 51.24 15.99 18.26
C SER B 695 50.03 16.25 17.37
N GLN B 696 49.44 15.18 16.86
CA GLN B 696 48.27 15.25 15.99
C GLN B 696 47.00 15.15 16.83
N SER B 697 46.08 16.09 16.63
CA SER B 697 44.85 16.06 17.41
C SER B 697 43.72 16.72 16.63
N ILE B 698 42.49 16.42 17.06
CA ILE B 698 41.28 17.01 16.52
C ILE B 698 40.88 18.16 17.41
N ILE B 699 40.69 19.34 16.81
CA ILE B 699 40.35 20.55 17.55
C ILE B 699 39.08 21.16 16.97
N ALA B 700 38.42 21.97 17.79
CA ALA B 700 37.23 22.70 17.40
C ALA B 700 37.48 24.19 17.58
N TYR B 701 36.86 25.00 16.72
CA TYR B 701 37.11 26.43 16.71
C TYR B 701 35.93 27.13 16.05
N THR B 702 36.02 28.46 15.95
CA THR B 702 35.05 29.26 15.22
C THR B 702 35.59 29.59 13.83
N MET B 703 34.66 29.84 12.91
CA MET B 703 35.03 30.09 11.53
C MET B 703 35.65 31.47 11.37
N SER B 704 36.63 31.57 10.48
CA SER B 704 37.15 32.85 10.03
C SER B 704 36.53 33.15 8.67
N LEU B 705 35.92 34.33 8.55
CA LEU B 705 35.25 34.69 7.32
C LEU B 705 36.21 35.10 6.22
N GLY B 706 37.42 35.52 6.57
CA GLY B 706 38.41 35.88 5.58
C GLY B 706 39.48 36.76 6.18
N ALA B 707 40.46 37.09 5.34
CA ALA B 707 41.52 38.00 5.75
C ALA B 707 40.99 39.42 5.89
N GLU B 708 41.44 40.10 6.94
CA GLU B 708 40.96 41.44 7.21
C GLU B 708 41.65 42.45 6.30
N ASN B 709 40.88 43.36 5.74
CA ASN B 709 41.39 44.34 4.79
C ASN B 709 40.78 45.70 5.11
N SER B 710 41.48 46.75 4.69
CA SER B 710 41.00 48.11 4.89
C SER B 710 41.52 48.95 3.74
N VAL B 711 40.64 49.27 2.80
CA VAL B 711 41.02 50.13 1.68
C VAL B 711 41.17 51.56 2.18
N ALA B 712 42.33 52.15 1.92
CA ALA B 712 42.67 53.46 2.48
C ALA B 712 41.95 54.55 1.71
N TYR B 713 40.65 54.68 2.01
CA TYR B 713 39.80 55.65 1.32
C TYR B 713 40.25 57.08 1.59
N SER B 714 40.37 57.83 0.50
CA SER B 714 40.57 59.27 0.57
C SER B 714 39.78 59.89 -0.58
N ASN B 715 39.40 61.14 -0.35
CA ASN B 715 38.68 61.96 -1.31
C ASN B 715 39.59 62.74 -2.27
N ASN B 716 40.85 62.33 -2.40
CA ASN B 716 41.69 62.85 -3.47
C ASN B 716 42.67 61.81 -3.99
N SER B 717 42.41 60.52 -3.75
CA SER B 717 43.34 59.45 -4.08
C SER B 717 42.63 58.37 -4.89
N ILE B 718 43.31 57.84 -5.90
CA ILE B 718 42.77 56.79 -6.76
C ILE B 718 43.86 55.75 -6.97
N ALA B 719 43.45 54.51 -7.23
CA ALA B 719 44.37 53.43 -7.57
C ALA B 719 44.03 52.86 -8.94
N ILE B 720 45.04 52.78 -9.80
CA ILE B 720 44.86 52.33 -11.18
C ILE B 720 45.81 51.17 -11.44
N PRO B 721 45.36 50.09 -12.07
CA PRO B 721 46.25 48.99 -12.44
C PRO B 721 47.24 49.40 -13.52
N THR B 722 48.40 48.77 -13.49
CA THR B 722 49.46 49.07 -14.45
C THR B 722 49.74 47.92 -15.38
N ASN B 723 49.29 46.68 -15.07
CA ASN B 723 49.60 45.51 -15.87
C ASN B 723 48.56 44.46 -15.47
N PHE B 724 48.51 43.32 -16.17
CA PHE B 724 47.29 42.50 -16.15
C PHE B 724 47.63 41.03 -15.98
N THR B 725 46.58 40.19 -16.01
CA THR B 725 46.66 38.74 -15.90
C THR B 725 45.46 38.15 -16.62
N ILE B 726 45.67 37.05 -17.36
CA ILE B 726 44.58 36.31 -18.01
C ILE B 726 44.36 35.02 -17.25
N SER B 727 43.12 34.77 -16.84
CA SER B 727 42.78 33.58 -16.05
C SER B 727 41.72 32.75 -16.73
N VAL B 728 41.89 31.43 -16.67
CA VAL B 728 40.93 30.46 -17.20
C VAL B 728 40.38 29.66 -16.02
N THR B 729 39.05 29.66 -15.88
CA THR B 729 38.38 28.91 -14.83
C THR B 729 37.43 27.89 -15.45
N THR B 730 36.98 26.93 -14.64
CA THR B 730 36.10 25.87 -15.10
C THR B 730 34.77 25.93 -14.36
N GLU B 731 33.68 25.68 -15.08
CA GLU B 731 32.36 25.53 -14.49
C GLU B 731 31.71 24.27 -15.04
N ILE B 732 31.24 23.41 -14.15
CA ILE B 732 30.69 22.11 -14.52
C ILE B 732 29.20 22.10 -14.23
N LEU B 733 28.40 21.77 -15.24
CA LEU B 733 26.94 21.77 -15.11
C LEU B 733 26.37 20.45 -15.62
N PRO B 734 25.52 19.79 -14.84
CA PRO B 734 24.84 18.59 -15.35
C PRO B 734 23.63 18.94 -16.20
N VAL B 735 23.44 18.16 -17.26
CA VAL B 735 22.46 18.46 -18.30
C VAL B 735 21.34 17.41 -18.33
N SER B 736 21.68 16.13 -18.21
CA SER B 736 20.67 15.08 -18.32
C SER B 736 20.99 13.96 -17.34
N MET B 737 20.01 13.08 -17.14
CA MET B 737 20.22 11.86 -16.35
C MET B 737 19.71 10.65 -17.13
N THR B 738 19.68 9.49 -16.48
CA THR B 738 19.33 8.25 -17.15
C THR B 738 17.83 8.15 -17.40
N LYS B 739 17.47 7.43 -18.46
CA LYS B 739 16.09 7.22 -18.84
C LYS B 739 15.69 5.80 -18.48
N THR B 740 14.60 5.66 -17.73
CA THR B 740 14.17 4.36 -17.24
C THR B 740 12.71 4.12 -17.63
N SER B 741 12.37 2.84 -17.78
CA SER B 741 11.00 2.41 -18.01
C SER B 741 10.72 1.20 -17.12
N VAL B 742 9.51 1.15 -16.57
CA VAL B 742 9.11 0.10 -15.64
C VAL B 742 7.88 -0.61 -16.19
N ASP B 743 7.95 -1.93 -16.24
CA ASP B 743 6.76 -2.76 -16.42
C ASP B 743 6.17 -3.01 -15.03
N CYS B 744 5.01 -2.40 -14.76
CA CYS B 744 4.44 -2.46 -13.42
C CYS B 744 3.87 -3.84 -13.11
N THR B 745 3.28 -4.49 -14.12
CA THR B 745 2.72 -5.82 -13.93
C THR B 745 3.81 -6.85 -13.64
N MET B 746 4.96 -6.76 -14.33
CA MET B 746 6.06 -7.69 -14.08
C MET B 746 6.71 -7.41 -12.72
N TYR B 747 6.83 -6.13 -12.34
CA TYR B 747 7.44 -5.79 -11.07
C TYR B 747 6.58 -6.24 -9.89
N ILE B 748 5.30 -5.90 -9.91
CA ILE B 748 4.43 -6.26 -8.79
C ILE B 748 4.12 -7.75 -8.77
N CYS B 749 3.83 -8.33 -9.93
CA CYS B 749 3.36 -9.70 -10.02
C CYS B 749 4.44 -10.56 -10.66
N GLY B 750 4.87 -11.58 -9.95
CA GLY B 750 5.86 -12.51 -10.48
C GLY B 750 5.23 -13.55 -11.38
N ASP B 751 4.98 -13.16 -12.63
CA ASP B 751 4.37 -13.86 -13.78
C ASP B 751 3.26 -14.84 -13.41
N SER B 752 2.39 -14.43 -12.49
CA SER B 752 1.25 -15.22 -12.06
C SER B 752 -0.02 -14.56 -12.54
N THR B 753 -0.99 -15.38 -12.97
CA THR B 753 -2.18 -14.86 -13.63
C THR B 753 -3.17 -14.23 -12.65
N GLU B 754 -3.36 -14.85 -11.48
CA GLU B 754 -4.42 -14.38 -10.60
C GLU B 754 -4.00 -13.23 -9.70
N CYS B 755 -2.71 -13.10 -9.37
CA CYS B 755 -2.27 -11.92 -8.66
C CYS B 755 -2.35 -10.69 -9.56
N SER B 756 -2.15 -10.87 -10.87
CA SER B 756 -2.46 -9.82 -11.82
C SER B 756 -3.96 -9.55 -11.89
N ASN B 757 -4.80 -10.57 -11.66
CA ASN B 757 -6.24 -10.34 -11.64
C ASN B 757 -6.67 -9.51 -10.43
N LEU B 758 -5.98 -9.67 -9.29
CA LEU B 758 -6.18 -8.71 -8.20
C LEU B 758 -5.57 -7.34 -8.53
N LEU B 759 -4.51 -7.30 -9.33
CA LEU B 759 -3.89 -6.02 -9.67
C LEU B 759 -4.78 -5.17 -10.57
N LEU B 760 -5.51 -5.80 -11.52
CA LEU B 760 -6.46 -5.04 -12.34
C LEU B 760 -7.70 -4.58 -11.59
N GLN B 761 -7.90 -5.00 -10.35
CA GLN B 761 -9.00 -4.45 -9.57
C GLN B 761 -8.71 -3.07 -9.01
N TYR B 762 -7.48 -2.57 -9.18
CA TYR B 762 -7.06 -1.31 -8.58
C TYR B 762 -7.23 -0.13 -9.52
N GLY B 763 -7.73 -0.35 -10.74
CA GLY B 763 -7.93 0.75 -11.65
C GLY B 763 -6.71 1.04 -12.51
N SER B 764 -6.36 2.32 -12.62
CA SER B 764 -5.32 2.77 -13.55
C SER B 764 -4.19 3.51 -12.84
N PHE B 765 -3.67 2.95 -11.74
CA PHE B 765 -2.46 3.50 -11.14
C PHE B 765 -1.18 3.17 -11.90
N CYS B 766 -1.22 2.31 -12.91
CA CYS B 766 -0.01 1.93 -13.64
C CYS B 766 0.25 2.77 -14.88
N THR B 767 -0.82 3.18 -15.57
CA THR B 767 -0.65 4.02 -16.75
C THR B 767 -0.16 5.42 -16.38
N GLN B 768 -0.49 5.91 -15.18
CA GLN B 768 0.03 7.19 -14.72
C GLN B 768 1.55 7.14 -14.51
N LEU B 769 2.04 6.06 -13.90
CA LEU B 769 3.48 5.89 -13.72
C LEU B 769 4.20 5.73 -15.05
N LYS B 770 3.58 4.99 -15.98
CA LYS B 770 4.15 4.83 -17.32
C LYS B 770 4.22 6.17 -18.06
N ARG B 771 3.16 6.97 -17.96
CA ARG B 771 3.12 8.28 -18.60
C ARG B 771 4.14 9.23 -17.99
N ALA B 772 4.31 9.19 -16.67
CA ALA B 772 5.29 10.03 -15.99
C ALA B 772 6.71 9.68 -16.41
N LEU B 773 7.01 8.37 -16.51
CA LEU B 773 8.36 7.97 -16.91
C LEU B 773 8.65 8.31 -18.36
N THR B 774 7.65 8.18 -19.25
CA THR B 774 7.86 8.57 -20.66
C THR B 774 8.06 10.09 -20.78
N GLY B 775 7.32 10.88 -19.99
CA GLY B 775 7.53 12.31 -20.01
C GLY B 775 8.91 12.72 -19.52
N ILE B 776 9.40 12.04 -18.47
CA ILE B 776 10.76 12.29 -17.97
C ILE B 776 11.79 11.95 -19.04
N ALA B 777 11.61 10.81 -19.74
CA ALA B 777 12.57 10.39 -20.77
C ALA B 777 12.62 11.36 -21.95
N VAL B 778 11.45 11.82 -22.41
CA VAL B 778 11.40 12.78 -23.52
C VAL B 778 12.01 14.12 -23.11
N GLU B 779 11.78 14.54 -21.86
CA GLU B 779 12.38 15.77 -21.36
C GLU B 779 13.91 15.67 -21.30
N GLN B 780 14.42 14.50 -20.90
CA GLN B 780 15.87 14.35 -20.81
C GLN B 780 16.51 14.28 -22.19
N ASP B 781 15.78 13.81 -23.19
CA ASP B 781 16.26 13.94 -24.57
C ASP B 781 16.22 15.38 -25.05
N LYS B 782 15.25 16.15 -24.59
CA LYS B 782 15.10 17.55 -25.00
C LYS B 782 16.19 18.43 -24.41
N ASN B 783 16.67 18.09 -23.21
CA ASN B 783 17.65 18.92 -22.50
C ASN B 783 18.98 19.03 -23.24
N THR B 784 19.54 17.90 -23.68
CA THR B 784 20.82 17.91 -24.38
C THR B 784 20.71 18.56 -25.75
N GLN B 785 19.55 18.43 -26.41
CA GLN B 785 19.33 19.12 -27.68
C GLN B 785 19.23 20.62 -27.48
N GLU B 786 18.67 21.06 -26.36
CA GLU B 786 18.62 22.49 -26.07
C GLU B 786 20.01 23.05 -25.77
N VAL B 787 20.85 22.30 -25.06
CA VAL B 787 22.15 22.83 -24.66
C VAL B 787 23.13 22.85 -25.82
N PHE B 788 23.27 21.72 -26.52
CA PHE B 788 24.37 21.55 -27.48
C PHE B 788 23.99 21.94 -28.90
N ALA B 789 22.81 21.55 -29.37
CA ALA B 789 22.41 21.78 -30.75
C ALA B 789 21.98 23.24 -30.91
N GLN B 790 22.97 24.11 -31.10
CA GLN B 790 22.72 25.54 -31.29
C GLN B 790 23.47 26.10 -32.49
N VAL B 791 24.03 25.26 -33.35
CA VAL B 791 24.67 25.69 -34.58
C VAL B 791 23.85 25.22 -35.77
N LYS B 792 23.72 26.09 -36.76
CA LYS B 792 23.01 25.73 -37.99
C LYS B 792 23.88 24.84 -38.88
N GLN B 793 25.19 25.08 -38.90
CA GLN B 793 26.12 24.34 -39.74
C GLN B 793 27.29 23.87 -38.91
N ILE B 794 27.95 22.83 -39.39
CA ILE B 794 29.12 22.27 -38.73
C ILE B 794 30.36 22.94 -39.31
N TYR B 795 31.09 23.66 -38.48
CA TYR B 795 32.27 24.39 -38.91
C TYR B 795 33.53 23.58 -38.64
N LYS B 796 34.58 23.90 -39.38
CA LYS B 796 35.86 23.23 -39.24
C LYS B 796 37.00 24.24 -39.13
N THR B 797 38.02 23.85 -38.39
CA THR B 797 39.26 24.60 -38.32
C THR B 797 40.04 24.44 -39.63
N PRO B 798 40.83 25.45 -40.03
CA PRO B 798 41.70 25.27 -41.18
C PRO B 798 42.80 24.26 -40.89
N PRO B 799 43.32 23.57 -41.92
CA PRO B 799 44.30 22.51 -41.67
C PRO B 799 45.63 23.02 -41.14
N ILE B 800 46.00 24.25 -41.44
CA ILE B 800 47.09 24.93 -40.73
C ILE B 800 46.50 25.66 -39.53
N LYS B 801 47.17 25.55 -38.38
CA LYS B 801 46.64 26.05 -37.12
C LYS B 801 47.67 26.98 -36.48
N TYR B 802 47.64 28.25 -36.88
CA TYR B 802 48.43 29.29 -36.24
C TYR B 802 47.51 30.47 -36.00
N PHE B 803 47.15 30.70 -34.74
CA PHE B 803 46.17 31.72 -34.37
C PHE B 803 46.82 32.90 -33.65
N GLY B 804 48.01 33.30 -34.11
CA GLY B 804 48.68 34.44 -33.53
C GLY B 804 49.46 34.15 -32.27
N GLY B 805 49.89 32.92 -32.08
CA GLY B 805 50.58 32.51 -30.88
C GLY B 805 49.70 31.85 -29.84
N PHE B 806 48.38 32.04 -29.95
CA PHE B 806 47.45 31.30 -29.12
C PHE B 806 47.38 29.85 -29.61
N ASN B 807 47.31 28.90 -28.68
CA ASN B 807 47.55 27.49 -29.01
C ASN B 807 46.49 26.63 -28.35
N PHE B 808 45.52 26.18 -29.15
CA PHE B 808 44.31 25.54 -28.64
C PHE B 808 44.34 24.03 -28.79
N SER B 809 45.52 23.40 -28.78
CA SER B 809 45.60 21.97 -29.02
C SER B 809 45.01 21.15 -27.87
N GLN B 810 44.91 21.73 -26.69
CA GLN B 810 44.33 21.04 -25.54
C GLN B 810 42.81 20.97 -25.60
N ILE B 811 42.17 21.77 -26.45
CA ILE B 811 40.72 21.81 -26.54
C ILE B 811 40.19 21.42 -27.91
N LEU B 812 41.00 21.49 -28.96
CA LEU B 812 40.60 20.98 -30.27
C LEU B 812 40.70 19.45 -30.30
N PRO B 813 39.83 18.77 -31.05
CA PRO B 813 39.92 17.31 -31.10
C PRO B 813 41.11 16.83 -31.93
N ASP B 814 41.64 15.69 -31.55
CA ASP B 814 42.75 15.10 -32.27
C ASP B 814 42.31 13.89 -33.11
N PRO B 815 42.90 13.68 -34.29
CA PRO B 815 42.44 12.60 -35.16
C PRO B 815 43.13 11.26 -34.96
N SER B 816 44.16 11.18 -34.11
CA SER B 816 44.83 9.91 -33.86
C SER B 816 43.94 8.95 -33.08
N LYS B 817 43.18 9.48 -32.12
CA LYS B 817 42.27 8.67 -31.34
C LYS B 817 41.08 8.22 -32.19
N PRO B 818 40.52 7.02 -31.93
CA PRO B 818 39.33 6.60 -32.69
C PRO B 818 38.11 7.43 -32.38
N SER B 819 38.01 8.01 -31.19
CA SER B 819 36.98 8.98 -30.85
C SER B 819 37.58 10.37 -30.99
N LYS B 820 36.99 11.20 -31.84
CA LYS B 820 37.55 12.53 -32.14
C LYS B 820 37.19 13.50 -31.01
N ARG B 821 37.89 13.32 -29.89
CA ARG B 821 37.69 14.12 -28.70
C ARG B 821 38.98 14.83 -28.33
N SER B 822 38.84 15.97 -27.67
CA SER B 822 39.99 16.71 -27.17
C SER B 822 40.62 15.94 -26.02
N PRO B 823 41.90 16.23 -25.70
CA PRO B 823 42.50 15.61 -24.50
C PRO B 823 41.76 15.90 -23.21
N ILE B 824 41.24 17.12 -23.05
CA ILE B 824 40.48 17.46 -21.85
C ILE B 824 39.18 16.65 -21.79
N GLU B 825 38.51 16.48 -22.93
CA GLU B 825 37.33 15.62 -23.00
C GLU B 825 37.67 14.16 -22.74
N ASP B 826 38.88 13.72 -23.12
CA ASP B 826 39.28 12.34 -22.87
C ASP B 826 39.47 12.10 -21.38
N LEU B 827 40.13 13.04 -20.67
CA LEU B 827 40.19 12.92 -19.22
C LEU B 827 38.82 13.01 -18.56
N LEU B 828 37.96 13.92 -19.03
CA LEU B 828 36.63 14.05 -18.44
C LEU B 828 35.78 12.80 -18.67
N PHE B 829 36.02 12.08 -19.76
CA PHE B 829 35.34 10.80 -19.95
C PHE B 829 35.92 9.74 -19.03
N ASN B 830 37.24 9.77 -18.81
CA ASN B 830 37.88 8.72 -18.00
C ASN B 830 37.63 8.88 -16.51
N LYS B 831 37.47 10.11 -16.01
CA LYS B 831 37.37 10.33 -14.56
C LYS B 831 36.02 9.92 -14.01
N VAL B 832 34.94 10.24 -14.73
CA VAL B 832 33.59 9.93 -14.26
C VAL B 832 33.36 8.42 -14.48
N THR B 833 33.32 7.68 -13.38
CA THR B 833 33.16 6.23 -13.41
C THR B 833 31.67 5.90 -13.43
N LEU B 834 31.17 5.50 -14.59
CA LEU B 834 29.75 5.23 -14.76
C LEU B 834 29.37 3.88 -14.13
N LEU B 855 27.86 -6.75 -11.87
CA LEU B 855 26.74 -7.60 -11.48
C LEU B 855 25.47 -6.79 -11.28
N ILE B 856 25.62 -5.47 -11.18
CA ILE B 856 24.48 -4.58 -10.91
C ILE B 856 23.52 -4.56 -12.10
N CYS B 857 24.06 -4.59 -13.32
CA CYS B 857 23.23 -4.58 -14.52
C CYS B 857 22.47 -5.89 -14.73
N ALA B 858 22.90 -6.98 -14.08
CA ALA B 858 22.19 -8.25 -14.14
C ALA B 858 21.04 -8.35 -13.14
N GLN B 859 20.83 -7.31 -12.32
CA GLN B 859 19.77 -7.31 -11.32
C GLN B 859 18.56 -6.49 -11.74
N LYS B 860 18.70 -5.60 -12.72
CA LYS B 860 17.58 -4.85 -13.27
C LYS B 860 16.88 -5.72 -14.31
N PHE B 861 16.18 -6.74 -13.81
CA PHE B 861 15.46 -7.70 -14.64
C PHE B 861 14.11 -8.03 -14.04
N ASN B 862 13.50 -7.07 -13.35
CA ASN B 862 12.18 -7.21 -12.76
C ASN B 862 11.22 -6.19 -13.36
N GLY B 863 11.30 -6.01 -14.68
CA GLY B 863 10.54 -4.99 -15.36
C GLY B 863 11.27 -3.68 -15.56
N LEU B 864 12.49 -3.57 -15.05
CA LEU B 864 13.26 -2.34 -15.14
C LEU B 864 14.13 -2.34 -16.39
N THR B 865 14.03 -1.28 -17.19
CA THR B 865 14.81 -1.17 -18.42
C THR B 865 15.39 0.24 -18.50
N VAL B 866 16.64 0.33 -18.94
CA VAL B 866 17.33 1.60 -19.12
C VAL B 866 17.44 1.87 -20.61
N LEU B 867 16.88 3.00 -21.05
CA LEU B 867 16.81 3.42 -22.45
C LEU B 867 18.07 4.20 -22.84
N PRO B 868 18.55 4.04 -24.07
CA PRO B 868 19.74 4.79 -24.50
C PRO B 868 19.36 6.19 -24.95
N PRO B 869 20.25 7.17 -24.79
CA PRO B 869 19.94 8.53 -25.25
C PRO B 869 19.97 8.64 -26.77
N LEU B 870 19.26 9.64 -27.27
CA LEU B 870 19.13 9.85 -28.71
C LEU B 870 20.43 10.28 -29.34
N LEU B 871 21.19 11.15 -28.66
CA LEU B 871 22.47 11.63 -29.16
C LEU B 871 23.58 10.84 -28.48
N THR B 872 24.44 10.23 -29.27
CA THR B 872 25.58 9.52 -28.71
C THR B 872 26.66 10.51 -28.28
N ASP B 873 27.71 9.99 -27.65
CA ASP B 873 28.81 10.84 -27.22
C ASP B 873 29.58 11.42 -28.39
N GLU B 874 29.65 10.69 -29.51
CA GLU B 874 30.32 11.18 -30.70
C GLU B 874 29.60 12.40 -31.28
N MET B 875 28.27 12.38 -31.32
CA MET B 875 27.52 13.50 -31.88
C MET B 875 27.61 14.75 -31.02
N ILE B 876 27.63 14.58 -29.70
CA ILE B 876 27.84 15.70 -28.79
C ILE B 876 29.24 16.25 -28.92
N ALA B 877 30.22 15.37 -29.18
CA ALA B 877 31.58 15.82 -29.45
C ALA B 877 31.67 16.62 -30.75
N GLN B 878 30.91 16.23 -31.79
CA GLN B 878 30.90 17.03 -33.01
C GLN B 878 30.20 18.37 -32.85
N TYR B 879 29.14 18.43 -32.03
CA TYR B 879 28.57 19.72 -31.61
C TYR B 879 29.59 20.62 -30.93
N THR B 880 30.35 20.08 -29.98
CA THR B 880 31.32 20.92 -29.27
C THR B 880 32.47 21.34 -30.18
N SER B 881 32.89 20.47 -31.11
CA SER B 881 33.95 20.85 -32.03
C SER B 881 33.48 21.89 -33.04
N ALA B 882 32.21 21.81 -33.46
CA ALA B 882 31.64 22.82 -34.34
C ALA B 882 31.54 24.17 -33.65
N LEU B 883 31.12 24.17 -32.38
CA LEU B 883 31.07 25.40 -31.59
C LEU B 883 32.45 26.01 -31.40
N LEU B 884 33.46 25.17 -31.13
CA LEU B 884 34.82 25.65 -30.94
C LEU B 884 35.41 26.23 -32.22
N ALA B 885 35.24 25.53 -33.36
CA ALA B 885 35.76 26.03 -34.62
C ALA B 885 35.06 27.31 -35.06
N GLY B 886 33.74 27.39 -34.85
CA GLY B 886 33.02 28.61 -35.16
C GLY B 886 33.41 29.78 -34.29
N THR B 887 33.75 29.54 -33.02
CA THR B 887 34.13 30.66 -32.18
C THR B 887 35.61 31.03 -32.28
N ILE B 888 36.48 30.17 -32.81
CA ILE B 888 37.87 30.59 -33.00
C ILE B 888 38.17 31.05 -34.42
N THR B 889 37.29 30.76 -35.38
CA THR B 889 37.52 31.24 -36.74
C THR B 889 36.63 32.43 -37.14
N SER B 890 35.61 32.76 -36.35
CA SER B 890 34.72 33.85 -36.75
C SER B 890 34.43 34.85 -35.65
N GLY B 891 34.51 34.44 -34.39
CA GLY B 891 34.21 35.33 -33.28
C GLY B 891 32.81 35.08 -32.74
N TRP B 892 32.06 36.16 -32.54
CA TRP B 892 30.64 36.06 -32.21
C TRP B 892 29.73 36.28 -33.41
N THR B 893 30.29 36.28 -34.62
CA THR B 893 29.49 36.58 -35.79
C THR B 893 28.60 35.42 -36.21
N PHE B 894 28.99 34.18 -35.92
CA PHE B 894 28.20 33.04 -36.35
C PHE B 894 26.97 32.82 -35.47
N GLY B 895 26.92 33.43 -34.29
CA GLY B 895 25.75 33.30 -33.44
C GLY B 895 24.59 34.19 -33.84
N ALA B 896 24.84 35.22 -34.64
CA ALA B 896 23.82 36.16 -35.08
C ALA B 896 23.34 35.85 -36.50
N GLY B 897 24.26 35.83 -37.46
CA GLY B 897 23.93 35.51 -38.82
C GLY B 897 24.91 34.54 -39.43
N PRO B 898 25.51 34.89 -40.57
CA PRO B 898 26.53 34.04 -41.17
C PRO B 898 27.89 34.21 -40.51
N ALA B 899 28.71 33.18 -40.62
CA ALA B 899 30.04 33.22 -40.06
C ALA B 899 30.95 34.11 -40.89
N LEU B 900 31.60 35.07 -40.24
CA LEU B 900 32.44 36.05 -40.90
C LEU B 900 33.84 35.92 -40.33
N GLN B 901 34.82 35.61 -41.18
CA GLN B 901 36.15 35.34 -40.68
C GLN B 901 36.86 36.63 -40.26
N ILE B 902 37.73 36.50 -39.27
CA ILE B 902 38.52 37.59 -38.73
C ILE B 902 39.78 36.94 -38.15
N PRO B 903 40.95 37.58 -38.23
CA PRO B 903 42.12 37.04 -37.52
C PRO B 903 41.92 37.09 -36.01
N PHE B 904 42.47 36.10 -35.32
CA PHE B 904 42.27 35.96 -33.89
C PHE B 904 42.80 37.11 -33.03
N PRO B 905 43.98 37.72 -33.28
CA PRO B 905 44.30 38.97 -32.56
C PRO B 905 43.32 40.11 -32.81
N MET B 906 42.73 40.24 -33.99
CA MET B 906 41.74 41.29 -34.20
C MET B 906 40.47 41.02 -33.41
N GLN B 907 40.10 39.74 -33.28
CA GLN B 907 38.99 39.34 -32.42
C GLN B 907 39.28 39.62 -30.95
N MET B 908 40.52 39.37 -30.52
CA MET B 908 40.89 39.66 -29.13
C MET B 908 40.94 41.15 -28.87
N ALA B 909 41.25 41.95 -29.89
CA ALA B 909 41.21 43.41 -29.75
C ALA B 909 39.78 43.91 -29.66
N TYR B 910 38.87 43.27 -30.41
CA TYR B 910 37.44 43.53 -30.27
C TYR B 910 36.97 43.27 -28.84
N ARG B 911 37.43 42.16 -28.26
CA ARG B 911 37.02 41.81 -26.90
C ARG B 911 37.68 42.70 -25.85
N PHE B 912 38.91 43.17 -26.10
CA PHE B 912 39.54 44.15 -25.23
C PHE B 912 38.79 45.48 -25.25
N ASN B 913 38.33 45.91 -26.42
CA ASN B 913 37.45 47.07 -26.49
C ASN B 913 36.12 46.81 -25.81
N GLY B 914 35.68 45.55 -25.80
CA GLY B 914 34.47 45.20 -25.08
C GLY B 914 34.58 45.37 -23.58
N ILE B 915 35.72 45.00 -23.00
CA ILE B 915 35.87 45.14 -21.55
C ILE B 915 36.32 46.53 -21.12
N GLY B 916 36.52 47.47 -22.05
CA GLY B 916 36.84 48.84 -21.71
C GLY B 916 38.29 49.23 -21.80
N VAL B 917 39.11 48.49 -22.52
CA VAL B 917 40.54 48.74 -22.66
C VAL B 917 40.83 49.00 -24.14
N THR B 918 41.68 49.99 -24.42
CA THR B 918 42.04 50.28 -25.80
C THR B 918 42.81 49.12 -26.41
N GLN B 919 42.62 48.92 -27.71
CA GLN B 919 43.14 47.72 -28.38
C GLN B 919 44.63 47.78 -28.61
N ASN B 920 45.25 48.96 -28.54
CA ASN B 920 46.70 49.09 -28.59
C ASN B 920 47.40 48.41 -27.42
N VAL B 921 46.68 48.19 -26.31
CA VAL B 921 47.20 47.41 -25.20
C VAL B 921 47.42 45.97 -25.63
N LEU B 922 46.54 45.45 -26.50
CA LEU B 922 46.71 44.09 -27.00
C LEU B 922 47.93 43.96 -27.91
N TYR B 923 47.99 44.77 -28.96
CA TYR B 923 48.97 44.57 -30.03
C TYR B 923 50.40 44.85 -29.58
N GLU B 924 50.56 45.67 -28.54
CA GLU B 924 51.87 45.92 -27.96
C GLU B 924 52.25 44.92 -26.89
N ASN B 925 51.35 44.01 -26.53
CA ASN B 925 51.61 43.01 -25.49
C ASN B 925 51.26 41.60 -25.94
N GLN B 926 50.92 41.43 -27.23
CA GLN B 926 50.32 40.24 -27.83
C GLN B 926 50.96 38.93 -27.43
N LYS B 927 52.28 38.83 -27.67
CA LYS B 927 53.06 37.64 -27.38
C LYS B 927 52.96 37.25 -25.91
N LEU B 928 53.14 38.23 -25.02
CA LEU B 928 53.02 38.01 -23.59
C LEU B 928 51.62 37.52 -23.23
N ILE B 929 50.61 38.14 -23.84
CA ILE B 929 49.23 37.76 -23.61
C ILE B 929 48.98 36.34 -24.06
N ALA B 930 49.55 35.96 -25.22
CA ALA B 930 49.41 34.61 -25.73
C ALA B 930 50.06 33.61 -24.78
N ASN B 931 51.23 33.99 -24.24
CA ASN B 931 51.94 33.12 -23.30
C ASN B 931 51.13 32.89 -22.05
N GLN B 932 50.43 33.94 -21.58
CA GLN B 932 49.60 33.79 -20.38
C GLN B 932 48.46 32.83 -20.63
N PHE B 933 47.85 32.90 -21.82
CA PHE B 933 46.81 31.95 -22.18
C PHE B 933 47.39 30.55 -22.25
N ASN B 934 48.59 30.43 -22.84
CA ASN B 934 49.24 29.14 -22.97
C ASN B 934 49.70 28.60 -21.63
N SER B 935 49.79 29.45 -20.60
CA SER B 935 50.02 28.91 -19.27
C SER B 935 48.74 28.35 -18.69
N ALA B 936 47.65 29.13 -18.78
CA ALA B 936 46.47 28.85 -17.96
C ALA B 936 45.73 27.62 -18.44
N ILE B 937 45.61 27.46 -19.76
CA ILE B 937 44.99 26.28 -20.34
C ILE B 937 45.83 25.03 -20.07
N GLY B 938 47.13 25.19 -19.78
CA GLY B 938 47.90 24.07 -19.28
C GLY B 938 47.48 23.64 -17.89
N LYS B 939 47.27 24.61 -16.99
CA LYS B 939 47.08 24.30 -15.58
C LYS B 939 45.75 23.61 -15.32
N ILE B 940 44.76 23.88 -16.17
CA ILE B 940 43.46 23.20 -16.12
C ILE B 940 43.65 21.69 -16.25
N GLN B 941 44.59 21.28 -17.12
CA GLN B 941 44.93 19.89 -17.35
C GLN B 941 45.34 19.17 -16.07
N ASP B 942 45.96 19.87 -15.12
CA ASP B 942 46.23 19.21 -13.85
C ASP B 942 45.31 19.65 -12.72
N SER B 943 44.56 20.74 -12.90
CA SER B 943 43.76 21.25 -11.78
C SER B 943 42.57 20.35 -11.51
N LEU B 944 42.02 19.74 -12.54
CA LEU B 944 41.02 18.69 -12.37
C LEU B 944 41.67 17.34 -12.08
N PHE B 945 42.98 17.19 -12.36
CA PHE B 945 43.59 15.86 -12.32
C PHE B 945 44.05 15.49 -10.92
N SER B 946 44.70 16.42 -10.21
CA SER B 946 45.10 16.16 -8.84
C SER B 946 43.90 16.10 -7.90
N THR B 947 42.91 16.98 -8.12
CA THR B 947 41.74 17.01 -7.27
C THR B 947 40.80 15.87 -7.61
N PRO B 948 40.42 15.01 -6.65
CA PRO B 948 39.54 13.88 -6.97
C PRO B 948 38.04 14.17 -6.82
N SER B 949 37.66 15.33 -6.29
CA SER B 949 36.26 15.68 -6.10
C SER B 949 35.84 16.85 -7.00
N ALA B 950 36.54 17.06 -8.11
CA ALA B 950 36.21 18.18 -9.00
C ALA B 950 34.93 17.92 -9.77
N LEU B 951 34.76 16.70 -10.30
CA LEU B 951 33.57 16.34 -11.06
C LEU B 951 32.53 15.68 -10.16
N GLY B 952 32.14 16.43 -9.13
CA GLY B 952 31.25 15.89 -8.14
C GLY B 952 29.79 15.81 -8.55
N LYS B 953 29.35 16.73 -9.41
CA LYS B 953 27.92 16.82 -9.74
C LYS B 953 27.48 15.68 -10.65
N LEU B 954 28.27 15.37 -11.67
CA LEU B 954 27.93 14.29 -12.59
C LEU B 954 28.01 12.94 -11.90
N GLN B 955 29.01 12.76 -11.04
CA GLN B 955 29.12 11.54 -10.24
C GLN B 955 27.98 11.42 -9.26
N ASP B 956 27.50 12.55 -8.70
CA ASP B 956 26.33 12.51 -7.83
C ASP B 956 25.08 12.11 -8.59
N VAL B 957 24.96 12.55 -9.85
CA VAL B 957 23.82 12.14 -10.70
C VAL B 957 23.83 10.63 -10.92
N VAL B 958 25.01 10.10 -11.26
CA VAL B 958 25.15 8.65 -11.48
C VAL B 958 24.87 7.86 -10.20
N ASN B 959 25.39 8.33 -9.07
CA ASN B 959 25.18 7.65 -7.79
C ASN B 959 23.73 7.68 -7.34
N HIS B 960 23.03 8.81 -7.56
CA HIS B 960 21.62 8.89 -7.19
C HIS B 960 20.76 7.95 -8.01
N ASN B 961 21.00 7.91 -9.34
CA ASN B 961 20.24 6.99 -10.18
C ASN B 961 20.50 5.53 -9.81
N ALA B 962 21.77 5.19 -9.54
CA ALA B 962 22.12 3.82 -9.17
C ALA B 962 21.50 3.41 -7.84
N GLN B 963 21.53 4.30 -6.83
CA GLN B 963 20.99 3.90 -5.54
C GLN B 963 19.46 3.86 -5.55
N ALA B 964 18.80 4.70 -6.35
CA ALA B 964 17.36 4.62 -6.48
C ALA B 964 16.93 3.30 -7.14
N LEU B 965 17.64 2.91 -8.21
CA LEU B 965 17.35 1.64 -8.87
C LEU B 965 17.61 0.45 -7.95
N ASN B 966 18.72 0.48 -7.22
CA ASN B 966 19.06 -0.63 -6.33
C ASN B 966 18.10 -0.74 -5.16
N THR B 967 17.65 0.40 -4.62
CA THR B 967 16.66 0.39 -3.54
C THR B 967 15.31 -0.15 -4.03
N LEU B 968 14.92 0.21 -5.26
CA LEU B 968 13.68 -0.31 -5.82
C LEU B 968 13.75 -1.82 -6.04
N VAL B 969 14.91 -2.34 -6.43
CA VAL B 969 15.04 -3.79 -6.58
C VAL B 969 15.07 -4.48 -5.21
N LYS B 970 15.76 -3.91 -4.22
CA LYS B 970 15.82 -4.54 -2.89
C LYS B 970 14.49 -4.52 -2.17
N GLN B 971 13.60 -3.57 -2.49
CA GLN B 971 12.33 -3.52 -1.80
C GLN B 971 11.38 -4.65 -2.23
N LEU B 972 11.69 -5.34 -3.32
CA LEU B 972 10.88 -6.44 -3.81
C LEU B 972 10.98 -7.70 -2.95
N SER B 973 11.95 -7.76 -2.03
CA SER B 973 12.18 -8.94 -1.20
C SER B 973 11.73 -8.73 0.25
N SER B 974 10.79 -7.83 0.49
CA SER B 974 10.25 -7.59 1.82
C SER B 974 8.80 -8.06 1.90
N LYS B 975 8.33 -8.28 3.13
CA LYS B 975 7.11 -9.03 3.38
C LYS B 975 5.86 -8.15 3.48
N PHE B 976 5.99 -6.95 4.04
CA PHE B 976 4.90 -5.99 4.27
C PHE B 976 3.75 -6.55 5.09
N GLY B 977 3.99 -7.56 5.93
CA GLY B 977 2.91 -8.13 6.72
C GLY B 977 2.38 -9.46 6.22
N ALA B 978 3.28 -10.37 5.83
CA ALA B 978 2.89 -11.69 5.34
C ALA B 978 3.83 -12.72 5.93
N ILE B 979 3.50 -14.00 5.72
CA ILE B 979 4.46 -15.06 6.07
C ILE B 979 5.66 -15.03 5.14
N SER B 980 5.43 -14.82 3.84
CA SER B 980 6.53 -14.84 2.90
C SER B 980 6.38 -13.69 1.90
N SER B 981 7.53 -13.26 1.38
CA SER B 981 7.57 -12.32 0.26
C SER B 981 7.60 -13.00 -1.09
N VAL B 982 7.75 -14.33 -1.12
CA VAL B 982 7.81 -15.07 -2.37
C VAL B 982 6.39 -15.43 -2.78
N LEU B 983 6.02 -15.06 -4.00
CA LEU B 983 4.63 -15.19 -4.43
C LEU B 983 4.27 -16.62 -4.77
N ASN B 984 5.23 -17.41 -5.29
CA ASN B 984 4.94 -18.80 -5.63
C ASN B 984 4.76 -19.67 -4.39
N ASP B 985 5.55 -19.41 -3.33
CA ASP B 985 5.43 -20.18 -2.09
C ASP B 985 4.10 -19.90 -1.39
N ILE B 986 3.69 -18.63 -1.32
CA ILE B 986 2.41 -18.30 -0.72
C ILE B 986 1.25 -18.74 -1.61
N LEU B 987 1.48 -18.87 -2.91
CA LEU B 987 0.44 -19.39 -3.80
C LEU B 987 0.26 -20.89 -3.63
N SER B 988 1.36 -21.63 -3.50
CA SER B 988 1.32 -23.08 -3.40
C SER B 988 1.22 -23.59 -1.98
N ARG B 989 1.17 -22.70 -0.98
CA ARG B 989 1.06 -23.12 0.40
C ARG B 989 -0.37 -23.03 0.96
N LEU B 990 -1.13 -22.02 0.58
CA LEU B 990 -2.44 -21.77 1.18
C LEU B 990 -3.55 -21.89 0.15
N ASP B 991 -4.79 -21.94 0.65
CA ASP B 991 -5.97 -21.92 -0.20
C ASP B 991 -6.19 -20.52 -0.77
N PRO B 992 -6.81 -20.42 -1.95
CA PRO B 992 -7.03 -19.09 -2.61
C PRO B 992 -7.81 -18.05 -1.79
N PRO B 993 -8.87 -18.38 -0.99
CA PRO B 993 -9.57 -17.29 -0.28
C PRO B 993 -8.73 -16.52 0.73
N GLU B 994 -7.80 -17.17 1.42
CA GLU B 994 -6.86 -16.42 2.26
C GLU B 994 -5.64 -15.95 1.49
N ALA B 995 -5.29 -16.63 0.38
CA ALA B 995 -4.13 -16.25 -0.41
C ALA B 995 -4.34 -14.89 -1.07
N GLU B 996 -5.54 -14.62 -1.60
CA GLU B 996 -5.76 -13.35 -2.29
C GLU B 996 -5.77 -12.17 -1.31
N VAL B 997 -6.42 -12.34 -0.16
CA VAL B 997 -6.49 -11.25 0.82
C VAL B 997 -5.15 -11.07 1.51
N GLN B 998 -4.27 -12.08 1.45
CA GLN B 998 -2.93 -11.85 1.99
C GLN B 998 -1.97 -11.25 0.96
N ILE B 999 -2.05 -11.65 -0.32
CA ILE B 999 -1.15 -11.07 -1.32
C ILE B 999 -1.58 -9.67 -1.74
N ASP B 1000 -2.79 -9.24 -1.36
CA ASP B 1000 -3.14 -7.83 -1.50
C ASP B 1000 -2.18 -6.92 -0.73
N ARG B 1001 -1.63 -7.40 0.39
CA ARG B 1001 -0.66 -6.62 1.16
C ARG B 1001 0.65 -6.44 0.38
N LEU B 1002 1.12 -7.50 -0.28
CA LEU B 1002 2.29 -7.38 -1.16
C LEU B 1002 2.03 -6.45 -2.32
N ILE B 1003 0.81 -6.51 -2.88
CA ILE B 1003 0.44 -5.62 -3.99
C ILE B 1003 0.49 -4.15 -3.54
N THR B 1004 -0.05 -3.86 -2.36
CA THR B 1004 -0.03 -2.49 -1.82
C THR B 1004 1.39 -2.02 -1.54
N GLY B 1005 2.23 -2.87 -0.94
CA GLY B 1005 3.59 -2.46 -0.64
C GLY B 1005 4.44 -2.20 -1.86
N ARG B 1006 4.34 -3.07 -2.88
CA ARG B 1006 5.10 -2.86 -4.10
C ARG B 1006 4.58 -1.68 -4.90
N LEU B 1007 3.26 -1.43 -4.87
CA LEU B 1007 2.72 -0.25 -5.54
C LEU B 1007 3.17 1.04 -4.86
N GLN B 1008 3.25 1.06 -3.53
CA GLN B 1008 3.74 2.26 -2.83
C GLN B 1008 5.22 2.49 -3.11
N SER B 1009 6.02 1.43 -3.19
CA SER B 1009 7.43 1.61 -3.53
C SER B 1009 7.61 2.16 -4.94
N LEU B 1010 6.79 1.69 -5.89
CA LEU B 1010 6.80 2.25 -7.24
C LEU B 1010 6.42 3.73 -7.25
N GLN B 1011 5.38 4.10 -6.50
CA GLN B 1011 4.94 5.50 -6.47
C GLN B 1011 5.99 6.42 -5.87
N THR B 1012 6.66 5.99 -4.79
CA THR B 1012 7.72 6.81 -4.21
C THR B 1012 8.89 6.99 -5.17
N TYR B 1013 9.24 5.91 -5.90
CA TYR B 1013 10.31 6.01 -6.89
C TYR B 1013 9.95 7.00 -8.00
N VAL B 1014 8.71 6.96 -8.49
CA VAL B 1014 8.30 7.82 -9.59
C VAL B 1014 8.24 9.29 -9.15
N THR B 1015 7.74 9.57 -7.94
CA THR B 1015 7.70 10.95 -7.47
C THR B 1015 9.11 11.52 -7.25
N GLN B 1016 10.03 10.69 -6.74
CA GLN B 1016 11.39 11.19 -6.53
C GLN B 1016 12.12 11.42 -7.84
N GLN B 1017 11.88 10.57 -8.85
CA GLN B 1017 12.40 10.83 -10.19
C GLN B 1017 11.82 12.09 -10.79
N LEU B 1018 10.54 12.40 -10.52
CA LEU B 1018 9.94 13.63 -11.02
C LEU B 1018 10.61 14.87 -10.43
N ILE B 1019 10.87 14.85 -9.11
CA ILE B 1019 11.53 15.98 -8.45
C ILE B 1019 12.97 16.16 -8.95
N ARG B 1020 13.72 15.05 -9.10
CA ARG B 1020 15.06 15.14 -9.64
C ARG B 1020 15.08 15.58 -11.10
N ALA B 1021 14.08 15.18 -11.88
CA ALA B 1021 14.00 15.61 -13.27
C ALA B 1021 13.73 17.10 -13.38
N ALA B 1022 12.93 17.65 -12.47
CA ALA B 1022 12.74 19.09 -12.41
C ALA B 1022 14.05 19.83 -12.11
N GLU B 1023 14.83 19.30 -11.15
CA GLU B 1023 16.11 19.94 -10.82
C GLU B 1023 17.11 19.88 -11.98
N ILE B 1024 17.19 18.74 -12.67
CA ILE B 1024 18.06 18.61 -13.84
C ILE B 1024 17.59 19.50 -14.99
N ARG B 1025 16.27 19.69 -15.14
CA ARG B 1025 15.76 20.59 -16.17
C ARG B 1025 16.16 22.03 -15.90
N ALA B 1026 16.11 22.46 -14.63
CA ALA B 1026 16.58 23.80 -14.28
C ALA B 1026 18.08 23.98 -14.55
N SER B 1027 18.88 22.96 -14.20
CA SER B 1027 20.32 23.01 -14.47
C SER B 1027 20.63 23.04 -15.97
N ALA B 1028 19.88 22.29 -16.77
CA ALA B 1028 20.08 22.28 -18.21
C ALA B 1028 19.65 23.59 -18.86
N ASN B 1029 18.61 24.25 -18.32
CA ASN B 1029 18.25 25.58 -18.79
C ASN B 1029 19.34 26.59 -18.50
N LEU B 1030 19.96 26.50 -17.32
CA LEU B 1030 21.09 27.38 -17.00
C LEU B 1030 22.28 27.12 -17.92
N ALA B 1031 22.56 25.85 -18.23
CA ALA B 1031 23.65 25.49 -19.12
C ALA B 1031 23.41 25.99 -20.54
N ALA B 1032 22.16 25.92 -21.02
CA ALA B 1032 21.84 26.44 -22.35
C ALA B 1032 21.96 27.96 -22.39
N THR B 1033 21.57 28.65 -21.31
CA THR B 1033 21.73 30.09 -21.24
C THR B 1033 23.21 30.50 -21.24
N LYS B 1034 24.04 29.77 -20.49
CA LYS B 1034 25.48 30.05 -20.51
C LYS B 1034 26.13 29.71 -21.84
N MET B 1035 25.61 28.71 -22.56
CA MET B 1035 26.17 28.45 -23.89
C MET B 1035 25.77 29.53 -24.88
N SER B 1036 24.56 30.08 -24.75
CA SER B 1036 24.14 31.17 -25.63
C SER B 1036 24.89 32.46 -25.34
N GLU B 1037 25.14 32.76 -24.07
CA GLU B 1037 25.64 34.09 -23.69
C GLU B 1037 27.15 34.15 -23.47
N CYS B 1038 27.78 33.11 -22.91
CA CYS B 1038 29.22 33.15 -22.69
C CYS B 1038 30.00 32.69 -23.91
N VAL B 1039 29.50 31.70 -24.65
CA VAL B 1039 30.24 31.12 -25.77
C VAL B 1039 29.93 31.83 -27.08
N LEU B 1040 28.66 32.08 -27.37
CA LEU B 1040 28.30 32.71 -28.63
C LEU B 1040 28.41 34.23 -28.59
N GLY B 1041 28.81 34.81 -27.47
CA GLY B 1041 29.00 36.24 -27.38
C GLY B 1041 29.88 36.59 -26.19
N GLN B 1042 29.99 37.89 -25.93
CA GLN B 1042 30.72 38.41 -24.79
C GLN B 1042 29.73 39.02 -23.81
N SER B 1043 29.83 38.65 -22.54
CA SER B 1043 28.82 38.97 -21.54
C SER B 1043 29.29 40.11 -20.65
N LYS B 1044 28.35 40.99 -20.29
CA LYS B 1044 28.62 42.10 -19.39
C LYS B 1044 28.06 41.87 -18.00
N ARG B 1045 27.31 40.79 -17.79
CA ARG B 1045 26.79 40.47 -16.47
C ARG B 1045 27.91 40.02 -15.55
N VAL B 1046 27.92 40.55 -14.33
CA VAL B 1046 29.01 40.33 -13.39
C VAL B 1046 28.91 38.92 -12.84
N ASP B 1047 30.05 38.20 -12.85
CA ASP B 1047 30.24 36.87 -12.26
C ASP B 1047 29.41 35.79 -12.93
N PHE B 1048 28.87 36.06 -14.11
CA PHE B 1048 28.10 35.06 -14.84
C PHE B 1048 29.03 34.09 -15.55
N CYS B 1049 29.93 34.62 -16.37
CA CYS B 1049 30.91 33.80 -17.07
C CYS B 1049 32.28 33.89 -16.37
N GLY B 1050 32.32 33.45 -15.12
CA GLY B 1050 33.56 33.40 -14.36
C GLY B 1050 33.90 34.69 -13.65
N LYS B 1051 35.00 34.63 -12.89
CA LYS B 1051 35.47 35.74 -12.09
C LYS B 1051 36.39 36.65 -12.91
N GLY B 1052 36.12 37.94 -12.86
CA GLY B 1052 36.86 38.93 -13.63
C GLY B 1052 36.01 39.57 -14.71
N TYR B 1053 36.69 40.20 -15.66
CA TYR B 1053 36.04 40.79 -16.82
C TYR B 1053 36.08 39.75 -17.93
N HIS B 1054 34.90 39.36 -18.43
CA HIS B 1054 34.79 38.26 -19.37
C HIS B 1054 35.42 38.60 -20.71
N LEU B 1055 36.32 37.74 -21.17
CA LEU B 1055 36.82 37.82 -22.54
C LEU B 1055 36.10 36.85 -23.46
N MET B 1056 36.17 35.54 -23.19
CA MET B 1056 35.51 34.55 -24.03
C MET B 1056 35.42 33.22 -23.27
N SER B 1057 34.82 32.21 -23.91
CA SER B 1057 34.58 30.94 -23.24
C SER B 1057 34.62 29.80 -24.25
N PHE B 1058 34.86 28.58 -23.73
CA PHE B 1058 34.97 27.37 -24.53
C PHE B 1058 34.13 26.25 -23.95
N PRO B 1059 33.42 25.49 -24.79
CA PRO B 1059 32.68 24.33 -24.30
C PRO B 1059 33.44 23.01 -24.40
N GLN B 1060 33.18 22.14 -23.43
CA GLN B 1060 33.70 20.78 -23.42
C GLN B 1060 32.57 19.87 -22.99
N SER B 1061 32.50 18.67 -23.56
CA SER B 1061 31.44 17.75 -23.21
C SER B 1061 31.92 16.81 -22.11
N ALA B 1062 30.97 16.37 -21.29
CA ALA B 1062 31.27 15.49 -20.16
C ALA B 1062 30.11 14.50 -20.05
N PRO B 1063 30.35 13.32 -19.47
CA PRO B 1063 29.25 12.38 -19.23
C PRO B 1063 28.15 12.98 -18.35
N HIS B 1064 26.96 13.08 -18.94
CA HIS B 1064 25.78 13.75 -18.39
C HIS B 1064 26.01 15.23 -18.11
N GLY B 1065 26.83 15.94 -18.89
CA GLY B 1065 26.98 17.34 -18.59
C GLY B 1065 27.93 18.08 -19.53
N VAL B 1066 28.20 19.33 -19.15
CA VAL B 1066 29.02 20.24 -19.93
C VAL B 1066 29.99 20.95 -18.99
N VAL B 1067 31.16 21.29 -19.51
CA VAL B 1067 32.19 22.04 -18.79
C VAL B 1067 32.52 23.28 -19.59
N PHE B 1068 32.44 24.44 -18.96
CA PHE B 1068 32.76 25.72 -19.59
C PHE B 1068 34.09 26.21 -19.08
N LEU B 1069 34.99 26.53 -20.01
CA LEU B 1069 36.28 27.13 -19.70
C LEU B 1069 36.18 28.62 -19.98
N HIS B 1070 36.13 29.41 -18.92
CA HIS B 1070 35.95 30.85 -19.00
C HIS B 1070 37.30 31.55 -18.97
N VAL B 1071 37.61 32.27 -20.04
CA VAL B 1071 38.82 33.09 -20.15
C VAL B 1071 38.42 34.53 -19.83
N THR B 1072 39.01 35.06 -18.75
CA THR B 1072 38.69 36.38 -18.24
C THR B 1072 39.97 37.19 -18.02
N TYR B 1073 39.80 38.50 -17.96
CA TYR B 1073 40.88 39.46 -17.77
C TYR B 1073 40.81 39.95 -16.33
N VAL B 1074 41.92 39.83 -15.61
CA VAL B 1074 42.01 40.22 -14.20
C VAL B 1074 43.06 41.32 -14.11
N PRO B 1075 42.78 42.44 -13.47
CA PRO B 1075 43.83 43.46 -13.25
C PRO B 1075 44.87 42.96 -12.26
N ALA B 1076 45.97 43.69 -12.23
CA ALA B 1076 47.16 43.30 -11.48
C ALA B 1076 47.79 44.60 -10.98
N GLN B 1077 49.11 44.55 -10.74
CA GLN B 1077 49.92 45.47 -9.94
C GLN B 1077 49.55 46.94 -10.15
N GLU B 1078 49.01 47.55 -9.11
CA GLU B 1078 48.36 48.84 -9.21
C GLU B 1078 49.13 49.89 -8.44
N LYS B 1079 48.95 51.14 -8.84
CA LYS B 1079 49.62 52.26 -8.20
C LYS B 1079 48.57 53.31 -7.84
N ASN B 1080 48.84 54.08 -6.80
CA ASN B 1080 47.92 55.13 -6.39
C ASN B 1080 48.48 56.50 -6.74
N PHE B 1081 47.57 57.39 -7.14
CA PHE B 1081 47.87 58.73 -7.60
C PHE B 1081 46.86 59.68 -6.98
N THR B 1082 47.12 60.97 -7.11
CA THR B 1082 46.13 61.98 -6.72
C THR B 1082 45.25 62.29 -7.92
N THR B 1083 43.98 62.56 -7.65
CA THR B 1083 43.00 62.74 -8.72
C THR B 1083 42.17 63.98 -8.45
N ALA B 1084 41.60 64.52 -9.53
CA ALA B 1084 40.76 65.70 -9.50
C ALA B 1084 39.54 65.45 -10.38
N PRO B 1085 38.41 66.09 -10.09
CA PRO B 1085 37.25 65.95 -10.97
C PRO B 1085 37.26 66.86 -12.19
N ALA B 1086 37.95 68.00 -12.15
CA ALA B 1086 37.98 68.93 -13.27
C ALA B 1086 39.28 69.71 -13.23
N ILE B 1087 39.48 70.54 -14.26
CA ILE B 1087 40.69 71.34 -14.43
C ILE B 1087 40.27 72.78 -14.70
N CYS B 1088 40.83 73.71 -13.92
CA CYS B 1088 40.64 75.15 -14.13
C CYS B 1088 41.71 75.70 -15.06
N HIS B 1089 41.30 76.22 -16.23
CA HIS B 1089 42.25 76.74 -17.20
C HIS B 1089 42.14 78.24 -17.39
N ASP B 1090 40.99 78.73 -17.86
CA ASP B 1090 40.80 80.16 -18.14
C ASP B 1090 39.47 80.62 -17.59
N GLY B 1091 39.13 80.17 -16.38
CA GLY B 1091 37.77 80.32 -15.90
C GLY B 1091 36.80 79.35 -16.53
N LYS B 1092 37.29 78.30 -17.19
CA LYS B 1092 36.48 77.26 -17.79
C LYS B 1092 36.90 75.91 -17.23
N ALA B 1093 35.92 75.05 -16.95
CA ALA B 1093 36.16 73.76 -16.33
C ALA B 1093 36.26 72.69 -17.40
N HIS B 1094 37.29 71.84 -17.30
CA HIS B 1094 37.55 70.79 -18.27
C HIS B 1094 37.31 69.44 -17.62
N PHE B 1095 36.44 68.64 -18.23
CA PHE B 1095 36.12 67.29 -17.79
C PHE B 1095 36.65 66.29 -18.80
N PRO B 1096 37.14 65.12 -18.37
CA PRO B 1096 37.70 64.18 -19.35
C PRO B 1096 36.61 63.47 -20.15
N ARG B 1097 36.86 63.31 -21.44
CA ARG B 1097 35.93 62.61 -22.31
C ARG B 1097 35.83 61.14 -21.95
N GLU B 1098 36.98 60.49 -21.79
CA GLU B 1098 37.06 59.15 -21.24
C GLU B 1098 38.40 59.03 -20.51
N GLY B 1099 38.36 58.46 -19.32
CA GLY B 1099 39.52 58.41 -18.46
C GLY B 1099 39.39 59.39 -17.31
N VAL B 1100 40.47 59.45 -16.52
CA VAL B 1100 40.54 60.27 -15.32
C VAL B 1100 41.81 61.11 -15.34
N PHE B 1101 41.80 62.17 -14.54
CA PHE B 1101 42.99 62.98 -14.29
C PHE B 1101 43.79 62.35 -13.16
N VAL B 1102 45.08 62.14 -13.38
CA VAL B 1102 45.98 61.61 -12.36
C VAL B 1102 47.22 62.48 -12.24
N SER B 1103 47.80 62.49 -11.05
CA SER B 1103 49.04 63.18 -10.78
C SER B 1103 49.87 62.36 -9.80
N ASN B 1104 51.18 62.32 -10.02
CA ASN B 1104 52.07 61.78 -9.00
C ASN B 1104 52.52 62.81 -7.97
N GLY B 1105 52.32 64.09 -8.24
CA GLY B 1105 52.80 65.14 -7.35
C GLY B 1105 53.32 66.35 -8.07
N THR B 1106 53.71 66.20 -9.33
CA THR B 1106 54.25 67.30 -10.12
C THR B 1106 53.34 67.70 -11.27
N HIS B 1107 53.03 66.77 -12.18
CA HIS B 1107 52.25 67.08 -13.37
C HIS B 1107 50.99 66.23 -13.42
N TRP B 1108 50.05 66.67 -14.24
CA TRP B 1108 48.75 66.03 -14.40
C TRP B 1108 48.62 65.41 -15.78
N PHE B 1109 47.94 64.28 -15.84
CA PHE B 1109 47.74 63.53 -17.08
C PHE B 1109 46.33 62.99 -17.14
N VAL B 1110 45.90 62.64 -18.35
CA VAL B 1110 44.65 61.94 -18.60
C VAL B 1110 44.99 60.49 -18.91
N THR B 1111 44.39 59.55 -18.18
CA THR B 1111 44.62 58.14 -18.41
C THR B 1111 43.30 57.42 -18.58
N GLN B 1112 43.36 56.26 -19.25
CA GLN B 1112 42.21 55.39 -19.29
C GLN B 1112 42.06 54.67 -17.95
N ARG B 1113 40.85 54.22 -17.66
CA ARG B 1113 40.49 53.83 -16.31
C ARG B 1113 41.02 52.46 -15.92
N ASN B 1114 41.15 51.53 -16.87
CA ASN B 1114 41.51 50.15 -16.56
C ASN B 1114 42.97 49.82 -16.85
N PHE B 1115 43.78 50.80 -17.25
CA PHE B 1115 45.17 50.57 -17.57
C PHE B 1115 45.91 51.88 -17.42
N TYR B 1116 47.09 51.85 -16.81
CA TYR B 1116 47.87 53.07 -16.63
C TYR B 1116 48.54 53.43 -17.96
N GLU B 1117 48.03 54.48 -18.61
CA GLU B 1117 48.62 55.00 -19.83
C GLU B 1117 48.45 56.51 -19.83
N PRO B 1118 49.40 57.24 -19.26
CA PRO B 1118 49.22 58.69 -19.09
C PRO B 1118 49.48 59.46 -20.37
N GLN B 1119 48.64 60.46 -20.61
CA GLN B 1119 48.74 61.31 -21.79
C GLN B 1119 48.60 62.77 -21.39
N ILE B 1120 49.15 63.64 -22.23
CA ILE B 1120 49.16 65.08 -21.96
C ILE B 1120 47.76 65.64 -22.16
N ILE B 1121 47.30 66.45 -21.21
CA ILE B 1121 45.95 67.01 -21.24
C ILE B 1121 45.88 68.08 -22.33
N THR B 1122 45.05 67.83 -23.35
CA THR B 1122 44.80 68.77 -24.43
C THR B 1122 43.31 69.08 -24.51
N THR B 1123 42.92 69.85 -25.53
CA THR B 1123 41.53 70.15 -25.77
C THR B 1123 40.80 69.04 -26.52
N ASP B 1124 41.51 68.01 -26.95
CA ASP B 1124 40.88 66.85 -27.57
C ASP B 1124 40.56 65.77 -26.55
N ASN B 1125 41.29 65.71 -25.44
CA ASN B 1125 41.01 64.74 -24.38
C ASN B 1125 39.87 65.18 -23.48
N THR B 1126 39.58 66.48 -23.41
CA THR B 1126 38.64 67.03 -22.44
C THR B 1126 37.58 67.85 -23.14
N PHE B 1127 36.47 68.07 -22.44
CA PHE B 1127 35.40 68.94 -22.90
C PHE B 1127 35.09 69.99 -21.85
N VAL B 1128 34.52 71.10 -22.30
CA VAL B 1128 34.34 72.30 -21.48
C VAL B 1128 32.87 72.42 -21.09
N SER B 1129 32.61 72.70 -19.82
CA SER B 1129 31.25 72.90 -19.35
C SER B 1129 31.28 73.84 -18.14
N GLY B 1130 30.86 75.07 -18.36
CA GLY B 1130 30.67 76.01 -17.26
C GLY B 1130 31.96 76.63 -16.78
N ASN B 1131 31.82 77.43 -15.72
CA ASN B 1131 32.96 78.07 -15.09
C ASN B 1131 33.47 77.20 -13.94
N CYS B 1132 34.34 77.76 -13.10
CA CYS B 1132 35.10 76.97 -12.13
C CYS B 1132 34.68 77.22 -10.68
N ASP B 1133 33.50 77.80 -10.47
CA ASP B 1133 33.02 78.10 -9.13
C ASP B 1133 31.94 77.16 -8.65
N VAL B 1134 31.72 76.04 -9.36
CA VAL B 1134 30.59 75.18 -9.05
C VAL B 1134 31.06 73.76 -8.73
N VAL B 1135 32.25 73.39 -9.24
CA VAL B 1135 32.76 72.04 -9.06
C VAL B 1135 33.62 72.00 -7.80
N ILE B 1136 33.31 71.06 -6.91
CA ILE B 1136 34.00 70.92 -5.63
C ILE B 1136 35.22 70.03 -5.84
N GLY B 1137 36.42 70.61 -5.70
CA GLY B 1137 37.64 69.88 -5.89
C GLY B 1137 38.42 70.20 -7.15
N ILE B 1138 38.02 71.22 -7.90
CA ILE B 1138 38.70 71.60 -9.14
C ILE B 1138 40.07 72.19 -8.82
N VAL B 1139 41.06 71.92 -9.68
CA VAL B 1139 42.44 72.30 -9.41
C VAL B 1139 42.97 73.17 -10.55
N ASN B 1140 44.00 73.96 -10.22
CA ASN B 1140 44.73 74.72 -11.24
C ASN B 1140 45.55 73.77 -12.11
N ASN B 1141 45.45 73.94 -13.42
CA ASN B 1141 46.36 73.30 -14.36
C ASN B 1141 46.24 74.03 -15.70
N THR B 1142 47.11 73.67 -16.62
CA THR B 1142 47.07 74.20 -17.98
C THR B 1142 46.61 73.12 -18.95
N VAL B 1143 45.88 73.56 -19.98
CA VAL B 1143 45.36 72.68 -21.03
C VAL B 1143 45.89 73.22 -22.35
N TYR B 1144 46.67 72.40 -23.05
CA TYR B 1144 47.35 72.84 -24.26
C TYR B 1144 46.45 72.69 -25.48
N ASP B 1145 46.27 73.79 -26.20
CA ASP B 1145 45.54 73.78 -27.46
C ASP B 1145 46.51 73.41 -28.57
N PRO B 1146 46.31 72.29 -29.29
CA PRO B 1146 47.27 71.92 -30.35
C PRO B 1146 47.01 72.60 -31.68
N LEU B 1147 46.20 73.65 -31.68
CA LEU B 1147 45.94 74.45 -32.88
C LEU B 1147 46.61 75.83 -32.82
N GLN B 1148 46.60 76.48 -31.66
CA GLN B 1148 47.14 77.83 -31.56
C GLN B 1148 48.66 77.87 -31.71
N LEU B 1149 49.35 76.82 -31.26
CA LEU B 1149 50.81 76.79 -31.30
C LEU B 1149 51.32 76.74 -32.75
N GLU B 1150 50.70 75.91 -33.58
CA GLU B 1150 51.16 75.82 -34.97
C GLU B 1150 50.79 77.07 -35.77
N LEU B 1151 49.67 77.71 -35.44
CA LEU B 1151 49.31 78.97 -36.10
C LEU B 1151 50.30 80.08 -35.73
N ASP B 1152 50.63 80.20 -34.44
CA ASP B 1152 51.59 81.21 -34.01
C ASP B 1152 53.01 80.91 -34.47
N SER B 1153 53.34 79.64 -34.74
CA SER B 1153 54.66 79.33 -35.28
C SER B 1153 54.74 79.60 -36.79
N PHE B 1154 53.76 79.10 -37.55
CA PHE B 1154 53.84 79.19 -39.01
C PHE B 1154 53.48 80.57 -39.54
N LYS B 1155 52.55 81.30 -38.90
CA LYS B 1155 52.14 82.59 -39.44
C LYS B 1155 53.21 83.66 -39.24
N GLU B 1156 53.90 83.63 -38.11
CA GLU B 1156 54.99 84.58 -37.87
C GLU B 1156 56.34 83.98 -38.23
N THR C 36 -16.83 -29.68 -50.82
CA THR C 36 -17.68 -28.50 -50.66
C THR C 36 -17.38 -27.79 -49.35
N GLN C 37 -16.10 -27.46 -49.15
CA GLN C 37 -15.62 -26.81 -47.93
C GLN C 37 -14.69 -25.66 -48.28
N SER C 38 -15.12 -24.78 -49.19
CA SER C 38 -14.30 -23.64 -49.59
C SER C 38 -14.27 -22.58 -48.49
N TYR C 39 -13.20 -21.80 -48.48
CA TYR C 39 -12.94 -20.80 -47.45
C TYR C 39 -12.94 -19.40 -48.06
N THR C 40 -13.54 -18.44 -47.35
CA THR C 40 -13.43 -17.03 -47.70
C THR C 40 -13.17 -16.22 -46.44
N ASN C 41 -12.52 -15.08 -46.61
CA ASN C 41 -12.24 -14.22 -45.46
C ASN C 41 -13.42 -13.29 -45.13
N SER C 42 -13.52 -12.92 -43.86
CA SER C 42 -14.61 -12.08 -43.35
C SER C 42 -14.02 -10.75 -42.91
N PHE C 43 -14.27 -9.70 -43.71
CA PHE C 43 -13.61 -8.40 -43.53
C PHE C 43 -13.91 -7.70 -42.21
N THR C 44 -15.13 -7.20 -42.05
CA THR C 44 -15.51 -6.42 -40.87
C THR C 44 -16.96 -6.80 -40.51
N ARG C 45 -17.26 -8.09 -40.52
CA ARG C 45 -18.62 -8.57 -40.29
C ARG C 45 -18.67 -9.43 -39.05
N GLY C 46 -19.82 -9.38 -38.37
CA GLY C 46 -20.04 -10.16 -37.17
C GLY C 46 -19.97 -9.38 -35.87
N VAL C 47 -20.31 -8.09 -35.88
CA VAL C 47 -20.19 -7.23 -34.71
C VAL C 47 -21.60 -6.94 -34.22
N TYR C 48 -21.83 -7.16 -32.93
CA TYR C 48 -23.14 -7.00 -32.30
C TYR C 48 -23.03 -6.05 -31.11
N TYR C 49 -24.18 -5.67 -30.57
CA TYR C 49 -24.23 -4.87 -29.36
C TYR C 49 -23.96 -5.75 -28.14
N PRO C 50 -22.91 -5.48 -27.36
CA PRO C 50 -22.52 -6.41 -26.29
C PRO C 50 -23.43 -6.35 -25.07
N ASP C 51 -23.91 -5.17 -24.71
CA ASP C 51 -24.65 -4.96 -23.49
C ASP C 51 -25.95 -4.20 -23.76
N LYS C 52 -26.69 -3.94 -22.70
CA LYS C 52 -28.01 -3.33 -22.78
C LYS C 52 -27.97 -1.81 -22.59
N VAL C 53 -26.78 -1.22 -22.67
CA VAL C 53 -26.52 0.14 -22.22
C VAL C 53 -26.43 1.07 -23.42
N PHE C 54 -27.13 2.21 -23.36
CA PHE C 54 -27.06 3.21 -24.41
C PHE C 54 -25.79 4.04 -24.24
N ARG C 55 -25.09 4.28 -25.35
CA ARG C 55 -23.89 5.10 -25.38
C ARG C 55 -23.85 5.89 -26.68
N SER C 56 -23.44 7.15 -26.59
CA SER C 56 -23.41 8.02 -27.77
C SER C 56 -22.13 8.85 -27.77
N SER C 57 -21.49 8.93 -28.95
CA SER C 57 -20.28 9.73 -29.19
C SER C 57 -19.15 9.35 -28.24
N VAL C 58 -18.83 8.06 -28.21
CA VAL C 58 -17.81 7.53 -27.31
C VAL C 58 -17.18 6.32 -27.98
N LEU C 59 -15.91 6.06 -27.66
CA LEU C 59 -15.20 4.87 -28.11
C LEU C 59 -15.02 3.97 -26.91
N HIS C 60 -15.48 2.72 -27.01
CA HIS C 60 -15.59 1.86 -25.85
C HIS C 60 -14.84 0.56 -26.08
N LEU C 61 -14.18 0.06 -25.04
CA LEU C 61 -13.48 -1.23 -25.10
C LEU C 61 -14.35 -2.32 -24.51
N THR C 62 -14.59 -3.38 -25.30
CA THR C 62 -15.38 -4.52 -24.87
C THR C 62 -14.58 -5.79 -25.05
N GLN C 63 -14.50 -6.60 -24.00
CA GLN C 63 -13.86 -7.91 -24.06
C GLN C 63 -14.97 -8.95 -24.09
N ASP C 64 -15.16 -9.60 -25.24
CA ASP C 64 -16.30 -10.49 -25.44
C ASP C 64 -16.00 -11.42 -26.59
N LEU C 65 -16.82 -12.45 -26.73
CA LEU C 65 -16.68 -13.41 -27.83
C LEU C 65 -17.14 -12.77 -29.14
N PHE C 66 -16.18 -12.48 -30.01
CA PHE C 66 -16.43 -11.83 -31.29
C PHE C 66 -15.91 -12.68 -32.43
N LEU C 67 -16.24 -12.24 -33.64
CA LEU C 67 -15.68 -12.79 -34.86
C LEU C 67 -14.52 -11.89 -35.30
N PRO C 68 -13.28 -12.37 -35.31
CA PRO C 68 -12.15 -11.51 -35.63
C PRO C 68 -12.14 -11.06 -37.07
N PHE C 69 -11.52 -9.90 -37.30
CA PHE C 69 -11.43 -9.32 -38.63
C PHE C 69 -10.48 -10.13 -39.50
N PHE C 70 -10.85 -10.29 -40.77
CA PHE C 70 -10.07 -11.01 -41.79
C PHE C 70 -9.76 -12.44 -41.37
N SER C 71 -10.76 -13.11 -40.82
CA SER C 71 -10.66 -14.51 -40.41
C SER C 71 -11.33 -15.40 -41.45
N ASN C 72 -10.99 -16.69 -41.38
CA ASN C 72 -11.52 -17.67 -42.31
C ASN C 72 -12.94 -18.07 -41.96
N VAL C 73 -13.77 -18.21 -42.99
CA VAL C 73 -15.16 -18.61 -42.87
C VAL C 73 -15.41 -19.68 -43.93
N THR C 74 -15.87 -20.84 -43.50
CA THR C 74 -16.10 -21.96 -44.41
C THR C 74 -17.41 -21.77 -45.17
N TRP C 75 -17.56 -22.56 -46.23
CA TRP C 75 -18.75 -22.60 -47.05
C TRP C 75 -19.24 -24.04 -47.11
N PHE C 76 -20.54 -24.24 -47.03
CA PHE C 76 -21.11 -25.58 -47.19
C PHE C 76 -22.15 -25.52 -48.30
N HIS C 77 -21.94 -26.33 -49.33
CA HIS C 77 -22.79 -26.31 -50.51
C HIS C 77 -23.89 -27.35 -50.37
N ALA C 78 -25.08 -27.00 -50.83
CA ALA C 78 -26.21 -27.94 -50.85
C ALA C 78 -26.59 -28.14 -52.31
N ILE C 79 -25.88 -29.05 -52.98
CA ILE C 79 -26.23 -29.44 -54.34
C ILE C 79 -27.43 -30.37 -54.23
N SER C 80 -28.63 -29.81 -54.43
CA SER C 80 -29.87 -30.51 -54.15
C SER C 80 -30.86 -30.14 -55.25
N GLY C 81 -31.62 -31.11 -55.72
CA GLY C 81 -32.35 -30.91 -56.95
C GLY C 81 -33.01 -32.14 -57.53
N THR C 82 -32.73 -32.40 -58.81
CA THR C 82 -33.43 -33.40 -59.61
C THR C 82 -33.29 -34.82 -59.09
N ASN C 83 -32.26 -35.11 -58.30
CA ASN C 83 -32.06 -36.44 -57.73
C ASN C 83 -32.24 -36.34 -56.22
N GLY C 84 -33.37 -36.85 -55.73
CA GLY C 84 -33.65 -36.88 -54.31
C GLY C 84 -33.04 -38.07 -53.61
N THR C 85 -31.73 -38.03 -53.41
CA THR C 85 -30.94 -39.16 -52.90
C THR C 85 -30.22 -38.73 -51.63
N LYS C 86 -29.27 -39.55 -51.20
CA LYS C 86 -28.45 -39.24 -50.03
C LYS C 86 -27.50 -38.11 -50.39
N ARG C 87 -27.89 -36.88 -50.04
CA ARG C 87 -27.21 -35.68 -50.49
C ARG C 87 -26.00 -35.36 -49.62
N PHE C 88 -26.08 -35.64 -48.31
CA PHE C 88 -25.05 -35.36 -47.31
C PHE C 88 -24.66 -33.87 -47.31
N ASP C 89 -25.65 -33.01 -47.50
CA ASP C 89 -25.44 -31.57 -47.57
C ASP C 89 -25.66 -30.87 -46.24
N ASN C 90 -26.00 -31.61 -45.18
CA ASN C 90 -26.20 -31.07 -43.84
C ASN C 90 -25.30 -31.84 -42.89
N PRO C 91 -24.03 -31.47 -42.78
CA PRO C 91 -23.10 -32.22 -41.93
C PRO C 91 -23.16 -31.82 -40.46
N VAL C 92 -22.24 -32.37 -39.67
CA VAL C 92 -22.19 -32.15 -38.23
C VAL C 92 -20.99 -31.27 -37.90
N LEU C 93 -21.23 -30.20 -37.16
CA LEU C 93 -20.27 -29.15 -36.84
C LEU C 93 -20.07 -29.03 -35.33
N PRO C 94 -18.87 -28.66 -34.86
CA PRO C 94 -18.59 -28.80 -33.42
C PRO C 94 -19.12 -27.70 -32.50
N PHE C 95 -19.46 -26.51 -32.99
CA PHE C 95 -20.04 -25.40 -32.21
C PHE C 95 -19.15 -25.07 -30.99
N ASN C 96 -17.99 -24.51 -31.28
CA ASN C 96 -17.05 -24.13 -30.23
C ASN C 96 -17.13 -22.62 -29.94
N ASP C 97 -17.71 -22.31 -28.77
CA ASP C 97 -17.84 -20.96 -28.21
C ASP C 97 -18.61 -20.02 -29.14
N GLY C 98 -19.82 -20.43 -29.49
CA GLY C 98 -20.72 -19.63 -30.29
C GLY C 98 -20.37 -19.65 -31.77
N VAL C 99 -21.37 -19.39 -32.60
CA VAL C 99 -21.17 -19.36 -34.06
C VAL C 99 -21.81 -18.12 -34.64
N TYR C 100 -21.40 -17.81 -35.87
CA TYR C 100 -21.96 -16.75 -36.68
C TYR C 100 -22.41 -17.39 -37.98
N PHE C 101 -23.60 -17.03 -38.45
CA PHE C 101 -24.23 -17.65 -39.60
C PHE C 101 -24.74 -16.51 -40.49
N ALA C 102 -24.60 -16.67 -41.80
CA ALA C 102 -25.13 -15.67 -42.72
C ALA C 102 -25.66 -16.33 -43.98
N SER C 103 -26.66 -15.67 -44.58
CA SER C 103 -27.42 -16.22 -45.70
C SER C 103 -27.71 -15.14 -46.73
N THR C 104 -27.55 -15.50 -48.01
CA THR C 104 -27.88 -14.65 -49.16
C THR C 104 -28.78 -15.47 -50.08
N GLU C 105 -30.09 -15.47 -49.82
CA GLU C 105 -31.03 -16.17 -50.68
C GLU C 105 -32.32 -15.36 -50.80
N LYS C 106 -33.06 -15.62 -51.88
CA LYS C 106 -34.36 -15.01 -52.11
C LYS C 106 -35.52 -15.90 -51.69
N SER C 107 -35.36 -17.21 -51.81
CA SER C 107 -36.45 -18.15 -51.55
C SER C 107 -36.53 -18.46 -50.06
N ASN C 108 -37.33 -19.47 -49.72
CA ASN C 108 -37.59 -19.86 -48.34
C ASN C 108 -36.98 -21.22 -48.02
N ILE C 109 -35.80 -21.50 -48.59
CA ILE C 109 -35.14 -22.78 -48.35
C ILE C 109 -34.57 -22.85 -46.93
N ILE C 110 -33.86 -21.80 -46.52
CA ILE C 110 -33.18 -21.79 -45.22
C ILE C 110 -34.23 -21.53 -44.16
N ARG C 111 -34.68 -22.59 -43.50
CA ARG C 111 -35.67 -22.51 -42.43
C ARG C 111 -35.21 -23.39 -41.28
N GLY C 112 -34.46 -22.81 -40.36
CA GLY C 112 -34.23 -23.43 -39.08
C GLY C 112 -32.85 -23.99 -38.84
N TRP C 113 -32.62 -24.37 -37.59
CA TRP C 113 -31.39 -25.02 -37.15
C TRP C 113 -31.72 -26.03 -36.06
N ILE C 114 -30.85 -27.01 -35.89
CA ILE C 114 -30.95 -28.02 -34.83
C ILE C 114 -29.68 -27.90 -34.00
N PHE C 115 -29.84 -27.87 -32.68
CA PHE C 115 -28.71 -27.86 -31.76
C PHE C 115 -28.83 -29.04 -30.82
N GLY C 116 -27.69 -29.56 -30.37
CA GLY C 116 -27.72 -30.70 -29.46
C GLY C 116 -26.40 -31.41 -29.29
N THR C 117 -26.14 -31.92 -28.07
CA THR C 117 -24.88 -32.60 -27.79
C THR C 117 -24.81 -33.96 -28.46
N THR C 118 -25.86 -34.78 -28.30
CA THR C 118 -25.85 -36.14 -28.80
C THR C 118 -26.83 -36.39 -29.94
N LEU C 119 -27.90 -35.59 -30.03
CA LEU C 119 -29.00 -35.76 -30.99
C LEU C 119 -29.63 -37.14 -30.89
N ASP C 120 -29.74 -37.65 -29.66
CA ASP C 120 -30.31 -38.97 -29.40
C ASP C 120 -31.41 -38.89 -28.35
N SER C 121 -31.87 -40.05 -27.88
CA SER C 121 -32.95 -40.10 -26.91
C SER C 121 -32.49 -39.81 -25.48
N LYS C 122 -31.19 -39.83 -25.22
CA LYS C 122 -30.70 -39.67 -23.85
C LYS C 122 -30.82 -38.23 -23.38
N THR C 123 -30.42 -37.27 -24.22
CA THR C 123 -30.40 -35.86 -23.85
C THR C 123 -31.35 -35.06 -24.74
N GLN C 124 -31.75 -33.90 -24.25
CA GLN C 124 -32.64 -33.03 -24.98
C GLN C 124 -31.85 -32.26 -26.06
N SER C 125 -32.59 -31.62 -26.97
CA SER C 125 -31.96 -30.93 -28.08
C SER C 125 -32.80 -29.73 -28.49
N LEU C 126 -32.15 -28.78 -29.13
CA LEU C 126 -32.74 -27.48 -29.43
C LEU C 126 -33.08 -27.37 -30.92
N LEU C 127 -34.14 -26.60 -31.19
CA LEU C 127 -34.73 -26.51 -32.52
C LEU C 127 -35.43 -25.17 -32.65
N ILE C 128 -35.07 -24.39 -33.68
CA ILE C 128 -35.73 -23.11 -33.92
C ILE C 128 -36.23 -23.13 -35.36
N VAL C 129 -37.46 -23.58 -35.58
CA VAL C 129 -37.99 -23.55 -36.94
C VAL C 129 -38.78 -22.27 -37.17
N ASN C 130 -38.38 -21.52 -38.19
CA ASN C 130 -39.05 -20.30 -38.62
C ASN C 130 -40.12 -20.69 -39.63
N ASN C 131 -41.39 -20.49 -39.28
CA ASN C 131 -42.46 -20.61 -40.26
C ASN C 131 -42.57 -19.30 -41.04
N ALA C 132 -43.53 -19.26 -41.97
CA ALA C 132 -43.72 -18.07 -42.79
C ALA C 132 -44.24 -16.88 -41.98
N THR C 133 -45.16 -17.14 -41.03
CA THR C 133 -45.72 -16.09 -40.19
C THR C 133 -45.58 -16.39 -38.70
N ASN C 134 -44.68 -17.29 -38.31
CA ASN C 134 -44.60 -17.69 -36.91
C ASN C 134 -43.20 -18.28 -36.67
N VAL C 135 -42.81 -18.35 -35.41
CA VAL C 135 -41.67 -19.15 -34.97
C VAL C 135 -42.13 -20.00 -33.81
N PHE C 136 -41.67 -21.26 -33.78
CA PHE C 136 -41.84 -22.12 -32.62
C PHE C 136 -40.48 -22.69 -32.26
N ILE C 137 -40.11 -22.55 -30.99
CA ILE C 137 -38.86 -23.07 -30.46
C ILE C 137 -39.20 -24.06 -29.36
N LYS C 138 -38.77 -25.31 -29.53
CA LYS C 138 -39.05 -26.34 -28.54
C LYS C 138 -37.79 -27.13 -28.23
N VAL C 139 -37.76 -27.69 -27.02
CA VAL C 139 -36.64 -28.49 -26.53
C VAL C 139 -37.22 -29.84 -26.15
N CYS C 140 -37.06 -30.84 -27.02
CA CYS C 140 -37.66 -32.14 -26.83
C CYS C 140 -36.62 -33.24 -27.03
N GLU C 141 -36.79 -34.33 -26.28
CA GLU C 141 -35.96 -35.52 -26.46
C GLU C 141 -36.36 -36.24 -27.74
N PHE C 142 -35.67 -35.96 -28.84
CA PHE C 142 -35.96 -36.58 -30.12
C PHE C 142 -35.19 -37.89 -30.22
N GLN C 143 -35.91 -38.99 -30.37
CA GLN C 143 -35.27 -40.30 -30.39
C GLN C 143 -34.70 -40.63 -31.77
N PHE C 144 -35.55 -40.60 -32.79
CA PHE C 144 -35.18 -41.03 -34.14
C PHE C 144 -35.23 -39.84 -35.09
N CYS C 145 -34.12 -39.59 -35.78
CA CYS C 145 -34.02 -38.56 -36.81
C CYS C 145 -33.31 -39.20 -38.00
N ASN C 146 -34.08 -39.86 -38.88
CA ASN C 146 -33.50 -40.53 -40.04
C ASN C 146 -32.87 -39.54 -41.01
N ASP C 147 -33.74 -38.80 -41.70
CA ASP C 147 -33.44 -37.86 -42.78
C ASP C 147 -34.62 -36.90 -42.91
N PRO C 148 -34.39 -35.70 -43.45
CA PRO C 148 -35.53 -34.90 -43.94
C PRO C 148 -36.04 -35.46 -45.26
N PHE C 149 -37.24 -35.01 -45.64
CA PHE C 149 -37.92 -35.55 -46.80
C PHE C 149 -37.20 -35.17 -48.10
N LEU C 150 -37.26 -36.09 -49.06
CA LEU C 150 -36.54 -35.97 -50.32
C LEU C 150 -37.51 -36.23 -51.48
N ASP C 151 -37.48 -35.35 -52.48
CA ASP C 151 -38.28 -35.51 -53.68
C ASP C 151 -37.37 -35.60 -54.89
N VAL C 152 -37.78 -36.40 -55.88
CA VAL C 152 -36.96 -36.72 -57.03
C VAL C 152 -37.47 -36.00 -58.28
N TYR C 153 -38.15 -34.88 -58.07
CA TYR C 153 -38.75 -34.11 -59.16
C TYR C 153 -38.13 -32.71 -59.18
N HIS C 154 -38.69 -31.84 -60.03
CA HIS C 154 -38.13 -30.54 -60.31
C HIS C 154 -38.92 -29.44 -59.61
N LYS C 155 -38.20 -28.47 -59.03
CA LYS C 155 -38.85 -27.28 -58.50
C LYS C 155 -39.28 -26.33 -59.59
N ASN C 156 -38.68 -26.43 -60.78
CA ASN C 156 -39.15 -25.66 -61.93
C ASN C 156 -40.54 -26.10 -62.36
N ASN C 157 -40.86 -27.39 -62.19
CA ASN C 157 -42.21 -27.86 -62.46
C ASN C 157 -43.17 -27.41 -61.36
N LYS C 158 -42.89 -27.81 -60.12
CA LYS C 158 -43.72 -27.45 -58.96
C LYS C 158 -42.82 -26.83 -57.91
N SER C 159 -42.98 -25.53 -57.69
CA SER C 159 -42.22 -24.81 -56.67
C SER C 159 -42.94 -24.78 -55.31
N TRP C 160 -44.04 -25.52 -55.19
CA TRP C 160 -44.85 -25.51 -53.98
C TRP C 160 -44.24 -26.39 -52.90
N MET C 161 -44.74 -26.23 -51.67
CA MET C 161 -44.24 -26.98 -50.52
C MET C 161 -45.36 -27.05 -49.48
N GLU C 162 -46.05 -28.18 -49.41
CA GLU C 162 -47.17 -28.36 -48.49
C GLU C 162 -47.08 -29.72 -47.81
N SER C 163 -46.91 -29.69 -46.47
CA SER C 163 -47.09 -30.83 -45.57
C SER C 163 -46.19 -32.03 -45.91
N GLU C 164 -44.90 -31.76 -46.04
CA GLU C 164 -43.89 -32.81 -46.22
C GLU C 164 -42.69 -32.55 -45.34
N SER C 165 -42.94 -32.24 -44.06
CA SER C 165 -41.90 -31.88 -43.11
C SER C 165 -42.06 -32.72 -41.83
N GLY C 166 -41.38 -33.85 -41.79
CA GLY C 166 -41.34 -34.68 -40.59
C GLY C 166 -40.02 -35.40 -40.42
N VAL C 167 -39.37 -35.18 -39.28
CA VAL C 167 -38.07 -35.80 -39.01
C VAL C 167 -38.22 -36.63 -37.74
N TYR C 168 -39.14 -36.22 -36.88
CA TYR C 168 -39.26 -36.73 -35.52
C TYR C 168 -40.56 -37.49 -35.35
N SER C 169 -40.50 -38.57 -34.57
CA SER C 169 -41.63 -39.47 -34.36
C SER C 169 -42.19 -39.38 -32.94
N SER C 170 -41.36 -39.49 -31.92
CA SER C 170 -41.80 -39.55 -30.53
C SER C 170 -41.10 -38.48 -29.72
N ALA C 171 -41.86 -37.83 -28.83
CA ALA C 171 -41.34 -36.84 -27.89
C ALA C 171 -41.61 -37.34 -26.48
N ASN C 172 -40.58 -37.34 -25.64
CA ASN C 172 -40.69 -37.79 -24.26
C ASN C 172 -41.10 -36.60 -23.37
N ASN C 173 -40.96 -36.77 -22.05
CA ASN C 173 -41.39 -35.77 -21.08
C ASN C 173 -40.49 -34.55 -21.18
N CYS C 174 -40.98 -33.52 -21.88
CA CYS C 174 -40.17 -32.34 -22.18
C CYS C 174 -41.07 -31.11 -22.18
N THR C 175 -40.46 -29.95 -21.98
CA THR C 175 -41.18 -28.69 -21.82
C THR C 175 -40.58 -27.59 -22.68
N PHE C 176 -40.99 -26.35 -22.41
CA PHE C 176 -40.48 -25.11 -23.03
C PHE C 176 -40.69 -25.11 -24.54
N GLU C 177 -41.98 -24.99 -24.91
CA GLU C 177 -42.39 -24.80 -26.29
C GLU C 177 -42.63 -23.30 -26.50
N TYR C 178 -41.57 -22.59 -26.87
CA TYR C 178 -41.61 -21.12 -27.00
C TYR C 178 -42.09 -20.76 -28.39
N VAL C 179 -43.02 -19.79 -28.46
CA VAL C 179 -43.60 -19.30 -29.71
C VAL C 179 -43.64 -17.77 -29.65
N SER C 180 -43.15 -17.11 -30.70
CA SER C 180 -43.20 -15.65 -30.77
C SER C 180 -43.29 -15.22 -32.24
N GLN C 181 -42.96 -13.95 -32.49
CA GLN C 181 -42.89 -13.42 -33.85
C GLN C 181 -41.66 -13.98 -34.57
N PRO C 182 -41.75 -14.26 -35.88
CA PRO C 182 -40.67 -15.01 -36.54
C PRO C 182 -39.40 -14.20 -36.74
N PHE C 183 -38.27 -14.91 -36.74
CA PHE C 183 -36.97 -14.29 -37.00
C PHE C 183 -36.87 -13.80 -38.44
N LEU C 184 -37.30 -14.61 -39.40
CA LEU C 184 -37.15 -14.31 -40.82
C LEU C 184 -38.40 -13.60 -41.31
N MET C 185 -38.33 -12.28 -41.42
CA MET C 185 -39.33 -11.54 -42.16
C MET C 185 -39.07 -11.68 -43.65
N ASP C 186 -40.14 -11.72 -44.44
CA ASP C 186 -40.04 -12.04 -45.85
C ASP C 186 -39.98 -10.73 -46.64
N LEU C 187 -38.77 -10.21 -46.81
CA LEU C 187 -38.55 -9.02 -47.63
C LEU C 187 -38.40 -9.46 -49.08
N GLU C 188 -39.29 -8.98 -49.93
CA GLU C 188 -39.34 -9.45 -51.32
C GLU C 188 -38.20 -8.84 -52.13
N GLY C 189 -37.44 -9.69 -52.80
CA GLY C 189 -36.39 -9.24 -53.67
C GLY C 189 -36.88 -9.13 -55.11
N LYS C 190 -36.81 -7.94 -55.69
CA LYS C 190 -37.35 -7.68 -57.01
C LYS C 190 -36.28 -7.06 -57.89
N GLN C 191 -36.57 -7.06 -59.20
CA GLN C 191 -35.82 -6.43 -60.29
C GLN C 191 -34.45 -7.05 -60.55
N GLY C 192 -34.08 -8.11 -59.85
CA GLY C 192 -32.79 -8.75 -60.05
C GLY C 192 -31.66 -8.02 -59.36
N ASN C 193 -30.62 -8.80 -59.04
CA ASN C 193 -29.36 -8.33 -58.43
C ASN C 193 -29.57 -7.64 -57.08
N PHE C 194 -30.60 -8.06 -56.34
CA PHE C 194 -30.89 -7.54 -55.00
C PHE C 194 -31.40 -8.71 -54.15
N LYS C 195 -30.49 -9.37 -53.45
CA LYS C 195 -30.81 -10.51 -52.61
C LYS C 195 -30.69 -10.13 -51.14
N ASN C 196 -31.56 -10.69 -50.31
CA ASN C 196 -31.60 -10.35 -48.89
C ASN C 196 -30.43 -11.00 -48.14
N LEU C 197 -29.86 -10.23 -47.23
CA LEU C 197 -28.76 -10.67 -46.38
C LEU C 197 -29.25 -10.84 -44.94
N ARG C 198 -29.15 -12.06 -44.43
CA ARG C 198 -29.48 -12.37 -43.05
C ARG C 198 -28.20 -12.70 -42.29
N GLU C 199 -28.00 -12.04 -41.15
CA GLU C 199 -26.82 -12.26 -40.33
C GLU C 199 -27.24 -12.57 -38.90
N PHE C 200 -26.69 -13.67 -38.36
CA PHE C 200 -27.05 -14.19 -37.05
C PHE C 200 -25.79 -14.52 -36.27
N VAL C 201 -25.84 -14.28 -34.96
CA VAL C 201 -24.87 -14.80 -34.01
C VAL C 201 -25.63 -15.61 -32.98
N PHE C 202 -25.20 -16.85 -32.76
CA PHE C 202 -25.79 -17.71 -31.75
C PHE C 202 -24.75 -17.96 -30.67
N LYS C 203 -25.10 -17.66 -29.43
CA LYS C 203 -24.20 -17.96 -28.31
C LYS C 203 -24.92 -18.76 -27.23
N ASN C 204 -24.16 -19.64 -26.59
CA ASN C 204 -24.59 -20.42 -25.42
C ASN C 204 -23.67 -20.04 -24.27
N ILE C 205 -24.10 -19.09 -23.46
CA ILE C 205 -23.34 -18.63 -22.29
C ILE C 205 -24.17 -18.90 -21.05
N ASP C 206 -23.56 -19.58 -20.07
CA ASP C 206 -24.16 -19.92 -18.77
C ASP C 206 -25.44 -20.75 -18.92
N GLY C 207 -25.47 -21.62 -19.94
CA GLY C 207 -26.67 -22.36 -20.27
C GLY C 207 -27.79 -21.43 -20.72
N TYR C 208 -27.46 -20.50 -21.60
CA TYR C 208 -28.34 -19.37 -21.84
C TYR C 208 -28.07 -18.90 -23.27
N PHE C 209 -29.05 -19.05 -24.15
CA PHE C 209 -28.86 -19.03 -25.60
C PHE C 209 -29.37 -17.70 -26.15
N LYS C 210 -28.48 -16.92 -26.73
CA LYS C 210 -28.83 -15.61 -27.27
C LYS C 210 -28.70 -15.61 -28.79
N ILE C 211 -29.66 -14.96 -29.46
CA ILE C 211 -29.63 -14.78 -30.91
C ILE C 211 -29.47 -13.29 -31.18
N TYR C 212 -28.45 -12.94 -31.95
CA TYR C 212 -28.26 -11.57 -32.44
C TYR C 212 -28.54 -11.59 -33.93
N SER C 213 -29.47 -10.76 -34.38
CA SER C 213 -29.94 -10.83 -35.76
C SER C 213 -29.93 -9.46 -36.41
N LYS C 214 -29.57 -9.43 -37.69
CA LYS C 214 -29.78 -8.25 -38.51
C LYS C 214 -30.04 -8.68 -39.94
N HIS C 215 -31.11 -8.15 -40.52
CA HIS C 215 -31.54 -8.45 -41.87
C HIS C 215 -31.36 -7.19 -42.70
N THR C 216 -30.26 -7.12 -43.45
CA THR C 216 -30.12 -6.04 -44.41
C THR C 216 -30.31 -6.57 -45.83
N PRO C 217 -31.29 -6.06 -46.56
CA PRO C 217 -31.66 -6.68 -47.85
C PRO C 217 -30.93 -6.09 -49.04
N ILE C 218 -29.82 -5.38 -48.79
CA ILE C 218 -29.26 -4.51 -49.83
C ILE C 218 -28.56 -5.31 -50.92
N ILE C 219 -27.53 -6.10 -50.58
CA ILE C 219 -26.68 -6.78 -51.57
C ILE C 219 -26.37 -8.16 -51.00
N GLY C 220 -26.09 -9.12 -51.89
CA GLY C 220 -25.65 -10.44 -51.51
C GLY C 220 -24.14 -10.56 -51.53
N ARG C 221 -23.58 -11.11 -52.61
CA ARG C 221 -22.14 -11.38 -52.84
C ARG C 221 -21.66 -12.33 -51.74
N ASP C 222 -20.43 -12.15 -51.23
CA ASP C 222 -19.86 -13.06 -50.25
C ASP C 222 -19.69 -12.39 -48.89
N PHE C 223 -18.89 -11.34 -48.81
CA PHE C 223 -18.81 -10.46 -47.65
C PHE C 223 -18.65 -9.04 -48.16
N PRO C 224 -19.75 -8.34 -48.44
CA PRO C 224 -19.66 -6.93 -48.88
C PRO C 224 -19.04 -6.07 -47.78
N GLN C 225 -17.98 -5.35 -48.14
CA GLN C 225 -17.26 -4.53 -47.18
C GLN C 225 -18.12 -3.32 -46.79
N GLY C 226 -18.48 -3.26 -45.52
CA GLY C 226 -19.37 -2.24 -45.00
C GLY C 226 -19.81 -2.67 -43.61
N PHE C 227 -19.82 -1.74 -42.67
CA PHE C 227 -20.06 -2.09 -41.28
C PHE C 227 -21.56 -2.13 -40.99
N SER C 228 -22.00 -3.18 -40.33
CA SER C 228 -23.41 -3.35 -39.96
C SER C 228 -23.47 -4.02 -38.58
N ALA C 229 -23.93 -3.28 -37.58
CA ALA C 229 -24.09 -3.83 -36.24
C ALA C 229 -25.32 -4.73 -36.17
N LEU C 230 -25.31 -5.63 -35.19
CA LEU C 230 -26.33 -6.67 -35.08
C LEU C 230 -27.08 -6.47 -33.77
N GLU C 231 -28.34 -6.03 -33.86
CA GLU C 231 -29.16 -5.84 -32.67
C GLU C 231 -29.56 -7.20 -32.09
N PRO C 232 -29.66 -7.32 -30.76
CA PRO C 232 -30.17 -8.57 -30.17
C PRO C 232 -31.68 -8.67 -30.34
N LEU C 233 -32.14 -9.80 -30.87
CA LEU C 233 -33.55 -9.99 -31.17
C LEU C 233 -34.26 -10.80 -30.08
N VAL C 234 -33.84 -12.04 -29.87
CA VAL C 234 -34.54 -12.97 -28.98
C VAL C 234 -33.49 -13.76 -28.19
N ASP C 235 -33.74 -13.92 -26.90
CA ASP C 235 -32.83 -14.62 -26.00
C ASP C 235 -33.68 -15.63 -25.23
N LEU C 236 -33.07 -16.75 -24.85
CA LEU C 236 -33.76 -17.88 -24.26
C LEU C 236 -32.96 -18.41 -23.06
N PRO C 237 -33.61 -18.73 -21.94
CA PRO C 237 -32.93 -19.53 -20.91
C PRO C 237 -33.19 -21.02 -21.06
N ILE C 238 -32.15 -21.85 -21.19
CA ILE C 238 -32.35 -23.29 -21.27
C ILE C 238 -31.57 -24.01 -20.17
N GLY C 239 -30.24 -23.92 -20.23
CA GLY C 239 -29.40 -24.67 -19.31
C GLY C 239 -28.99 -26.05 -19.79
N ILE C 240 -28.56 -26.15 -21.05
CA ILE C 240 -28.16 -27.43 -21.64
C ILE C 240 -26.82 -27.26 -22.35
N ASN C 241 -25.88 -28.16 -22.08
CA ASN C 241 -24.61 -28.20 -22.78
C ASN C 241 -24.82 -28.55 -24.26
N ILE C 242 -24.14 -27.82 -25.14
CA ILE C 242 -24.30 -27.97 -26.58
C ILE C 242 -22.93 -28.15 -27.20
N THR C 243 -22.72 -29.26 -27.93
CA THR C 243 -21.44 -29.52 -28.56
C THR C 243 -21.55 -29.94 -30.03
N ARG C 244 -22.74 -29.90 -30.63
CA ARG C 244 -22.94 -30.12 -32.06
C ARG C 244 -24.11 -29.27 -32.53
N PHE C 245 -24.12 -28.92 -33.82
CA PHE C 245 -25.30 -28.29 -34.41
C PHE C 245 -25.35 -28.62 -35.91
N GLN C 246 -26.48 -28.27 -36.51
CA GLN C 246 -26.77 -28.61 -37.90
C GLN C 246 -27.85 -27.63 -38.38
N THR C 247 -27.92 -27.43 -39.69
CA THR C 247 -29.03 -26.71 -40.29
C THR C 247 -29.92 -27.67 -41.08
N LEU C 248 -31.23 -27.45 -41.04
CA LEU C 248 -32.14 -28.21 -41.88
C LEU C 248 -32.67 -27.32 -42.99
N LEU C 249 -32.99 -27.93 -44.11
CA LEU C 249 -33.42 -27.23 -45.31
C LEU C 249 -34.72 -27.84 -45.82
N ALA C 250 -35.29 -27.19 -46.83
CA ALA C 250 -36.36 -27.79 -47.62
C ALA C 250 -35.71 -28.65 -48.69
N LEU C 251 -35.23 -29.82 -48.25
CA LEU C 251 -34.40 -30.69 -49.08
C LEU C 251 -35.20 -31.57 -50.04
N ASN C 252 -36.46 -31.25 -50.32
CA ASN C 252 -37.10 -31.87 -51.47
C ASN C 252 -36.46 -31.38 -52.77
N ARG C 253 -36.31 -30.06 -52.92
CA ARG C 253 -35.92 -29.44 -54.18
C ARG C 253 -35.19 -28.14 -53.89
N SER C 254 -34.20 -27.81 -54.73
CA SER C 254 -33.59 -26.50 -54.75
C SER C 254 -32.99 -26.25 -56.12
N TYR C 255 -32.73 -24.98 -56.44
CA TYR C 255 -32.07 -24.61 -57.69
C TYR C 255 -31.01 -23.55 -57.43
N LEU C 256 -30.24 -23.27 -58.49
CA LEU C 256 -29.08 -22.36 -58.49
C LEU C 256 -28.04 -22.78 -57.45
N THR C 257 -27.74 -24.08 -57.42
CA THR C 257 -26.79 -24.65 -56.46
C THR C 257 -25.62 -25.28 -57.20
N PRO C 258 -24.51 -24.56 -57.38
CA PRO C 258 -23.31 -25.18 -57.95
C PRO C 258 -22.36 -25.70 -56.89
N GLY C 259 -21.64 -26.76 -57.25
CA GLY C 259 -20.68 -27.36 -56.34
C GLY C 259 -19.68 -28.22 -57.07
N ASP C 260 -18.64 -28.62 -56.35
CA ASP C 260 -17.56 -29.44 -56.89
C ASP C 260 -17.12 -30.46 -55.84
N SER C 261 -16.45 -31.50 -56.31
CA SER C 261 -15.94 -32.54 -55.42
C SER C 261 -14.61 -32.16 -54.76
N SER C 262 -14.02 -31.02 -55.14
CA SER C 262 -12.77 -30.58 -54.54
C SER C 262 -12.99 -30.10 -53.11
N SER C 263 -11.98 -30.32 -52.27
CA SER C 263 -12.02 -29.92 -50.87
C SER C 263 -10.72 -29.20 -50.52
N GLY C 264 -10.80 -28.33 -49.51
CA GLY C 264 -9.64 -27.56 -49.09
C GLY C 264 -9.84 -26.08 -49.30
N TRP C 265 -8.85 -25.42 -49.92
CA TRP C 265 -8.90 -23.98 -50.18
C TRP C 265 -9.33 -23.79 -51.63
N THR C 266 -10.64 -23.78 -51.86
CA THR C 266 -11.22 -23.65 -53.19
C THR C 266 -12.20 -22.49 -53.24
N ALA C 267 -12.99 -22.41 -54.32
CA ALA C 267 -14.01 -21.40 -54.47
C ALA C 267 -15.29 -22.04 -54.99
N GLY C 268 -16.41 -21.40 -54.71
CA GLY C 268 -17.70 -21.91 -55.13
C GLY C 268 -18.81 -20.97 -54.73
N ALA C 269 -20.05 -21.42 -54.96
CA ALA C 269 -21.24 -20.68 -54.60
C ALA C 269 -22.13 -21.58 -53.76
N ALA C 270 -22.36 -21.19 -52.51
CA ALA C 270 -23.15 -22.01 -51.59
C ALA C 270 -24.28 -21.25 -50.90
N ASP C 271 -24.04 -19.98 -50.53
CA ASP C 271 -24.96 -19.12 -49.76
C ASP C 271 -25.27 -19.71 -48.38
N TYR C 272 -24.24 -20.22 -47.70
CA TYR C 272 -24.28 -20.54 -46.28
C TYR C 272 -22.95 -20.10 -45.68
N TYR C 273 -23.00 -19.40 -44.54
CA TYR C 273 -21.79 -18.79 -44.00
C TYR C 273 -21.67 -19.14 -42.53
N VAL C 274 -20.62 -19.89 -42.17
CA VAL C 274 -20.40 -20.33 -40.80
C VAL C 274 -19.03 -19.84 -40.35
N GLY C 275 -19.01 -19.02 -39.29
CA GLY C 275 -17.78 -18.59 -38.69
C GLY C 275 -17.81 -18.82 -37.19
N TYR C 276 -16.63 -18.90 -36.59
CA TYR C 276 -16.49 -19.25 -35.18
C TYR C 276 -15.94 -18.08 -34.37
N LEU C 277 -16.40 -17.97 -33.13
CA LEU C 277 -16.11 -16.83 -32.27
C LEU C 277 -15.01 -17.16 -31.27
N GLN C 278 -14.20 -16.14 -30.96
CA GLN C 278 -13.15 -16.19 -29.97
C GLN C 278 -13.25 -14.99 -29.05
N PRO C 279 -12.81 -15.12 -27.77
CA PRO C 279 -12.95 -13.99 -26.82
C PRO C 279 -11.93 -12.89 -27.04
N ARG C 280 -12.26 -11.92 -27.89
CA ARG C 280 -11.34 -10.86 -28.25
C ARG C 280 -11.75 -9.54 -27.61
N THR C 281 -10.85 -8.56 -27.68
CA THR C 281 -11.06 -7.21 -27.20
C THR C 281 -11.23 -6.27 -28.38
N PHE C 282 -12.34 -5.52 -28.39
CA PHE C 282 -12.71 -4.66 -29.50
C PHE C 282 -12.86 -3.22 -29.03
N LEU C 283 -12.49 -2.29 -29.90
CA LEU C 283 -12.75 -0.86 -29.70
C LEU C 283 -13.91 -0.48 -30.62
N LEU C 284 -15.04 -0.12 -30.01
CA LEU C 284 -16.28 0.14 -30.74
C LEU C 284 -16.55 1.63 -30.78
N LYS C 285 -16.84 2.13 -31.98
CA LYS C 285 -17.35 3.49 -32.16
C LYS C 285 -18.80 3.56 -31.75
N TYR C 286 -19.25 4.77 -31.42
CA TYR C 286 -20.66 5.04 -31.19
C TYR C 286 -21.02 6.36 -31.85
N ASN C 287 -22.09 6.34 -32.65
CA ASN C 287 -22.58 7.54 -33.28
C ASN C 287 -23.28 8.42 -32.25
N GLU C 288 -23.55 9.67 -32.63
CA GLU C 288 -24.32 10.55 -31.75
C GLU C 288 -25.79 10.16 -31.64
N ASN C 289 -26.27 9.29 -32.53
CA ASN C 289 -27.60 8.71 -32.45
C ASN C 289 -27.62 7.43 -31.61
N GLY C 290 -26.47 6.96 -31.15
CA GLY C 290 -26.40 5.79 -30.32
C GLY C 290 -26.12 4.48 -31.02
N THR C 291 -25.71 4.53 -32.29
CA THR C 291 -25.43 3.33 -33.07
C THR C 291 -23.93 3.14 -33.24
N ILE C 292 -23.53 1.88 -33.45
CA ILE C 292 -22.13 1.53 -33.65
C ILE C 292 -21.84 1.62 -35.14
N THR C 293 -20.86 2.45 -35.50
CA THR C 293 -20.56 2.70 -36.90
C THR C 293 -19.20 2.17 -37.35
N ASP C 294 -18.32 1.79 -36.42
CA ASP C 294 -17.01 1.28 -36.77
C ASP C 294 -16.49 0.46 -35.60
N ALA C 295 -15.46 -0.34 -35.88
CA ALA C 295 -14.85 -1.17 -34.84
C ALA C 295 -13.39 -1.45 -35.21
N VAL C 296 -12.60 -1.74 -34.18
CA VAL C 296 -11.19 -2.07 -34.32
C VAL C 296 -10.91 -3.31 -33.48
N ASP C 297 -10.33 -4.33 -34.09
CA ASP C 297 -9.94 -5.55 -33.39
C ASP C 297 -8.50 -5.40 -32.92
N CYS C 298 -8.29 -5.45 -31.60
CA CYS C 298 -7.02 -5.03 -31.02
C CYS C 298 -5.88 -6.03 -31.23
N ALA C 299 -6.19 -7.28 -31.56
CA ALA C 299 -5.16 -8.32 -31.67
C ALA C 299 -4.82 -8.64 -33.12
N LEU C 300 -5.28 -7.84 -34.08
CA LEU C 300 -5.06 -8.16 -35.49
C LEU C 300 -3.70 -7.64 -35.96
N ASP C 301 -3.43 -6.36 -35.77
CA ASP C 301 -2.26 -5.67 -36.28
C ASP C 301 -1.61 -4.90 -35.15
N PRO C 302 -0.31 -4.57 -35.27
CA PRO C 302 0.28 -3.59 -34.33
C PRO C 302 -0.33 -2.19 -34.46
N LEU C 303 -0.76 -1.80 -35.67
CA LEU C 303 -1.43 -0.51 -35.84
C LEU C 303 -2.76 -0.48 -35.13
N SER C 304 -3.51 -1.59 -35.18
CA SER C 304 -4.75 -1.69 -34.43
C SER C 304 -4.49 -1.73 -32.92
N GLU C 305 -3.34 -2.26 -32.50
CA GLU C 305 -2.95 -2.20 -31.10
C GLU C 305 -2.67 -0.77 -30.65
N THR C 306 -2.03 0.03 -31.52
CA THR C 306 -1.86 1.45 -31.22
C THR C 306 -3.20 2.18 -31.15
N LYS C 307 -4.12 1.82 -32.05
CA LYS C 307 -5.45 2.42 -32.03
C LYS C 307 -6.21 2.07 -30.77
N CYS C 308 -6.00 0.86 -30.25
CA CYS C 308 -6.67 0.46 -29.01
C CYS C 308 -6.03 1.09 -27.78
N THR C 309 -4.70 1.27 -27.78
CA THR C 309 -4.05 1.88 -26.61
C THR C 309 -4.25 3.39 -26.57
N LEU C 310 -4.25 4.06 -27.73
CA LEU C 310 -4.46 5.50 -27.76
C LEU C 310 -5.93 5.89 -27.71
N LYS C 311 -6.85 4.92 -27.72
CA LYS C 311 -8.30 5.13 -27.65
C LYS C 311 -8.80 6.06 -28.75
N SER C 312 -8.29 5.87 -29.97
CA SER C 312 -8.71 6.68 -31.09
C SER C 312 -8.60 5.87 -32.37
N PHE C 313 -9.34 6.31 -33.39
CA PHE C 313 -9.29 5.70 -34.71
C PHE C 313 -8.26 6.36 -35.61
N THR C 314 -7.69 7.49 -35.19
CA THR C 314 -6.64 8.18 -35.92
C THR C 314 -5.38 8.21 -35.07
N VAL C 315 -4.23 7.93 -35.71
CA VAL C 315 -2.94 7.88 -35.05
C VAL C 315 -2.02 8.89 -35.72
N GLU C 316 -1.44 9.78 -34.93
CA GLU C 316 -0.49 10.76 -35.46
C GLU C 316 0.88 10.11 -35.62
N LYS C 317 1.78 10.83 -36.31
CA LYS C 317 3.11 10.32 -36.57
C LYS C 317 3.95 10.33 -35.30
N GLY C 318 4.58 9.21 -35.00
CA GLY C 318 5.41 9.11 -33.82
C GLY C 318 5.72 7.66 -33.50
N ILE C 319 6.35 7.47 -32.34
CA ILE C 319 6.66 6.16 -31.79
C ILE C 319 5.89 5.99 -30.49
N TYR C 320 5.17 4.88 -30.37
CA TYR C 320 4.29 4.62 -29.24
C TYR C 320 4.61 3.26 -28.65
N GLN C 321 4.79 3.21 -27.33
CA GLN C 321 4.99 1.93 -26.65
C GLN C 321 3.64 1.32 -26.35
N THR C 322 3.40 0.11 -26.86
CA THR C 322 2.09 -0.53 -26.80
C THR C 322 2.02 -1.64 -25.76
N SER C 323 2.99 -2.54 -25.75
CA SER C 323 2.95 -3.69 -24.86
C SER C 323 4.37 -4.11 -24.52
N ASN C 324 4.49 -5.24 -23.85
CA ASN C 324 5.77 -5.83 -23.48
C ASN C 324 5.78 -7.28 -23.93
N PHE C 325 6.98 -7.81 -24.13
CA PHE C 325 7.12 -9.21 -24.48
C PHE C 325 8.09 -9.87 -23.52
N ARG C 326 7.89 -11.17 -23.32
CA ARG C 326 8.74 -11.98 -22.47
C ARG C 326 8.78 -13.38 -23.07
N VAL C 327 9.81 -14.14 -22.71
CA VAL C 327 10.02 -15.48 -23.26
C VAL C 327 9.54 -16.50 -22.25
N GLN C 328 8.59 -17.34 -22.68
CA GLN C 328 8.07 -18.39 -21.82
C GLN C 328 9.07 -19.53 -21.66
N PRO C 329 9.10 -20.19 -20.50
CA PRO C 329 9.90 -21.39 -20.36
C PRO C 329 9.23 -22.59 -21.01
N THR C 330 10.03 -23.60 -21.30
CA THR C 330 9.56 -24.77 -22.06
C THR C 330 9.44 -26.03 -21.22
N GLU C 331 10.35 -26.32 -20.29
CA GLU C 331 10.19 -27.45 -19.39
C GLU C 331 10.73 -27.07 -18.00
N SER C 332 10.70 -28.05 -17.09
CA SER C 332 11.14 -27.88 -15.72
C SER C 332 12.18 -28.93 -15.37
N ILE C 333 13.07 -28.59 -14.42
CA ILE C 333 14.23 -29.41 -14.09
C ILE C 333 14.35 -29.50 -12.57
N VAL C 334 14.43 -30.73 -12.04
CA VAL C 334 14.72 -30.99 -10.64
C VAL C 334 15.92 -31.94 -10.55
N ARG C 335 16.81 -31.70 -9.57
CA ARG C 335 18.02 -32.53 -9.37
C ARG C 335 18.41 -32.50 -7.89
N PHE C 336 17.90 -33.45 -7.09
CA PHE C 336 18.39 -33.47 -5.69
C PHE C 336 19.65 -34.31 -5.41
N PRO C 337 19.62 -35.69 -5.55
CA PRO C 337 20.60 -36.51 -4.81
C PRO C 337 21.84 -36.98 -5.58
N ASN C 338 22.71 -37.73 -4.87
CA ASN C 338 23.73 -38.61 -5.45
C ASN C 338 23.94 -39.92 -4.70
N VAL C 339 23.01 -40.34 -3.84
CA VAL C 339 23.24 -41.51 -3.01
C VAL C 339 23.01 -42.76 -3.87
N THR C 340 24.10 -43.46 -4.20
CA THR C 340 24.03 -44.67 -5.01
C THR C 340 24.45 -45.85 -4.14
N ASN C 341 23.47 -46.36 -3.38
CA ASN C 341 23.66 -47.52 -2.52
C ASN C 341 22.41 -48.39 -2.60
N LEU C 342 22.62 -49.71 -2.56
CA LEU C 342 21.52 -50.67 -2.58
C LEU C 342 21.64 -51.60 -1.40
N CYS C 343 20.55 -51.76 -0.65
CA CYS C 343 20.49 -52.70 0.44
C CYS C 343 19.88 -54.00 -0.06
N PRO C 344 20.56 -55.13 0.04
CA PRO C 344 19.92 -56.40 -0.35
C PRO C 344 18.94 -56.85 0.70
N PHE C 345 17.65 -56.68 0.43
CA PHE C 345 16.63 -57.04 1.41
C PHE C 345 16.47 -58.54 1.53
N HIS C 346 16.73 -59.29 0.45
CA HIS C 346 16.29 -60.68 0.34
C HIS C 346 17.00 -61.60 1.33
N GLU C 347 18.30 -61.36 1.58
CA GLU C 347 19.04 -62.19 2.52
C GLU C 347 18.69 -61.90 3.97
N VAL C 348 18.12 -60.73 4.25
CA VAL C 348 17.81 -60.35 5.63
C VAL C 348 16.66 -61.18 6.18
N PHE C 349 15.65 -61.47 5.35
CA PHE C 349 14.36 -61.90 5.88
C PHE C 349 14.37 -63.38 6.22
N ASN C 350 14.91 -64.21 5.34
CA ASN C 350 15.03 -65.63 5.63
C ASN C 350 16.25 -65.86 6.51
N ALA C 351 16.09 -66.77 7.46
CA ALA C 351 17.17 -67.19 8.34
C ALA C 351 17.35 -68.69 8.22
N THR C 352 18.54 -69.15 8.63
CA THR C 352 18.81 -70.59 8.63
C THR C 352 17.94 -71.30 9.66
N ARG C 353 17.86 -70.77 10.87
CA ARG C 353 16.98 -71.29 11.91
C ARG C 353 16.39 -70.11 12.68
N PHE C 354 15.06 -70.04 12.71
CA PHE C 354 14.40 -69.01 13.50
C PHE C 354 14.52 -69.32 14.98
N ALA C 355 14.71 -68.28 15.78
CA ALA C 355 14.91 -68.39 17.23
C ALA C 355 13.58 -68.54 17.96
N SER C 356 13.60 -68.29 19.27
CA SER C 356 12.39 -68.30 20.08
C SER C 356 11.89 -66.87 20.29
N VAL C 357 10.84 -66.75 21.10
CA VAL C 357 10.24 -65.45 21.42
C VAL C 357 11.22 -64.59 22.24
N TYR C 358 12.12 -65.23 22.99
CA TYR C 358 12.91 -64.56 24.00
C TYR C 358 13.94 -63.63 23.38
N ALA C 359 14.63 -64.07 22.33
CA ALA C 359 15.66 -63.26 21.67
C ALA C 359 15.54 -63.46 20.15
N TRP C 360 14.74 -62.59 19.53
CA TRP C 360 14.66 -62.52 18.08
C TRP C 360 15.76 -61.58 17.56
N ASN C 361 15.70 -61.23 16.29
CA ASN C 361 16.67 -60.35 15.66
C ASN C 361 15.95 -59.16 15.04
N ARG C 362 16.43 -57.96 15.33
CA ARG C 362 15.85 -56.72 14.80
C ARG C 362 16.85 -56.10 13.84
N THR C 363 16.43 -55.85 12.60
CA THR C 363 17.33 -55.24 11.63
C THR C 363 16.84 -53.85 11.24
N ARG C 364 17.73 -52.87 11.29
CA ARG C 364 17.44 -51.49 10.93
C ARG C 364 18.03 -51.19 9.56
N ILE C 365 17.22 -50.56 8.70
CA ILE C 365 17.59 -50.31 7.31
C ILE C 365 17.45 -48.81 7.04
N SER C 366 18.50 -48.21 6.48
CA SER C 366 18.53 -46.81 6.09
C SER C 366 19.62 -46.62 5.04
N ASN C 367 19.62 -45.43 4.42
CA ASN C 367 20.58 -45.01 3.39
C ASN C 367 20.62 -45.97 2.19
N CYS C 368 19.45 -46.38 1.72
CA CYS C 368 19.36 -47.29 0.60
C CYS C 368 18.12 -46.96 -0.23
N VAL C 369 18.12 -47.42 -1.48
CA VAL C 369 16.98 -47.22 -2.36
C VAL C 369 15.82 -48.07 -1.86
N ALA C 370 14.64 -47.46 -1.76
CA ALA C 370 13.46 -48.11 -1.22
C ALA C 370 12.94 -49.15 -2.22
N ASP C 371 13.38 -50.40 -2.05
CA ASP C 371 12.94 -51.50 -2.90
C ASP C 371 11.77 -52.19 -2.18
N TYR C 372 10.61 -51.57 -2.27
CA TYR C 372 9.36 -52.15 -1.76
C TYR C 372 8.52 -52.72 -2.90
N SER C 373 9.14 -52.99 -4.04
CA SER C 373 8.56 -53.81 -5.10
C SER C 373 8.83 -55.30 -4.86
N VAL C 374 9.37 -55.65 -3.68
CA VAL C 374 9.53 -57.03 -3.22
C VAL C 374 8.23 -57.57 -2.64
N LEU C 375 7.14 -56.79 -2.82
CA LEU C 375 5.77 -57.27 -2.63
C LEU C 375 5.54 -58.58 -3.38
N TYR C 376 4.76 -59.48 -2.76
CA TYR C 376 4.14 -60.67 -3.36
C TYR C 376 5.14 -61.80 -3.63
N ASN C 377 6.44 -61.56 -3.45
CA ASN C 377 7.44 -62.61 -3.68
C ASN C 377 8.58 -62.64 -2.67
N PHE C 378 8.55 -61.79 -1.65
CA PHE C 378 9.41 -61.82 -0.46
C PHE C 378 8.57 -61.32 0.70
N ALA C 379 9.21 -60.76 1.74
CA ALA C 379 8.67 -60.39 3.05
C ALA C 379 7.29 -59.72 3.08
N PRO C 380 6.86 -58.93 2.06
CA PRO C 380 5.42 -58.78 1.87
C PRO C 380 4.84 -59.68 0.77
N PHE C 381 3.72 -60.33 1.07
CA PHE C 381 3.27 -61.49 0.30
C PHE C 381 1.78 -61.72 0.57
N PHE C 382 1.35 -62.99 0.53
CA PHE C 382 0.00 -63.55 0.67
C PHE C 382 -1.02 -62.77 1.49
N ALA C 383 -0.72 -62.45 2.75
CA ALA C 383 -1.70 -61.74 3.54
C ALA C 383 -1.81 -60.27 3.11
N PHE C 384 -0.64 -59.63 2.87
CA PHE C 384 -0.52 -58.25 2.38
C PHE C 384 -1.23 -57.29 3.36
N LYS C 385 -1.07 -57.56 4.65
CA LYS C 385 -1.76 -56.80 5.69
C LYS C 385 -0.89 -55.62 6.13
N CYS C 386 -0.80 -54.63 5.24
CA CYS C 386 -0.17 -53.36 5.58
C CYS C 386 -1.18 -52.53 6.35
N TYR C 387 -1.08 -52.57 7.68
CA TYR C 387 -1.92 -51.75 8.54
C TYR C 387 -1.44 -50.31 8.66
N GLY C 388 -0.40 -49.95 7.92
CA GLY C 388 0.11 -48.58 7.99
C GLY C 388 -0.91 -47.58 7.48
N VAL C 389 -0.91 -46.39 8.10
CA VAL C 389 -1.80 -45.32 7.70
C VAL C 389 -1.32 -44.79 6.36
N SER C 390 -2.09 -45.07 5.28
CA SER C 390 -1.81 -44.74 3.89
C SER C 390 -0.44 -45.25 3.45
N PRO C 391 -0.29 -46.55 3.17
CA PRO C 391 1.03 -47.10 2.81
C PRO C 391 1.64 -46.51 1.55
N THR C 392 0.81 -46.13 0.57
CA THR C 392 1.32 -45.50 -0.64
C THR C 392 1.81 -44.08 -0.35
N LYS C 393 1.16 -43.37 0.57
CA LYS C 393 1.61 -42.05 0.97
C LYS C 393 2.77 -42.09 1.95
N LEU C 394 3.13 -43.27 2.47
CA LEU C 394 4.36 -43.40 3.24
C LEU C 394 5.60 -43.21 2.39
N ASN C 395 5.50 -43.40 1.07
CA ASN C 395 6.61 -43.07 0.18
C ASN C 395 6.88 -41.57 0.15
N ASP C 396 5.83 -40.76 0.34
CA ASP C 396 6.03 -39.32 0.44
C ASP C 396 6.71 -38.95 1.75
N LEU C 397 6.24 -39.52 2.86
CA LEU C 397 6.86 -39.32 4.17
C LEU C 397 8.14 -40.13 4.20
N CYS C 398 9.21 -39.52 3.68
CA CYS C 398 10.41 -40.24 3.23
C CYS C 398 11.09 -40.98 4.37
N PHE C 399 11.42 -42.25 4.11
CA PHE C 399 11.71 -43.22 5.16
C PHE C 399 13.02 -42.92 5.85
N THR C 400 12.99 -42.91 7.18
CA THR C 400 14.13 -42.59 8.01
C THR C 400 14.71 -43.78 8.75
N ASN C 401 13.88 -44.79 9.06
CA ASN C 401 14.34 -46.07 9.59
C ASN C 401 13.33 -47.13 9.17
N VAL C 402 13.83 -48.31 8.80
CA VAL C 402 12.97 -49.46 8.54
C VAL C 402 13.34 -50.55 9.52
N TYR C 403 12.36 -51.06 10.27
CA TYR C 403 12.58 -52.16 11.19
C TYR C 403 12.04 -53.43 10.54
N ALA C 404 12.92 -54.41 10.35
CA ALA C 404 12.54 -55.69 9.77
C ALA C 404 12.74 -56.78 10.81
N ASP C 405 11.70 -57.62 10.96
CA ASP C 405 11.62 -58.69 11.94
C ASP C 405 11.03 -59.92 11.28
N SER C 406 11.35 -61.09 11.83
CA SER C 406 10.81 -62.35 11.32
C SER C 406 10.62 -63.32 12.47
N PHE C 407 9.36 -63.56 12.85
CA PHE C 407 8.99 -64.47 13.94
C PHE C 407 8.25 -65.67 13.37
N VAL C 408 8.04 -66.68 14.22
CA VAL C 408 7.23 -67.86 13.90
C VAL C 408 6.24 -68.06 15.03
N ILE C 409 4.93 -67.94 14.73
CA ILE C 409 3.88 -68.07 15.73
C ILE C 409 2.87 -69.12 15.27
N LYS C 410 2.23 -69.79 16.25
CA LYS C 410 1.19 -70.78 16.00
C LYS C 410 -0.01 -70.16 15.27
N GLY C 411 -0.80 -71.04 14.64
CA GLY C 411 -1.88 -70.62 13.77
C GLY C 411 -3.16 -70.19 14.45
N ASN C 412 -3.28 -70.41 15.76
CA ASN C 412 -4.50 -70.00 16.46
C ASN C 412 -4.56 -68.50 16.67
N GLU C 413 -3.42 -67.82 16.65
CA GLU C 413 -3.32 -66.40 17.00
C GLU C 413 -2.56 -65.63 15.93
N VAL C 414 -2.93 -65.85 14.67
CA VAL C 414 -2.35 -65.10 13.56
C VAL C 414 -2.85 -63.65 13.59
N SER C 415 -4.15 -63.47 13.84
CA SER C 415 -4.77 -62.15 13.88
C SER C 415 -4.50 -61.42 15.18
N GLN C 416 -3.81 -62.04 16.14
CA GLN C 416 -3.48 -61.38 17.39
C GLN C 416 -2.40 -60.32 17.26
N ILE C 417 -1.74 -60.22 16.10
CA ILE C 417 -0.71 -59.19 15.88
C ILE C 417 -1.45 -57.97 15.35
N ALA C 418 -2.02 -57.20 16.28
CA ALA C 418 -2.74 -55.96 16.02
C ALA C 418 -2.84 -55.22 17.34
N PRO C 419 -2.83 -53.89 17.33
CA PRO C 419 -2.93 -53.15 18.59
C PRO C 419 -4.29 -53.29 19.25
N GLY C 420 -4.28 -53.27 20.59
CA GLY C 420 -5.49 -53.32 21.37
C GLY C 420 -5.97 -54.70 21.78
N GLN C 421 -5.32 -55.77 21.33
CA GLN C 421 -5.77 -57.12 21.63
C GLN C 421 -5.06 -57.68 22.86
N THR C 422 -5.75 -58.57 23.56
CA THR C 422 -5.29 -59.16 24.81
C THR C 422 -4.96 -60.64 24.62
N GLY C 423 -4.48 -61.26 25.68
CA GLY C 423 -4.09 -62.66 25.65
C GLY C 423 -2.76 -62.89 26.33
N ASN C 424 -2.57 -64.10 26.86
CA ASN C 424 -1.31 -64.44 27.51
C ASN C 424 -0.17 -64.57 26.51
N ILE C 425 -0.47 -65.10 25.32
CA ILE C 425 0.53 -65.19 24.26
C ILE C 425 0.67 -63.88 23.51
N ALA C 426 -0.23 -62.93 23.75
CA ALA C 426 -0.16 -61.61 23.12
C ALA C 426 0.48 -60.58 24.04
N ASP C 427 -0.07 -60.40 25.25
CA ASP C 427 0.42 -59.34 26.13
C ASP C 427 1.77 -59.69 26.74
N TYR C 428 1.98 -60.96 27.10
CA TYR C 428 3.19 -61.37 27.78
C TYR C 428 4.28 -61.85 26.83
N ASN C 429 4.08 -61.71 25.52
CA ASN C 429 5.16 -61.99 24.56
C ASN C 429 5.54 -60.78 23.75
N TYR C 430 4.60 -60.16 23.02
CA TYR C 430 4.91 -59.02 22.17
C TYR C 430 3.67 -58.15 22.03
N LYS C 431 3.72 -56.94 22.58
CA LYS C 431 2.66 -55.96 22.41
C LYS C 431 3.07 -54.93 21.37
N LEU C 432 2.08 -54.38 20.67
CA LEU C 432 2.27 -53.34 19.68
C LEU C 432 1.65 -52.03 20.15
N PRO C 433 2.25 -50.88 19.82
CA PRO C 433 1.64 -49.61 20.19
C PRO C 433 0.42 -49.31 19.32
N ASP C 434 -0.38 -48.37 19.79
CA ASP C 434 -1.65 -48.04 19.16
C ASP C 434 -1.50 -47.33 17.81
N ASP C 435 -0.30 -46.86 17.47
CA ASP C 435 -0.09 -46.19 16.20
C ASP C 435 0.94 -46.94 15.36
N PHE C 436 0.78 -48.26 15.27
CA PHE C 436 1.67 -49.09 14.47
C PHE C 436 1.42 -48.83 12.99
N THR C 437 2.48 -48.47 12.27
CA THR C 437 2.43 -48.25 10.83
C THR C 437 3.42 -49.19 10.18
N GLY C 438 2.92 -50.17 9.44
CA GLY C 438 3.79 -51.13 8.79
C GLY C 438 3.00 -52.26 8.16
N CYS C 439 3.74 -53.25 7.67
CA CYS C 439 3.19 -54.40 6.97
C CYS C 439 3.59 -55.67 7.72
N VAL C 440 2.61 -56.44 8.16
CA VAL C 440 2.83 -57.64 8.97
C VAL C 440 2.14 -58.80 8.25
N ILE C 441 2.92 -59.76 7.74
CA ILE C 441 2.44 -60.74 6.76
C ILE C 441 2.89 -62.13 7.20
N ALA C 442 2.04 -63.16 7.01
CA ALA C 442 2.24 -64.47 7.62
C ALA C 442 2.21 -65.60 6.60
N TRP C 443 3.31 -66.35 6.47
CA TRP C 443 3.35 -67.56 5.65
C TRP C 443 2.72 -68.73 6.37
N ASN C 444 2.12 -69.62 5.57
CA ASN C 444 1.69 -70.95 5.98
C ASN C 444 2.92 -71.87 5.94
N SER C 445 3.78 -71.74 6.94
CA SER C 445 5.04 -72.48 6.97
C SER C 445 4.79 -73.89 7.48
N ASN C 446 4.41 -74.79 6.56
CA ASN C 446 4.15 -76.17 6.90
C ASN C 446 5.20 -77.15 6.40
N LYS C 447 6.01 -76.76 5.42
CA LYS C 447 7.01 -77.64 4.84
C LYS C 447 8.42 -77.43 5.40
N LEU C 448 8.67 -76.31 6.09
CA LEU C 448 10.00 -75.99 6.57
C LEU C 448 10.10 -75.81 8.07
N ASP C 449 8.97 -75.59 8.77
CA ASP C 449 8.98 -75.44 10.22
C ASP C 449 8.36 -76.65 10.92
N SER C 450 8.23 -77.77 10.22
CA SER C 450 7.66 -78.98 10.79
C SER C 450 8.50 -80.17 10.36
N LYS C 451 8.80 -81.06 11.31
CA LYS C 451 9.60 -82.24 11.08
C LYS C 451 8.82 -83.46 11.55
N HIS C 452 9.21 -84.63 11.02
CA HIS C 452 8.55 -85.87 11.41
C HIS C 452 8.86 -86.26 12.85
N SER C 453 10.05 -85.94 13.34
CA SER C 453 10.41 -86.19 14.73
C SER C 453 9.89 -85.11 15.68
N GLY C 454 9.40 -84.00 15.16
CA GLY C 454 8.94 -82.90 15.98
C GLY C 454 10.02 -81.84 16.17
N ASN C 455 9.58 -80.59 16.28
CA ASN C 455 10.47 -79.46 16.46
C ASN C 455 10.23 -78.85 17.83
N TYR C 456 11.31 -78.61 18.58
CA TYR C 456 11.22 -78.04 19.92
C TYR C 456 12.08 -76.78 20.06
N ASP C 457 12.35 -76.09 18.96
CA ASP C 457 13.25 -74.94 18.98
C ASP C 457 12.53 -73.61 19.21
N TYR C 458 11.21 -73.62 19.40
CA TYR C 458 10.43 -72.40 19.60
C TYR C 458 9.86 -72.42 21.02
N TRP C 459 10.31 -71.49 21.85
CA TRP C 459 9.97 -71.43 23.26
C TRP C 459 9.21 -70.16 23.58
N TYR C 460 8.12 -70.30 24.36
CA TYR C 460 7.20 -69.21 24.66
C TYR C 460 7.04 -69.07 26.17
N ARG C 461 6.41 -67.97 26.57
CA ARG C 461 5.99 -67.75 27.94
C ARG C 461 4.48 -67.65 28.05
N SER C 462 3.95 -68.12 29.20
CA SER C 462 2.56 -67.92 29.57
C SER C 462 2.39 -67.33 30.95
N PHE C 463 3.45 -67.28 31.77
CA PHE C 463 3.39 -66.68 33.10
C PHE C 463 4.47 -65.62 33.23
N ARG C 464 4.08 -64.43 33.69
CA ARG C 464 5.00 -63.33 33.93
C ARG C 464 4.51 -62.53 35.12
N LYS C 465 5.37 -61.61 35.58
CA LYS C 465 5.01 -60.75 36.71
C LYS C 465 3.92 -59.76 36.33
N SER C 466 4.06 -59.10 35.18
CA SER C 466 3.11 -58.11 34.73
C SER C 466 3.24 -57.97 33.22
N LYS C 467 2.34 -57.17 32.65
CA LYS C 467 2.44 -56.82 31.23
C LYS C 467 3.63 -55.90 31.00
N LEU C 468 4.33 -56.12 29.90
CA LEU C 468 5.50 -55.32 29.58
C LEU C 468 5.15 -54.18 28.63
N LYS C 469 6.07 -53.23 28.54
CA LYS C 469 5.98 -52.16 27.56
C LYS C 469 6.15 -52.73 26.15
N PRO C 470 5.54 -52.11 25.14
CA PRO C 470 5.70 -52.62 23.78
C PRO C 470 7.12 -52.41 23.26
N PHE C 471 7.50 -53.28 22.31
CA PHE C 471 8.85 -53.38 21.74
C PHE C 471 9.90 -53.61 22.82
N GLU C 472 9.62 -54.55 23.72
CA GLU C 472 10.56 -54.97 24.76
C GLU C 472 10.61 -56.48 24.81
N ARG C 473 11.78 -57.01 25.20
CA ARG C 473 12.03 -58.44 25.23
C ARG C 473 12.68 -58.84 26.56
N ASP C 474 12.30 -60.02 27.06
CA ASP C 474 12.92 -60.61 28.24
C ASP C 474 13.52 -61.96 27.87
N ILE C 475 14.72 -62.22 28.39
CA ILE C 475 15.47 -63.42 28.03
C ILE C 475 15.66 -64.27 29.27
N SER C 476 15.73 -63.62 30.44
CA SER C 476 16.12 -64.27 31.69
C SER C 476 15.07 -65.27 32.15
N THR C 477 15.51 -66.48 32.46
CA THR C 477 14.62 -67.61 32.78
C THR C 477 14.64 -67.82 34.28
N GLU C 478 13.56 -67.39 34.96
CA GLU C 478 13.43 -67.55 36.40
C GLU C 478 12.05 -68.10 36.72
N ILE C 479 11.99 -68.90 37.79
CA ILE C 479 10.74 -69.52 38.21
C ILE C 479 9.89 -68.49 38.94
N TYR C 480 8.68 -68.26 38.45
CA TYR C 480 7.78 -67.27 39.05
C TYR C 480 7.06 -67.86 40.25
N GLN C 481 6.67 -66.97 41.17
CA GLN C 481 5.97 -67.35 42.38
C GLN C 481 4.47 -67.27 42.11
N ALA C 482 3.83 -68.43 41.94
CA ALA C 482 2.41 -68.52 41.62
C ALA C 482 1.60 -69.12 42.77
N GLY C 483 2.03 -68.88 44.00
CA GLY C 483 1.34 -69.43 45.15
C GLY C 483 1.92 -68.92 46.44
N ASN C 484 1.36 -69.40 47.55
CA ASN C 484 1.84 -69.01 48.87
C ASN C 484 3.18 -69.63 49.22
N LYS C 485 3.53 -70.75 48.59
CA LYS C 485 4.82 -71.39 48.85
C LYS C 485 5.94 -70.56 48.23
N PRO C 486 7.08 -70.43 48.92
CA PRO C 486 8.21 -69.69 48.32
C PRO C 486 8.92 -70.54 47.28
N CYS C 487 9.11 -69.96 46.09
CA CYS C 487 9.66 -70.69 44.95
C CYS C 487 11.19 -70.68 44.96
N LYS C 488 11.74 -71.26 46.03
CA LYS C 488 13.18 -71.47 46.16
C LYS C 488 13.59 -72.87 45.76
N GLY C 489 12.63 -73.72 45.38
CA GLY C 489 12.93 -75.06 44.94
C GLY C 489 11.97 -75.50 43.85
N LYS C 490 12.38 -76.56 43.14
CA LYS C 490 11.63 -77.07 42.00
C LYS C 490 10.52 -77.96 42.55
N GLY C 491 9.30 -77.41 42.67
CA GLY C 491 8.18 -78.14 43.19
C GLY C 491 6.85 -77.64 42.68
N PRO C 492 5.76 -78.12 43.28
CA PRO C 492 4.43 -77.62 42.92
C PRO C 492 4.23 -76.17 43.38
N ASN C 493 3.29 -75.50 42.71
CA ASN C 493 2.98 -74.07 42.77
C ASN C 493 4.14 -73.19 42.30
N CYS C 494 5.16 -73.78 41.68
CA CYS C 494 6.30 -73.05 41.12
C CYS C 494 6.47 -73.55 39.69
N TYR C 495 6.09 -72.73 38.72
CA TYR C 495 5.93 -73.17 37.35
C TYR C 495 7.00 -72.54 36.48
N PHE C 496 7.68 -73.36 35.68
CA PHE C 496 8.62 -72.84 34.70
C PHE C 496 7.89 -72.05 33.62
N PRO C 497 8.44 -70.90 33.20
CA PRO C 497 7.77 -70.10 32.17
C PRO C 497 8.04 -70.58 30.75
N LEU C 498 9.03 -71.45 30.55
CA LEU C 498 9.42 -71.90 29.21
C LEU C 498 8.46 -72.98 28.75
N GLN C 499 7.84 -72.78 27.58
CA GLN C 499 6.99 -73.79 26.96
C GLN C 499 7.38 -73.93 25.50
N SER C 500 7.90 -75.10 25.12
CA SER C 500 8.39 -75.32 23.77
C SER C 500 7.27 -75.94 22.92
N TYR C 501 6.82 -75.21 21.91
CA TYR C 501 5.77 -75.71 21.02
C TYR C 501 6.31 -76.85 20.16
N GLY C 502 5.39 -77.68 19.66
CA GLY C 502 5.76 -78.84 18.87
C GLY C 502 4.96 -79.00 17.59
N PHE C 503 5.64 -79.25 16.48
CA PHE C 503 5.02 -79.31 15.16
C PHE C 503 5.48 -80.53 14.38
N ARG C 504 4.57 -81.07 13.58
CA ARG C 504 4.81 -82.06 12.56
C ARG C 504 3.94 -81.68 11.37
N PRO C 505 4.21 -82.22 10.18
CA PRO C 505 3.27 -82.03 9.06
C PRO C 505 1.89 -82.65 9.29
N THR C 506 1.76 -83.63 10.19
CA THR C 506 0.49 -84.29 10.43
C THR C 506 -0.47 -83.48 11.31
N TYR C 507 -0.01 -82.43 11.97
CA TYR C 507 -0.91 -81.61 12.79
C TYR C 507 -1.80 -80.75 11.89
N GLY C 508 -2.99 -80.44 12.39
CA GLY C 508 -3.97 -79.71 11.62
C GLY C 508 -3.74 -78.22 11.61
N VAL C 509 -4.54 -77.54 10.77
CA VAL C 509 -4.44 -76.10 10.61
C VAL C 509 -4.97 -75.41 11.86
N GLY C 510 -4.19 -74.48 12.40
CA GLY C 510 -4.53 -73.81 13.64
C GLY C 510 -3.44 -74.04 14.67
N HIS C 511 -2.82 -75.23 14.63
CA HIS C 511 -1.67 -75.54 15.45
C HIS C 511 -0.39 -75.57 14.63
N GLN C 512 -0.48 -75.38 13.32
CA GLN C 512 0.68 -75.34 12.45
C GLN C 512 1.47 -74.04 12.66
N PRO C 513 2.78 -74.05 12.43
CA PRO C 513 3.55 -72.80 12.56
C PRO C 513 3.38 -71.90 11.35
N TYR C 514 3.36 -70.59 11.61
CA TYR C 514 3.18 -69.56 10.60
C TYR C 514 4.34 -68.60 10.72
N ARG C 515 4.98 -68.31 9.59
CA ARG C 515 6.15 -67.41 9.57
C ARG C 515 5.67 -65.98 9.38
N VAL C 516 5.67 -65.19 10.45
CA VAL C 516 5.15 -63.83 10.43
C VAL C 516 6.34 -62.87 10.31
N VAL C 517 6.36 -62.08 9.25
CA VAL C 517 7.45 -61.16 8.96
C VAL C 517 6.90 -59.75 8.99
N VAL C 518 7.62 -58.85 9.67
CA VAL C 518 7.19 -57.48 9.93
C VAL C 518 8.17 -56.52 9.25
N LEU C 519 7.64 -55.66 8.39
CA LEU C 519 8.33 -54.46 7.87
C LEU C 519 7.62 -53.24 8.40
N SER C 520 8.20 -52.59 9.40
CA SER C 520 7.54 -51.48 10.08
C SER C 520 8.33 -50.20 9.82
N PHE C 521 7.64 -49.16 9.37
CA PHE C 521 8.25 -47.93 8.89
C PHE C 521 7.87 -46.72 9.75
N GLU C 522 7.69 -46.92 11.06
CA GLU C 522 7.20 -45.83 11.88
C GLU C 522 8.32 -44.84 12.19
N LEU C 523 7.93 -43.74 12.82
CA LEU C 523 8.85 -42.69 13.24
C LEU C 523 8.71 -42.50 14.74
N LEU C 524 9.84 -42.35 15.43
CA LEU C 524 9.85 -42.26 16.88
C LEU C 524 9.24 -40.96 17.36
N HIS C 525 9.78 -39.83 16.90
CA HIS C 525 9.26 -38.50 17.16
C HIS C 525 9.33 -37.66 15.88
N ALA C 526 8.96 -38.29 14.76
CA ALA C 526 9.36 -37.93 13.39
C ALA C 526 10.84 -37.56 13.27
N PRO C 527 11.81 -38.53 13.41
CA PRO C 527 13.21 -38.12 13.21
C PRO C 527 13.57 -38.02 11.73
N ALA C 528 13.30 -36.86 11.13
CA ALA C 528 13.55 -36.67 9.71
C ALA C 528 15.05 -36.57 9.45
N THR C 529 15.71 -37.72 9.30
CA THR C 529 17.16 -37.79 9.26
C THR C 529 17.67 -38.19 7.88
N VAL C 530 17.23 -39.34 7.35
CA VAL C 530 17.68 -39.82 6.06
C VAL C 530 16.46 -39.99 5.15
N CYS C 531 16.72 -40.15 3.86
CA CYS C 531 15.64 -40.16 2.87
C CYS C 531 16.02 -41.13 1.75
N GLY C 532 15.23 -41.10 0.67
CA GLY C 532 15.49 -41.99 -0.48
C GLY C 532 14.78 -41.49 -1.72
N PRO C 533 13.45 -41.65 -1.81
CA PRO C 533 12.71 -41.11 -2.95
C PRO C 533 13.10 -39.68 -3.29
N LYS C 534 13.83 -39.49 -4.40
CA LYS C 534 14.19 -38.13 -4.87
C LYS C 534 14.40 -38.18 -6.38
N LYS C 535 13.31 -38.04 -7.15
CA LYS C 535 13.41 -38.15 -8.64
C LYS C 535 14.18 -36.95 -9.20
N SER C 536 14.96 -37.17 -10.26
CA SER C 536 15.72 -36.07 -10.90
C SER C 536 15.56 -36.12 -12.43
N THR C 537 15.07 -35.02 -13.01
CA THR C 537 14.98 -34.86 -14.47
C THR C 537 16.36 -34.64 -15.04
N ASN C 538 16.50 -34.73 -16.36
CA ASN C 538 17.80 -34.47 -17.01
C ASN C 538 17.99 -32.96 -17.14
N LEU C 539 19.22 -32.48 -16.98
CA LEU C 539 19.51 -31.06 -17.14
C LEU C 539 19.45 -30.62 -18.60
N VAL C 540 19.08 -29.36 -18.81
CA VAL C 540 19.04 -28.72 -20.11
C VAL C 540 19.69 -27.35 -19.98
N LYS C 541 20.67 -27.06 -20.83
CA LYS C 541 21.41 -25.82 -20.79
C LYS C 541 21.10 -24.95 -22.01
N ASN C 542 21.41 -23.65 -21.86
CA ASN C 542 21.31 -22.62 -22.91
C ASN C 542 19.88 -22.44 -23.43
N LYS C 543 18.88 -22.77 -22.63
CA LYS C 543 17.48 -22.55 -22.99
C LYS C 543 16.74 -22.00 -21.80
N CYS C 544 15.69 -21.22 -22.07
CA CYS C 544 14.85 -20.67 -21.01
C CYS C 544 14.00 -21.79 -20.44
N VAL C 545 14.40 -22.30 -19.27
CA VAL C 545 13.70 -23.40 -18.61
C VAL C 545 13.41 -23.02 -17.18
N ASN C 546 12.51 -23.79 -16.56
CA ASN C 546 12.34 -23.78 -15.12
C ASN C 546 13.35 -24.72 -14.49
N PHE C 547 13.86 -24.35 -13.33
CA PHE C 547 14.85 -25.15 -12.61
C PHE C 547 14.48 -25.23 -11.14
N ASN C 548 14.92 -26.32 -10.52
CA ASN C 548 14.78 -26.52 -9.08
C ASN C 548 16.04 -27.26 -8.64
N PHE C 549 16.85 -26.60 -7.82
CA PHE C 549 18.10 -27.13 -7.31
C PHE C 549 18.03 -27.11 -5.79
N ASN C 550 17.95 -28.30 -5.18
CA ASN C 550 17.97 -28.49 -3.72
C ASN C 550 16.89 -27.69 -3.01
N GLY C 551 15.71 -27.61 -3.61
CA GLY C 551 14.61 -26.84 -3.06
C GLY C 551 14.54 -25.40 -3.52
N LEU C 552 15.50 -24.93 -4.30
CA LEU C 552 15.47 -23.56 -4.82
C LEU C 552 14.86 -23.58 -6.21
N THR C 553 13.72 -22.91 -6.37
CA THR C 553 12.98 -22.89 -7.62
C THR C 553 13.20 -21.57 -8.36
N GLY C 554 13.17 -21.64 -9.69
CA GLY C 554 13.35 -20.43 -10.46
C GLY C 554 13.16 -20.68 -11.95
N THR C 555 13.31 -19.60 -12.72
CA THR C 555 13.15 -19.61 -14.17
C THR C 555 14.31 -18.86 -14.79
N GLY C 556 14.90 -19.42 -15.83
CA GLY C 556 15.96 -18.70 -16.53
C GLY C 556 16.77 -19.62 -17.42
N VAL C 557 17.97 -19.15 -17.75
CA VAL C 557 18.90 -19.84 -18.66
C VAL C 557 20.14 -20.21 -17.85
N LEU C 558 20.52 -21.47 -17.91
CA LEU C 558 21.65 -21.99 -17.15
C LEU C 558 22.85 -22.10 -18.08
N THR C 559 23.92 -21.37 -17.77
CA THR C 559 25.10 -21.33 -18.63
C THR C 559 26.35 -21.67 -17.84
N LYS C 560 27.23 -22.46 -18.43
CA LYS C 560 28.54 -22.72 -17.84
C LYS C 560 29.39 -21.46 -17.88
N SER C 561 30.14 -21.22 -16.81
CA SER C 561 30.93 -20.01 -16.72
C SER C 561 32.16 -20.23 -15.85
N ASN C 562 33.01 -19.22 -15.81
CA ASN C 562 34.25 -19.24 -15.03
C ASN C 562 34.05 -18.64 -13.64
N LYS C 563 33.04 -19.09 -12.93
CA LYS C 563 32.87 -18.80 -11.51
C LYS C 563 33.39 -19.99 -10.71
N LYS C 564 34.20 -19.71 -9.71
CA LYS C 564 34.78 -20.76 -8.88
C LYS C 564 34.30 -20.63 -7.44
N PHE C 565 33.96 -21.77 -6.85
CA PHE C 565 33.41 -21.86 -5.51
C PHE C 565 34.39 -22.63 -4.64
N LEU C 566 34.63 -22.15 -3.43
CA LEU C 566 35.34 -22.96 -2.45
C LEU C 566 34.40 -24.10 -2.02
N PRO C 567 34.95 -25.29 -1.71
CA PRO C 567 34.13 -26.51 -1.66
C PRO C 567 33.02 -26.55 -0.60
N PHE C 568 33.03 -25.64 0.38
CA PHE C 568 31.90 -25.52 1.28
C PHE C 568 30.68 -24.95 0.55
N GLN C 569 30.89 -23.89 -0.23
CA GLN C 569 29.77 -23.08 -0.71
C GLN C 569 29.05 -23.76 -1.88
N GLN C 570 27.73 -23.67 -1.86
CA GLN C 570 26.87 -24.28 -2.87
C GLN C 570 26.15 -23.26 -3.73
N PHE C 571 25.46 -22.31 -3.09
CA PHE C 571 24.64 -21.33 -3.78
C PHE C 571 25.48 -20.11 -4.15
N GLY C 572 24.97 -19.31 -5.07
CA GLY C 572 25.63 -18.07 -5.46
C GLY C 572 24.65 -16.91 -5.42
N ARG C 573 25.17 -15.75 -5.06
CA ARG C 573 24.32 -14.58 -4.83
C ARG C 573 25.21 -13.34 -4.95
N ASP C 574 24.59 -12.19 -5.17
CA ASP C 574 25.29 -10.95 -5.47
C ASP C 574 24.67 -9.83 -4.64
N ILE C 575 24.94 -8.59 -5.06
CA ILE C 575 24.25 -7.42 -4.52
C ILE C 575 22.76 -7.58 -4.82
N VAL C 576 21.91 -7.10 -3.89
CA VAL C 576 20.44 -6.98 -3.84
C VAL C 576 19.82 -8.35 -3.57
N ASP C 577 20.67 -9.36 -3.34
CA ASP C 577 20.29 -10.72 -2.92
C ASP C 577 19.35 -11.40 -3.92
N THR C 578 19.86 -11.59 -5.13
CA THR C 578 19.23 -12.42 -6.15
C THR C 578 20.15 -13.57 -6.49
N THR C 579 19.57 -14.73 -6.77
CA THR C 579 20.38 -15.92 -7.06
C THR C 579 21.04 -15.79 -8.42
N ASP C 580 22.37 -15.91 -8.44
CA ASP C 580 23.18 -15.70 -9.63
C ASP C 580 23.82 -16.98 -10.14
N ALA C 581 24.35 -17.82 -9.26
CA ALA C 581 25.01 -19.05 -9.65
C ALA C 581 24.51 -20.20 -8.77
N VAL C 582 24.55 -21.40 -9.33
CA VAL C 582 24.14 -22.62 -8.63
C VAL C 582 25.14 -23.72 -8.96
N ARG C 583 25.61 -24.44 -7.93
CA ARG C 583 26.30 -25.70 -8.13
C ARG C 583 25.28 -26.81 -8.42
N ASP C 584 25.53 -27.57 -9.47
CA ASP C 584 24.75 -28.76 -9.76
C ASP C 584 25.00 -29.80 -8.66
N PRO C 585 23.96 -30.28 -7.96
CA PRO C 585 24.20 -31.25 -6.89
C PRO C 585 24.40 -32.68 -7.36
N GLN C 586 24.39 -32.95 -8.66
CA GLN C 586 24.73 -34.27 -9.15
C GLN C 586 26.17 -34.36 -9.64
N THR C 587 26.58 -33.49 -10.54
CA THR C 587 27.97 -33.38 -10.96
C THR C 587 28.51 -32.03 -10.50
N LEU C 588 29.74 -32.02 -9.98
CA LEU C 588 30.25 -30.85 -9.28
C LEU C 588 30.84 -29.85 -10.28
N GLU C 589 29.96 -29.05 -10.87
CA GLU C 589 30.37 -27.84 -11.59
C GLU C 589 29.43 -26.70 -11.22
N ILE C 590 29.74 -25.51 -11.74
CA ILE C 590 29.10 -24.26 -11.36
C ILE C 590 28.46 -23.65 -12.60
N LEU C 591 27.20 -23.27 -12.50
CA LEU C 591 26.46 -22.71 -13.62
C LEU C 591 25.76 -21.42 -13.21
N ASP C 592 25.89 -20.38 -14.04
CA ASP C 592 25.20 -19.13 -13.78
C ASP C 592 23.78 -19.16 -14.30
N ILE C 593 22.94 -18.33 -13.69
CA ILE C 593 21.53 -18.19 -14.01
C ILE C 593 21.33 -16.82 -14.61
N THR C 594 20.80 -16.77 -15.83
CA THR C 594 20.47 -15.54 -16.52
C THR C 594 18.96 -15.44 -16.66
N PRO C 595 18.32 -14.34 -16.25
CA PRO C 595 16.86 -14.29 -16.31
C PRO C 595 16.31 -14.17 -17.74
N CYS C 596 14.99 -14.06 -17.85
CA CYS C 596 14.33 -13.96 -19.15
C CYS C 596 14.70 -12.64 -19.83
N SER C 597 14.66 -12.66 -21.17
CA SER C 597 15.06 -11.49 -21.94
C SER C 597 14.14 -10.31 -21.71
N PHE C 598 12.86 -10.46 -22.09
CA PHE C 598 11.76 -9.49 -22.00
C PHE C 598 12.05 -8.10 -22.56
N GLY C 599 11.08 -7.21 -22.49
CA GLY C 599 11.31 -5.84 -22.89
C GLY C 599 10.04 -5.22 -23.44
N GLY C 600 10.18 -3.98 -23.89
CA GLY C 600 9.06 -3.25 -24.45
C GLY C 600 8.97 -3.38 -25.95
N VAL C 601 7.76 -3.20 -26.46
CA VAL C 601 7.49 -3.24 -27.90
C VAL C 601 6.92 -1.89 -28.30
N SER C 602 7.61 -1.19 -29.19
CA SER C 602 7.19 0.11 -29.68
C SER C 602 6.80 0.00 -31.14
N VAL C 603 5.77 0.73 -31.54
CA VAL C 603 5.28 0.72 -32.91
C VAL C 603 5.56 2.08 -33.52
N ILE C 604 6.31 2.09 -34.63
CA ILE C 604 6.71 3.30 -35.32
C ILE C 604 5.82 3.45 -36.53
N THR C 605 5.12 4.58 -36.62
CA THR C 605 4.18 4.82 -37.69
C THR C 605 4.30 6.26 -38.17
N PRO C 606 3.98 6.51 -39.44
CA PRO C 606 3.61 7.88 -39.84
C PRO C 606 2.14 8.13 -39.51
N GLY C 607 1.59 9.24 -39.98
CA GLY C 607 0.18 9.49 -39.77
C GLY C 607 -0.70 8.48 -40.48
N THR C 608 -1.85 8.19 -39.88
CA THR C 608 -2.77 7.24 -40.51
C THR C 608 -3.49 7.85 -41.70
N ASN C 609 -3.46 9.17 -41.86
CA ASN C 609 -3.91 9.80 -43.08
C ASN C 609 -2.94 9.59 -44.24
N THR C 610 -1.69 9.23 -43.94
CA THR C 610 -0.65 9.04 -44.95
C THR C 610 -0.52 7.60 -45.39
N SER C 611 -0.31 6.68 -44.45
CA SER C 611 -0.21 5.26 -44.77
C SER C 611 -0.62 4.44 -43.56
N ASN C 612 -0.77 3.13 -43.77
CA ASN C 612 -1.17 2.21 -42.73
C ASN C 612 -0.10 1.19 -42.35
N GLN C 613 1.09 1.27 -42.96
CA GLN C 613 2.16 0.34 -42.61
C GLN C 613 2.98 0.88 -41.45
N VAL C 614 3.52 -0.04 -40.65
CA VAL C 614 4.20 0.27 -39.41
C VAL C 614 5.50 -0.51 -39.33
N ALA C 615 6.35 -0.10 -38.41
CA ALA C 615 7.56 -0.83 -38.03
C ALA C 615 7.49 -1.14 -36.54
N VAL C 616 8.20 -2.19 -36.11
CA VAL C 616 8.15 -2.66 -34.74
C VAL C 616 9.56 -2.68 -34.17
N LEU C 617 9.73 -2.08 -32.99
CA LEU C 617 10.99 -2.07 -32.26
C LEU C 617 10.84 -2.91 -31.00
N TYR C 618 11.70 -3.91 -30.83
CA TYR C 618 11.81 -4.66 -29.59
C TYR C 618 12.99 -4.11 -28.82
N GLN C 619 12.73 -3.54 -27.64
CA GLN C 619 13.70 -2.65 -27.02
C GLN C 619 14.75 -3.42 -26.23
N GLY C 620 16.03 -3.10 -26.51
CA GLY C 620 17.15 -3.64 -25.78
C GLY C 620 17.37 -5.12 -25.95
N VAL C 621 17.08 -5.66 -27.14
CA VAL C 621 17.08 -7.10 -27.38
C VAL C 621 17.88 -7.41 -28.64
N ASN C 622 18.86 -8.30 -28.51
CA ASN C 622 19.50 -8.89 -29.68
C ASN C 622 18.50 -9.84 -30.32
N CYS C 623 18.15 -9.61 -31.59
CA CYS C 623 17.11 -10.37 -32.25
C CYS C 623 17.65 -11.58 -33.01
N THR C 624 18.80 -12.12 -32.61
CA THR C 624 19.14 -13.47 -33.01
C THR C 624 18.38 -14.50 -32.20
N GLU C 625 17.78 -14.09 -31.08
CA GLU C 625 16.91 -14.95 -30.30
C GLU C 625 15.44 -14.60 -30.40
N VAL C 626 15.10 -13.45 -31.01
CA VAL C 626 13.71 -13.14 -31.31
C VAL C 626 13.17 -14.10 -32.37
N SER C 627 14.00 -14.41 -33.37
CA SER C 627 13.60 -15.31 -34.46
C SER C 627 13.33 -16.72 -33.96
N VAL C 628 14.16 -17.24 -33.06
CA VAL C 628 13.95 -18.59 -32.53
C VAL C 628 12.91 -18.62 -31.43
N ALA C 629 12.52 -17.47 -30.87
CA ALA C 629 11.44 -17.44 -29.90
C ALA C 629 10.07 -17.43 -30.55
N ILE C 630 10.00 -17.24 -31.87
CA ILE C 630 8.72 -17.28 -32.58
C ILE C 630 8.37 -18.75 -32.76
N HIS C 631 7.48 -19.26 -31.91
CA HIS C 631 7.06 -20.65 -31.92
C HIS C 631 5.55 -20.72 -32.17
N ALA C 632 5.01 -21.93 -32.07
CA ALA C 632 3.59 -22.17 -32.30
C ALA C 632 2.81 -21.78 -31.05
N ASP C 633 2.42 -20.49 -31.00
CA ASP C 633 1.60 -19.89 -29.94
C ASP C 633 2.25 -20.02 -28.57
N GLN C 634 3.48 -19.50 -28.47
CA GLN C 634 4.21 -19.51 -27.21
C GLN C 634 4.55 -18.12 -26.70
N LEU C 635 4.95 -17.20 -27.59
CA LEU C 635 5.27 -15.83 -27.20
C LEU C 635 4.03 -15.09 -26.74
N THR C 636 4.24 -14.13 -25.83
CA THR C 636 3.12 -13.29 -25.36
C THR C 636 2.43 -12.43 -26.42
N PRO C 637 3.09 -11.75 -27.36
CA PRO C 637 2.26 -11.05 -28.36
C PRO C 637 1.70 -12.03 -29.38
N THR C 638 0.38 -12.01 -29.56
CA THR C 638 -0.30 -12.98 -30.41
C THR C 638 0.04 -12.77 -31.87
N TRP C 639 0.19 -11.52 -32.29
CA TRP C 639 0.62 -11.22 -33.66
C TRP C 639 2.13 -11.47 -33.79
N ARG C 640 2.49 -12.38 -34.70
CA ARG C 640 3.87 -12.66 -35.08
C ARG C 640 3.96 -12.82 -36.59
N VAL C 641 3.12 -12.11 -37.33
CA VAL C 641 3.04 -12.25 -38.78
C VAL C 641 4.29 -11.69 -39.45
N TYR C 642 4.90 -10.65 -38.86
CA TYR C 642 6.10 -10.04 -39.43
C TYR C 642 7.28 -11.00 -39.37
N SER C 643 7.49 -11.63 -38.20
CA SER C 643 8.55 -12.60 -37.91
C SER C 643 9.94 -12.07 -38.26
N THR C 644 10.55 -12.64 -39.30
CA THR C 644 11.82 -12.16 -39.86
C THR C 644 11.72 -12.06 -41.37
N GLY C 645 10.59 -11.56 -41.87
CA GLY C 645 10.40 -11.38 -43.29
C GLY C 645 11.11 -10.16 -43.83
N SER C 646 12.45 -10.21 -43.83
CA SER C 646 13.38 -9.15 -44.24
C SER C 646 13.24 -7.86 -43.43
N ASN C 647 14.10 -6.89 -43.74
CA ASN C 647 14.17 -5.58 -43.09
C ASN C 647 14.38 -5.69 -41.58
N VAL C 648 15.15 -6.69 -41.15
CA VAL C 648 15.45 -6.92 -39.74
C VAL C 648 16.82 -6.33 -39.46
N PHE C 649 16.88 -5.32 -38.59
CA PHE C 649 18.08 -4.55 -38.36
C PHE C 649 18.39 -4.50 -36.87
N GLN C 650 19.67 -4.65 -36.54
CA GLN C 650 20.12 -4.59 -35.15
C GLN C 650 20.59 -3.19 -34.82
N THR C 651 19.96 -2.57 -33.83
CA THR C 651 20.35 -1.28 -33.31
C THR C 651 20.88 -1.42 -31.89
N ARG C 652 21.41 -0.32 -31.37
CA ARG C 652 21.81 -0.29 -29.97
C ARG C 652 20.61 -0.11 -29.04
N ALA C 653 19.46 0.31 -29.58
CA ALA C 653 18.24 0.48 -28.81
C ALA C 653 17.32 -0.73 -28.89
N GLY C 654 17.72 -1.79 -29.59
CA GLY C 654 16.91 -2.97 -29.75
C GLY C 654 16.94 -3.43 -31.19
N CYS C 655 15.95 -4.22 -31.57
CA CYS C 655 15.84 -4.75 -32.92
C CYS C 655 14.66 -4.14 -33.65
N LEU C 656 14.87 -3.75 -34.90
CA LEU C 656 13.89 -3.06 -35.72
C LEU C 656 13.45 -3.97 -36.85
N ILE C 657 12.14 -4.20 -36.95
CA ILE C 657 11.55 -5.05 -37.98
C ILE C 657 10.54 -4.25 -38.77
N GLY C 658 10.70 -4.23 -40.09
CA GLY C 658 9.80 -3.52 -40.97
C GLY C 658 10.33 -2.22 -41.53
N ALA C 659 11.59 -1.88 -41.26
CA ALA C 659 12.22 -0.69 -41.79
C ALA C 659 13.58 -1.07 -42.36
N GLU C 660 13.95 -0.41 -43.46
CA GLU C 660 15.19 -0.71 -44.17
C GLU C 660 16.24 0.35 -43.85
N TYR C 661 17.43 -0.11 -43.49
CA TYR C 661 18.54 0.80 -43.23
C TYR C 661 19.18 1.25 -44.54
N VAL C 662 19.50 2.54 -44.61
CA VAL C 662 20.13 3.14 -45.77
C VAL C 662 21.44 3.80 -45.35
N ASN C 663 22.33 3.98 -46.32
CA ASN C 663 23.60 4.66 -46.08
C ASN C 663 23.50 6.15 -46.37
N ASN C 664 22.51 6.81 -45.76
CA ASN C 664 22.29 8.23 -45.94
C ASN C 664 22.21 8.88 -44.57
N SER C 665 21.96 10.18 -44.56
CA SER C 665 21.82 10.93 -43.32
C SER C 665 20.88 12.10 -43.57
N TYR C 666 19.71 12.05 -42.96
CA TYR C 666 18.72 13.12 -43.06
C TYR C 666 18.52 13.74 -41.68
N GLU C 667 17.72 14.80 -41.64
CA GLU C 667 17.25 15.34 -40.38
C GLU C 667 16.31 14.33 -39.74
N CYS C 668 16.41 14.19 -38.40
CA CYS C 668 15.62 13.19 -37.69
C CYS C 668 14.13 13.50 -37.76
N ASP C 669 13.33 12.47 -38.06
CA ASP C 669 11.88 12.59 -38.16
C ASP C 669 11.18 11.88 -37.02
N ILE C 670 11.45 10.60 -36.84
CA ILE C 670 10.92 9.81 -35.73
C ILE C 670 12.12 9.23 -34.97
N PRO C 671 12.32 9.59 -33.71
CA PRO C 671 13.54 9.16 -33.00
C PRO C 671 13.40 7.74 -32.48
N ILE C 672 14.34 6.88 -32.87
CA ILE C 672 14.43 5.52 -32.35
C ILE C 672 15.40 5.43 -31.19
N GLY C 673 16.60 5.96 -31.36
CA GLY C 673 17.58 6.03 -30.29
C GLY C 673 18.97 5.70 -30.77
N ALA C 674 19.96 6.07 -29.95
CA ALA C 674 21.39 5.83 -30.16
C ALA C 674 21.88 6.42 -31.48
N GLY C 675 21.36 7.59 -31.85
CA GLY C 675 21.72 8.21 -33.10
C GLY C 675 20.95 7.71 -34.30
N ILE C 676 19.97 6.84 -34.12
CA ILE C 676 19.24 6.23 -35.21
C ILE C 676 17.81 6.76 -35.20
N CYS C 677 17.35 7.26 -36.34
CA CYS C 677 15.98 7.72 -36.51
C CYS C 677 15.34 7.00 -37.69
N ALA C 678 14.05 7.25 -37.90
CA ALA C 678 13.29 6.63 -38.97
C ALA C 678 12.39 7.65 -39.64
N SER C 679 12.08 7.41 -40.91
CA SER C 679 11.20 8.30 -41.67
C SER C 679 10.45 7.47 -42.69
N TYR C 680 9.61 8.14 -43.48
CA TYR C 680 8.74 7.48 -44.45
C TYR C 680 8.91 8.21 -45.78
N GLN C 681 9.79 7.71 -46.65
CA GLN C 681 10.19 8.44 -47.83
C GLN C 681 10.19 7.53 -49.06
N THR C 682 10.60 8.11 -50.19
CA THR C 682 10.73 7.41 -51.45
C THR C 682 12.06 6.66 -51.50
N GLN C 683 12.20 5.84 -52.55
CA GLN C 683 13.45 5.15 -52.82
C GLN C 683 13.73 5.12 -54.32
N SER C 695 8.53 2.04 -53.74
CA SER C 695 8.40 3.41 -54.23
C SER C 695 8.18 4.38 -53.08
N GLN C 696 7.66 3.86 -51.97
CA GLN C 696 7.32 4.70 -50.82
C GLN C 696 7.28 3.78 -49.60
N SER C 697 8.25 3.93 -48.69
CA SER C 697 8.36 2.99 -47.58
C SER C 697 9.07 3.66 -46.41
N ILE C 698 9.09 2.92 -45.28
CA ILE C 698 9.70 3.38 -44.04
C ILE C 698 11.17 2.99 -44.05
N ILE C 699 12.04 3.98 -43.82
CA ILE C 699 13.49 3.77 -43.80
C ILE C 699 14.02 4.17 -42.44
N ALA C 700 15.18 3.61 -42.11
CA ALA C 700 15.92 3.94 -40.90
C ALA C 700 17.31 4.45 -41.27
N TYR C 701 17.82 5.40 -40.51
CA TYR C 701 19.08 6.04 -40.86
C TYR C 701 19.73 6.60 -39.59
N THR C 702 20.93 7.13 -39.75
CA THR C 702 21.60 7.91 -38.72
C THR C 702 21.36 9.40 -38.98
N MET C 703 21.33 10.17 -37.90
CA MET C 703 21.05 11.60 -38.02
C MET C 703 22.20 12.35 -38.67
N SER C 704 21.84 13.33 -39.49
CA SER C 704 22.79 14.34 -39.92
C SER C 704 22.69 15.50 -38.94
N LEU C 705 23.82 15.89 -38.36
CA LEU C 705 23.82 16.97 -37.39
C LEU C 705 23.65 18.33 -38.03
N GLY C 706 24.01 18.47 -39.31
CA GLY C 706 23.81 19.72 -40.00
C GLY C 706 24.62 19.75 -41.28
N ALA C 707 24.46 20.85 -42.00
CA ALA C 707 25.23 21.07 -43.22
C ALA C 707 26.68 21.33 -42.87
N GLU C 708 27.58 20.88 -43.75
CA GLU C 708 29.00 20.97 -43.49
C GLU C 708 29.54 22.31 -44.00
N ASN C 709 30.40 22.94 -43.20
CA ASN C 709 30.92 24.26 -43.50
C ASN C 709 32.39 24.30 -43.10
N SER C 710 33.12 25.23 -43.70
CA SER C 710 34.52 25.45 -43.37
C SER C 710 34.82 26.93 -43.61
N VAL C 711 35.00 27.68 -42.53
CA VAL C 711 35.24 29.12 -42.66
C VAL C 711 36.66 29.34 -43.16
N ALA C 712 36.79 30.20 -44.17
CA ALA C 712 38.07 30.46 -44.83
C ALA C 712 38.92 31.38 -43.94
N TYR C 713 39.51 30.79 -42.91
CA TYR C 713 40.30 31.58 -41.98
C TYR C 713 41.68 31.87 -42.56
N SER C 714 42.15 33.10 -42.35
CA SER C 714 43.49 33.53 -42.74
C SER C 714 43.93 34.59 -41.74
N ASN C 715 45.22 34.86 -41.69
CA ASN C 715 45.65 35.84 -40.70
C ASN C 715 45.53 37.27 -41.21
N ASN C 716 45.17 37.47 -42.48
CA ASN C 716 45.09 38.82 -43.01
C ASN C 716 43.84 39.04 -43.87
N SER C 717 42.75 38.34 -43.58
CA SER C 717 41.52 38.43 -44.36
C SER C 717 40.33 38.59 -43.43
N ILE C 718 39.34 39.36 -43.88
CA ILE C 718 38.12 39.61 -43.12
C ILE C 718 36.92 39.50 -44.06
N ALA C 719 35.74 39.30 -43.48
CA ALA C 719 34.48 39.35 -44.21
C ALA C 719 33.58 40.39 -43.55
N ILE C 720 33.01 41.27 -44.36
CA ILE C 720 32.24 42.40 -43.84
C ILE C 720 30.89 42.47 -44.57
N PRO C 721 29.77 42.57 -43.87
CA PRO C 721 28.48 42.62 -44.56
C PRO C 721 28.19 43.98 -45.21
N THR C 722 27.48 43.90 -46.33
CA THR C 722 27.10 45.05 -47.15
C THR C 722 25.60 45.28 -47.21
N ASN C 723 24.79 44.41 -46.62
CA ASN C 723 23.35 44.38 -46.81
C ASN C 723 22.77 43.74 -45.57
N PHE C 724 21.52 44.08 -45.26
CA PHE C 724 20.91 43.51 -44.07
C PHE C 724 19.52 42.99 -44.39
N THR C 725 18.91 42.35 -43.40
CA THR C 725 17.50 42.03 -43.46
C THR C 725 16.93 42.04 -42.06
N ILE C 726 15.62 42.27 -41.98
CA ILE C 726 14.89 42.42 -40.75
C ILE C 726 14.07 41.16 -40.53
N SER C 727 14.24 40.51 -39.37
CA SER C 727 13.62 39.22 -39.11
C SER C 727 12.68 39.33 -37.91
N VAL C 728 11.46 38.81 -38.06
CA VAL C 728 10.50 38.74 -36.98
C VAL C 728 10.23 37.28 -36.68
N THR C 729 10.50 36.86 -35.44
CA THR C 729 10.28 35.50 -34.99
C THR C 729 9.30 35.50 -33.82
N THR C 730 8.77 34.31 -33.49
CA THR C 730 7.79 34.15 -32.43
C THR C 730 8.33 33.24 -31.35
N GLU C 731 7.98 33.56 -30.10
CA GLU C 731 8.31 32.71 -28.96
C GLU C 731 7.07 32.59 -28.08
N ILE C 732 6.69 31.36 -27.75
CA ILE C 732 5.43 31.06 -27.08
C ILE C 732 5.74 30.53 -25.68
N LEU C 733 5.12 31.14 -24.67
CA LEU C 733 5.35 30.71 -23.30
C LEU C 733 4.03 30.55 -22.55
N PRO C 734 3.89 29.47 -21.76
CA PRO C 734 2.72 29.35 -20.89
C PRO C 734 2.92 30.08 -19.56
N VAL C 735 1.86 30.71 -19.08
CA VAL C 735 1.91 31.57 -17.91
C VAL C 735 1.14 30.97 -16.74
N SER C 736 -0.06 30.47 -17.00
CA SER C 736 -0.92 29.96 -15.93
C SER C 736 -1.64 28.70 -16.40
N MET C 737 -2.14 27.94 -15.44
CA MET C 737 -2.99 26.79 -15.68
C MET C 737 -4.31 26.96 -14.94
N THR C 738 -5.20 25.99 -15.08
CA THR C 738 -6.55 26.12 -14.54
C THR C 738 -6.56 25.92 -13.03
N LYS C 739 -7.52 26.58 -12.39
CA LYS C 739 -7.66 26.54 -10.94
C LYS C 739 -8.78 25.56 -10.60
N THR C 740 -8.45 24.52 -9.84
CA THR C 740 -9.42 23.51 -9.46
C THR C 740 -9.57 23.47 -7.94
N SER C 741 -10.75 23.09 -7.50
CA SER C 741 -11.05 22.89 -6.09
C SER C 741 -11.72 21.53 -5.94
N VAL C 742 -11.33 20.78 -4.92
CA VAL C 742 -11.85 19.45 -4.69
C VAL C 742 -12.51 19.41 -3.31
N ASP C 743 -13.78 19.03 -3.27
CA ASP C 743 -14.44 18.68 -2.02
C ASP C 743 -14.00 17.26 -1.69
N CYS C 744 -13.18 17.12 -0.64
CA CYS C 744 -12.59 15.82 -0.34
C CYS C 744 -13.61 14.86 0.25
N THR C 745 -14.62 15.38 0.96
CA THR C 745 -15.63 14.51 1.54
C THR C 745 -16.54 13.93 0.47
N MET C 746 -17.04 14.76 -0.44
CA MET C 746 -18.02 14.32 -1.43
C MET C 746 -17.42 13.37 -2.47
N TYR C 747 -16.14 13.55 -2.80
CA TYR C 747 -15.46 12.63 -3.71
C TYR C 747 -15.37 11.23 -3.12
N ILE C 748 -14.97 11.13 -1.86
CA ILE C 748 -14.82 9.83 -1.23
C ILE C 748 -16.17 9.28 -0.81
N CYS C 749 -17.01 10.11 -0.22
CA CYS C 749 -18.25 9.67 0.40
C CYS C 749 -19.42 10.05 -0.49
N GLY C 750 -20.18 9.06 -0.94
CA GLY C 750 -21.37 9.33 -1.71
C GLY C 750 -22.53 9.73 -0.81
N ASP C 751 -22.49 11.00 -0.35
CA ASP C 751 -23.36 11.73 0.58
C ASP C 751 -24.00 10.86 1.67
N SER C 752 -23.18 10.04 2.33
CA SER C 752 -23.64 9.14 3.36
C SER C 752 -22.93 9.44 4.66
N THR C 753 -23.64 9.28 5.77
CA THR C 753 -23.13 9.64 7.09
C THR C 753 -22.13 8.60 7.60
N GLU C 754 -22.38 7.31 7.31
CA GLU C 754 -21.52 6.24 7.82
C GLU C 754 -20.13 6.28 7.21
N CYS C 755 -20.05 6.55 5.91
CA CYS C 755 -18.75 6.64 5.25
C CYS C 755 -17.97 7.86 5.72
N SER C 756 -18.67 8.97 6.00
CA SER C 756 -17.99 10.16 6.53
C SER C 756 -17.53 9.95 7.97
N ASN C 757 -18.29 9.20 8.77
CA ASN C 757 -17.88 8.88 10.12
C ASN C 757 -16.67 7.94 10.13
N LEU C 758 -16.59 7.02 9.17
CA LEU C 758 -15.37 6.23 9.01
C LEU C 758 -14.21 7.07 8.48
N LEU C 759 -14.50 8.08 7.66
CA LEU C 759 -13.45 8.89 7.06
C LEU C 759 -12.81 9.82 8.07
N LEU C 760 -13.60 10.35 9.02
CA LEU C 760 -13.08 11.32 9.97
C LEU C 760 -12.11 10.71 10.99
N GLN C 761 -12.01 9.38 11.04
CA GLN C 761 -11.03 8.71 11.89
C GLN C 761 -9.62 8.76 11.32
N TYR C 762 -9.47 9.17 10.07
CA TYR C 762 -8.17 9.17 9.39
C TYR C 762 -7.35 10.41 9.65
N GLY C 763 -7.86 11.36 10.42
CA GLY C 763 -7.08 12.52 10.82
C GLY C 763 -7.47 13.76 10.03
N SER C 764 -6.48 14.51 9.56
CA SER C 764 -6.71 15.77 8.88
C SER C 764 -6.14 15.75 7.47
N PHE C 765 -6.46 14.72 6.71
CA PHE C 765 -6.00 14.65 5.32
C PHE C 765 -6.80 15.57 4.40
N CYS C 766 -7.99 16.01 4.80
CA CYS C 766 -8.80 16.87 3.95
C CYS C 766 -8.21 18.27 3.85
N THR C 767 -7.82 18.83 5.00
CA THR C 767 -7.37 20.22 5.05
C THR C 767 -6.01 20.41 4.38
N GLN C 768 -5.18 19.38 4.36
CA GLN C 768 -3.89 19.46 3.68
C GLN C 768 -4.07 19.63 2.17
N LEU C 769 -4.93 18.79 1.57
CA LEU C 769 -5.22 18.88 0.14
C LEU C 769 -5.93 20.18 -0.19
N LYS C 770 -6.84 20.62 0.69
CA LYS C 770 -7.58 21.86 0.48
C LYS C 770 -6.64 23.07 0.49
N ARG C 771 -5.70 23.10 1.45
CA ARG C 771 -4.71 24.18 1.54
C ARG C 771 -3.78 24.17 0.35
N ALA C 772 -3.36 22.97 -0.10
CA ALA C 772 -2.48 22.87 -1.26
C ALA C 772 -3.15 23.40 -2.53
N LEU C 773 -4.41 23.02 -2.75
CA LEU C 773 -5.12 23.49 -3.94
C LEU C 773 -5.39 24.99 -3.89
N THR C 774 -5.68 25.53 -2.70
CA THR C 774 -5.87 26.97 -2.55
C THR C 774 -4.59 27.73 -2.85
N GLY C 775 -3.45 27.22 -2.37
CA GLY C 775 -2.17 27.85 -2.68
C GLY C 775 -1.83 27.81 -4.15
N ILE C 776 -2.15 26.70 -4.82
CA ILE C 776 -1.96 26.60 -6.26
C ILE C 776 -2.80 27.63 -7.01
N ALA C 777 -4.07 27.81 -6.59
CA ALA C 777 -4.96 28.76 -7.26
C ALA C 777 -4.48 30.21 -7.11
N VAL C 778 -4.06 30.59 -5.89
CA VAL C 778 -3.53 31.93 -5.65
C VAL C 778 -2.24 32.15 -6.44
N GLU C 779 -1.43 31.09 -6.56
CA GLU C 779 -0.21 31.13 -7.36
C GLU C 779 -0.51 31.39 -8.83
N GLN C 780 -1.57 30.76 -9.36
CA GLN C 780 -1.89 30.93 -10.78
C GLN C 780 -2.44 32.32 -11.07
N ASP C 781 -3.15 32.93 -10.12
CA ASP C 781 -3.52 34.34 -10.31
C ASP C 781 -2.29 35.25 -10.26
N LYS C 782 -1.36 34.97 -9.34
CA LYS C 782 -0.17 35.79 -9.18
C LYS C 782 0.74 35.72 -10.40
N ASN C 783 0.79 34.57 -11.09
CA ASN C 783 1.62 34.43 -12.30
C ASN C 783 1.18 35.39 -13.40
N THR C 784 -0.12 35.43 -13.67
CA THR C 784 -0.68 36.31 -14.70
C THR C 784 -0.51 37.77 -14.30
N GLN C 785 -0.70 38.09 -13.00
CA GLN C 785 -0.52 39.46 -12.54
C GLN C 785 0.93 39.92 -12.69
N GLU C 786 1.90 39.06 -12.38
CA GLU C 786 3.31 39.44 -12.52
C GLU C 786 3.73 39.57 -13.98
N VAL C 787 3.17 38.74 -14.88
CA VAL C 787 3.57 38.83 -16.28
C VAL C 787 2.96 40.07 -16.95
N PHE C 788 1.65 40.26 -16.82
CA PHE C 788 1.01 41.25 -17.69
C PHE C 788 0.90 42.63 -17.07
N ALA C 789 0.63 42.74 -15.76
CA ALA C 789 0.45 44.05 -15.12
C ALA C 789 1.81 44.66 -14.81
N GLN C 790 2.37 45.33 -15.83
CA GLN C 790 3.65 46.01 -15.69
C GLN C 790 3.62 47.44 -16.17
N VAL C 791 2.44 48.01 -16.40
CA VAL C 791 2.30 49.42 -16.77
C VAL C 791 1.49 50.12 -15.69
N LYS C 792 1.88 51.35 -15.39
CA LYS C 792 1.13 52.16 -14.45
C LYS C 792 -0.15 52.69 -15.08
N GLN C 793 -0.08 53.13 -16.33
CA GLN C 793 -1.19 53.81 -17.00
C GLN C 793 -1.53 53.09 -18.29
N ILE C 794 -2.78 53.30 -18.74
CA ILE C 794 -3.30 52.68 -19.95
C ILE C 794 -3.06 53.65 -21.10
N TYR C 795 -2.05 53.36 -21.92
CA TYR C 795 -1.67 54.23 -23.02
C TYR C 795 -2.52 53.95 -24.25
N LYS C 796 -2.70 54.99 -25.08
CA LYS C 796 -3.45 54.88 -26.32
C LYS C 796 -2.66 55.47 -27.47
N THR C 797 -2.81 54.87 -28.64
CA THR C 797 -2.25 55.34 -29.89
C THR C 797 -3.05 56.52 -30.43
N PRO C 798 -2.42 57.44 -31.18
CA PRO C 798 -3.18 58.52 -31.80
C PRO C 798 -4.08 57.99 -32.89
N PRO C 799 -5.19 58.69 -33.19
CA PRO C 799 -6.17 58.13 -34.15
C PRO C 799 -5.69 58.08 -35.58
N ILE C 800 -4.79 58.96 -36.00
CA ILE C 800 -4.20 58.88 -37.33
C ILE C 800 -2.93 58.06 -37.19
N LYS C 801 -2.94 56.86 -37.78
CA LYS C 801 -1.93 55.84 -37.52
C LYS C 801 -0.92 55.83 -38.67
N TYR C 802 0.03 56.77 -38.62
CA TYR C 802 1.13 56.82 -39.57
C TYR C 802 2.42 56.87 -38.76
N PHE C 803 3.22 55.81 -38.83
CA PHE C 803 4.41 55.66 -37.99
C PHE C 803 5.67 55.58 -38.83
N GLY C 804 5.77 56.44 -39.85
CA GLY C 804 6.96 56.48 -40.68
C GLY C 804 7.04 55.43 -41.75
N GLY C 805 5.92 54.82 -42.13
CA GLY C 805 5.90 53.76 -43.10
C GLY C 805 5.76 52.37 -42.51
N PHE C 806 5.82 52.25 -41.20
CA PHE C 806 5.64 50.97 -40.52
C PHE C 806 4.15 50.77 -40.24
N ASN C 807 3.67 49.54 -40.48
CA ASN C 807 2.25 49.22 -40.47
C ASN C 807 2.03 48.19 -39.38
N PHE C 808 1.49 48.62 -38.25
CA PHE C 808 1.20 47.75 -37.10
C PHE C 808 -0.26 47.34 -37.04
N SER C 809 -0.93 47.21 -38.19
CA SER C 809 -2.38 46.97 -38.20
C SER C 809 -2.74 45.57 -37.70
N GLN C 810 -1.89 44.59 -37.95
CA GLN C 810 -2.11 43.22 -37.48
C GLN C 810 -1.67 43.03 -36.05
N ILE C 811 -1.09 44.05 -35.42
CA ILE C 811 -0.64 44.00 -34.04
C ILE C 811 -1.54 44.82 -33.12
N LEU C 812 -1.96 46.00 -33.58
CA LEU C 812 -2.87 46.84 -32.82
C LEU C 812 -4.29 46.27 -32.89
N PRO C 813 -5.11 46.48 -31.86
CA PRO C 813 -6.50 46.02 -31.93
C PRO C 813 -7.34 46.86 -32.88
N ASP C 814 -8.38 46.22 -33.44
CA ASP C 814 -9.28 46.93 -34.34
C ASP C 814 -10.65 47.12 -33.70
N PRO C 815 -11.33 48.24 -33.96
CA PRO C 815 -12.62 48.50 -33.32
C PRO C 815 -13.83 47.94 -34.04
N SER C 816 -13.66 47.23 -35.17
CA SER C 816 -14.80 46.66 -35.86
C SER C 816 -15.38 45.47 -35.11
N LYS C 817 -14.52 44.63 -34.57
CA LYS C 817 -14.88 43.44 -33.82
C LYS C 817 -15.29 43.80 -32.39
N PRO C 818 -16.21 43.04 -31.78
CA PRO C 818 -16.66 43.42 -30.42
C PRO C 818 -15.61 43.17 -29.35
N SER C 819 -14.75 42.18 -29.52
CA SER C 819 -13.59 42.01 -28.67
C SER C 819 -12.45 42.85 -29.24
N LYS C 820 -11.81 43.66 -28.40
CA LYS C 820 -10.78 44.59 -28.85
C LYS C 820 -9.44 43.86 -28.92
N ARG C 821 -9.36 42.92 -29.86
CA ARG C 821 -8.20 42.06 -30.04
C ARG C 821 -7.64 42.24 -31.44
N SER C 822 -6.33 42.05 -31.56
CA SER C 822 -5.66 42.10 -32.84
C SER C 822 -6.06 40.88 -33.68
N PRO C 823 -5.88 40.94 -35.01
CA PRO C 823 -6.08 39.72 -35.81
C PRO C 823 -5.21 38.54 -35.41
N ILE C 824 -3.95 38.79 -35.06
CA ILE C 824 -3.05 37.72 -34.63
C ILE C 824 -3.54 37.09 -33.33
N GLU C 825 -4.06 37.91 -32.41
CA GLU C 825 -4.67 37.38 -31.20
C GLU C 825 -5.93 36.57 -31.48
N ASP C 826 -6.64 36.87 -32.57
CA ASP C 826 -7.80 36.04 -32.92
C ASP C 826 -7.38 34.70 -33.50
N LEU C 827 -6.30 34.65 -34.30
CA LEU C 827 -5.76 33.35 -34.69
C LEU C 827 -5.25 32.56 -33.48
N LEU C 828 -4.65 33.25 -32.50
CA LEU C 828 -4.18 32.55 -31.31
C LEU C 828 -5.35 32.04 -30.45
N PHE C 829 -6.44 32.79 -30.41
CA PHE C 829 -7.62 32.37 -29.65
C PHE C 829 -8.34 31.22 -30.34
N ASN C 830 -8.47 31.29 -31.67
CA ASN C 830 -9.21 30.26 -32.39
C ASN C 830 -8.41 28.98 -32.56
N LYS C 831 -7.09 29.07 -32.68
CA LYS C 831 -6.28 27.89 -32.93
C LYS C 831 -6.20 26.98 -31.70
N VAL C 832 -6.16 27.56 -30.51
CA VAL C 832 -6.12 26.76 -29.28
C VAL C 832 -7.54 26.31 -28.96
N THR C 833 -7.79 25.02 -29.13
CA THR C 833 -9.10 24.43 -28.89
C THR C 833 -9.18 24.02 -27.42
N LEU C 834 -9.98 24.75 -26.66
CA LEU C 834 -10.12 24.52 -25.22
C LEU C 834 -10.92 23.25 -24.94
N LEU C 855 -20.05 17.52 -22.54
CA LEU C 855 -20.31 16.24 -21.89
C LEU C 855 -19.18 15.87 -20.93
N ILE C 856 -17.96 16.31 -21.27
CA ILE C 856 -16.82 16.08 -20.39
C ILE C 856 -16.92 16.95 -19.14
N CYS C 857 -17.31 18.22 -19.31
CA CYS C 857 -17.48 19.14 -18.19
C CYS C 857 -18.77 18.89 -17.42
N ALA C 858 -19.65 18.01 -17.89
CA ALA C 858 -20.83 17.60 -17.14
C ALA C 858 -20.55 16.44 -16.20
N GLN C 859 -19.31 15.98 -16.14
CA GLN C 859 -18.92 14.84 -15.30
C GLN C 859 -17.98 15.25 -14.17
N LYS C 860 -17.80 16.54 -13.95
CA LYS C 860 -17.12 17.07 -12.77
C LYS C 860 -18.04 17.15 -11.55
N PHE C 861 -19.21 16.54 -11.62
CA PHE C 861 -20.25 16.62 -10.61
C PHE C 861 -20.03 15.63 -9.45
N ASN C 862 -18.79 15.21 -9.22
CA ASN C 862 -18.44 14.34 -8.10
C ASN C 862 -17.58 15.06 -7.06
N GLY C 863 -17.83 16.34 -6.84
CA GLY C 863 -17.12 17.11 -5.83
C GLY C 863 -16.00 17.99 -6.33
N LEU C 864 -15.84 18.13 -7.64
CA LEU C 864 -14.77 18.92 -8.22
C LEU C 864 -15.35 20.16 -8.88
N THR C 865 -14.67 21.30 -8.73
CA THR C 865 -15.07 22.55 -9.36
C THR C 865 -13.86 23.20 -10.03
N VAL C 866 -14.13 24.00 -11.04
CA VAL C 866 -13.11 24.78 -11.74
C VAL C 866 -13.40 26.25 -11.49
N LEU C 867 -12.43 26.96 -10.93
CA LEU C 867 -12.52 28.36 -10.52
C LEU C 867 -12.17 29.29 -11.69
N PRO C 868 -12.87 30.39 -11.85
CA PRO C 868 -12.55 31.33 -12.95
C PRO C 868 -11.37 32.22 -12.59
N PRO C 869 -10.55 32.59 -13.57
CA PRO C 869 -9.42 33.47 -13.27
C PRO C 869 -9.85 34.88 -12.95
N LEU C 870 -8.97 35.59 -12.23
CA LEU C 870 -9.29 36.94 -11.77
C LEU C 870 -9.30 37.93 -12.92
N LEU C 871 -8.36 37.83 -13.84
CA LEU C 871 -8.30 38.71 -15.00
C LEU C 871 -8.94 38.03 -16.18
N THR C 872 -9.94 38.68 -16.77
CA THR C 872 -10.58 38.15 -17.97
C THR C 872 -9.68 38.38 -19.18
N ASP C 873 -10.11 37.84 -20.33
CA ASP C 873 -9.32 37.98 -21.55
C ASP C 873 -9.32 39.41 -22.08
N GLU C 874 -10.40 40.15 -21.83
CA GLU C 874 -10.46 41.55 -22.24
C GLU C 874 -9.47 42.40 -21.45
N MET C 875 -9.29 42.09 -20.16
CA MET C 875 -8.35 42.83 -19.32
C MET C 875 -6.91 42.57 -19.73
N ILE C 876 -6.60 41.31 -20.08
CA ILE C 876 -5.26 40.95 -20.54
C ILE C 876 -4.99 41.58 -21.90
N ALA C 877 -6.01 41.64 -22.77
CA ALA C 877 -5.87 42.34 -24.04
C ALA C 877 -5.68 43.83 -23.86
N GLN C 878 -6.30 44.43 -22.84
CA GLN C 878 -6.08 45.85 -22.54
C GLN C 878 -4.66 46.11 -22.05
N TYR C 879 -4.12 45.22 -21.20
CA TYR C 879 -2.72 45.27 -20.84
C TYR C 879 -1.79 45.18 -22.05
N THR C 880 -2.08 44.26 -22.96
CA THR C 880 -1.26 44.08 -24.16
C THR C 880 -1.30 45.32 -25.05
N SER C 881 -2.49 45.91 -25.22
CA SER C 881 -2.62 47.10 -26.05
C SER C 881 -1.95 48.31 -25.41
N ALA C 882 -1.99 48.41 -24.08
CA ALA C 882 -1.28 49.49 -23.38
C ALA C 882 0.23 49.34 -23.54
N LEU C 883 0.74 48.11 -23.46
CA LEU C 883 2.16 47.85 -23.69
C LEU C 883 2.57 48.20 -25.11
N LEU C 884 1.75 47.85 -26.10
CA LEU C 884 2.06 48.15 -27.49
C LEU C 884 2.01 49.65 -27.78
N ALA C 885 1.01 50.35 -27.25
CA ALA C 885 0.92 51.79 -27.44
C ALA C 885 2.08 52.52 -26.78
N GLY C 886 2.48 52.08 -25.57
CA GLY C 886 3.62 52.67 -24.91
C GLY C 886 4.93 52.40 -25.64
N THR C 887 5.08 51.21 -26.23
CA THR C 887 6.34 50.92 -26.89
C THR C 887 6.41 51.45 -28.32
N ILE C 888 5.31 51.85 -28.95
CA ILE C 888 5.40 52.46 -30.27
C ILE C 888 5.17 53.97 -30.26
N THR C 889 4.75 54.56 -29.14
CA THR C 889 4.65 56.02 -29.09
C THR C 889 5.72 56.69 -28.23
N SER C 890 6.44 55.94 -27.39
CA SER C 890 7.37 56.57 -26.48
C SER C 890 8.71 55.86 -26.35
N GLY C 891 8.92 54.72 -27.01
CA GLY C 891 10.19 54.03 -26.91
C GLY C 891 10.31 53.20 -25.64
N TRP C 892 11.52 53.14 -25.10
CA TRP C 892 11.77 52.48 -23.83
C TRP C 892 11.65 53.43 -22.65
N THR C 893 11.20 54.66 -22.88
CA THR C 893 11.20 55.68 -21.84
C THR C 893 10.07 55.47 -20.83
N PHE C 894 9.00 54.79 -21.21
CA PHE C 894 7.87 54.59 -20.31
C PHE C 894 8.11 53.48 -19.30
N GLY C 895 9.14 52.65 -19.49
CA GLY C 895 9.47 51.63 -18.53
C GLY C 895 10.36 52.07 -17.39
N ALA C 896 10.85 53.31 -17.43
CA ALA C 896 11.71 53.85 -16.40
C ALA C 896 11.05 54.99 -15.63
N GLY C 897 10.50 55.97 -16.32
CA GLY C 897 9.81 57.06 -15.67
C GLY C 897 8.56 57.46 -16.43
N PRO C 898 8.40 58.77 -16.69
CA PRO C 898 7.27 59.21 -17.51
C PRO C 898 7.48 58.89 -18.98
N ALA C 899 6.38 58.74 -19.70
CA ALA C 899 6.44 58.45 -21.12
C ALA C 899 6.82 59.71 -21.89
N LEU C 900 7.87 59.61 -22.70
CA LEU C 900 8.39 60.73 -23.48
C LEU C 900 8.25 60.38 -24.95
N GLN C 901 7.48 61.18 -25.69
CA GLN C 901 7.22 60.83 -27.09
C GLN C 901 8.45 61.09 -27.96
N ILE C 902 8.54 60.33 -29.05
CA ILE C 902 9.63 60.41 -30.02
C ILE C 902 9.04 59.90 -31.33
N PRO C 903 9.42 60.46 -32.48
CA PRO C 903 9.01 59.85 -33.76
C PRO C 903 9.61 58.47 -33.92
N PHE C 904 8.84 57.59 -34.57
CA PHE C 904 9.26 56.20 -34.73
C PHE C 904 10.54 55.98 -35.55
N PRO C 905 10.83 56.69 -36.65
CA PRO C 905 12.19 56.58 -37.23
C PRO C 905 13.30 57.03 -36.30
N MET C 906 13.09 58.01 -35.41
CA MET C 906 14.15 58.36 -34.48
C MET C 906 14.32 57.30 -33.39
N GLN C 907 13.23 56.64 -32.99
CA GLN C 907 13.32 55.47 -32.13
C GLN C 907 14.11 54.34 -32.79
N MET C 908 13.84 54.07 -34.07
CA MET C 908 14.59 53.05 -34.78
C MET C 908 16.04 53.46 -35.00
N ALA C 909 16.33 54.76 -35.07
CA ALA C 909 17.72 55.20 -35.18
C ALA C 909 18.47 55.00 -33.87
N TYR C 910 17.79 55.25 -32.74
CA TYR C 910 18.31 54.89 -31.42
C TYR C 910 18.63 53.40 -31.35
N ARG C 911 17.70 52.57 -31.83
CA ARG C 911 17.89 51.14 -31.75
C ARG C 911 18.92 50.62 -32.74
N PHE C 912 19.14 51.34 -33.85
CA PHE C 912 20.25 51.03 -34.74
C PHE C 912 21.59 51.37 -34.09
N ASN C 913 21.66 52.51 -33.40
CA ASN C 913 22.86 52.83 -32.62
C ASN C 913 23.09 51.88 -31.46
N GLY C 914 22.03 51.21 -30.99
CA GLY C 914 22.16 50.25 -29.91
C GLY C 914 22.99 49.01 -30.22
N ILE C 915 23.20 48.70 -31.50
CA ILE C 915 24.03 47.53 -31.83
C ILE C 915 25.43 47.90 -32.30
N GLY C 916 25.65 49.12 -32.77
CA GLY C 916 26.93 49.47 -33.36
C GLY C 916 26.85 49.82 -34.83
N VAL C 917 25.67 50.22 -35.28
CA VAL C 917 25.45 50.72 -36.64
C VAL C 917 25.00 52.17 -36.52
N THR C 918 25.62 53.05 -37.30
CA THR C 918 25.29 54.47 -37.25
C THR C 918 23.87 54.73 -37.74
N GLN C 919 23.28 55.82 -37.27
CA GLN C 919 21.88 56.10 -37.55
C GLN C 919 21.64 56.54 -38.99
N ASN C 920 22.67 57.05 -39.67
CA ASN C 920 22.53 57.42 -41.08
C ASN C 920 22.29 56.21 -41.99
N VAL C 921 22.61 55.00 -41.52
CA VAL C 921 22.24 53.79 -42.25
C VAL C 921 20.72 53.64 -42.29
N LEU C 922 20.04 54.02 -41.20
CA LEU C 922 18.58 53.96 -41.17
C LEU C 922 17.95 54.96 -42.13
N TYR C 923 18.33 56.25 -42.01
CA TYR C 923 17.63 57.32 -42.71
C TYR C 923 17.82 57.27 -44.21
N GLU C 924 18.89 56.63 -44.68
CA GLU C 924 19.12 56.45 -46.10
C GLU C 924 18.49 55.17 -46.64
N ASN C 925 17.96 54.31 -45.77
CA ASN C 925 17.37 53.04 -46.17
C ASN C 925 15.97 52.84 -45.63
N GLN C 926 15.36 53.91 -45.07
CA GLN C 926 14.16 53.85 -44.23
C GLN C 926 13.01 53.09 -44.88
N LYS C 927 12.66 53.51 -46.10
CA LYS C 927 11.59 52.89 -46.89
C LYS C 927 11.80 51.39 -47.04
N LEU C 928 13.01 51.00 -47.46
CA LEU C 928 13.34 49.59 -47.64
C LEU C 928 13.20 48.83 -46.34
N ILE C 929 13.69 49.44 -45.24
CA ILE C 929 13.63 48.81 -43.93
C ILE C 929 12.20 48.62 -43.51
N ALA C 930 11.37 49.65 -43.75
CA ALA C 930 9.95 49.58 -43.42
C ALA C 930 9.27 48.48 -44.20
N ASN C 931 9.62 48.37 -45.48
CA ASN C 931 9.02 47.34 -46.34
C ASN C 931 9.36 45.96 -45.82
N GLN C 932 10.63 45.77 -45.40
CA GLN C 932 11.07 44.48 -44.88
C GLN C 932 10.29 44.10 -43.64
N PHE C 933 10.09 45.09 -42.74
CA PHE C 933 9.36 44.85 -41.51
C PHE C 933 7.94 44.41 -41.81
N ASN C 934 7.29 45.11 -42.76
CA ASN C 934 5.90 44.82 -43.08
C ASN C 934 5.78 43.41 -43.64
N SER C 935 6.74 43.04 -44.49
CA SER C 935 6.71 41.72 -45.12
C SER C 935 6.83 40.63 -44.08
N ALA C 936 7.70 40.85 -43.08
CA ALA C 936 7.92 39.85 -42.04
C ALA C 936 6.66 39.63 -41.22
N ILE C 937 5.93 40.72 -40.94
CA ILE C 937 4.71 40.62 -40.14
C ILE C 937 3.67 39.82 -40.90
N GLY C 938 3.61 40.00 -42.23
CA GLY C 938 2.67 39.26 -43.03
C GLY C 938 2.95 37.77 -42.99
N LYS C 939 4.24 37.40 -42.98
CA LYS C 939 4.60 35.99 -42.95
C LYS C 939 4.20 35.35 -41.64
N ILE C 940 4.22 36.13 -40.54
CA ILE C 940 3.80 35.62 -39.24
C ILE C 940 2.35 35.19 -39.30
N GLN C 941 1.52 35.99 -39.99
CA GLN C 941 0.09 35.72 -40.01
C GLN C 941 -0.27 34.47 -40.82
N ASP C 942 0.66 33.95 -41.62
CA ASP C 942 0.35 32.65 -42.21
C ASP C 942 1.08 31.51 -41.55
N SER C 943 2.20 31.78 -40.86
CA SER C 943 3.06 30.72 -40.37
C SER C 943 2.37 29.90 -39.28
N LEU C 944 1.84 30.59 -38.27
CA LEU C 944 0.99 29.95 -37.27
C LEU C 944 -0.29 29.40 -37.87
N PHE C 945 -0.74 29.95 -39.01
CA PHE C 945 -1.89 29.39 -39.70
C PHE C 945 -1.50 28.14 -40.49
N SER C 946 -0.25 28.05 -40.94
CA SER C 946 0.13 26.93 -41.79
C SER C 946 0.49 25.70 -40.96
N THR C 947 1.29 25.88 -39.93
CA THR C 947 1.69 24.77 -39.07
C THR C 947 0.70 24.67 -37.90
N PRO C 948 0.04 23.52 -37.72
CA PRO C 948 -0.87 23.36 -36.59
C PRO C 948 -0.22 22.89 -35.30
N SER C 949 1.09 22.68 -35.29
CA SER C 949 1.82 22.27 -34.11
C SER C 949 2.66 23.39 -33.52
N ALA C 950 2.40 24.64 -33.91
CA ALA C 950 3.18 25.77 -33.40
C ALA C 950 2.83 26.09 -31.95
N LEU C 951 1.53 26.10 -31.62
CA LEU C 951 1.06 26.36 -30.26
C LEU C 951 0.92 25.06 -29.48
N GLY C 952 2.05 24.35 -29.36
CA GLY C 952 2.04 23.07 -28.70
C GLY C 952 2.02 23.13 -27.20
N LYS C 953 2.62 24.17 -26.60
CA LYS C 953 2.79 24.22 -25.15
C LYS C 953 1.47 24.50 -24.44
N LEU C 954 0.69 25.45 -24.94
CA LEU C 954 -0.60 25.77 -24.34
C LEU C 954 -1.58 24.62 -24.49
N GLN C 955 -1.57 23.96 -25.65
CA GLN C 955 -2.39 22.77 -25.84
C GLN C 955 -1.94 21.63 -24.95
N ASP C 956 -0.64 21.50 -24.69
CA ASP C 956 -0.16 20.51 -23.72
C ASP C 956 -0.67 20.80 -22.33
N VAL C 957 -0.73 22.08 -21.94
CA VAL C 957 -1.25 22.46 -20.63
C VAL C 957 -2.72 22.08 -20.51
N VAL C 958 -3.52 22.38 -21.55
CA VAL C 958 -4.94 22.05 -21.57
C VAL C 958 -5.15 20.53 -21.51
N ASN C 959 -4.36 19.78 -22.30
CA ASN C 959 -4.51 18.33 -22.35
C ASN C 959 -4.09 17.66 -21.04
N HIS C 960 -3.03 18.17 -20.40
CA HIS C 960 -2.62 17.60 -19.11
C HIS C 960 -3.67 17.84 -18.04
N ASN C 961 -4.27 19.04 -18.01
CA ASN C 961 -5.33 19.30 -17.03
C ASN C 961 -6.54 18.41 -17.28
N ALA C 962 -6.94 18.27 -18.55
CA ALA C 962 -8.12 17.47 -18.90
C ALA C 962 -7.90 16.00 -18.58
N GLN C 963 -6.71 15.46 -18.87
CA GLN C 963 -6.48 14.05 -18.60
C GLN C 963 -6.30 13.77 -17.11
N ALA C 964 -5.78 14.74 -16.34
CA ALA C 964 -5.70 14.55 -14.90
C ALA C 964 -7.08 14.52 -14.26
N LEU C 965 -7.97 15.45 -14.66
CA LEU C 965 -9.32 15.44 -14.14
C LEU C 965 -10.11 14.21 -14.58
N ASN C 966 -9.91 13.78 -15.83
CA ASN C 966 -10.60 12.58 -16.32
C ASN C 966 -10.13 11.32 -15.60
N THR C 967 -8.82 11.23 -15.31
CA THR C 967 -8.30 10.11 -14.55
C THR C 967 -8.85 10.10 -13.12
N LEU C 968 -8.95 11.28 -12.50
CA LEU C 968 -9.48 11.38 -11.14
C LEU C 968 -10.96 10.98 -11.08
N VAL C 969 -11.75 11.37 -12.09
CA VAL C 969 -13.16 10.99 -12.08
C VAL C 969 -13.33 9.51 -12.42
N LYS C 970 -12.54 9.00 -13.38
CA LYS C 970 -12.68 7.60 -13.80
C LYS C 970 -12.20 6.63 -12.72
N GLN C 971 -11.28 7.08 -11.85
CA GLN C 971 -10.78 6.24 -10.76
C GLN C 971 -11.85 5.95 -9.70
N LEU C 972 -12.94 6.72 -9.69
CA LEU C 972 -14.01 6.58 -8.72
C LEU C 972 -14.87 5.33 -8.93
N SER C 973 -14.72 4.63 -10.06
CA SER C 973 -15.58 3.51 -10.42
C SER C 973 -14.88 2.17 -10.30
N SER C 974 -13.83 2.07 -9.50
CA SER C 974 -13.13 0.82 -9.26
C SER C 974 -13.42 0.32 -7.84
N LYS C 975 -13.17 -0.97 -7.63
CA LYS C 975 -13.63 -1.65 -6.42
C LYS C 975 -12.63 -1.64 -5.29
N PHE C 976 -11.32 -1.68 -5.62
CA PHE C 976 -10.22 -1.75 -4.64
C PHE C 976 -10.34 -2.96 -3.71
N GLY C 977 -10.86 -4.06 -4.24
CA GLY C 977 -11.03 -5.27 -3.44
C GLY C 977 -12.31 -5.38 -2.66
N ALA C 978 -13.34 -4.61 -3.01
CA ALA C 978 -14.62 -4.66 -2.33
C ALA C 978 -15.63 -5.41 -3.20
N ILE C 979 -16.85 -5.57 -2.67
CA ILE C 979 -17.89 -6.29 -3.42
C ILE C 979 -18.41 -5.45 -4.58
N SER C 980 -18.45 -4.13 -4.43
CA SER C 980 -18.92 -3.25 -5.50
C SER C 980 -18.30 -1.87 -5.28
N SER C 981 -18.28 -1.09 -6.36
CA SER C 981 -17.78 0.27 -6.31
C SER C 981 -18.85 1.28 -5.93
N VAL C 982 -20.12 0.88 -5.88
CA VAL C 982 -21.21 1.77 -5.53
C VAL C 982 -21.44 1.68 -4.04
N LEU C 983 -21.42 2.84 -3.37
CA LEU C 983 -21.46 2.86 -1.92
C LEU C 983 -22.87 2.57 -1.39
N ASN C 984 -23.90 3.09 -2.08
CA ASN C 984 -25.28 2.85 -1.67
C ASN C 984 -25.68 1.39 -1.84
N ASP C 985 -25.08 0.69 -2.81
CA ASP C 985 -25.30 -0.75 -2.94
C ASP C 985 -24.70 -1.51 -1.76
N ILE C 986 -23.54 -1.06 -1.28
CA ILE C 986 -22.91 -1.70 -0.12
C ILE C 986 -23.76 -1.47 1.13
N LEU C 987 -24.28 -0.25 1.31
CA LEU C 987 -25.11 0.02 2.48
C LEU C 987 -26.47 -0.69 2.43
N SER C 988 -27.00 -0.96 1.23
CA SER C 988 -28.32 -1.55 1.10
C SER C 988 -28.30 -3.06 0.92
N ARG C 989 -27.17 -3.72 1.18
CA ARG C 989 -27.08 -5.16 1.03
C ARG C 989 -26.55 -5.85 2.28
N LEU C 990 -25.72 -5.16 3.06
CA LEU C 990 -25.01 -5.79 4.16
C LEU C 990 -25.34 -5.13 5.49
N ASP C 991 -25.17 -5.91 6.56
CA ASP C 991 -25.25 -5.37 7.91
C ASP C 991 -24.05 -4.47 8.18
N PRO C 992 -24.20 -3.50 9.09
CA PRO C 992 -23.12 -2.50 9.35
C PRO C 992 -21.76 -3.08 9.77
N PRO C 993 -21.65 -4.16 10.58
CA PRO C 993 -20.29 -4.67 10.88
C PRO C 993 -19.51 -5.18 9.67
N GLU C 994 -20.18 -5.71 8.65
CA GLU C 994 -19.51 -6.05 7.41
C GLU C 994 -19.49 -4.89 6.42
N ALA C 995 -20.45 -3.97 6.55
CA ALA C 995 -20.50 -2.81 5.68
C ALA C 995 -19.29 -1.90 5.90
N GLU C 996 -18.88 -1.68 7.16
CA GLU C 996 -17.70 -0.86 7.41
C GLU C 996 -16.43 -1.48 6.84
N VAL C 997 -16.32 -2.81 6.92
CA VAL C 997 -15.20 -3.53 6.34
C VAL C 997 -15.17 -3.36 4.83
N GLN C 998 -16.34 -3.37 4.19
CA GLN C 998 -16.40 -3.16 2.75
C GLN C 998 -16.10 -1.70 2.38
N ILE C 999 -16.50 -0.75 3.22
CA ILE C 999 -16.31 0.68 2.93
C ILE C 999 -14.84 1.10 3.05
N ASP C 1000 -14.11 0.52 4.02
CA ASP C 1000 -12.74 0.96 4.30
C ASP C 1000 -11.78 0.80 3.11
N ARG C 1001 -11.98 -0.23 2.28
CA ARG C 1001 -11.16 -0.42 1.10
C ARG C 1001 -11.38 0.70 0.08
N LEU C 1002 -12.64 1.09 -0.12
CA LEU C 1002 -12.96 2.22 -0.98
C LEU C 1002 -12.38 3.51 -0.44
N ILE C 1003 -12.43 3.70 0.89
CA ILE C 1003 -11.90 4.91 1.50
C ILE C 1003 -10.39 5.03 1.27
N THR C 1004 -9.66 3.92 1.47
CA THR C 1004 -8.21 3.94 1.25
C THR C 1004 -7.86 4.18 -0.22
N GLY C 1005 -8.59 3.55 -1.14
CA GLY C 1005 -8.32 3.76 -2.56
C GLY C 1005 -8.57 5.19 -3.02
N ARG C 1006 -9.66 5.79 -2.55
CA ARG C 1006 -9.98 7.16 -2.97
C ARG C 1006 -9.06 8.18 -2.32
N LEU C 1007 -8.63 7.96 -1.07
CA LEU C 1007 -7.59 8.80 -0.48
C LEU C 1007 -6.28 8.72 -1.26
N GLN C 1008 -5.89 7.51 -1.69
CA GLN C 1008 -4.64 7.37 -2.44
C GLN C 1008 -4.70 8.09 -3.78
N SER C 1009 -5.85 7.97 -4.47
CA SER C 1009 -6.01 8.66 -5.76
C SER C 1009 -5.99 10.19 -5.59
N LEU C 1010 -6.64 10.69 -4.52
CA LEU C 1010 -6.62 12.13 -4.27
C LEU C 1010 -5.23 12.65 -3.95
N GLN C 1011 -4.45 11.90 -3.15
CA GLN C 1011 -3.10 12.35 -2.81
C GLN C 1011 -2.17 12.34 -4.01
N THR C 1012 -2.28 11.34 -4.89
CA THR C 1012 -1.49 11.35 -6.12
C THR C 1012 -1.86 12.53 -7.02
N TYR C 1013 -3.16 12.85 -7.10
CA TYR C 1013 -3.60 14.00 -7.90
C TYR C 1013 -3.04 15.32 -7.36
N VAL C 1014 -3.07 15.49 -6.03
CA VAL C 1014 -2.59 16.74 -5.44
C VAL C 1014 -1.08 16.88 -5.59
N THR C 1015 -0.33 15.78 -5.43
CA THR C 1015 1.13 15.82 -5.59
C THR C 1015 1.52 16.17 -7.03
N GLN C 1016 0.86 15.55 -8.01
CA GLN C 1016 1.18 15.83 -9.40
C GLN C 1016 0.78 17.25 -9.80
N GLN C 1017 -0.31 17.77 -9.23
CA GLN C 1017 -0.69 19.16 -9.45
C GLN C 1017 0.33 20.12 -8.87
N LEU C 1018 0.90 19.80 -7.71
CA LEU C 1018 1.93 20.65 -7.10
C LEU C 1018 3.19 20.71 -7.96
N ILE C 1019 3.61 19.55 -8.50
CA ILE C 1019 4.79 19.49 -9.36
C ILE C 1019 4.57 20.29 -10.65
N ARG C 1020 3.39 20.13 -11.27
CA ARG C 1020 3.09 20.90 -12.47
C ARG C 1020 2.95 22.39 -12.19
N ALA C 1021 2.46 22.76 -11.00
CA ALA C 1021 2.35 24.17 -10.65
C ALA C 1021 3.72 24.82 -10.50
N ALA C 1022 4.68 24.09 -9.93
CA ALA C 1022 6.06 24.60 -9.89
C ALA C 1022 6.64 24.76 -11.29
N GLU C 1023 6.35 23.80 -12.18
CA GLU C 1023 6.84 23.88 -13.56
C GLU C 1023 6.24 25.08 -14.32
N ILE C 1024 4.95 25.37 -14.09
CA ILE C 1024 4.33 26.55 -14.69
C ILE C 1024 4.88 27.84 -14.08
N ARG C 1025 5.19 27.85 -12.77
CA ARG C 1025 5.73 29.04 -12.13
C ARG C 1025 7.08 29.44 -12.70
N ALA C 1026 7.93 28.44 -13.02
CA ALA C 1026 9.22 28.74 -13.62
C ALA C 1026 9.09 29.44 -14.98
N SER C 1027 8.18 28.95 -15.83
CA SER C 1027 7.99 29.58 -17.14
C SER C 1027 7.28 30.92 -17.04
N ALA C 1028 6.43 31.09 -16.02
CA ALA C 1028 5.81 32.40 -15.80
C ALA C 1028 6.84 33.45 -15.36
N ASN C 1029 7.80 33.04 -14.52
CA ASN C 1029 8.89 33.94 -14.15
C ASN C 1029 9.77 34.28 -15.35
N LEU C 1030 10.01 33.29 -16.22
CA LEU C 1030 10.77 33.54 -17.45
C LEU C 1030 10.03 34.51 -18.37
N ALA C 1031 8.71 34.36 -18.51
CA ALA C 1031 7.93 35.25 -19.36
C ALA C 1031 7.86 36.66 -18.80
N ALA C 1032 7.83 36.80 -17.48
CA ALA C 1032 7.89 38.12 -16.86
C ALA C 1032 9.25 38.79 -17.10
N THR C 1033 10.33 38.01 -17.03
CA THR C 1033 11.66 38.55 -17.35
C THR C 1033 11.76 38.96 -18.81
N LYS C 1034 11.18 38.16 -19.72
CA LYS C 1034 11.20 38.50 -21.14
C LYS C 1034 10.35 39.73 -21.43
N MET C 1035 9.26 39.93 -20.71
CA MET C 1035 8.46 41.13 -20.91
C MET C 1035 9.18 42.37 -20.36
N SER C 1036 9.90 42.22 -19.26
CA SER C 1036 10.64 43.35 -18.71
C SER C 1036 11.84 43.72 -19.59
N GLU C 1037 12.51 42.73 -20.17
CA GLU C 1037 13.80 42.93 -20.79
C GLU C 1037 13.75 43.08 -22.30
N CYS C 1038 12.84 42.39 -22.99
CA CYS C 1038 12.75 42.47 -24.44
C CYS C 1038 11.76 43.52 -24.90
N VAL C 1039 10.66 43.72 -24.16
CA VAL C 1039 9.61 44.63 -24.57
C VAL C 1039 9.83 46.03 -24.02
N LEU C 1040 10.17 46.14 -22.73
CA LEU C 1040 10.37 47.46 -22.13
C LEU C 1040 11.76 48.03 -22.38
N GLY C 1041 12.63 47.30 -23.06
CA GLY C 1041 13.96 47.80 -23.37
C GLY C 1041 14.57 47.05 -24.52
N GLN C 1042 15.87 47.26 -24.71
CA GLN C 1042 16.67 46.56 -25.71
C GLN C 1042 17.77 45.79 -25.00
N SER C 1043 17.86 44.50 -25.26
CA SER C 1043 18.75 43.62 -24.51
C SER C 1043 19.97 43.23 -25.34
N LYS C 1044 21.13 43.24 -24.70
CA LYS C 1044 22.38 42.81 -25.30
C LYS C 1044 22.68 41.34 -25.06
N ARG C 1045 21.82 40.63 -24.32
CA ARG C 1045 22.04 39.21 -24.06
C ARG C 1045 21.76 38.40 -25.32
N VAL C 1046 22.66 37.49 -25.64
CA VAL C 1046 22.63 36.76 -26.90
C VAL C 1046 21.55 35.69 -26.82
N ASP C 1047 20.69 35.64 -27.85
CA ASP C 1047 19.63 34.65 -28.05
C ASP C 1047 18.55 34.70 -26.97
N PHE C 1048 18.50 35.78 -26.20
CA PHE C 1048 17.41 35.98 -25.25
C PHE C 1048 16.14 36.42 -25.99
N CYS C 1049 16.23 37.52 -26.70
CA CYS C 1049 15.11 38.04 -27.49
C CYS C 1049 15.29 37.72 -28.98
N GLY C 1050 15.29 36.42 -29.30
CA GLY C 1050 15.34 35.99 -30.68
C GLY C 1050 16.74 35.81 -31.23
N LYS C 1051 16.80 35.51 -32.52
CA LYS C 1051 18.05 35.23 -33.22
C LYS C 1051 18.50 36.45 -34.01
N GLY C 1052 19.74 36.87 -33.78
CA GLY C 1052 20.28 38.07 -34.38
C GLY C 1052 20.60 39.12 -33.33
N TYR C 1053 20.70 40.36 -33.77
CA TYR C 1053 20.87 41.48 -32.87
C TYR C 1053 19.52 42.10 -32.60
N HIS C 1054 19.17 42.25 -31.33
CA HIS C 1054 17.82 42.60 -30.93
C HIS C 1054 17.47 44.04 -31.29
N LEU C 1055 16.29 44.22 -31.88
CA LEU C 1055 15.73 45.54 -32.14
C LEU C 1055 14.52 45.82 -31.25
N MET C 1056 13.46 45.02 -31.35
CA MET C 1056 12.22 45.27 -30.63
C MET C 1056 11.55 43.96 -30.29
N SER C 1057 10.47 44.04 -29.52
CA SER C 1057 9.60 42.90 -29.28
C SER C 1057 8.20 43.41 -28.99
N PHE C 1058 7.21 42.59 -29.36
CA PHE C 1058 5.81 42.92 -29.18
C PHE C 1058 5.10 41.79 -28.45
N PRO C 1059 4.29 42.07 -27.44
CA PRO C 1059 3.51 41.01 -26.79
C PRO C 1059 2.17 40.76 -27.45
N GLN C 1060 1.71 39.52 -27.34
CA GLN C 1060 0.38 39.11 -27.77
C GLN C 1060 -0.15 38.15 -26.71
N SER C 1061 -1.44 38.22 -26.43
CA SER C 1061 -2.03 37.35 -25.43
C SER C 1061 -2.59 36.10 -26.09
N ALA C 1062 -2.36 34.96 -25.45
CA ALA C 1062 -2.82 33.67 -25.94
C ALA C 1062 -3.50 32.97 -24.77
N PRO C 1063 -4.41 32.01 -25.05
CA PRO C 1063 -5.03 31.24 -23.95
C PRO C 1063 -4.00 30.51 -23.12
N HIS C 1064 -3.97 30.86 -21.83
CA HIS C 1064 -2.99 30.42 -20.83
C HIS C 1064 -1.55 30.80 -21.19
N GLY C 1065 -1.31 31.92 -21.86
CA GLY C 1065 0.08 32.26 -22.11
C GLY C 1065 0.26 33.54 -22.89
N VAL C 1066 1.51 33.74 -23.32
CA VAL C 1066 1.94 34.94 -24.01
C VAL C 1066 2.78 34.53 -25.23
N VAL C 1067 2.70 35.34 -26.28
CA VAL C 1067 3.49 35.16 -27.50
C VAL C 1067 4.28 36.45 -27.71
N PHE C 1068 5.60 36.31 -27.83
CA PHE C 1068 6.48 37.45 -28.09
C PHE C 1068 6.90 37.43 -29.55
N LEU C 1069 6.73 38.55 -30.24
CA LEU C 1069 7.23 38.74 -31.59
C LEU C 1069 8.52 39.55 -31.51
N HIS C 1070 9.65 38.87 -31.74
CA HIS C 1070 10.96 39.50 -31.65
C HIS C 1070 11.39 40.00 -33.02
N VAL C 1071 11.72 41.29 -33.10
CA VAL C 1071 12.25 41.91 -34.31
C VAL C 1071 13.74 42.08 -34.12
N THR C 1072 14.53 41.52 -35.04
CA THR C 1072 16.00 41.46 -34.96
C THR C 1072 16.61 41.70 -36.33
N TYR C 1073 17.94 41.74 -36.35
CA TYR C 1073 18.79 41.88 -37.53
C TYR C 1073 19.30 40.53 -38.01
N VAL C 1074 19.55 40.44 -39.32
CA VAL C 1074 20.48 39.47 -39.87
C VAL C 1074 21.34 40.23 -40.88
N PRO C 1075 22.68 40.23 -40.73
CA PRO C 1075 23.53 40.70 -41.84
C PRO C 1075 23.44 39.72 -43.01
N ALA C 1076 23.35 40.26 -44.22
CA ALA C 1076 22.88 39.48 -45.37
C ALA C 1076 23.96 39.18 -46.40
N GLN C 1077 24.59 40.19 -46.98
CA GLN C 1077 25.49 39.99 -48.10
C GLN C 1077 26.88 40.47 -47.70
N GLU C 1078 27.82 39.54 -47.59
CA GLU C 1078 29.15 39.84 -47.11
C GLU C 1078 30.16 39.81 -48.26
N LYS C 1079 31.24 40.58 -48.08
CA LYS C 1079 32.33 40.63 -49.02
C LYS C 1079 33.63 40.37 -48.28
N ASN C 1080 34.63 39.91 -49.03
CA ASN C 1080 35.94 39.57 -48.51
C ASN C 1080 36.96 40.70 -48.73
N PHE C 1081 37.80 40.93 -47.73
CA PHE C 1081 38.78 42.01 -47.79
C PHE C 1081 40.05 41.57 -47.08
N THR C 1082 41.07 42.42 -47.14
CA THR C 1082 42.30 42.24 -46.38
C THR C 1082 42.42 43.33 -45.32
N THR C 1083 42.97 42.98 -44.17
CA THR C 1083 43.06 43.89 -43.04
C THR C 1083 44.49 44.01 -42.54
N ALA C 1084 44.70 45.07 -41.76
CA ALA C 1084 45.91 45.34 -41.01
C ALA C 1084 45.50 45.83 -39.62
N PRO C 1085 46.30 45.54 -38.59
CA PRO C 1085 45.97 46.07 -37.26
C PRO C 1085 46.35 47.52 -37.05
N ALA C 1086 47.31 48.05 -37.81
CA ALA C 1086 47.77 49.42 -37.61
C ALA C 1086 48.29 49.95 -38.94
N ILE C 1087 48.68 51.22 -38.94
CA ILE C 1087 49.15 51.92 -40.13
C ILE C 1087 50.46 52.64 -39.79
N CYS C 1088 51.50 52.38 -40.57
CA CYS C 1088 52.78 53.08 -40.47
C CYS C 1088 52.76 54.31 -41.35
N HIS C 1089 52.84 55.50 -40.75
CA HIS C 1089 52.84 56.75 -41.51
C HIS C 1089 54.16 57.49 -41.43
N ASP C 1090 54.58 57.90 -40.23
CA ASP C 1090 55.80 58.69 -40.04
C ASP C 1090 56.61 58.13 -38.89
N GLY C 1091 56.74 56.81 -38.83
CA GLY C 1091 57.30 56.20 -37.65
C GLY C 1091 56.37 56.20 -36.46
N LYS C 1092 55.07 56.34 -36.71
CA LYS C 1092 54.07 56.31 -35.64
C LYS C 1092 52.89 55.46 -36.09
N ALA C 1093 52.39 54.62 -35.20
CA ALA C 1093 51.35 53.65 -35.52
C ALA C 1093 49.97 54.27 -35.32
N HIS C 1094 49.06 53.98 -36.24
CA HIS C 1094 47.71 54.53 -36.23
C HIS C 1094 46.71 53.40 -36.04
N PHE C 1095 45.89 53.50 -35.00
CA PHE C 1095 44.86 52.52 -34.70
C PHE C 1095 43.50 53.16 -34.89
N PRO C 1096 42.50 52.44 -35.41
CA PRO C 1096 41.20 53.08 -35.65
C PRO C 1096 40.43 53.31 -34.36
N ARG C 1097 39.80 54.48 -34.28
CA ARG C 1097 38.98 54.83 -33.12
C ARG C 1097 37.76 53.93 -33.03
N GLU C 1098 37.10 53.69 -34.16
CA GLU C 1098 36.00 52.74 -34.26
C GLU C 1098 35.93 52.25 -35.71
N GLY C 1099 35.86 50.95 -35.88
CA GLY C 1099 35.93 50.34 -37.20
C GLY C 1099 37.25 49.62 -37.40
N VAL C 1100 37.45 49.19 -38.65
CA VAL C 1100 38.64 48.45 -39.07
C VAL C 1100 39.22 49.06 -40.34
N PHE C 1101 40.50 48.77 -40.58
CA PHE C 1101 41.17 49.11 -41.83
C PHE C 1101 40.88 48.05 -42.87
N VAL C 1102 40.47 48.48 -44.06
CA VAL C 1102 39.97 47.61 -45.12
C VAL C 1102 40.62 48.00 -46.45
N SER C 1103 41.16 47.00 -47.16
CA SER C 1103 41.70 47.21 -48.49
C SER C 1103 40.93 46.39 -49.51
N ASN C 1104 40.56 47.00 -50.65
CA ASN C 1104 40.00 46.15 -51.70
C ASN C 1104 41.10 45.46 -52.48
N GLY C 1105 42.34 45.92 -52.36
CA GLY C 1105 43.44 45.41 -53.16
C GLY C 1105 44.40 46.50 -53.56
N THR C 1106 43.92 47.75 -53.65
CA THR C 1106 44.77 48.87 -54.03
C THR C 1106 44.81 49.97 -52.98
N HIS C 1107 43.65 50.44 -52.51
CA HIS C 1107 43.57 51.53 -51.55
C HIS C 1107 43.04 51.03 -50.21
N TRP C 1108 43.27 51.82 -49.17
CA TRP C 1108 42.95 51.46 -47.80
C TRP C 1108 41.94 52.45 -47.23
N PHE C 1109 41.00 51.94 -46.42
CA PHE C 1109 39.91 52.74 -45.87
C PHE C 1109 39.66 52.33 -44.42
N VAL C 1110 38.84 53.12 -43.75
CA VAL C 1110 38.30 52.78 -42.42
C VAL C 1110 36.80 52.57 -42.57
N THR C 1111 36.30 51.45 -42.07
CA THR C 1111 34.87 51.22 -42.06
C THR C 1111 34.39 50.90 -40.65
N GLN C 1112 33.08 51.02 -40.45
CA GLN C 1112 32.46 50.45 -39.26
C GLN C 1112 32.30 48.95 -39.44
N ARG C 1113 32.19 48.25 -38.31
CA ARG C 1113 32.38 46.80 -38.31
C ARG C 1113 31.18 46.04 -38.87
N ASN C 1114 29.96 46.50 -38.62
CA ASN C 1114 28.76 45.74 -38.97
C ASN C 1114 28.14 46.16 -40.30
N PHE C 1115 28.73 47.12 -41.00
CA PHE C 1115 28.21 47.58 -42.27
C PHE C 1115 29.37 48.13 -43.10
N TYR C 1116 29.39 47.79 -44.38
CA TYR C 1116 30.49 48.25 -45.23
C TYR C 1116 30.23 49.68 -45.67
N GLU C 1117 31.05 50.61 -45.16
CA GLU C 1117 30.98 52.01 -45.53
C GLU C 1117 32.38 52.57 -45.47
N PRO C 1118 33.12 52.57 -46.58
CA PRO C 1118 34.53 52.96 -46.55
C PRO C 1118 34.71 54.46 -46.47
N GLN C 1119 35.73 54.88 -45.72
CA GLN C 1119 36.05 56.29 -45.55
C GLN C 1119 37.56 56.48 -45.63
N ILE C 1120 37.97 57.67 -46.02
CA ILE C 1120 39.38 58.00 -46.18
C ILE C 1120 40.04 58.06 -44.80
N ILE C 1121 41.21 57.43 -44.67
CA ILE C 1121 41.91 57.38 -43.39
C ILE C 1121 42.54 58.75 -43.13
N THR C 1122 42.05 59.44 -42.10
CA THR C 1122 42.57 60.74 -41.68
C THR C 1122 43.03 60.65 -40.22
N THR C 1123 43.38 61.80 -39.65
CA THR C 1123 43.70 61.87 -38.24
C THR C 1123 42.44 61.97 -37.37
N ASP C 1124 41.27 62.16 -37.97
CA ASP C 1124 40.01 62.16 -37.25
C ASP C 1124 39.39 60.78 -37.13
N ASN C 1125 39.94 59.78 -37.82
CA ASN C 1125 39.48 58.41 -37.72
C ASN C 1125 40.34 57.55 -36.82
N THR C 1126 41.61 57.90 -36.65
CA THR C 1126 42.60 57.07 -35.98
C THR C 1126 43.21 57.83 -34.80
N PHE C 1127 43.89 57.07 -33.94
CA PHE C 1127 44.68 57.63 -32.86
C PHE C 1127 46.08 57.02 -32.91
N VAL C 1128 47.03 57.73 -32.33
CA VAL C 1128 48.46 57.41 -32.44
C VAL C 1128 48.94 56.83 -31.12
N SER C 1129 49.69 55.73 -31.21
CA SER C 1129 50.25 55.09 -30.01
C SER C 1129 51.57 54.45 -30.37
N GLY C 1130 52.67 55.12 -30.05
CA GLY C 1130 53.99 54.53 -30.17
C GLY C 1130 54.52 54.52 -31.60
N ASN C 1131 55.63 53.83 -31.76
CA ASN C 1131 56.28 53.68 -33.05
C ASN C 1131 55.79 52.41 -33.77
N CYS C 1132 56.50 52.03 -34.83
CA CYS C 1132 56.06 50.97 -35.72
C CYS C 1132 56.97 49.75 -35.66
N ASP C 1133 57.50 49.45 -34.47
CA ASP C 1133 58.43 48.35 -34.29
C ASP C 1133 57.92 47.31 -33.30
N VAL C 1134 56.66 47.41 -32.88
CA VAL C 1134 56.12 46.50 -31.88
C VAL C 1134 54.86 45.76 -32.34
N VAL C 1135 54.11 46.30 -33.29
CA VAL C 1135 52.87 45.69 -33.75
C VAL C 1135 53.18 44.72 -34.89
N ILE C 1136 52.68 43.50 -34.78
CA ILE C 1136 52.91 42.46 -35.78
C ILE C 1136 51.83 42.57 -36.84
N GLY C 1137 52.23 42.89 -38.08
CA GLY C 1137 51.30 43.04 -39.18
C GLY C 1137 51.04 44.44 -39.66
N ILE C 1138 51.80 45.43 -39.18
CA ILE C 1138 51.60 46.82 -39.58
C ILE C 1138 52.03 47.03 -41.03
N VAL C 1139 51.33 47.93 -41.74
CA VAL C 1139 51.56 48.11 -43.17
C VAL C 1139 51.88 49.58 -43.47
N ASN C 1140 52.58 49.78 -44.60
CA ASN C 1140 52.80 51.12 -45.14
C ASN C 1140 51.49 51.70 -45.65
N ASN C 1141 51.23 52.96 -45.28
CA ASN C 1141 50.12 53.72 -45.85
C ASN C 1141 50.38 55.19 -45.50
N THR C 1142 49.66 56.08 -46.18
CA THR C 1142 49.64 57.48 -45.82
C THR C 1142 48.36 57.83 -45.07
N VAL C 1143 48.46 58.82 -44.19
CA VAL C 1143 47.35 59.32 -43.39
C VAL C 1143 47.26 60.82 -43.61
N TYR C 1144 46.08 61.31 -44.00
CA TYR C 1144 45.93 62.70 -44.41
C TYR C 1144 45.53 63.56 -43.22
N ASP C 1145 46.36 64.53 -42.91
CA ASP C 1145 46.01 65.54 -41.91
C ASP C 1145 45.18 66.62 -42.59
N PRO C 1146 43.91 66.80 -42.21
CA PRO C 1146 43.08 67.81 -42.89
C PRO C 1146 43.35 69.24 -42.46
N LEU C 1147 44.28 69.47 -41.53
CA LEU C 1147 44.66 70.83 -41.19
C LEU C 1147 45.71 71.38 -42.14
N GLN C 1148 46.72 70.56 -42.46
CA GLN C 1148 47.84 71.04 -43.29
C GLN C 1148 47.41 71.33 -44.72
N LEU C 1149 46.47 70.55 -45.26
CA LEU C 1149 45.99 70.79 -46.62
C LEU C 1149 45.28 72.13 -46.75
N GLU C 1150 44.54 72.53 -45.72
CA GLU C 1150 43.93 73.85 -45.73
C GLU C 1150 44.93 74.96 -45.41
N LEU C 1151 45.87 74.70 -44.50
CA LEU C 1151 46.79 75.74 -44.04
C LEU C 1151 47.97 75.98 -44.99
N ASP C 1152 48.20 75.10 -45.96
CA ASP C 1152 49.27 75.32 -46.92
C ASP C 1152 48.81 76.06 -48.18
N SER C 1153 47.57 76.50 -48.24
CA SER C 1153 47.04 77.16 -49.43
C SER C 1153 46.60 78.59 -49.17
N PHE C 1154 45.85 78.83 -48.09
CA PHE C 1154 45.32 80.17 -47.84
C PHE C 1154 46.40 81.13 -47.34
N LYS C 1155 47.40 80.63 -46.62
CA LYS C 1155 48.49 81.48 -46.16
C LYS C 1155 49.35 81.97 -47.33
N GLU C 1156 49.61 81.09 -48.29
CA GLU C 1156 50.44 81.44 -49.44
C GLU C 1156 49.57 81.90 -50.61
N GLN D 1 -29.06 -57.87 -9.15
CA GLN D 1 -27.80 -57.43 -9.73
C GLN D 1 -26.61 -57.66 -8.81
N VAL D 2 -26.76 -57.25 -7.55
CA VAL D 2 -25.68 -57.36 -6.58
C VAL D 2 -25.88 -58.66 -5.82
N GLN D 3 -24.96 -59.61 -6.01
CA GLN D 3 -24.99 -60.89 -5.32
C GLN D 3 -23.79 -61.02 -4.40
N LEU D 4 -23.98 -61.72 -3.29
CA LEU D 4 -22.97 -61.85 -2.24
C LEU D 4 -22.73 -63.35 -2.05
N GLN D 5 -21.74 -63.91 -2.75
CA GLN D 5 -21.50 -65.34 -2.68
C GLN D 5 -20.46 -65.66 -1.62
N GLU D 6 -20.60 -66.84 -1.02
CA GLU D 6 -19.76 -67.28 0.09
C GLU D 6 -18.95 -68.52 -0.32
N SER D 7 -17.71 -68.57 0.16
CA SER D 7 -16.83 -69.71 -0.09
C SER D 7 -16.25 -70.19 1.23
N GLY D 8 -16.19 -71.51 1.41
CA GLY D 8 -15.68 -72.13 2.61
C GLY D 8 -16.62 -73.21 3.09
N GLY D 9 -16.53 -73.52 4.39
CA GLY D 9 -17.36 -74.53 4.99
C GLY D 9 -16.84 -75.93 4.77
N GLY D 10 -17.60 -76.90 5.28
CA GLY D 10 -17.24 -78.30 5.15
C GLY D 10 -17.26 -79.05 6.47
N LEU D 11 -16.39 -80.05 6.59
CA LEU D 11 -16.28 -80.87 7.79
C LEU D 11 -14.99 -80.53 8.51
N VAL D 12 -15.11 -80.04 9.75
CA VAL D 12 -13.98 -79.81 10.63
C VAL D 12 -14.21 -80.52 11.95
N GLN D 13 -13.26 -80.35 12.86
CA GLN D 13 -13.19 -81.02 14.14
C GLN D 13 -13.08 -79.97 15.25
N PRO D 14 -13.55 -80.26 16.47
CA PRO D 14 -13.45 -79.27 17.55
C PRO D 14 -12.00 -78.93 17.91
N GLY D 15 -11.77 -77.64 18.17
CA GLY D 15 -10.43 -77.13 18.33
C GLY D 15 -9.72 -76.79 17.04
N GLY D 16 -10.41 -76.86 15.90
CA GLY D 16 -9.81 -76.61 14.61
C GLY D 16 -10.02 -75.19 14.12
N SER D 17 -9.85 -75.01 12.82
CA SER D 17 -9.95 -73.70 12.19
C SER D 17 -10.50 -73.83 10.78
N LEU D 18 -11.13 -72.76 10.30
CA LEU D 18 -11.69 -72.71 8.96
C LEU D 18 -11.81 -71.23 8.56
N ARG D 19 -11.91 -70.98 7.27
CA ARG D 19 -11.89 -69.63 6.70
C ARG D 19 -13.18 -69.36 5.92
N LEU D 20 -13.78 -68.19 6.14
CA LEU D 20 -14.93 -67.75 5.36
C LEU D 20 -14.55 -66.58 4.49
N SER D 21 -15.14 -66.52 3.29
CA SER D 21 -14.88 -65.44 2.35
C SER D 21 -16.17 -65.06 1.63
N CYS D 22 -16.48 -63.78 1.58
CA CYS D 22 -17.66 -63.27 0.89
C CYS D 22 -17.21 -62.21 -0.12
N THR D 23 -17.21 -62.57 -1.39
CA THR D 23 -16.83 -61.65 -2.46
C THR D 23 -18.10 -61.04 -3.06
N ALA D 24 -18.17 -59.71 -3.06
CA ALA D 24 -19.33 -59.02 -3.60
C ALA D 24 -19.23 -58.95 -5.12
N SER D 25 -20.18 -59.60 -5.80
CA SER D 25 -20.20 -59.55 -7.26
C SER D 25 -20.67 -58.19 -7.76
N GLY D 26 -21.44 -57.47 -6.95
CA GLY D 26 -21.94 -56.18 -7.36
C GLY D 26 -21.18 -55.01 -6.79
N ILE D 27 -21.80 -54.27 -5.87
CA ILE D 27 -21.21 -53.05 -5.35
C ILE D 27 -20.03 -53.39 -4.45
N ALA D 28 -19.04 -52.50 -4.43
CA ALA D 28 -17.77 -52.77 -3.77
C ALA D 28 -17.91 -52.76 -2.25
N LEU D 29 -16.83 -53.18 -1.59
CA LEU D 29 -16.66 -52.95 -0.17
C LEU D 29 -16.05 -51.56 0.02
N HIS D 30 -15.66 -51.23 1.26
CA HIS D 30 -15.20 -49.91 1.77
C HIS D 30 -16.14 -48.75 1.40
N THR D 31 -17.38 -49.04 1.02
CA THR D 31 -18.46 -48.08 0.85
C THR D 31 -19.77 -48.56 1.45
N HIS D 32 -19.92 -49.86 1.71
CA HIS D 32 -21.08 -50.45 2.34
C HIS D 32 -20.63 -51.19 3.59
N ALA D 33 -21.37 -51.03 4.69
CA ALA D 33 -21.06 -51.77 5.91
C ALA D 33 -21.62 -53.18 5.79
N THR D 34 -20.73 -54.16 5.76
CA THR D 34 -21.13 -55.56 5.61
C THR D 34 -21.20 -56.24 6.96
N GLY D 35 -21.83 -57.42 6.97
CA GLY D 35 -21.99 -58.17 8.19
C GLY D 35 -22.13 -59.65 7.89
N TRP D 36 -22.20 -60.44 8.96
CA TRP D 36 -22.30 -61.88 8.87
C TRP D 36 -23.40 -62.39 9.80
N PHE D 37 -24.18 -63.36 9.32
CA PHE D 37 -25.28 -63.95 10.09
C PHE D 37 -25.18 -65.47 10.01
N ARG D 38 -25.66 -66.14 11.06
CA ARG D 38 -25.64 -67.61 11.11
C ARG D 38 -27.00 -68.13 11.57
N GLN D 39 -27.29 -69.38 11.17
CA GLN D 39 -28.56 -70.02 11.49
C GLN D 39 -28.31 -71.43 12.02
N ALA D 40 -28.48 -71.62 13.33
CA ALA D 40 -28.52 -72.97 13.86
C ALA D 40 -29.81 -73.65 13.40
N PRO D 41 -29.78 -74.96 13.14
CA PRO D 41 -30.98 -75.65 12.65
C PRO D 41 -32.07 -75.70 13.72
N GLY D 42 -33.29 -75.36 13.32
CA GLY D 42 -34.38 -75.20 14.26
C GLY D 42 -34.33 -73.93 15.06
N LYS D 43 -33.46 -72.98 14.69
CA LYS D 43 -33.30 -71.75 15.44
C LYS D 43 -33.24 -70.56 14.50
N GLU D 44 -33.47 -69.38 15.07
CA GLU D 44 -33.59 -68.12 14.35
C GLU D 44 -32.22 -67.53 14.01
N ARG D 45 -32.21 -66.72 12.93
CA ARG D 45 -30.98 -66.19 12.41
C ARG D 45 -30.49 -65.00 13.25
N GLU D 46 -29.24 -65.08 13.72
CA GLU D 46 -28.64 -64.05 14.57
C GLU D 46 -27.26 -63.71 14.04
N GLY D 47 -26.96 -62.41 13.93
CA GLY D 47 -25.68 -61.98 13.41
C GLY D 47 -24.53 -62.25 14.36
N VAL D 48 -23.32 -62.25 13.80
CA VAL D 48 -22.12 -62.54 14.57
C VAL D 48 -21.15 -61.36 14.59
N SER D 49 -21.03 -60.60 13.49
CA SER D 49 -20.07 -59.51 13.42
C SER D 49 -20.43 -58.55 12.31
N CYS D 50 -19.82 -57.36 12.36
CA CYS D 50 -19.80 -56.39 11.26
C CYS D 50 -18.40 -55.81 11.11
N ILE D 51 -18.24 -55.08 10.01
CA ILE D 51 -17.17 -54.09 9.87
C ILE D 51 -17.80 -52.88 9.18
N SER D 52 -17.36 -51.69 9.59
CA SER D 52 -18.00 -50.46 9.13
C SER D 52 -17.58 -50.13 7.69
N SER D 53 -18.28 -49.14 7.12
CA SER D 53 -17.92 -48.64 5.80
C SER D 53 -16.57 -47.93 5.83
N GLY D 54 -16.39 -47.01 6.77
CA GLY D 54 -15.11 -46.36 6.96
C GLY D 54 -14.26 -47.10 7.97
N ASP D 55 -12.93 -46.98 7.78
CA ASP D 55 -11.86 -47.61 8.56
C ASP D 55 -12.09 -49.08 8.90
N GLY D 56 -11.63 -49.53 10.06
CA GLY D 56 -11.77 -50.91 10.46
C GLY D 56 -12.47 -51.09 11.80
N THR D 57 -13.55 -50.34 12.02
CA THR D 57 -14.31 -50.46 13.26
C THR D 57 -15.01 -51.82 13.31
N THR D 58 -14.86 -52.52 14.43
CA THR D 58 -15.13 -53.95 14.51
C THR D 58 -16.02 -54.24 15.71
N TYR D 59 -17.05 -55.07 15.50
CA TYR D 59 -17.96 -55.46 16.56
C TYR D 59 -18.16 -56.97 16.54
N TYR D 60 -18.49 -57.53 17.70
CA TYR D 60 -18.78 -58.95 17.85
C TYR D 60 -20.00 -59.11 18.74
N GLU D 61 -20.35 -60.36 19.02
CA GLU D 61 -21.37 -60.68 20.01
C GLU D 61 -20.71 -61.21 21.29
N ASP D 62 -21.55 -61.46 22.29
CA ASP D 62 -21.04 -61.84 23.61
C ASP D 62 -20.49 -63.27 23.60
N SER D 63 -21.23 -64.20 22.99
CA SER D 63 -20.84 -65.61 23.04
C SER D 63 -19.72 -65.95 22.06
N VAL D 64 -19.32 -65.03 21.19
CA VAL D 64 -18.31 -65.26 20.17
C VAL D 64 -17.12 -64.32 20.31
N GLU D 65 -17.05 -63.57 21.40
CA GLU D 65 -16.04 -62.52 21.56
C GLU D 65 -14.67 -63.14 21.81
N GLY D 66 -13.67 -62.61 21.11
CA GLY D 66 -12.29 -63.06 21.23
C GLY D 66 -11.90 -64.22 20.36
N ARG D 67 -12.79 -65.21 20.23
CA ARG D 67 -12.48 -66.41 19.45
C ARG D 67 -12.46 -66.11 17.96
N PHE D 68 -13.45 -65.36 17.48
CA PHE D 68 -13.61 -65.12 16.05
C PHE D 68 -13.17 -63.70 15.72
N THR D 69 -12.73 -63.51 14.47
CA THR D 69 -12.26 -62.21 14.03
C THR D 69 -12.71 -61.95 12.59
N ILE D 70 -12.69 -60.68 12.21
CA ILE D 70 -13.12 -60.24 10.88
C ILE D 70 -12.05 -59.31 10.31
N SER D 71 -11.81 -59.43 9.00
CA SER D 71 -10.93 -58.54 8.28
C SER D 71 -11.38 -58.50 6.83
N ARG D 72 -10.98 -57.46 6.12
CA ARG D 72 -11.37 -57.30 4.72
C ARG D 72 -10.20 -56.76 3.91
N ASP D 73 -10.25 -57.03 2.62
CA ASP D 73 -9.27 -56.52 1.66
C ASP D 73 -10.05 -55.93 0.49
N ASN D 74 -9.71 -54.70 0.12
CA ASN D 74 -10.45 -53.98 -0.92
C ASN D 74 -9.96 -54.30 -2.33
N ALA D 75 -8.72 -54.78 -2.48
CA ALA D 75 -8.21 -55.07 -3.82
C ALA D 75 -8.87 -56.31 -4.40
N LYS D 76 -9.08 -57.34 -3.58
CA LYS D 76 -9.81 -58.53 -4.00
C LYS D 76 -11.33 -58.31 -3.91
N ASN D 77 -11.75 -57.25 -3.19
CA ASN D 77 -13.15 -56.87 -2.96
C ASN D 77 -13.90 -58.01 -2.26
N THR D 78 -13.47 -58.30 -1.03
CA THR D 78 -14.03 -59.38 -0.23
C THR D 78 -13.82 -59.07 1.24
N VAL D 79 -14.53 -59.84 2.08
CA VAL D 79 -14.36 -59.80 3.53
C VAL D 79 -13.99 -61.20 3.99
N TYR D 80 -13.15 -61.29 5.02
CA TYR D 80 -12.60 -62.56 5.48
C TYR D 80 -12.95 -62.77 6.95
N LEU D 81 -13.24 -64.03 7.30
CA LEU D 81 -13.40 -64.45 8.68
C LEU D 81 -12.43 -65.58 8.99
N GLN D 82 -11.78 -65.50 10.14
CA GLN D 82 -10.90 -66.56 10.64
C GLN D 82 -11.57 -67.20 11.86
N MET D 83 -12.02 -68.44 11.68
CA MET D 83 -12.63 -69.20 12.77
C MET D 83 -11.54 -69.83 13.63
N ASN D 84 -11.52 -69.48 14.91
CA ASN D 84 -10.57 -70.04 15.87
C ASN D 84 -11.33 -70.62 17.05
N SER D 85 -10.79 -71.73 17.59
CA SER D 85 -11.32 -72.48 18.73
C SER D 85 -12.77 -72.90 18.51
N LEU D 86 -12.97 -73.74 17.51
CA LEU D 86 -14.31 -74.18 17.13
C LEU D 86 -14.84 -75.18 18.16
N LYS D 87 -16.09 -74.97 18.58
CA LYS D 87 -16.75 -75.82 19.58
C LYS D 87 -18.03 -76.41 18.98
N LEU D 88 -18.81 -77.09 19.82
CA LEU D 88 -19.81 -78.04 19.32
C LEU D 88 -21.03 -77.35 18.70
N GLU D 89 -21.57 -76.34 19.37
CA GLU D 89 -22.86 -75.79 18.99
C GLU D 89 -22.76 -74.58 18.04
N ASP D 90 -21.66 -74.46 17.30
CA ASP D 90 -21.55 -73.43 16.28
C ASP D 90 -22.06 -73.87 14.90
N THR D 91 -22.60 -75.09 14.81
CA THR D 91 -23.02 -75.67 13.53
C THR D 91 -24.18 -74.86 12.97
N ALA D 92 -23.91 -74.11 11.91
CA ALA D 92 -24.88 -73.15 11.41
C ALA D 92 -24.63 -72.90 9.93
N VAL D 93 -25.65 -72.33 9.29
CA VAL D 93 -25.54 -71.87 7.91
C VAL D 93 -25.19 -70.39 7.95
N TYR D 94 -23.98 -70.06 7.48
CA TYR D 94 -23.46 -68.71 7.61
C TYR D 94 -23.79 -67.88 6.38
N TYR D 95 -24.32 -66.68 6.60
CA TYR D 95 -24.72 -65.76 5.55
C TYR D 95 -23.86 -64.51 5.62
N CYS D 96 -23.60 -63.91 4.47
CA CYS D 96 -22.98 -62.59 4.41
C CYS D 96 -23.96 -61.62 3.77
N ALA D 97 -23.97 -60.38 4.27
CA ALA D 97 -24.93 -59.39 3.82
C ALA D 97 -24.29 -58.02 3.92
N ALA D 98 -24.99 -57.00 3.38
CA ALA D 98 -24.45 -55.65 3.35
C ALA D 98 -25.59 -54.65 3.36
N ASP D 99 -25.25 -53.41 3.71
CA ASP D 99 -26.19 -52.30 3.76
C ASP D 99 -25.38 -51.02 3.54
N PRO D 100 -25.88 -50.07 2.77
CA PRO D 100 -25.10 -48.85 2.48
C PRO D 100 -24.98 -47.94 3.70
N GLY D 101 -23.77 -47.43 3.91
CA GLY D 101 -23.49 -46.57 5.03
C GLY D 101 -23.24 -47.36 6.31
N ALA D 102 -22.60 -46.69 7.27
CA ALA D 102 -22.30 -47.29 8.57
C ALA D 102 -23.59 -47.49 9.34
N VAL D 103 -23.99 -48.76 9.51
CA VAL D 103 -25.29 -49.09 10.07
C VAL D 103 -25.14 -49.93 11.35
N CYS D 104 -24.06 -50.69 11.46
CA CYS D 104 -23.81 -51.47 12.68
C CYS D 104 -23.26 -50.54 13.74
N HIS D 105 -24.00 -50.40 14.85
CA HIS D 105 -23.74 -49.46 15.95
C HIS D 105 -23.61 -48.03 15.42
N SER D 106 -24.72 -47.53 14.90
CA SER D 106 -24.80 -46.19 14.33
C SER D 106 -25.72 -45.36 15.21
N GLY D 107 -25.12 -44.58 16.11
CA GLY D 107 -25.91 -43.84 17.09
C GLY D 107 -26.54 -44.79 18.10
N SER D 108 -27.84 -44.61 18.33
CA SER D 108 -28.61 -45.53 19.17
C SER D 108 -29.28 -46.60 18.31
N TYR D 109 -28.48 -47.31 17.51
CA TYR D 109 -29.03 -48.29 16.57
C TYR D 109 -27.94 -49.32 16.27
N TYR D 110 -28.04 -50.48 16.90
CA TYR D 110 -27.11 -51.57 16.71
C TYR D 110 -27.60 -52.42 15.54
N TYR D 111 -26.87 -53.47 15.17
CA TYR D 111 -27.24 -54.29 14.02
C TYR D 111 -28.28 -55.37 14.37
N THR D 112 -29.33 -54.96 15.08
CA THR D 112 -30.35 -55.87 15.59
C THR D 112 -31.19 -56.46 14.46
N ASP D 113 -31.61 -57.72 14.68
CA ASP D 113 -32.25 -58.66 13.76
C ASP D 113 -31.75 -58.56 12.30
N ASP D 114 -32.66 -58.53 11.34
CA ASP D 114 -32.31 -58.53 9.92
C ASP D 114 -32.79 -57.22 9.31
N ASP D 115 -31.85 -56.30 9.09
CA ASP D 115 -32.18 -54.99 8.53
C ASP D 115 -31.35 -54.67 7.28
N PHE D 116 -30.44 -55.54 6.89
CA PHE D 116 -29.61 -55.28 5.71
C PHE D 116 -30.43 -55.48 4.44
N TYR D 117 -30.01 -54.82 3.37
CA TYR D 117 -30.78 -54.88 2.13
C TYR D 117 -30.33 -56.00 1.20
N TYR D 118 -29.05 -56.32 1.18
CA TYR D 118 -28.54 -57.40 0.34
C TYR D 118 -28.53 -58.72 1.11
N ARG D 119 -28.67 -59.82 0.38
CA ARG D 119 -28.63 -61.16 0.95
C ARG D 119 -27.72 -62.06 0.13
N GLY D 120 -27.25 -63.13 0.78
CA GLY D 120 -26.38 -64.10 0.15
C GLY D 120 -26.97 -65.50 0.17
N GLN D 121 -26.36 -66.38 -0.62
CA GLN D 121 -26.83 -67.76 -0.73
C GLN D 121 -26.53 -68.54 0.54
N GLY D 122 -25.31 -68.48 1.03
CA GLY D 122 -24.95 -69.12 2.28
C GLY D 122 -24.22 -70.44 2.08
N THR D 123 -23.36 -70.76 3.04
CA THR D 123 -22.64 -72.03 3.09
C THR D 123 -22.88 -72.67 4.45
N GLN D 124 -22.77 -74.00 4.48
CA GLN D 124 -22.95 -74.76 5.71
C GLN D 124 -21.61 -75.01 6.39
N VAL D 125 -21.62 -75.01 7.72
CA VAL D 125 -20.45 -75.29 8.54
C VAL D 125 -20.84 -76.31 9.58
N THR D 126 -20.15 -77.45 9.62
CA THR D 126 -20.40 -78.50 10.58
C THR D 126 -19.10 -78.86 11.30
N VAL D 127 -19.26 -79.37 12.52
CA VAL D 127 -18.14 -79.67 13.41
C VAL D 127 -18.44 -81.02 14.07
N SER D 128 -17.42 -81.60 14.71
CA SER D 128 -17.49 -82.86 15.47
C SER D 128 -17.88 -84.03 14.57
N SER D 129 -17.02 -84.30 13.60
CA SER D 129 -17.20 -85.42 12.68
C SER D 129 -16.91 -86.75 13.39
N GLN E 1 -54.97 -24.96 35.59
CA GLN E 1 -55.30 -24.13 34.43
C GLN E 1 -55.42 -24.97 33.16
N VAL E 2 -54.44 -25.83 32.94
CA VAL E 2 -54.41 -26.70 31.76
C VAL E 2 -55.20 -27.96 32.06
N GLN E 3 -56.21 -28.23 31.25
CA GLN E 3 -57.04 -29.43 31.39
C GLN E 3 -57.18 -30.09 30.02
N LEU E 4 -57.05 -31.42 30.00
CA LEU E 4 -57.11 -32.19 28.77
C LEU E 4 -58.39 -33.02 28.77
N GLN E 5 -59.22 -32.84 27.74
CA GLN E 5 -60.50 -33.52 27.64
C GLN E 5 -60.42 -34.64 26.60
N GLU E 6 -60.99 -35.79 26.93
CA GLU E 6 -61.01 -36.96 26.06
C GLU E 6 -62.45 -37.27 25.69
N SER E 7 -62.71 -37.46 24.39
CA SER E 7 -64.06 -37.74 23.90
C SER E 7 -64.03 -38.81 22.84
N GLY E 8 -64.88 -39.82 23.00
CA GLY E 8 -64.96 -40.93 22.07
C GLY E 8 -65.36 -42.20 22.79
N GLY E 9 -65.05 -43.33 22.18
CA GLY E 9 -65.31 -44.63 22.77
C GLY E 9 -66.74 -45.10 22.57
N GLY E 10 -66.98 -46.34 23.00
CA GLY E 10 -68.31 -46.92 22.90
C GLY E 10 -68.24 -48.43 22.90
N LEU E 11 -69.39 -49.03 22.58
CA LEU E 11 -69.57 -50.48 22.54
C LEU E 11 -69.54 -50.93 21.08
N VAL E 12 -68.44 -51.53 20.64
CA VAL E 12 -68.29 -52.00 19.28
C VAL E 12 -67.75 -53.43 19.27
N GLN E 13 -67.90 -54.07 18.11
CA GLN E 13 -67.41 -55.41 17.84
C GLN E 13 -65.91 -55.39 17.57
N PRO E 14 -65.22 -56.52 17.77
CA PRO E 14 -63.80 -56.59 17.37
C PRO E 14 -63.62 -56.44 15.87
N GLY E 15 -62.48 -55.84 15.50
CA GLY E 15 -62.20 -55.52 14.12
C GLY E 15 -62.79 -54.23 13.62
N GLY E 16 -63.40 -53.42 14.50
CA GLY E 16 -64.01 -52.18 14.11
C GLY E 16 -63.03 -51.02 14.06
N SER E 17 -63.57 -49.83 13.79
CA SER E 17 -62.80 -48.62 13.68
C SER E 17 -63.45 -47.51 14.47
N LEU E 18 -62.64 -46.76 15.23
CA LEU E 18 -63.13 -45.67 16.06
C LEU E 18 -62.35 -44.38 15.82
N ARG E 19 -62.61 -43.37 16.66
CA ARG E 19 -61.94 -42.07 16.54
C ARG E 19 -62.03 -41.39 17.91
N LEU E 20 -60.88 -40.97 18.44
CA LEU E 20 -60.79 -40.43 19.79
C LEU E 20 -60.07 -39.10 19.76
N SER E 21 -60.54 -38.16 20.57
CA SER E 21 -60.09 -36.77 20.53
C SER E 21 -59.41 -36.40 21.83
N CYS E 22 -58.49 -35.43 21.74
CA CYS E 22 -57.77 -34.90 22.90
C CYS E 22 -57.71 -33.39 22.77
N THR E 23 -58.53 -32.68 23.54
CA THR E 23 -58.65 -31.24 23.47
C THR E 23 -57.91 -30.61 24.65
N ALA E 24 -57.05 -29.64 24.36
CA ALA E 24 -56.34 -28.89 25.39
C ALA E 24 -57.10 -27.60 25.69
N SER E 25 -57.36 -27.36 26.97
CA SER E 25 -58.15 -26.18 27.36
C SER E 25 -57.28 -24.94 27.50
N GLY E 26 -56.06 -25.10 28.02
CA GLY E 26 -55.20 -23.96 28.30
C GLY E 26 -54.14 -23.74 27.25
N ILE E 27 -52.93 -24.23 27.53
CA ILE E 27 -51.82 -24.13 26.58
C ILE E 27 -52.11 -24.95 25.32
N ALA E 28 -51.52 -24.51 24.21
CA ALA E 28 -51.84 -25.06 22.90
C ALA E 28 -50.87 -26.18 22.53
N LEU E 29 -51.20 -26.87 21.44
CA LEU E 29 -50.38 -27.94 20.91
C LEU E 29 -49.42 -27.39 19.86
N HIS E 30 -48.58 -28.29 19.33
CA HIS E 30 -47.55 -28.10 18.29
C HIS E 30 -46.36 -27.26 18.81
N THR E 31 -46.47 -26.74 20.02
CA THR E 31 -45.34 -26.24 20.78
C THR E 31 -45.01 -27.14 21.96
N HIS E 32 -45.92 -28.03 22.34
CA HIS E 32 -45.74 -28.97 23.44
C HIS E 32 -46.00 -30.38 22.91
N ALA E 33 -45.10 -31.31 23.22
CA ALA E 33 -45.28 -32.69 22.79
C ALA E 33 -46.39 -33.36 23.60
N THR E 34 -47.18 -34.19 22.92
CA THR E 34 -48.26 -34.92 23.58
C THR E 34 -48.21 -36.40 23.20
N GLY E 35 -48.89 -37.21 24.00
CA GLY E 35 -48.91 -38.65 23.81
C GLY E 35 -50.19 -39.26 24.34
N TRP E 36 -50.31 -40.57 24.15
CA TRP E 36 -51.48 -41.32 24.57
C TRP E 36 -51.09 -42.47 25.50
N PHE E 37 -51.86 -42.65 26.56
CA PHE E 37 -51.63 -43.69 27.55
C PHE E 37 -52.95 -44.41 27.82
N ARG E 38 -52.88 -45.69 28.15
CA ARG E 38 -54.07 -46.44 28.51
C ARG E 38 -53.80 -47.26 29.78
N GLN E 39 -54.88 -47.60 30.48
CA GLN E 39 -54.81 -48.38 31.70
C GLN E 39 -55.85 -49.49 31.63
N ALA E 40 -55.40 -50.73 31.44
CA ALA E 40 -56.28 -51.88 31.47
C ALA E 40 -56.75 -52.12 32.91
N PRO E 41 -57.92 -52.74 33.08
CA PRO E 41 -58.37 -53.10 34.45
C PRO E 41 -57.46 -54.14 35.08
N GLY E 42 -56.87 -53.76 36.21
CA GLY E 42 -55.94 -54.63 36.91
C GLY E 42 -54.51 -54.57 36.39
N LYS E 43 -54.21 -53.67 35.46
CA LYS E 43 -52.87 -53.56 34.89
C LYS E 43 -52.40 -52.11 34.99
N GLU E 44 -51.12 -51.94 35.35
CA GLU E 44 -50.52 -50.62 35.48
C GLU E 44 -50.47 -49.91 34.12
N ARG E 45 -50.58 -48.58 34.18
CA ARG E 45 -50.77 -47.77 32.98
C ARG E 45 -49.50 -47.68 32.13
N GLU E 46 -49.70 -47.66 30.80
CA GLU E 46 -48.61 -47.72 29.85
C GLU E 46 -49.03 -46.94 28.61
N GLY E 47 -48.05 -46.30 27.95
CA GLY E 47 -48.33 -45.47 26.80
C GLY E 47 -48.69 -46.25 25.55
N VAL E 48 -49.11 -45.50 24.54
CA VAL E 48 -49.44 -46.06 23.23
C VAL E 48 -48.58 -45.38 22.16
N SER E 49 -48.73 -44.07 22.02
CA SER E 49 -48.03 -43.30 21.01
C SER E 49 -47.52 -42.01 21.63
N CYS E 50 -46.63 -41.32 20.90
CA CYS E 50 -46.01 -40.11 21.41
C CYS E 50 -45.57 -39.29 20.20
N ILE E 51 -46.04 -38.05 20.11
CA ILE E 51 -45.68 -37.14 19.02
C ILE E 51 -45.01 -35.92 19.61
N SER E 52 -44.05 -35.34 18.88
CA SER E 52 -43.17 -34.33 19.42
C SER E 52 -43.88 -32.96 19.43
N SER E 53 -43.12 -31.92 19.77
CA SER E 53 -43.62 -30.56 19.67
C SER E 53 -43.76 -30.16 18.21
N GLY E 54 -42.65 -30.09 17.48
CA GLY E 54 -42.67 -29.72 16.09
C GLY E 54 -42.85 -30.91 15.17
N ASP E 55 -42.87 -30.61 13.86
CA ASP E 55 -42.97 -31.52 12.71
C ASP E 55 -44.00 -32.64 12.86
N GLY E 56 -43.72 -33.82 12.32
CA GLY E 56 -44.65 -34.93 12.33
C GLY E 56 -44.07 -36.20 12.92
N THR E 57 -43.34 -36.07 14.02
CA THR E 57 -42.66 -37.21 14.64
C THR E 57 -43.70 -38.16 15.24
N THR E 58 -43.46 -39.47 15.09
CA THR E 58 -44.45 -40.47 15.47
C THR E 58 -43.76 -41.74 15.94
N TYR E 59 -44.15 -42.22 17.13
CA TYR E 59 -43.67 -43.50 17.66
C TYR E 59 -44.86 -44.30 18.17
N TYR E 60 -44.64 -45.60 18.35
CA TYR E 60 -45.63 -46.50 18.92
C TYR E 60 -44.93 -47.46 19.88
N GLU E 61 -45.73 -48.32 20.50
CA GLU E 61 -45.23 -49.39 21.35
C GLU E 61 -45.14 -50.69 20.55
N ASP E 62 -44.43 -51.67 21.13
CA ASP E 62 -43.98 -52.85 20.40
C ASP E 62 -45.10 -53.80 19.97
N SER E 63 -46.31 -53.63 20.47
CA SER E 63 -47.42 -54.50 20.09
C SER E 63 -48.51 -53.76 19.32
N VAL E 64 -48.25 -52.52 18.87
CA VAL E 64 -49.33 -51.70 18.35
C VAL E 64 -48.90 -51.04 17.03
N GLU E 65 -47.81 -51.50 16.44
CA GLU E 65 -47.42 -51.02 15.10
C GLU E 65 -48.42 -51.48 14.05
N GLY E 66 -48.73 -50.57 13.12
CA GLY E 66 -49.57 -50.89 11.99
C GLY E 66 -51.07 -50.89 12.25
N ARG E 67 -51.49 -50.60 13.48
CA ARG E 67 -52.91 -50.60 13.81
C ARG E 67 -53.45 -49.23 14.19
N PHE E 68 -52.65 -48.37 14.81
CA PHE E 68 -53.10 -47.03 15.17
C PHE E 68 -52.31 -46.02 14.36
N THR E 69 -52.97 -44.92 13.96
CA THR E 69 -52.28 -43.80 13.38
C THR E 69 -52.66 -42.53 14.13
N ILE E 70 -51.68 -41.64 14.28
CA ILE E 70 -51.78 -40.47 15.15
C ILE E 70 -51.51 -39.22 14.32
N SER E 71 -52.27 -38.16 14.60
CA SER E 71 -52.16 -36.91 13.87
C SER E 71 -52.67 -35.78 14.74
N ARG E 72 -52.37 -34.55 14.34
CA ARG E 72 -52.80 -33.37 15.07
C ARG E 72 -53.08 -32.24 14.10
N ASP E 73 -53.83 -31.25 14.58
CA ASP E 73 -54.17 -30.08 13.79
C ASP E 73 -54.28 -28.88 14.73
N ASN E 74 -53.70 -27.76 14.32
CA ASN E 74 -53.71 -26.55 15.15
C ASN E 74 -54.99 -25.75 15.03
N ALA E 75 -55.74 -25.92 13.93
CA ALA E 75 -56.94 -25.12 13.72
C ALA E 75 -58.07 -25.53 14.67
N LYS E 76 -58.25 -26.83 14.87
CA LYS E 76 -59.29 -27.33 15.75
C LYS E 76 -58.80 -27.61 17.17
N ASN E 77 -57.49 -27.42 17.43
CA ASN E 77 -56.89 -27.48 18.77
C ASN E 77 -57.07 -28.84 19.43
N THR E 78 -57.04 -29.90 18.62
CA THR E 78 -57.39 -31.23 19.11
C THR E 78 -56.45 -32.26 18.52
N VAL E 79 -56.11 -33.28 19.31
CA VAL E 79 -55.26 -34.39 18.89
C VAL E 79 -56.15 -35.60 18.60
N TYR E 80 -55.99 -36.17 17.41
CA TYR E 80 -56.77 -37.30 16.96
C TYR E 80 -55.93 -38.57 16.89
N LEU E 81 -56.40 -39.62 17.59
CA LEU E 81 -55.89 -40.97 17.45
C LEU E 81 -56.93 -41.81 16.71
N GLN E 82 -56.50 -42.47 15.65
CA GLN E 82 -57.38 -43.32 14.85
C GLN E 82 -57.12 -44.78 15.20
N MET E 83 -58.18 -45.51 15.54
CA MET E 83 -58.09 -46.90 15.96
C MET E 83 -58.58 -47.80 14.82
N ASN E 84 -57.72 -48.72 14.38
CA ASN E 84 -58.04 -49.64 13.30
C ASN E 84 -57.70 -51.06 13.70
N SER E 85 -58.59 -51.99 13.35
CA SER E 85 -58.44 -53.45 13.51
C SER E 85 -58.18 -53.84 14.98
N LEU E 86 -59.19 -53.55 15.80
CA LEU E 86 -59.10 -53.81 17.23
C LEU E 86 -59.37 -55.28 17.55
N LYS E 87 -58.94 -55.70 18.73
CA LYS E 87 -59.08 -57.08 19.18
C LYS E 87 -59.43 -57.05 20.67
N LEU E 88 -59.31 -58.21 21.33
CA LEU E 88 -59.93 -58.44 22.63
C LEU E 88 -59.24 -57.66 23.75
N GLU E 89 -57.90 -57.67 23.79
CA GLU E 89 -57.21 -57.11 24.95
C GLU E 89 -57.03 -55.59 24.89
N ASP E 90 -57.58 -54.93 23.86
CA ASP E 90 -57.46 -53.48 23.73
C ASP E 90 -58.40 -52.72 24.66
N THR E 91 -59.27 -53.41 25.40
CA THR E 91 -60.18 -52.74 26.32
C THR E 91 -59.40 -52.14 27.49
N ALA E 92 -59.46 -50.81 27.61
CA ALA E 92 -58.76 -50.07 28.65
C ALA E 92 -59.41 -48.69 28.76
N VAL E 93 -58.83 -47.84 29.59
CA VAL E 93 -59.27 -46.45 29.73
C VAL E 93 -58.12 -45.58 29.22
N TYR E 94 -58.34 -44.89 28.11
CA TYR E 94 -57.27 -44.19 27.42
C TYR E 94 -57.16 -42.74 27.88
N TYR E 95 -55.96 -42.34 28.30
CA TYR E 95 -55.66 -40.99 28.75
C TYR E 95 -54.72 -40.33 27.76
N CYS E 96 -54.93 -39.05 27.50
CA CYS E 96 -53.99 -38.25 26.73
C CYS E 96 -53.31 -37.24 27.64
N ALA E 97 -52.03 -36.99 27.37
CA ALA E 97 -51.20 -36.16 28.24
C ALA E 97 -50.16 -35.46 27.39
N ALA E 98 -49.66 -34.32 27.90
CA ALA E 98 -48.77 -33.47 27.13
C ALA E 98 -47.61 -32.99 27.99
N ASP E 99 -46.48 -32.71 27.34
CA ASP E 99 -45.27 -32.16 27.96
C ASP E 99 -44.69 -31.04 27.11
N PRO E 100 -44.06 -30.05 27.75
CA PRO E 100 -43.24 -29.08 27.00
C PRO E 100 -42.02 -29.74 26.40
N GLY E 101 -41.62 -29.24 25.24
CA GLY E 101 -40.42 -29.71 24.57
C GLY E 101 -40.54 -31.08 23.93
N ALA E 102 -39.62 -31.42 23.03
CA ALA E 102 -39.67 -32.70 22.32
C ALA E 102 -39.15 -33.79 23.26
N VAL E 103 -40.06 -34.38 24.03
CA VAL E 103 -39.71 -35.47 24.94
C VAL E 103 -39.81 -36.83 24.27
N CYS E 104 -40.37 -36.92 23.06
CA CYS E 104 -40.61 -38.20 22.41
C CYS E 104 -39.32 -38.65 21.74
N HIS E 105 -38.61 -39.58 22.40
CA HIS E 105 -37.30 -40.10 22.00
C HIS E 105 -36.30 -38.96 21.84
N SER E 106 -35.99 -38.35 22.98
CA SER E 106 -35.02 -37.26 23.06
C SER E 106 -33.69 -37.83 23.50
N GLY E 107 -32.74 -37.92 22.58
CA GLY E 107 -31.45 -38.52 22.89
C GLY E 107 -31.57 -40.01 23.14
N SER E 108 -30.88 -40.48 24.18
CA SER E 108 -31.00 -41.86 24.63
C SER E 108 -32.05 -42.00 25.74
N TYR E 109 -33.24 -41.44 25.51
CA TYR E 109 -34.33 -41.50 26.47
C TYR E 109 -35.65 -41.50 25.72
N TYR E 110 -36.40 -42.59 25.85
CA TYR E 110 -37.73 -42.67 25.27
C TYR E 110 -38.75 -42.03 26.21
N TYR E 111 -40.03 -42.21 25.90
CA TYR E 111 -41.13 -41.75 26.75
C TYR E 111 -41.59 -42.84 27.73
N THR E 112 -40.59 -43.41 28.42
CA THR E 112 -40.82 -44.56 29.29
C THR E 112 -41.66 -44.20 30.52
N ASP E 113 -42.41 -45.20 30.99
CA ASP E 113 -43.52 -45.16 31.95
C ASP E 113 -44.39 -43.91 31.83
N ASP E 114 -44.69 -43.25 32.95
CA ASP E 114 -45.47 -42.01 32.94
C ASP E 114 -44.67 -40.93 33.64
N ASP E 115 -43.85 -40.21 32.86
CA ASP E 115 -43.10 -39.06 33.33
C ASP E 115 -43.77 -37.75 32.95
N PHE E 116 -45.00 -37.79 32.46
CA PHE E 116 -45.65 -36.61 31.93
C PHE E 116 -46.17 -35.73 33.07
N TYR E 117 -46.25 -34.42 32.81
CA TYR E 117 -46.60 -33.45 33.83
C TYR E 117 -48.09 -33.12 33.81
N TYR E 118 -48.66 -32.79 32.65
CA TYR E 118 -50.08 -32.55 32.51
C TYR E 118 -50.81 -33.87 32.34
N ARG E 119 -52.02 -33.96 32.90
CA ARG E 119 -52.82 -35.16 32.84
C ARG E 119 -54.26 -34.81 32.49
N GLY E 120 -55.01 -35.82 32.04
CA GLY E 120 -56.41 -35.65 31.67
C GLY E 120 -57.29 -36.68 32.35
N GLN E 121 -58.59 -36.57 32.07
CA GLN E 121 -59.56 -37.47 32.68
C GLN E 121 -59.55 -38.84 32.04
N GLY E 122 -59.84 -38.91 30.74
CA GLY E 122 -59.84 -40.16 30.01
C GLY E 122 -61.25 -40.70 29.76
N THR E 123 -61.30 -41.75 28.94
CA THR E 123 -62.56 -42.36 28.54
C THR E 123 -62.40 -43.86 28.46
N GLN E 124 -63.29 -44.59 29.12
CA GLN E 124 -63.32 -46.05 29.04
C GLN E 124 -63.79 -46.50 27.66
N VAL E 125 -63.04 -47.42 27.05
CA VAL E 125 -63.43 -48.03 25.79
C VAL E 125 -63.44 -49.55 25.98
N THR E 126 -64.46 -50.21 25.44
CA THR E 126 -64.64 -51.64 25.57
C THR E 126 -64.87 -52.26 24.20
N VAL E 127 -64.65 -53.58 24.11
CA VAL E 127 -64.82 -54.34 22.88
C VAL E 127 -65.58 -55.61 23.26
N SER E 128 -66.01 -56.35 22.22
CA SER E 128 -66.71 -57.63 22.34
C SER E 128 -68.03 -57.51 23.09
N SER E 129 -68.93 -56.72 22.51
CA SER E 129 -70.26 -56.53 23.08
C SER E 129 -71.11 -57.78 22.91
N GLN F 1 14.87 -82.94 33.53
CA GLN F 1 14.52 -81.69 34.21
C GLN F 1 13.16 -81.79 34.90
N VAL F 2 12.13 -82.05 34.10
CA VAL F 2 10.75 -82.13 34.60
C VAL F 2 10.38 -83.59 34.77
N GLN F 3 9.92 -83.93 35.97
CA GLN F 3 9.53 -85.30 36.30
C GLN F 3 8.02 -85.39 36.48
N LEU F 4 7.47 -86.57 36.20
CA LEU F 4 6.07 -86.88 36.41
C LEU F 4 5.96 -88.05 37.37
N GLN F 5 5.13 -87.90 38.40
CA GLN F 5 4.97 -88.91 39.43
C GLN F 5 3.53 -89.40 39.44
N GLU F 6 3.35 -90.72 39.47
CA GLU F 6 2.04 -91.35 39.52
C GLU F 6 1.80 -91.93 40.91
N SER F 7 0.52 -92.03 41.27
CA SER F 7 0.12 -92.57 42.57
C SER F 7 -1.20 -93.32 42.41
N GLY F 8 -1.44 -94.24 43.35
CA GLY F 8 -2.64 -95.05 43.35
C GLY F 8 -2.30 -96.54 43.25
N GLY F 9 -3.14 -97.27 42.53
CA GLY F 9 -2.95 -98.69 42.36
C GLY F 9 -3.41 -99.48 43.57
N GLY F 10 -3.03 -100.76 43.59
CA GLY F 10 -3.36 -101.66 44.66
C GLY F 10 -4.00 -102.93 44.14
N LEU F 11 -4.78 -103.58 44.98
CA LEU F 11 -5.44 -104.85 44.67
C LEU F 11 -6.94 -104.58 44.59
N VAL F 12 -7.42 -104.33 43.38
CA VAL F 12 -8.84 -104.11 43.13
C VAL F 12 -9.45 -105.43 42.65
N GLN F 13 -10.72 -105.64 42.99
CA GLN F 13 -11.55 -106.79 42.64
C GLN F 13 -12.52 -106.38 41.52
N PRO F 14 -12.95 -107.31 40.66
CA PRO F 14 -13.92 -106.96 39.61
C PRO F 14 -15.22 -106.42 40.17
N GLY F 15 -15.64 -105.27 39.65
CA GLY F 15 -16.74 -104.51 40.20
C GLY F 15 -16.33 -103.33 41.06
N GLY F 16 -15.06 -103.23 41.41
CA GLY F 16 -14.57 -102.17 42.27
C GLY F 16 -14.19 -100.92 41.51
N SER F 17 -13.63 -99.95 42.25
CA SER F 17 -13.24 -98.67 41.69
C SER F 17 -11.88 -98.27 42.24
N LEU F 18 -11.20 -97.41 41.48
CA LEU F 18 -9.86 -96.96 41.84
C LEU F 18 -9.63 -95.62 41.15
N ARG F 19 -8.67 -94.84 41.68
CA ARG F 19 -8.37 -93.52 41.16
C ARG F 19 -6.87 -93.33 41.10
N LEU F 20 -6.32 -93.10 39.90
CA LEU F 20 -4.92 -92.74 39.73
C LEU F 20 -4.76 -91.22 39.68
N SER F 21 -3.62 -90.76 40.19
CA SER F 21 -3.27 -89.35 40.17
C SER F 21 -1.87 -89.18 39.59
N CYS F 22 -1.72 -88.20 38.70
CA CYS F 22 -0.44 -87.88 38.08
C CYS F 22 -0.11 -86.42 38.36
N THR F 23 0.98 -86.19 39.08
CA THR F 23 1.37 -84.87 39.54
C THR F 23 2.61 -84.41 38.78
N ALA F 24 2.53 -83.23 38.18
CA ALA F 24 3.67 -82.60 37.52
C ALA F 24 4.28 -81.57 38.45
N SER F 25 5.60 -81.62 38.61
CA SER F 25 6.31 -80.68 39.47
C SER F 25 6.64 -79.38 38.74
N GLY F 26 7.35 -79.49 37.62
CA GLY F 26 7.85 -78.32 36.92
C GLY F 26 6.88 -77.66 35.96
N ILE F 27 6.39 -78.43 34.98
CA ILE F 27 5.53 -77.84 33.95
C ILE F 27 4.14 -77.53 34.51
N ALA F 28 3.39 -76.75 33.74
CA ALA F 28 2.08 -76.27 34.14
C ALA F 28 1.00 -77.02 33.39
N LEU F 29 0.02 -77.55 34.12
CA LEU F 29 -1.18 -78.06 33.48
C LEU F 29 -2.11 -76.90 33.16
N HIS F 30 -3.21 -77.22 32.44
CA HIS F 30 -4.19 -76.41 31.70
C HIS F 30 -3.56 -75.48 30.66
N THR F 31 -2.25 -75.57 30.47
CA THR F 31 -1.53 -75.08 29.31
C THR F 31 -0.83 -76.21 28.56
N HIS F 32 -0.60 -77.33 29.23
CA HIS F 32 -0.08 -78.56 28.63
C HIS F 32 -1.24 -79.51 28.38
N ALA F 33 -1.01 -80.50 27.54
CA ALA F 33 -1.99 -81.55 27.28
C ALA F 33 -1.41 -82.87 27.77
N THR F 34 -2.14 -83.54 28.67
CA THR F 34 -1.70 -84.78 29.25
C THR F 34 -2.60 -85.94 28.82
N GLY F 35 -2.05 -87.15 28.88
CA GLY F 35 -2.78 -88.34 28.49
C GLY F 35 -2.30 -89.53 29.28
N TRP F 36 -3.09 -90.60 29.22
CA TRP F 36 -2.80 -91.85 29.92
C TRP F 36 -2.57 -92.96 28.89
N PHE F 37 -1.50 -93.72 29.09
CA PHE F 37 -1.16 -94.85 28.23
C PHE F 37 -0.93 -96.07 29.11
N ARG F 38 -1.32 -97.25 28.61
CA ARG F 38 -1.20 -98.47 29.39
C ARG F 38 -0.47 -99.54 28.59
N GLN F 39 0.14 -100.47 29.32
CA GLN F 39 0.91 -101.56 28.73
C GLN F 39 0.60 -102.84 29.48
N ALA F 40 0.01 -103.82 28.78
CA ALA F 40 -0.23 -105.16 29.30
C ALA F 40 0.98 -106.06 29.01
N PRO F 41 1.22 -107.06 29.85
CA PRO F 41 2.32 -108.00 29.57
C PRO F 41 2.07 -108.83 28.33
N GLY F 42 3.11 -108.98 27.52
CA GLY F 42 3.02 -109.70 26.25
C GLY F 42 2.33 -108.95 25.14
N LYS F 43 2.06 -107.66 25.31
CA LYS F 43 1.38 -106.86 24.30
C LYS F 43 2.16 -105.58 24.01
N GLU F 44 1.56 -104.68 23.23
CA GLU F 44 2.17 -103.41 22.87
C GLU F 44 1.34 -102.27 23.43
N ARG F 45 2.02 -101.15 23.71
CA ARG F 45 1.41 -100.07 24.48
C ARG F 45 0.33 -99.34 23.69
N GLU F 46 -0.76 -98.99 24.38
CA GLU F 46 -1.93 -98.38 23.76
C GLU F 46 -2.47 -97.32 24.71
N GLY F 47 -2.90 -96.19 24.14
CA GLY F 47 -3.41 -95.10 24.96
C GLY F 47 -4.75 -95.43 25.60
N VAL F 48 -5.08 -94.64 26.62
CA VAL F 48 -6.32 -94.78 27.38
C VAL F 48 -7.23 -93.58 27.21
N SER F 49 -6.71 -92.38 27.49
CA SER F 49 -7.49 -91.16 27.42
C SER F 49 -6.54 -89.99 27.22
N CYS F 50 -7.10 -88.86 26.82
CA CYS F 50 -6.34 -87.63 26.69
C CYS F 50 -7.23 -86.43 26.93
N ILE F 51 -6.62 -85.33 27.38
CA ILE F 51 -7.28 -84.04 27.54
C ILE F 51 -6.34 -82.97 26.99
N SER F 52 -6.91 -82.03 26.24
CA SER F 52 -6.13 -81.05 25.51
C SER F 52 -5.75 -79.86 26.40
N SER F 53 -5.01 -78.92 25.82
CA SER F 53 -4.60 -77.73 26.56
C SER F 53 -5.78 -76.81 26.82
N GLY F 54 -6.59 -76.55 25.80
CA GLY F 54 -7.74 -75.67 25.97
C GLY F 54 -8.84 -76.37 26.72
N ASP F 55 -9.32 -75.76 27.81
CA ASP F 55 -10.36 -76.24 28.74
C ASP F 55 -10.22 -77.72 29.13
N GLY F 56 -11.34 -78.41 29.30
CA GLY F 56 -11.32 -79.81 29.69
C GLY F 56 -11.87 -80.74 28.63
N THR F 57 -11.46 -80.52 27.37
CA THR F 57 -11.94 -81.33 26.26
C THR F 57 -11.32 -82.73 26.34
N THR F 58 -12.16 -83.74 26.56
CA THR F 58 -11.72 -85.10 26.82
C THR F 58 -11.71 -85.92 25.54
N TYR F 59 -10.79 -86.89 25.47
CA TYR F 59 -10.77 -87.86 24.39
C TYR F 59 -10.56 -89.24 24.98
N TYR F 60 -11.00 -90.25 24.22
CA TYR F 60 -11.13 -91.60 24.74
C TYR F 60 -10.97 -92.61 23.61
N GLU F 61 -10.65 -93.86 24.00
CA GLU F 61 -10.46 -94.96 23.08
C GLU F 61 -11.73 -95.80 22.97
N ASP F 62 -11.66 -96.84 22.14
CA ASP F 62 -12.85 -97.63 21.81
C ASP F 62 -13.24 -98.59 22.93
N SER F 63 -12.28 -99.18 23.62
CA SER F 63 -12.56 -100.10 24.73
C SER F 63 -12.64 -99.38 26.07
N VAL F 64 -12.54 -98.05 26.07
CA VAL F 64 -12.48 -97.23 27.27
C VAL F 64 -13.82 -96.50 27.49
N GLU F 65 -14.77 -96.72 26.57
CA GLU F 65 -15.99 -95.92 26.45
C GLU F 65 -16.92 -96.14 27.64
N GLY F 66 -17.27 -95.04 28.32
CA GLY F 66 -18.31 -95.05 29.33
C GLY F 66 -17.88 -95.49 30.71
N ARG F 67 -16.70 -96.07 30.87
CA ARG F 67 -16.27 -96.60 32.16
C ARG F 67 -15.19 -95.74 32.82
N PHE F 68 -14.46 -94.94 32.06
CA PHE F 68 -13.26 -94.26 32.55
C PHE F 68 -13.42 -92.77 32.34
N THR F 69 -13.34 -92.01 33.42
CA THR F 69 -13.49 -90.56 33.37
C THR F 69 -12.16 -89.88 33.69
N ILE F 70 -11.89 -88.79 32.98
CA ILE F 70 -10.66 -88.02 33.12
C ILE F 70 -11.01 -86.61 33.58
N SER F 71 -10.27 -86.11 34.56
CA SER F 71 -10.49 -84.76 35.09
C SER F 71 -9.15 -84.17 35.50
N ARG F 72 -9.01 -82.86 35.32
CA ARG F 72 -7.79 -82.14 35.64
C ARG F 72 -8.08 -81.07 36.67
N ASP F 73 -7.27 -81.02 37.72
CA ASP F 73 -7.37 -79.99 38.75
C ASP F 73 -6.13 -79.12 38.66
N ASN F 74 -6.34 -77.82 38.46
CA ASN F 74 -5.24 -76.87 38.34
C ASN F 74 -4.81 -76.27 39.66
N ALA F 75 -5.49 -76.60 40.76
CA ALA F 75 -5.08 -76.12 42.07
C ALA F 75 -3.87 -76.88 42.59
N LYS F 76 -3.95 -78.22 42.59
CA LYS F 76 -2.85 -79.06 43.01
C LYS F 76 -1.96 -79.49 41.85
N ASN F 77 -2.26 -79.03 40.63
CA ASN F 77 -1.53 -79.36 39.39
C ASN F 77 -1.46 -80.87 39.17
N THR F 78 -2.58 -81.56 39.43
CA THR F 78 -2.63 -83.02 39.36
C THR F 78 -3.85 -83.44 38.55
N VAL F 79 -3.63 -84.31 37.56
CA VAL F 79 -4.71 -84.85 36.74
C VAL F 79 -5.17 -86.17 37.35
N TYR F 80 -6.48 -86.42 37.29
CA TYR F 80 -7.10 -87.59 37.89
C TYR F 80 -7.75 -88.46 36.84
N LEU F 81 -7.50 -89.76 36.92
CA LEU F 81 -8.21 -90.76 36.13
C LEU F 81 -9.02 -91.63 37.09
N GLN F 82 -10.33 -91.67 36.90
CA GLN F 82 -11.23 -92.44 37.75
C GLN F 82 -11.63 -93.71 37.03
N MET F 83 -11.35 -94.86 37.65
CA MET F 83 -11.63 -96.16 37.07
C MET F 83 -12.93 -96.70 37.68
N ASN F 84 -13.93 -96.94 36.82
CA ASN F 84 -15.19 -97.53 37.23
C ASN F 84 -15.45 -98.80 36.42
N SER F 85 -16.00 -99.81 37.11
CA SER F 85 -16.35 -101.14 36.58
C SER F 85 -15.18 -101.78 35.83
N LEU F 86 -14.12 -102.05 36.58
CA LEU F 86 -12.94 -102.70 36.01
C LEU F 86 -13.21 -104.17 35.74
N LYS F 87 -12.80 -104.63 34.56
CA LYS F 87 -12.90 -106.03 34.16
C LYS F 87 -11.55 -106.70 34.31
N LEU F 88 -11.55 -108.03 34.18
CA LEU F 88 -10.38 -108.83 34.52
C LEU F 88 -9.22 -108.63 33.54
N GLU F 89 -9.51 -108.22 32.30
CA GLU F 89 -8.46 -108.02 31.31
C GLU F 89 -7.80 -106.65 31.41
N ASP F 90 -8.20 -105.83 32.39
CA ASP F 90 -7.66 -104.47 32.54
C ASP F 90 -6.38 -104.42 33.38
N THR F 91 -5.80 -105.57 33.72
CA THR F 91 -4.54 -105.58 34.47
C THR F 91 -3.41 -105.14 33.56
N ALA F 92 -2.76 -104.03 33.92
CA ALA F 92 -1.68 -103.45 33.14
C ALA F 92 -0.91 -102.48 34.04
N VAL F 93 0.08 -101.82 33.44
CA VAL F 93 0.78 -100.71 34.08
C VAL F 93 0.45 -99.43 33.30
N TYR F 94 0.16 -98.37 34.03
CA TYR F 94 -0.35 -97.13 33.44
C TYR F 94 0.71 -96.04 33.53
N TYR F 95 0.89 -95.31 32.43
CA TYR F 95 1.81 -94.19 32.35
C TYR F 95 1.05 -92.91 32.02
N CYS F 96 1.41 -91.82 32.68
CA CYS F 96 0.92 -90.50 32.31
C CYS F 96 2.03 -89.75 31.58
N ALA F 97 1.66 -89.05 30.52
CA ALA F 97 2.62 -88.33 29.70
C ALA F 97 2.01 -87.01 29.28
N ALA F 98 2.87 -85.99 29.17
CA ALA F 98 2.44 -84.64 28.83
C ALA F 98 3.13 -84.18 27.54
N ASP F 99 2.43 -83.38 26.76
CA ASP F 99 2.94 -82.91 25.48
C ASP F 99 2.36 -81.52 25.26
N PRO F 100 3.22 -80.48 25.20
CA PRO F 100 2.73 -79.11 25.08
C PRO F 100 2.06 -78.82 23.75
N GLY F 101 1.16 -77.84 23.78
CA GLY F 101 0.19 -77.63 22.73
C GLY F 101 -1.02 -78.53 22.90
N ALA F 102 -2.11 -78.15 22.23
CA ALA F 102 -3.31 -78.98 22.18
C ALA F 102 -3.04 -80.13 21.21
N VAL F 103 -2.35 -81.15 21.72
CA VAL F 103 -1.74 -82.15 20.86
C VAL F 103 -2.75 -83.21 20.41
N CYS F 104 -3.69 -83.58 21.27
CA CYS F 104 -4.58 -84.68 20.95
C CYS F 104 -5.67 -84.20 20.00
N HIS F 105 -5.77 -84.88 18.85
CA HIS F 105 -6.78 -84.64 17.82
C HIS F 105 -6.69 -83.22 17.26
N SER F 106 -5.55 -82.95 16.62
CA SER F 106 -5.29 -81.69 15.93
C SER F 106 -5.25 -81.98 14.44
N GLY F 107 -6.42 -81.99 13.81
CA GLY F 107 -6.50 -82.28 12.39
C GLY F 107 -6.30 -83.75 12.12
N SER F 108 -5.42 -84.06 11.16
CA SER F 108 -5.15 -85.44 10.76
C SER F 108 -4.02 -86.04 11.60
N TYR F 109 -4.26 -86.07 12.92
CA TYR F 109 -3.31 -86.62 13.86
C TYR F 109 -4.05 -86.99 15.13
N TYR F 110 -4.09 -88.29 15.45
CA TYR F 110 -4.59 -88.74 16.73
C TYR F 110 -3.42 -88.88 17.70
N TYR F 111 -3.70 -89.27 18.93
CA TYR F 111 -2.63 -89.53 19.90
C TYR F 111 -2.19 -91.00 19.86
N THR F 112 -1.85 -91.46 18.65
CA THR F 112 -1.39 -92.82 18.45
C THR F 112 0.01 -93.01 19.03
N ASP F 113 0.23 -94.20 19.62
CA ASP F 113 1.38 -94.65 20.40
C ASP F 113 1.99 -93.56 21.28
N ASP F 114 3.32 -93.44 21.29
CA ASP F 114 4.00 -92.53 22.21
C ASP F 114 4.99 -91.67 21.45
N ASP F 115 4.69 -90.38 21.33
CA ASP F 115 5.67 -89.38 20.91
C ASP F 115 5.70 -88.19 21.86
N PHE F 116 5.15 -88.36 23.07
CA PHE F 116 5.07 -87.28 24.04
C PHE F 116 6.45 -86.98 24.62
N TYR F 117 6.65 -85.72 25.01
CA TYR F 117 7.97 -85.29 25.47
C TYR F 117 8.25 -85.76 26.89
N TYR F 118 7.32 -85.54 27.81
CA TYR F 118 7.52 -85.81 29.23
C TYR F 118 6.95 -87.17 29.59
N ARG F 119 7.69 -87.93 30.40
CA ARG F 119 7.33 -89.29 30.76
C ARG F 119 7.32 -89.46 32.28
N GLY F 120 6.97 -90.68 32.70
CA GLY F 120 6.92 -91.04 34.10
C GLY F 120 7.33 -92.48 34.29
N GLN F 121 7.31 -92.94 35.54
CA GLN F 121 7.75 -94.28 35.88
C GLN F 121 6.66 -95.33 35.73
N GLY F 122 5.44 -95.00 36.11
CA GLY F 122 4.32 -95.91 35.96
C GLY F 122 3.96 -96.60 37.27
N THR F 123 2.67 -96.92 37.42
CA THR F 123 2.16 -97.65 38.58
C THR F 123 1.38 -98.86 38.10
N GLN F 124 1.59 -99.99 38.78
CA GLN F 124 0.96 -101.25 38.40
C GLN F 124 -0.43 -101.35 39.01
N VAL F 125 -1.41 -101.62 38.18
CA VAL F 125 -2.78 -101.88 38.61
C VAL F 125 -3.13 -103.30 38.19
N THR F 126 -3.32 -104.18 39.18
CA THR F 126 -3.71 -105.56 38.94
C THR F 126 -5.13 -105.79 39.43
N VAL F 127 -5.85 -106.67 38.74
CA VAL F 127 -7.21 -107.01 39.10
C VAL F 127 -7.42 -108.52 38.91
N SER F 128 -7.96 -109.17 39.93
CA SER F 128 -8.13 -110.62 39.99
C SER F 128 -9.01 -110.94 41.19
N SER F 129 -9.39 -112.20 41.29
CA SER F 129 -10.13 -112.68 42.45
C SER F 129 -9.22 -113.50 43.36
C1 NAG G . -30.50 31.39 -14.49
C2 NAG G . -30.06 31.93 -15.86
C3 NAG G . -31.23 32.63 -16.55
C4 NAG G . -32.47 31.74 -16.60
C5 NAG G . -32.79 31.26 -15.18
C6 NAG G . -33.97 30.30 -15.09
C7 NAG G . -27.65 32.49 -15.97
C8 NAG G . -26.65 33.61 -15.77
N2 NAG G . -28.93 32.83 -15.74
O3 NAG G . -30.79 33.02 -17.82
O4 NAG G . -33.53 32.53 -17.13
O5 NAG G . -31.65 30.60 -14.66
O6 NAG G . -33.75 29.21 -15.95
O7 NAG G . -27.29 31.37 -16.30
C1 NAG G . -34.06 32.01 -18.38
C2 NAG G . -33.71 33.01 -19.50
C3 NAG G . -34.24 32.49 -20.84
C4 NAG G . -33.77 31.06 -21.11
C5 NAG G . -34.09 30.17 -19.91
C6 NAG G . -33.62 28.74 -20.05
C7 NAG G . -33.49 35.34 -18.74
C8 NAG G . -34.25 36.62 -18.49
N2 NAG G . -34.23 34.31 -19.19
O3 NAG G . -33.82 33.38 -21.83
O4 NAG G . -34.43 30.62 -22.28
O5 NAG G . -33.52 30.74 -18.74
O6 NAG G . -33.94 28.02 -18.88
O7 NAG G . -32.29 35.26 -18.54
C1 NAG H . 2.27 64.28 -40.04
C2 NAG H . 2.48 63.71 -41.44
C3 NAG H . 1.12 63.50 -42.09
C4 NAG H . 0.11 62.74 -41.21
C5 NAG H . 0.10 63.40 -39.82
C6 NAG H . -0.77 62.75 -38.77
C7 NAG H . 4.44 64.26 -42.85
C8 NAG H . 5.09 65.38 -43.62
N2 NAG H . 3.28 64.60 -42.23
O3 NAG H . 1.35 62.83 -43.30
O4 NAG H . -1.16 62.88 -41.80
O5 NAG H . 1.41 63.44 -39.31
O6 NAG H . -0.13 61.61 -38.28
O7 NAG H . 4.93 63.14 -42.79
C1 NAG H . -1.66 61.68 -42.46
C2 NAG H . -2.82 62.19 -43.34
C3 NAG H . -3.17 61.23 -44.47
C4 NAG H . -1.94 60.71 -45.19
C5 NAG H . -1.04 60.03 -44.15
C6 NAG H . 0.20 59.39 -44.73
C7 NAG H . -4.47 63.67 -42.17
C8 NAG H . -3.73 64.89 -42.66
N2 NAG H . -3.98 62.46 -42.54
O3 NAG H . -4.02 61.93 -45.35
O4 NAG H . -2.37 59.81 -46.18
O5 NAG H . -0.65 61.02 -43.20
O6 NAG H . 1.02 60.38 -45.28
O7 NAG H . -5.48 63.79 -41.49
C1 NAG I . 14.80 69.83 -9.86
C2 NAG I . 14.78 71.36 -9.73
C3 NAG I . 15.27 71.73 -8.32
C4 NAG I . 14.51 71.01 -7.22
C5 NAG I . 14.51 69.49 -7.51
C6 NAG I . 13.68 68.64 -6.58
C7 NAG I . 15.10 72.72 -11.75
C8 NAG I . 16.14 73.25 -12.71
N2 NAG I . 15.59 71.96 -10.74
O3 NAG I . 15.17 73.12 -8.19
O4 NAG I . 15.17 71.30 -6.01
O5 NAG I . 14.02 69.29 -8.82
O6 NAG I . 14.45 68.27 -5.45
O7 NAG I . 13.92 72.98 -11.89
C1 NAG I . 14.29 72.03 -5.12
C2 NAG I . 14.83 71.92 -3.68
C3 NAG I . 13.96 72.76 -2.75
C4 NAG I . 13.79 74.19 -3.25
C5 NAG I . 13.31 74.17 -4.71
C6 NAG I . 13.19 75.54 -5.34
C7 NAG I . 15.97 69.94 -2.74
C8 NAG I . 15.77 68.51 -2.33
N2 NAG I . 14.87 70.56 -3.24
O3 NAG I . 14.55 72.72 -1.48
O4 NAG I . 12.86 74.83 -2.41
O5 NAG I . 14.21 73.40 -5.48
O6 NAG I . 14.44 76.17 -5.35
O7 NAG I . 17.05 70.51 -2.61
C1 NAG J . 23.46 61.14 8.86
C2 NAG J . 23.97 62.34 9.71
C3 NAG J . 23.56 62.16 11.17
C4 NAG J . 22.08 61.81 11.37
C5 NAG J . 21.75 60.61 10.47
C6 NAG J . 20.30 60.23 10.52
C7 NAG J . 26.05 63.58 9.23
C8 NAG J . 27.54 63.48 9.34
N2 NAG J . 25.40 62.49 9.69
O3 NAG J . 23.93 63.33 11.85
O4 NAG J . 21.88 61.46 12.71
O5 NAG J . 22.09 60.93 9.15
O6 NAG J . 19.52 61.28 9.98
O7 NAG J . 25.50 64.56 8.75
C1 NAG J . 21.14 62.47 13.41
C2 NAG J . 20.50 61.84 14.66
C3 NAG J . 19.95 62.91 15.59
C4 NAG J . 21.00 63.98 15.90
C5 NAG J . 21.49 64.56 14.58
C6 NAG J . 22.59 65.58 14.78
C7 NAG J . 19.53 59.60 14.43
C8 NAG J . 18.29 58.85 14.00
N2 NAG J . 19.44 60.93 14.30
O3 NAG J . 19.52 62.28 16.77
O4 NAG J . 20.40 64.95 16.70
O5 NAG J . 22.01 63.53 13.78
O6 NAG J . 23.72 64.95 15.34
O7 NAG J . 20.52 59.03 14.85
C1 NAG K . 15.24 79.65 -28.18
C2 NAG K . 14.47 80.94 -27.81
C3 NAG K . 15.30 82.16 -28.21
C4 NAG K . 16.72 82.13 -27.64
C5 NAG K . 17.37 80.73 -27.82
C6 NAG K . 18.62 80.54 -26.99
C7 NAG K . 12.01 81.13 -27.80
C8 NAG K . 10.79 81.25 -28.70
N2 NAG K . 13.19 81.06 -28.46
O3 NAG K . 14.60 83.30 -27.80
O4 NAG K . 17.40 83.11 -28.36
O5 NAG K . 16.46 79.70 -27.47
O6 NAG K . 19.69 81.26 -27.54
O7 NAG K . 11.90 81.11 -26.59
C1 NAG K . 17.93 84.13 -27.49
C2 NAG K . 19.03 84.86 -28.26
C3 NAG K . 19.65 85.93 -27.38
C4 NAG K . 18.57 86.88 -26.84
C5 NAG K . 17.45 86.06 -26.17
C6 NAG K . 16.29 86.92 -25.71
C7 NAG K . 20.43 83.84 -30.02
C8 NAG K . 21.47 82.79 -30.29
N2 NAG K . 20.02 83.93 -28.74
O3 NAG K . 20.61 86.59 -28.13
O4 NAG K . 19.20 87.74 -25.93
O5 NAG K . 16.97 85.08 -27.07
O6 NAG K . 15.98 87.86 -26.71
O7 NAG K . 19.99 84.56 -30.91
C1 NAG L . 17.14 74.93 -47.85
C2 NAG L . 18.37 74.80 -48.77
C3 NAG L . 17.89 75.02 -50.22
C4 NAG L . 16.64 74.22 -50.62
C5 NAG L . 15.60 74.28 -49.48
C6 NAG L . 14.38 73.42 -49.69
C7 NAG L . 19.45 77.08 -48.42
C8 NAG L . 20.79 77.65 -48.02
N2 NAG L . 19.43 75.72 -48.44
O3 NAG L . 19.00 74.74 -51.03
O4 NAG L . 16.11 74.86 -51.76
O5 NAG L . 16.20 73.95 -48.23
O6 NAG L . 13.44 73.69 -48.67
O7 NAG L . 18.52 77.82 -48.68
C1 NAG L . 16.42 74.19 -53.01
C2 NAG L . 15.52 74.82 -54.10
C3 NAG L . 15.96 74.37 -55.50
C4 NAG L . 17.46 74.56 -55.72
C5 NAG L . 18.20 73.81 -54.60
C6 NAG L . 19.70 73.93 -54.67
C7 NAG L . 13.20 75.44 -53.59
C8 NAG L . 11.81 74.90 -53.38
N2 NAG L . 14.14 74.53 -53.87
O3 NAG L . 15.21 75.09 -56.43
O4 NAG L . 17.79 74.07 -57.00
O5 NAG L . 17.78 74.34 -53.37
O6 NAG L . 20.09 75.24 -54.31
O7 NAG L . 13.44 76.64 -53.49
C1 NAG M . 37.96 65.38 2.21
C2 NAG M . 36.84 66.41 2.47
C3 NAG M . 37.00 67.12 3.82
C4 NAG M . 37.40 66.18 4.96
C5 NAG M . 38.60 65.34 4.50
C6 NAG M . 39.13 64.37 5.53
C7 NAG M . 37.65 68.29 0.96
C8 NAG M . 37.14 69.10 -0.20
N2 NAG M . 36.75 67.37 1.39
O3 NAG M . 35.80 67.79 4.12
O4 NAG M . 37.81 67.00 6.04
O5 NAG M . 38.23 64.61 3.35
O6 NAG M . 40.16 63.58 5.00
O7 NAG M . 38.78 68.48 1.43
C1 NAG M . 36.92 66.98 7.17
C2 NAG M . 37.08 68.36 7.84
C3 NAG M . 36.11 68.52 9.01
C4 NAG M . 34.67 68.21 8.58
C5 NAG M . 34.61 66.83 7.90
C6 NAG M . 33.24 66.51 7.37
C7 NAG M . 39.34 69.40 7.72
C8 NAG M . 38.89 70.22 6.53
N2 NAG M . 38.44 68.56 8.27
O3 NAG M . 36.22 69.83 9.50
O4 NAG M . 33.85 68.28 9.73
O5 NAG M . 35.55 66.78 6.83
O6 NAG M . 32.68 67.67 6.81
O7 NAG M . 40.48 69.52 8.14
C1 NAG N . 53.02 42.01 -16.08
C2 NAG N . 54.50 42.48 -16.18
C3 NAG N . 55.28 41.46 -16.97
C4 NAG N . 55.20 40.10 -16.31
C5 NAG N . 53.72 39.71 -16.18
C6 NAG N . 53.54 38.39 -15.48
C7 NAG N . 55.16 44.89 -16.19
C8 NAG N . 55.20 46.15 -17.01
N2 NAG N . 54.67 43.79 -16.79
O3 NAG N . 56.59 41.94 -17.01
O4 NAG N . 55.92 39.26 -17.18
O5 NAG N . 53.00 40.73 -15.47
O6 NAG N . 52.20 37.98 -15.66
O7 NAG N . 55.56 44.91 -15.03
C1 NAG N . 57.14 38.74 -16.59
C2 NAG N . 57.63 37.58 -17.47
C3 NAG N . 58.85 36.97 -16.82
C4 NAG N . 59.95 38.02 -16.60
C5 NAG N . 59.38 39.25 -15.88
C6 NAG N . 60.38 40.39 -15.76
C7 NAG N . 56.05 36.29 -18.83
C8 NAG N . 54.94 35.27 -18.77
N2 NAG N . 56.57 36.63 -17.64
O3 NAG N . 59.26 35.92 -17.65
O4 NAG N . 60.99 37.39 -15.88
O5 NAG N . 58.18 39.70 -16.52
O6 NAG N . 60.91 40.74 -17.01
O7 NAG N . 56.44 36.76 -19.90
C1 NAG O . 50.48 23.68 -28.11
C2 NAG O . 51.80 23.63 -28.91
C3 NAG O . 52.33 22.20 -28.94
C4 NAG O . 52.43 21.58 -27.55
C5 NAG O . 51.07 21.70 -26.87
C6 NAG O . 51.02 21.18 -25.45
C7 NAG O . 52.56 24.83 -30.96
C8 NAG O . 52.13 25.26 -32.34
N2 NAG O . 51.64 24.13 -30.26
O3 NAG O . 53.58 22.26 -29.57
O4 NAG O . 52.78 20.23 -27.76
O5 NAG O . 50.65 23.06 -26.86
O6 NAG O . 49.66 20.94 -25.16
O7 NAG O . 53.67 25.09 -30.55
C1 NAG O . 54.10 19.96 -27.24
C2 NAG O . 54.12 18.52 -26.72
C3 NAG O . 55.51 18.18 -26.19
C4 NAG O . 56.57 18.42 -27.26
C5 NAG O . 56.44 19.85 -27.83
C6 NAG O . 57.38 20.15 -28.99
C7 NAG O . 52.08 17.49 -25.81
C8 NAG O . 51.15 17.48 -24.63
N2 NAG O . 53.11 18.33 -25.70
O3 NAG O . 55.49 16.85 -25.76
O4 NAG O . 57.82 18.22 -26.65
O5 NAG O . 55.11 20.09 -28.24
O6 NAG O . 57.16 19.25 -30.04
O7 NAG O . 51.87 16.79 -26.79
C1 NAG P . 55.16 62.20 -12.79
C2 NAG P . 56.65 62.46 -12.50
C3 NAG P . 57.08 63.46 -13.56
C4 NAG P . 56.96 62.88 -14.97
C5 NAG P . 55.63 62.12 -15.17
C6 NAG P . 55.69 61.10 -16.28
C7 NAG P . 57.95 62.50 -10.41
C8 NAG P . 58.09 63.21 -9.08
N2 NAG P . 56.97 62.98 -11.20
O3 NAG P . 58.39 63.87 -13.26
O4 NAG P . 57.00 64.00 -15.84
O5 NAG P . 55.18 61.46 -13.99
O6 NAG P . 55.94 61.73 -17.52
O7 NAG P . 58.67 61.59 -10.72
C1 NAG P . 58.23 64.08 -16.59
C2 NAG P . 58.25 65.46 -17.25
C3 NAG P . 59.59 65.73 -17.93
C4 NAG P . 60.76 65.46 -16.98
C5 NAG P . 60.64 64.04 -16.42
C6 NAG P . 61.71 63.69 -15.40
C7 NAG P . 56.29 66.62 -18.21
C8 NAG P . 55.23 66.54 -19.28
N2 NAG P . 57.16 65.59 -18.19
O3 NAG P . 59.58 67.06 -18.38
O4 NAG P . 61.95 65.63 -17.73
O5 NAG P . 59.38 63.92 -15.78
O6 NAG P . 62.98 63.71 -16.02
O7 NAG P . 56.34 67.56 -17.43
C1 NAG Q . 43.83 78.77 -9.53
C2 NAG Q . 43.36 80.04 -10.26
C3 NAG Q . 43.17 81.14 -9.21
C4 NAG Q . 42.35 80.71 -7.98
C5 NAG Q . 42.73 79.28 -7.53
C6 NAG Q . 41.82 78.68 -6.48
C7 NAG Q . 45.54 80.85 -11.30
C8 NAG Q . 46.09 81.26 -12.63
N2 NAG Q . 44.24 80.48 -11.33
O3 NAG Q . 42.61 82.24 -9.87
O4 NAG Q . 42.64 81.62 -6.95
O5 NAG Q . 42.80 78.39 -8.64
O6 NAG Q . 42.31 77.42 -6.08
O7 NAG Q . 46.26 80.86 -10.30
C1 NAG Q . 41.61 82.62 -6.71
C2 NAG Q . 42.33 83.98 -6.63
C3 NAG Q . 41.32 85.12 -6.55
C4 NAG Q . 40.28 85.03 -7.66
C5 NAG Q . 39.62 83.64 -7.59
C6 NAG Q . 38.56 83.43 -8.65
C7 NAG Q . 44.51 84.43 -5.57
C8 NAG Q . 45.25 84.41 -4.26
N2 NAG Q . 43.22 84.03 -5.50
O3 NAG Q . 42.04 86.32 -6.61
O4 NAG Q . 39.34 86.07 -7.45
O5 NAG Q . 40.62 82.66 -7.74
O6 NAG Q . 39.09 83.74 -9.92
O7 NAG Q . 45.04 84.81 -6.60
C1 NAG R . 49.85 33.82 -42.10
C2 NAG R . 51.18 34.41 -41.56
C3 NAG R . 52.19 33.41 -40.96
C4 NAG R . 51.78 31.94 -40.93
C5 NAG R . 50.98 31.65 -42.19
C6 NAG R . 50.62 30.20 -42.48
C7 NAG R . 52.83 36.13 -42.43
C8 NAG R . 53.28 36.77 -43.72
N2 NAG R . 51.86 35.19 -42.58
O3 NAG R . 52.47 33.90 -39.67
O4 NAG R . 52.98 31.19 -40.92
O5 NAG R . 49.79 32.40 -42.09
O6 NAG R . 49.58 29.79 -41.62
O7 NAG R . 53.34 36.48 -41.37
C1 NAG R . 53.33 30.74 -39.60
C2 NAG R . 54.08 29.39 -39.71
C3 NAG R . 54.51 28.92 -38.32
C4 NAG R . 55.26 30.01 -37.55
C5 NAG R . 54.49 31.33 -37.60
C6 NAG R . 55.25 32.50 -36.98
C7 NAG R . 53.47 27.88 -41.61
C8 NAG R . 54.66 28.39 -42.39
N2 NAG R . 53.27 28.40 -40.37
O3 NAG R . 55.27 27.75 -38.46
O4 NAG R . 55.44 29.56 -36.23
O5 NAG R . 54.17 31.66 -38.94
O6 NAG R . 54.65 33.71 -37.37
O7 NAG R . 52.73 27.05 -42.10
C1 NAG S . 19.86 45.19 -49.63
C2 NAG S . 20.09 45.58 -51.12
C3 NAG S . 18.77 45.97 -51.79
C4 NAG S . 17.81 44.79 -51.72
C5 NAG S . 17.62 44.38 -50.26
C6 NAG S . 16.74 43.16 -50.05
C7 NAG S . 22.25 46.38 -51.95
C8 NAG S . 23.16 47.57 -52.10
N2 NAG S . 21.07 46.61 -51.36
O3 NAG S . 19.10 46.35 -53.10
O4 NAG S . 16.59 45.23 -52.27
O5 NAG S . 18.90 44.13 -49.69
O6 NAG S . 16.52 42.95 -48.68
O7 NAG S . 22.60 45.27 -52.32
C1 NAG S . 16.34 44.53 -53.50
C2 NAG S . 14.82 44.50 -53.75
C3 NAG S . 14.56 43.80 -55.08
C4 NAG S . 15.33 44.45 -56.22
C5 NAG S . 16.81 44.52 -55.86
C6 NAG S . 17.64 45.28 -56.87
C7 NAG S . 13.21 44.45 -51.90
C8 NAG S . 12.51 43.55 -50.90
N2 NAG S . 14.06 43.83 -52.73
O3 NAG S . 13.17 43.83 -55.30
O4 NAG S . 15.14 43.64 -57.33
O5 NAG S . 16.97 45.16 -54.60
O6 NAG S . 17.09 46.56 -57.05
O7 NAG S . 13.02 45.66 -51.92
C1 NAG T . -1.49 48.01 -43.53
C2 NAG T . -1.96 48.86 -44.72
C3 NAG T . -3.37 48.49 -45.13
C4 NAG T . -3.56 46.99 -45.33
C5 NAG T . -3.05 46.26 -44.07
C6 NAG T . -3.09 44.75 -44.16
C7 NAG T . -1.28 51.18 -45.19
C8 NAG T . -1.37 52.61 -44.69
N2 NAG T . -1.92 50.27 -44.43
O3 NAG T . -3.68 49.21 -46.30
O4 NAG T . -4.94 46.76 -45.53
O5 NAG T . -1.71 46.65 -43.84
O6 NAG T . -2.24 44.33 -45.20
O7 NAG T . -0.68 50.90 -46.21
C1 NAG T . -5.18 46.26 -46.85
C2 NAG T . -6.34 45.24 -46.80
C3 NAG T . -6.70 44.80 -48.23
C4 NAG T . -6.97 45.99 -49.14
C5 NAG T . -5.76 46.94 -49.09
C6 NAG T . -5.91 48.19 -49.93
C7 NAG T . -6.66 43.75 -44.87
C8 NAG T . -6.15 42.51 -44.19
N2 NAG T . -6.02 44.10 -46.00
O3 NAG T . -7.80 43.95 -48.13
O4 NAG T . -7.18 45.48 -50.43
O5 NAG T . -5.53 47.32 -47.74
O6 NAG T . -7.02 48.93 -49.48
O7 NAG T . -7.61 44.38 -44.42
C1 NAG U . 39.28 50.41 -54.22
C2 NAG U . 39.37 50.21 -55.75
C3 NAG U . 39.76 51.51 -56.44
C4 NAG U . 38.80 52.64 -56.09
C5 NAG U . 38.63 52.73 -54.56
C6 NAG U . 37.55 53.69 -54.14
C7 NAG U . 39.93 48.02 -56.73
C8 NAG U . 41.05 47.09 -57.12
N2 NAG U . 40.30 49.17 -56.18
O3 NAG U . 39.78 51.26 -57.82
O4 NAG U . 39.40 53.81 -56.62
O5 NAG U . 38.34 51.44 -54.00
O6 NAG U . 37.94 55.02 -54.43
O7 NAG U . 38.75 47.70 -56.93
C1 NAG U . 38.59 54.41 -57.67
C2 NAG U . 39.42 55.55 -58.29
C3 NAG U . 38.58 56.21 -59.39
C4 NAG U . 38.11 55.19 -60.43
C5 NAG U . 37.40 54.02 -59.72
C6 NAG U . 36.99 52.91 -60.67
C7 NAG U . 41.10 56.77 -57.00
C8 NAG U . 41.31 57.81 -55.94
N2 NAG U . 39.82 56.50 -57.31
O3 NAG U . 39.37 57.22 -59.98
O4 NAG U . 37.23 55.86 -61.30
O5 NAG U . 38.26 53.50 -58.70
O6 NAG U . 38.00 52.74 -61.64
O7 NAG U . 42.06 56.21 -57.53
C1 NAG V . 57.28 50.96 -44.99
C2 NAG V . 58.19 52.03 -44.35
C3 NAG V . 59.64 51.54 -44.47
C4 NAG V . 59.87 50.08 -44.08
C5 NAG V . 58.72 49.18 -44.57
C6 NAG V . 58.75 47.77 -44.04
C7 NAG V . 58.21 53.79 -46.19
C8 NAG V . 57.95 55.26 -46.37
N2 NAG V . 58.03 53.35 -44.92
O3 NAG V . 60.43 52.42 -43.72
O4 NAG V . 61.08 49.69 -44.69
O5 NAG V . 57.46 49.76 -44.27
O6 NAG V . 57.76 47.00 -44.69
O7 NAG V . 58.56 53.11 -47.15
C1 NAG V . 62.21 49.58 -43.80
C2 NAG V . 63.43 49.26 -44.71
C3 NAG V . 64.75 49.39 -43.93
C4 NAG V . 64.83 50.71 -43.16
C5 NAG V . 63.60 50.82 -42.25
C6 NAG V . 63.57 52.08 -41.43
C7 NAG V . 63.40 47.68 -46.59
C8 NAG V . 63.25 46.22 -46.96
N2 NAG V . 63.32 47.94 -45.27
O3 NAG V . 65.79 49.29 -44.88
O4 NAG V . 66.03 50.69 -42.43
O5 NAG V . 62.45 50.76 -43.06
O6 NAG V . 63.59 53.20 -42.28
O7 NAG V . 63.57 48.53 -47.44
#